data_5GKD
#
_entry.id   5GKD
#
_cell.length_a   116.608
_cell.length_b   142.840
_cell.length_c   126.276
_cell.angle_alpha   90.00
_cell.angle_beta   111.09
_cell.angle_gamma   90.00
#
_symmetry.space_group_name_H-M   'P 1 21 1'
#
loop_
_entity.id
_entity.type
_entity.pdbx_description
1 polymer AlyGC
2 non-polymer 'CALCIUM ION'
3 non-polymer GLYCEROL
4 non-polymer 'PHOSPHATE ION'
5 non-polymer 'CARBONATE ION'
6 water water
#
_entity_poly.entity_id   1
_entity_poly.type   'polypeptide(L)'
_entity_poly.pdbx_seq_one_letter_code
;ADLLVKTPEAYDQALKKAKPGDDIILANGTWRDFEVLFEAKGNENKPITLRGQTPGKVFLTGQSNLRLAGEHLIVSGLVF
KDGYTPTGEVIAFRRNKDVLASHSRVTQVVIDNFSNPEKFEQDSWVMVYGRHNRFDHNHLVGKRNKGVTMAVRLTTESSQ
QNHHRIDHNYFGPRPILGSNGGETLRIGTSHHSLTDSFTLVENNYFDRCNGEVEIISNKSGKNSIRNNVFFESRGTLTLR
HGNGNIVENNVFFGNGVDHTGGIRVINRDQIIRNNYLEGLTGYRFGSGLTVMNGVPNSKINRYHQVDNALIENNTLVNVE
HIQFAAGSDKERSAAPINSNMNNNLIVNDQGTDGITAFDDISGIKFKDNLLNQDAKPSINKGFEQADITMQRHDNGLLYP
EAKTQQKYGVSTQLEPIGKDEVGVSWYPKVEPDVAFGSGKHIAVSPGDNTLFDAIASAETGDVLVLQAGEYWVSKILSLD
KTLTIRAQEKGSAVIFPQRSTLIEINNKGNLTLDGVYVDATNAPDAAGNTLIRTTRLPMQRNYRLAIKNSTFENLDINHS
YHFFDAGNRSFADYIEVQDSQFKHITGDLFRLNKETDDLGIYNVEYLTIENSNVSDLQGAIAKVYRGGTDESTFGPHVVM
NNNIFNEVGKGKRNKSAASLILHGTQVNKMTTNEFNNSAPIIFELTVGEPKTWVTGNVFEGTPEPVVRDLFPLSGATTTI
SGNTVL
;
_entity_poly.pdbx_strand_id   A,B,C,D
#
# COMPACT_ATOMS: atom_id res chain seq x y z
N ALA A 1 23.67 17.36 59.97
CA ALA A 1 22.62 17.23 61.00
C ALA A 1 21.47 16.37 60.48
N ASP A 2 20.79 15.66 61.39
CA ASP A 2 19.70 14.74 61.04
C ASP A 2 18.37 15.46 61.16
N LEU A 3 17.55 15.35 60.12
CA LEU A 3 16.26 16.04 59.98
C LEU A 3 15.16 14.99 59.80
N LEU A 4 14.62 14.51 60.92
CA LEU A 4 13.54 13.53 60.90
C LEU A 4 12.24 14.19 60.43
N VAL A 5 11.56 13.57 59.47
CA VAL A 5 10.30 14.08 58.94
C VAL A 5 9.26 12.97 58.89
N LYS A 6 8.01 13.32 59.13
CA LYS A 6 6.94 12.33 59.22
C LYS A 6 5.81 12.58 58.25
N THR A 7 5.87 13.62 57.42
CA THR A 7 4.86 13.91 56.41
C THR A 7 5.52 14.47 55.17
N PRO A 8 4.86 14.40 54.02
CA PRO A 8 5.44 15.05 52.83
C PRO A 8 5.68 16.54 53.02
N GLU A 9 4.82 17.24 53.77
CA GLU A 9 5.06 18.66 53.94
C GLU A 9 6.24 18.90 54.89
N ALA A 10 6.40 18.07 55.92
CA ALA A 10 7.61 18.18 56.71
C ALA A 10 8.84 17.87 55.88
N TYR A 11 8.72 16.90 54.96
CA TYR A 11 9.81 16.66 54.03
C TYR A 11 10.13 17.91 53.22
N ASP A 12 9.12 18.56 52.66
CA ASP A 12 9.36 19.79 51.90
C ASP A 12 10.13 20.79 52.73
N GLN A 13 9.76 20.95 54.01
CA GLN A 13 10.39 21.98 54.83
C GLN A 13 11.80 21.58 55.20
N ALA A 14 12.04 20.31 55.48
CA ALA A 14 13.40 19.87 55.74
C ALA A 14 14.29 20.07 54.51
N LEU A 15 13.78 19.75 53.32
CA LEU A 15 14.57 19.91 52.10
C LEU A 15 14.98 21.36 51.91
N LYS A 16 14.09 22.29 52.23
CA LYS A 16 14.42 23.71 52.11
C LYS A 16 15.57 24.10 53.01
N LYS A 17 15.64 23.52 54.21
CA LYS A 17 16.65 23.82 55.21
C LYS A 17 17.94 23.03 55.04
N ALA A 18 17.92 21.94 54.28
CA ALA A 18 19.03 20.98 54.31
C ALA A 18 20.30 21.62 53.75
N LYS A 19 21.41 21.38 54.42
CA LYS A 19 22.72 21.86 54.02
C LYS A 19 23.63 20.69 53.71
N PRO A 20 24.70 20.90 52.94
CA PRO A 20 25.70 19.85 52.76
C PRO A 20 26.10 19.20 54.08
N GLY A 21 26.05 17.87 54.11
CA GLY A 21 26.28 17.11 55.31
C GLY A 21 25.03 16.70 56.08
N ASP A 22 23.87 17.26 55.74
CA ASP A 22 22.65 16.89 56.46
C ASP A 22 22.03 15.63 55.86
N ASP A 23 21.32 14.89 56.72
CA ASP A 23 20.50 13.73 56.35
C ASP A 23 19.02 14.07 56.59
N ILE A 24 18.22 13.94 55.55
CA ILE A 24 16.76 13.99 55.69
C ILE A 24 16.29 12.56 55.90
N ILE A 25 15.59 12.32 56.99
CA ILE A 25 15.25 10.97 57.44
C ILE A 25 13.74 10.78 57.36
N LEU A 26 13.30 9.90 56.46
CA LEU A 26 11.89 9.52 56.41
C LEU A 26 11.61 8.56 57.56
N ALA A 27 10.69 8.97 58.44
CA ALA A 27 10.31 8.17 59.59
C ALA A 27 9.72 6.82 59.17
N ASN A 28 9.98 5.80 59.98
CA ASN A 28 9.44 4.47 59.73
C ASN A 28 7.93 4.54 59.56
N GLY A 29 7.44 3.83 58.57
CA GLY A 29 6.02 3.77 58.28
C GLY A 29 5.79 3.60 56.80
N THR A 30 4.52 3.69 56.43
CA THR A 30 4.08 3.53 55.05
C THR A 30 3.71 4.91 54.49
N TRP A 31 4.46 5.34 53.47
CA TRP A 31 4.22 6.62 52.81
C TRP A 31 3.50 6.32 51.50
N ARG A 32 2.21 6.61 51.45
CA ARG A 32 1.40 6.26 50.29
C ARG A 32 1.30 7.47 49.35
N ASP A 33 1.36 7.19 48.05
CA ASP A 33 1.21 8.23 47.03
C ASP A 33 2.20 9.37 47.24
N PHE A 34 3.45 9.03 47.53
CA PHE A 34 4.50 10.00 47.82
C PHE A 34 5.42 10.12 46.60
N GLU A 35 5.23 11.18 45.82
CA GLU A 35 6.10 11.51 44.69
C GLU A 35 7.26 12.36 45.21
N VAL A 36 8.41 11.73 45.45
CA VAL A 36 9.54 12.37 46.10
C VAL A 36 10.35 13.10 45.04
N LEU A 37 10.55 14.41 45.23
CA LEU A 37 11.49 15.18 44.43
C LEU A 37 12.60 15.60 45.37
N PHE A 38 13.76 14.95 45.24
CA PHE A 38 14.93 15.18 46.06
C PHE A 38 15.86 16.07 45.24
N GLU A 39 15.70 17.38 45.42
CA GLU A 39 16.39 18.38 44.62
C GLU A 39 17.15 19.26 45.58
N ALA A 40 18.47 19.11 45.58
CA ALA A 40 19.36 19.77 46.51
C ALA A 40 20.77 19.77 45.92
N LYS A 41 21.68 20.42 46.62
CA LYS A 41 23.06 20.51 46.17
C LYS A 41 23.95 20.24 47.36
N GLY A 42 24.40 18.99 47.47
CA GLY A 42 25.44 18.67 48.40
C GLY A 42 26.79 19.11 47.91
N ASN A 43 27.80 18.60 48.60
CA ASN A 43 29.20 18.94 48.50
C ASN A 43 29.97 17.68 48.19
N GLU A 44 31.08 17.82 47.46
CA GLU A 44 31.95 16.66 47.26
C GLU A 44 32.36 16.04 48.58
N ASN A 45 32.68 16.84 49.58
CA ASN A 45 32.99 16.28 50.90
C ASN A 45 31.76 16.05 51.77
N LYS A 46 30.66 16.76 51.52
CA LYS A 46 29.48 16.71 52.39
C LYS A 46 28.26 16.55 51.50
N PRO A 47 27.84 15.33 51.23
CA PRO A 47 26.64 15.13 50.43
C PRO A 47 25.39 15.38 51.25
N ILE A 48 24.27 15.55 50.56
CA ILE A 48 22.96 15.63 51.21
C ILE A 48 22.24 14.31 50.99
N THR A 49 21.78 13.71 52.08
CA THR A 49 21.27 12.35 52.07
C THR A 49 19.77 12.34 52.38
N LEU A 50 19.03 11.52 51.65
CA LEU A 50 17.66 11.15 51.95
C LEU A 50 17.65 9.66 52.27
N ARG A 51 17.21 9.28 53.47
CA ARG A 51 17.28 7.87 53.84
C ARG A 51 16.13 7.50 54.76
N GLY A 52 15.82 6.21 54.79
CA GLY A 52 14.81 5.73 55.70
C GLY A 52 15.38 5.61 57.10
N GLN A 53 14.54 5.93 58.09
CA GLN A 53 14.94 5.84 59.50
C GLN A 53 15.53 4.48 59.83
N THR A 54 14.81 3.42 59.49
CA THR A 54 15.29 2.05 59.63
C THR A 54 15.11 1.34 58.30
N PRO A 55 16.19 1.07 57.57
CA PRO A 55 16.02 0.41 56.27
C PRO A 55 15.23 -0.87 56.45
N GLY A 56 14.18 -1.02 55.64
CA GLY A 56 13.26 -2.13 55.74
C GLY A 56 11.98 -1.80 56.45
N LYS A 57 11.86 -0.62 57.07
CA LYS A 57 10.62 -0.19 57.70
C LYS A 57 10.03 1.07 57.09
N VAL A 58 10.65 1.64 56.06
CA VAL A 58 10.12 2.78 55.32
C VAL A 58 9.67 2.26 53.96
N PHE A 59 8.37 2.30 53.73
CA PHE A 59 7.75 1.83 52.51
C PHE A 59 7.17 3.01 51.77
N LEU A 60 7.40 3.06 50.47
CA LEU A 60 6.77 4.03 49.59
C LEU A 60 5.81 3.24 48.70
N THR A 61 4.52 3.49 48.85
CA THR A 61 3.48 2.65 48.28
C THR A 61 2.52 3.49 47.43
N GLY A 62 1.59 2.81 46.78
CA GLY A 62 0.68 3.50 45.90
C GLY A 62 1.42 4.15 44.76
N GLN A 63 0.97 5.35 44.37
CA GLN A 63 1.56 6.07 43.25
C GLN A 63 2.69 6.96 43.77
N SER A 64 3.75 6.31 44.24
CA SER A 64 4.96 6.92 44.73
C SER A 64 6.05 6.79 43.69
N ASN A 65 7.03 7.69 43.75
CA ASN A 65 8.20 7.62 42.89
C ASN A 65 9.28 8.51 43.48
N LEU A 66 10.42 8.59 42.80
CA LEU A 66 11.57 9.33 43.31
C LEU A 66 12.31 9.99 42.16
N ARG A 67 12.60 11.28 42.32
CA ARG A 67 13.42 12.03 41.37
C ARG A 67 14.55 12.68 42.13
N LEU A 68 15.77 12.53 41.60
CA LEU A 68 16.94 13.23 42.11
C LEU A 68 17.28 14.38 41.17
N ALA A 69 17.65 15.53 41.73
CA ALA A 69 18.01 16.68 40.90
C ALA A 69 19.06 17.51 41.63
N GLY A 70 20.11 17.91 40.92
CA GLY A 70 21.21 18.62 41.57
C GLY A 70 22.50 17.83 41.57
N GLU A 71 23.23 17.80 42.67
CA GLU A 71 24.47 17.06 42.68
C GLU A 71 24.86 16.70 44.10
N HIS A 72 25.72 15.68 44.21
CA HIS A 72 26.23 15.19 45.49
C HIS A 72 25.09 14.79 46.44
N LEU A 73 24.14 14.03 45.91
CA LEU A 73 23.03 13.50 46.68
C LEU A 73 23.23 12.00 46.92
N ILE A 74 22.67 11.51 48.00
CA ILE A 74 22.60 10.09 48.29
C ILE A 74 21.19 9.74 48.74
N VAL A 75 20.61 8.68 48.19
CA VAL A 75 19.32 8.16 48.64
C VAL A 75 19.52 6.70 49.05
N SER A 76 19.03 6.33 50.23
CA SER A 76 19.23 4.96 50.70
C SER A 76 18.13 4.51 51.65
N GLY A 77 17.98 3.20 51.73
CA GLY A 77 17.15 2.60 52.76
C GLY A 77 15.66 2.78 52.58
N LEU A 78 15.17 2.64 51.34
CA LEU A 78 13.75 2.73 51.04
C LEU A 78 13.29 1.45 50.35
N VAL A 79 12.01 1.15 50.50
CA VAL A 79 11.36 0.02 49.84
C VAL A 79 10.16 0.55 49.08
N PHE A 80 10.16 0.38 47.75
CA PHE A 80 8.97 0.61 46.95
C PHE A 80 8.25 -0.73 46.77
N LYS A 81 6.98 -0.78 47.16
CA LYS A 81 6.15 -1.97 47.04
C LYS A 81 4.70 -1.51 47.10
N ASP A 82 3.79 -2.44 46.78
CA ASP A 82 2.34 -2.19 46.85
C ASP A 82 1.96 -0.92 46.10
N GLY A 83 2.44 -0.79 44.87
CA GLY A 83 2.07 0.36 44.07
C GLY A 83 2.74 0.36 42.72
N TYR A 84 2.83 1.54 42.12
CA TYR A 84 3.44 1.70 40.81
C TYR A 84 3.54 3.19 40.51
N THR A 85 4.57 3.57 39.77
CA THR A 85 4.81 4.98 39.53
C THR A 85 3.72 5.56 38.63
N PRO A 86 3.21 6.75 38.96
CA PRO A 86 2.27 7.44 38.04
C PRO A 86 2.97 8.12 36.88
N THR A 87 4.29 8.22 36.87
CA THR A 87 4.99 8.84 35.76
C THR A 87 5.64 7.77 34.89
N GLY A 88 6.67 8.15 34.15
CA GLY A 88 7.36 7.19 33.31
C GLY A 88 8.34 6.31 34.03
N GLU A 89 8.70 6.67 35.27
CA GLU A 89 9.80 5.99 35.97
C GLU A 89 9.53 5.98 37.47
N VAL A 90 10.00 4.93 38.13
CA VAL A 90 9.96 4.90 39.60
C VAL A 90 11.07 5.76 40.19
N ILE A 91 12.31 5.53 39.76
CA ILE A 91 13.49 6.28 40.20
C ILE A 91 14.15 6.91 38.99
N ALA A 92 14.28 8.23 39.01
CA ALA A 92 14.92 8.96 37.91
C ALA A 92 15.98 9.91 38.45
N PHE A 93 17.14 9.91 37.80
CA PHE A 93 18.23 10.81 38.16
C PHE A 93 18.07 12.16 37.47
N ARG A 94 16.86 12.71 37.53
CA ARG A 94 16.56 14.03 37.02
C ARG A 94 15.23 14.49 37.61
N ARG A 95 15.05 15.80 37.63
CA ARG A 95 13.71 16.36 37.79
C ARG A 95 12.94 16.27 36.48
N ASN A 96 13.55 16.73 35.40
CA ASN A 96 12.98 16.74 34.05
C ASN A 96 14.14 16.92 33.09
N LYS A 97 13.84 17.02 31.79
CA LYS A 97 14.90 16.97 30.78
C LYS A 97 15.91 18.10 30.92
N ASP A 98 15.57 19.19 31.59
CA ASP A 98 16.48 20.31 31.71
C ASP A 98 17.16 20.42 33.07
N VAL A 99 16.80 19.58 34.03
CA VAL A 99 17.36 19.66 35.37
C VAL A 99 17.68 18.24 35.81
N LEU A 100 18.96 17.88 35.76
CA LEU A 100 19.47 16.51 35.95
C LEU A 100 20.14 16.38 37.30
N ALA A 101 20.44 15.15 37.67
CA ALA A 101 21.30 14.85 38.81
C ALA A 101 22.65 14.35 38.30
N SER A 102 23.72 14.79 38.96
CA SER A 102 25.07 14.32 38.71
C SER A 102 25.74 14.04 40.06
N HIS A 103 26.81 13.24 40.03
CA HIS A 103 27.59 12.93 41.24
C HIS A 103 26.71 12.46 42.38
N SER A 104 25.71 11.65 42.06
CA SER A 104 24.69 11.26 43.03
C SER A 104 24.57 9.75 43.07
N ARG A 105 24.03 9.25 44.16
CA ARG A 105 24.09 7.82 44.43
C ARG A 105 22.75 7.33 44.98
N VAL A 106 22.26 6.23 44.43
CA VAL A 106 21.12 5.52 45.00
C VAL A 106 21.63 4.16 45.42
N THR A 107 21.53 3.86 46.71
CA THR A 107 22.12 2.64 47.26
C THR A 107 21.16 2.05 48.29
N GLN A 108 21.07 0.73 48.32
CA GLN A 108 20.28 0.04 49.33
C GLN A 108 18.81 0.46 49.26
N VAL A 109 18.27 0.49 48.04
CA VAL A 109 16.82 0.60 47.94
C VAL A 109 16.26 -0.59 47.18
N VAL A 110 15.08 -1.00 47.63
CA VAL A 110 14.38 -2.16 47.11
C VAL A 110 13.21 -1.66 46.27
N ILE A 111 13.03 -2.26 45.10
CA ILE A 111 11.78 -2.17 44.37
C ILE A 111 11.26 -3.58 44.17
N ASP A 112 10.10 -3.88 44.74
CA ASP A 112 9.58 -5.23 44.85
C ASP A 112 8.17 -5.27 44.26
N ASN A 113 8.07 -5.79 43.05
CA ASN A 113 6.78 -6.01 42.41
C ASN A 113 5.93 -4.74 42.37
N PHE A 114 6.58 -3.61 42.13
CA PHE A 114 5.98 -2.29 41.99
C PHE A 114 5.48 -2.06 40.56
N SER A 115 4.68 -3.00 40.04
CA SER A 115 4.37 -3.05 38.62
C SER A 115 3.07 -2.35 38.31
N ASN A 116 3.06 -1.66 37.17
CA ASN A 116 1.81 -1.15 36.62
C ASN A 116 0.77 -2.26 36.55
N PRO A 117 -0.51 -1.96 36.79
CA PRO A 117 -1.54 -3.02 36.72
C PRO A 117 -1.70 -3.65 35.34
N GLU A 118 -1.38 -2.94 34.25
CA GLU A 118 -1.50 -3.49 32.90
C GLU A 118 -0.12 -3.83 32.35
N LYS A 119 0.05 -5.06 31.88
CA LYS A 119 1.37 -5.49 31.40
C LYS A 119 1.90 -4.59 30.29
N PHE A 120 1.04 -4.06 29.43
CA PHE A 120 1.54 -3.31 28.28
C PHE A 120 1.28 -1.82 28.41
N GLU A 121 1.09 -1.36 29.63
CA GLU A 121 1.27 0.04 29.98
C GLU A 121 2.72 0.16 30.45
N GLN A 122 3.57 0.73 29.60
CA GLN A 122 5.02 0.70 29.77
C GLN A 122 5.55 1.72 30.77
N ASP A 123 6.50 1.29 31.59
CA ASP A 123 7.30 2.21 32.40
C ASP A 123 8.68 1.59 32.58
N SER A 124 9.55 2.30 33.29
CA SER A 124 10.85 1.79 33.67
C SER A 124 10.99 2.02 35.16
N TRP A 125 11.83 1.20 35.80
CA TRP A 125 11.96 1.35 37.24
C TRP A 125 13.09 2.29 37.63
N VAL A 126 14.21 2.27 36.90
CA VAL A 126 15.34 3.16 37.16
C VAL A 126 15.81 3.76 35.84
N MET A 127 15.92 5.10 35.79
CA MET A 127 16.45 5.80 34.64
C MET A 127 17.55 6.73 35.10
N VAL A 128 18.75 6.57 34.52
CA VAL A 128 19.92 7.36 34.91
C VAL A 128 20.14 8.44 33.86
N TYR A 129 20.32 9.69 34.31
CA TYR A 129 20.71 10.81 33.46
C TYR A 129 21.97 11.45 34.05
N GLY A 130 22.47 12.49 33.39
CA GLY A 130 23.57 13.23 33.98
C GLY A 130 24.88 12.46 33.88
N ARG A 131 25.77 12.71 34.84
CA ARG A 131 27.12 12.16 34.81
C ARG A 131 27.58 11.78 36.20
N HIS A 132 28.42 10.76 36.28
CA HIS A 132 29.09 10.35 37.51
C HIS A 132 28.11 9.96 38.62
N ASN A 133 27.01 9.33 38.24
CA ASN A 133 26.11 8.77 39.22
C ASN A 133 26.47 7.32 39.54
N ARG A 134 25.90 6.82 40.63
CA ARG A 134 26.12 5.44 41.05
C ARG A 134 24.81 4.82 41.50
N PHE A 135 24.55 3.61 41.06
CA PHE A 135 23.40 2.82 41.47
C PHE A 135 23.91 1.46 41.94
N ASP A 136 23.97 1.27 43.27
CA ASP A 136 24.68 0.14 43.85
C ASP A 136 23.92 -0.45 45.05
N HIS A 137 24.16 -1.76 45.27
CA HIS A 137 23.59 -2.50 46.41
C HIS A 137 22.08 -2.32 46.48
N ASN A 138 21.43 -2.29 45.32
CA ASN A 138 19.98 -2.22 45.25
C ASN A 138 19.39 -3.59 44.94
N HIS A 139 18.06 -3.68 45.02
CA HIS A 139 17.34 -4.95 44.97
C HIS A 139 16.05 -4.72 44.18
N LEU A 140 16.04 -5.16 42.91
CA LEU A 140 14.92 -4.96 42.00
C LEU A 140 14.37 -6.31 41.57
N VAL A 141 13.13 -6.59 41.93
CA VAL A 141 12.54 -7.89 41.64
C VAL A 141 11.10 -7.73 41.19
N GLY A 142 10.72 -8.52 40.21
CA GLY A 142 9.31 -8.71 39.88
C GLY A 142 8.67 -7.71 38.93
N LYS A 143 9.42 -7.06 38.04
CA LYS A 143 8.76 -6.19 37.07
C LYS A 143 8.02 -7.03 36.05
N ARG A 144 6.70 -6.82 35.94
CA ARG A 144 5.88 -7.69 35.09
C ARG A 144 5.46 -7.04 33.79
N ASN A 145 5.65 -5.74 33.63
CA ASN A 145 5.09 -5.01 32.52
C ASN A 145 6.18 -4.60 31.55
N LYS A 146 5.75 -4.18 30.38
CA LYS A 146 6.66 -3.73 29.35
C LYS A 146 7.52 -2.56 29.82
N GLY A 147 8.76 -2.53 29.35
CA GLY A 147 9.65 -1.45 29.74
C GLY A 147 10.83 -2.08 30.44
N VAL A 148 12.02 -1.62 30.06
CA VAL A 148 13.25 -2.08 30.69
C VAL A 148 13.18 -1.81 32.19
N THR A 149 13.80 -2.68 32.99
CA THR A 149 13.84 -2.43 34.42
C THR A 149 14.71 -1.21 34.73
N MET A 150 15.87 -1.15 34.11
CA MET A 150 16.80 -0.06 34.36
C MET A 150 17.49 0.35 33.06
N ALA A 151 17.60 1.65 32.84
CA ALA A 151 18.25 2.16 31.65
C ALA A 151 19.12 3.36 31.99
N VAL A 152 20.15 3.58 31.18
CA VAL A 152 20.95 4.80 31.16
C VAL A 152 20.54 5.57 29.92
N ARG A 153 20.06 6.79 30.10
CA ARG A 153 19.64 7.62 28.98
C ARG A 153 20.79 8.49 28.50
N LEU A 154 20.79 8.79 27.21
CA LEU A 154 21.88 9.53 26.58
C LEU A 154 21.35 10.68 25.73
N THR A 155 20.20 11.23 26.11
CA THR A 155 19.47 12.02 25.15
C THR A 155 20.11 13.37 24.89
N THR A 156 20.94 13.88 25.80
CA THR A 156 21.75 15.04 25.53
C THR A 156 23.18 14.75 25.93
N GLU A 157 24.07 15.60 25.40
CA GLU A 157 25.48 15.53 25.74
C GLU A 157 25.72 15.60 27.25
N SER A 158 24.82 16.27 28.00
CA SER A 158 24.95 16.33 29.45
C SER A 158 24.79 14.97 30.11
N SER A 159 24.17 14.01 29.43
CA SER A 159 24.01 12.65 29.94
C SER A 159 24.93 11.65 29.25
N GLN A 160 25.65 12.06 28.22
CA GLN A 160 26.65 11.22 27.58
C GLN A 160 27.96 11.33 28.33
N GLN A 161 28.91 10.47 27.98
CA GLN A 161 30.23 10.42 28.63
C GLN A 161 30.07 10.47 30.16
N ASN A 162 29.23 9.58 30.68
CA ASN A 162 28.76 9.72 32.05
C ASN A 162 29.67 9.06 33.07
N HIS A 163 30.34 7.97 32.71
CA HIS A 163 31.09 7.17 33.67
C HIS A 163 30.22 6.70 34.83
N HIS A 164 28.93 6.50 34.58
CA HIS A 164 28.04 5.97 35.61
C HIS A 164 28.55 4.60 36.06
N ARG A 165 28.32 4.29 37.32
CA ARG A 165 28.73 3.02 37.92
C ARG A 165 27.50 2.27 38.44
N ILE A 166 27.31 1.05 37.95
CA ILE A 166 26.17 0.21 38.31
C ILE A 166 26.73 -1.09 38.86
N ASP A 167 26.69 -1.26 40.19
CA ASP A 167 27.49 -2.31 40.78
C ASP A 167 26.78 -2.93 41.97
N HIS A 168 27.06 -4.22 42.20
CA HIS A 168 26.60 -4.95 43.38
C HIS A 168 25.10 -4.93 43.53
N ASN A 169 24.35 -4.84 42.45
CA ASN A 169 22.90 -4.88 42.53
C ASN A 169 22.39 -6.30 42.39
N TYR A 170 21.28 -6.58 43.06
CA TYR A 170 20.55 -7.82 42.87
C TYR A 170 19.43 -7.54 41.89
N PHE A 171 19.59 -8.03 40.67
CA PHE A 171 18.51 -8.04 39.70
C PHE A 171 17.82 -9.39 39.85
N GLY A 172 16.74 -9.41 40.65
CA GLY A 172 16.01 -10.61 40.94
C GLY A 172 15.12 -11.02 39.79
N PRO A 173 14.40 -12.12 40.01
CA PRO A 173 13.57 -12.71 38.95
C PRO A 173 12.65 -11.72 38.24
N ARG A 174 12.69 -11.76 36.91
CA ARG A 174 11.78 -10.99 36.07
C ARG A 174 11.10 -11.99 35.14
N PRO A 175 9.79 -12.15 35.21
CA PRO A 175 9.14 -13.18 34.40
C PRO A 175 9.09 -12.76 32.94
N ILE A 176 8.79 -13.75 32.09
CA ILE A 176 8.64 -13.52 30.67
C ILE A 176 7.61 -12.43 30.42
N LEU A 177 7.94 -11.49 29.54
CA LEU A 177 7.02 -10.42 29.20
C LEU A 177 5.98 -10.88 28.20
N GLY A 178 6.42 -11.56 27.14
CA GLY A 178 5.54 -11.91 26.05
C GLY A 178 5.62 -10.99 24.86
N SER A 179 6.68 -10.21 24.75
CA SER A 179 6.96 -9.35 23.60
C SER A 179 8.35 -8.77 23.80
N ASN A 180 8.78 -7.97 22.84
CA ASN A 180 9.96 -7.15 23.04
C ASN A 180 9.72 -6.13 24.15
N GLY A 181 10.81 -5.66 24.74
CA GLY A 181 10.76 -4.64 25.77
C GLY A 181 10.85 -5.14 27.19
N GLY A 182 11.44 -6.31 27.43
CA GLY A 182 11.53 -6.83 28.79
C GLY A 182 12.95 -6.88 29.34
N GLU A 183 13.79 -5.96 28.89
CA GLU A 183 15.21 -5.98 29.27
C GLU A 183 15.38 -5.66 30.75
N THR A 184 16.42 -6.21 31.34
CA THR A 184 16.76 -5.84 32.71
C THR A 184 17.58 -4.56 32.74
N LEU A 185 18.56 -4.42 31.84
CA LEU A 185 19.45 -3.27 31.79
C LEU A 185 19.66 -2.87 30.33
N ARG A 186 19.38 -1.63 29.99
CA ARG A 186 19.64 -1.08 28.66
C ARG A 186 20.56 0.13 28.80
N ILE A 187 21.66 0.16 28.06
CA ILE A 187 22.59 1.28 28.15
C ILE A 187 22.49 2.07 26.84
N GLY A 188 21.69 3.12 26.87
CA GLY A 188 21.50 3.91 25.69
C GLY A 188 20.30 3.45 24.90
N THR A 189 20.25 3.95 23.68
CA THR A 189 19.11 3.83 22.80
C THR A 189 19.66 3.93 21.39
N SER A 190 18.93 3.39 20.41
CA SER A 190 19.48 3.36 19.06
C SER A 190 19.82 4.76 18.56
N HIS A 191 18.97 5.75 18.86
CA HIS A 191 19.19 7.13 18.43
C HIS A 191 20.56 7.65 18.85
N HIS A 192 21.01 7.27 20.05
CA HIS A 192 22.23 7.79 20.67
C HIS A 192 23.34 6.75 20.77
N SER A 193 23.25 5.67 20.00
CA SER A 193 24.17 4.55 20.14
C SER A 193 25.56 4.85 19.59
N LEU A 194 25.72 5.87 18.76
CA LEU A 194 27.05 6.25 18.29
C LEU A 194 27.74 7.22 19.25
N THR A 195 27.10 7.62 20.33
CA THR A 195 27.78 8.42 21.33
C THR A 195 28.45 7.50 22.35
N ASP A 196 29.45 8.02 23.03
CA ASP A 196 30.22 7.28 24.01
C ASP A 196 29.59 7.49 25.39
N SER A 197 29.20 6.39 26.04
CA SER A 197 28.60 6.46 27.35
C SER A 197 29.59 6.25 28.50
N PHE A 198 30.56 5.35 28.33
CA PHE A 198 31.57 5.04 29.35
C PHE A 198 30.95 4.49 30.63
N THR A 199 29.84 3.77 30.52
CA THR A 199 29.16 3.23 31.69
C THR A 199 29.84 1.95 32.18
N LEU A 200 29.98 1.85 33.49
CA LEU A 200 30.60 0.70 34.16
C LEU A 200 29.52 -0.14 34.82
N VAL A 201 29.38 -1.39 34.39
CA VAL A 201 28.39 -2.33 34.91
C VAL A 201 29.14 -3.53 35.45
N GLU A 202 29.27 -3.62 36.77
CA GLU A 202 30.17 -4.59 37.39
C GLU A 202 29.59 -5.21 38.65
N ASN A 203 29.90 -6.48 38.85
CA ASN A 203 29.60 -7.19 40.10
C ASN A 203 28.11 -7.17 40.43
N ASN A 204 27.25 -7.21 39.42
CA ASN A 204 25.83 -7.41 39.65
C ASN A 204 25.48 -8.88 39.49
N TYR A 205 24.38 -9.27 40.11
CA TYR A 205 23.86 -10.63 40.06
C TYR A 205 22.50 -10.57 39.38
N PHE A 206 22.40 -11.24 38.23
CA PHE A 206 21.17 -11.34 37.48
C PHE A 206 20.59 -12.75 37.70
N ASP A 207 19.53 -12.80 38.47
CA ASP A 207 18.92 -14.05 38.97
C ASP A 207 17.60 -14.25 38.25
N ARG A 208 17.58 -15.18 37.29
CA ARG A 208 16.40 -15.53 36.51
C ARG A 208 15.74 -14.30 35.87
N CYS A 209 16.57 -13.45 35.28
CA CYS A 209 16.05 -12.32 34.51
C CYS A 209 15.59 -12.87 33.17
N ASN A 210 14.28 -13.05 33.03
CA ASN A 210 13.68 -13.81 31.94
C ASN A 210 12.75 -12.95 31.08
N GLY A 211 12.91 -11.62 31.11
CA GLY A 211 11.98 -10.75 30.41
C GLY A 211 11.89 -11.01 28.92
N GLU A 212 13.04 -11.31 28.29
CA GLU A 212 13.15 -11.42 26.83
C GLU A 212 14.55 -11.86 26.44
N VAL A 213 14.85 -11.84 25.14
CA VAL A 213 16.15 -12.34 24.70
C VAL A 213 17.31 -11.50 25.25
N GLU A 214 17.10 -10.21 25.45
CA GLU A 214 18.16 -9.35 25.98
C GLU A 214 17.97 -9.18 27.47
N ILE A 215 18.87 -9.76 28.25
CA ILE A 215 19.00 -9.40 29.66
C ILE A 215 19.60 -8.02 29.79
N ILE A 216 20.79 -7.84 29.22
CA ILE A 216 21.45 -6.55 29.05
C ILE A 216 21.42 -6.20 27.57
N SER A 217 21.04 -4.98 27.26
CA SER A 217 20.97 -4.49 25.89
C SER A 217 21.92 -3.30 25.80
N ASN A 218 23.14 -3.51 25.34
CA ASN A 218 24.08 -2.40 25.21
C ASN A 218 23.81 -1.66 23.91
N LYS A 219 23.59 -0.35 24.00
CA LYS A 219 23.18 0.48 22.87
C LYS A 219 23.91 1.82 22.89
N SER A 220 25.22 1.77 23.11
CA SER A 220 26.05 2.96 23.11
C SER A 220 27.49 2.51 23.07
N GLY A 221 28.41 3.47 23.09
CA GLY A 221 29.81 3.21 22.88
C GLY A 221 30.65 3.15 24.13
N LYS A 222 31.67 2.29 24.09
CA LYS A 222 32.79 2.30 25.04
C LYS A 222 32.33 2.07 26.48
N ASN A 223 31.40 1.17 26.65
CA ASN A 223 30.99 0.78 27.99
C ASN A 223 31.80 -0.43 28.42
N SER A 224 31.81 -0.69 29.72
CA SER A 224 32.52 -1.83 30.28
C SER A 224 31.56 -2.66 31.12
N ILE A 225 31.28 -3.88 30.65
CA ILE A 225 30.32 -4.77 31.31
C ILE A 225 31.11 -5.97 31.80
N ARG A 226 31.32 -6.06 33.11
CA ARG A 226 32.39 -6.88 33.66
C ARG A 226 31.96 -7.51 34.96
N ASN A 227 32.44 -8.72 35.22
CA ASN A 227 32.38 -9.33 36.55
C ASN A 227 30.96 -9.51 37.04
N ASN A 228 30.00 -9.68 36.14
CA ASN A 228 28.62 -9.94 36.51
C ASN A 228 28.33 -11.44 36.44
N VAL A 229 27.32 -11.86 37.20
CA VAL A 229 26.89 -13.26 37.22
C VAL A 229 25.46 -13.33 36.71
N PHE A 230 25.22 -14.25 35.77
CA PHE A 230 23.90 -14.47 35.20
C PHE A 230 23.46 -15.89 35.56
N PHE A 231 22.50 -16.01 36.45
CA PHE A 231 22.09 -17.32 36.98
C PHE A 231 20.74 -17.69 36.39
N GLU A 232 20.73 -18.73 35.57
CA GLU A 232 19.52 -19.31 35.02
C GLU A 232 18.64 -18.26 34.35
N SER A 233 19.28 -17.31 33.66
CA SER A 233 18.55 -16.21 33.04
C SER A 233 18.27 -16.56 31.59
N ARG A 234 16.99 -16.43 31.23
CA ARG A 234 16.44 -16.85 29.96
C ARG A 234 16.65 -15.77 28.90
N GLY A 235 17.92 -15.49 28.62
CA GLY A 235 18.27 -14.40 27.73
C GLY A 235 19.77 -14.29 27.61
N THR A 236 20.22 -13.13 27.17
CA THR A 236 21.60 -12.91 26.76
C THR A 236 22.10 -11.55 27.25
N LEU A 237 23.42 -11.39 27.20
CA LEU A 237 24.08 -10.10 27.20
C LEU A 237 24.30 -9.72 25.74
N THR A 238 23.54 -8.78 25.23
CA THR A 238 23.58 -8.43 23.82
C THR A 238 24.29 -7.09 23.64
N LEU A 239 25.32 -7.10 22.80
CA LEU A 239 25.96 -5.89 22.28
C LEU A 239 25.13 -5.45 21.08
N ARG A 240 24.05 -4.72 21.37
CA ARG A 240 22.96 -4.49 20.42
C ARG A 240 23.27 -3.41 19.40
N HIS A 241 23.64 -2.21 19.86
CA HIS A 241 24.05 -1.11 19.02
C HIS A 241 25.26 -0.45 19.66
N GLY A 242 26.06 0.22 18.85
CA GLY A 242 27.18 0.92 19.47
C GLY A 242 28.42 0.05 19.56
N ASN A 243 29.58 0.71 19.56
CA ASN A 243 30.87 0.11 19.23
C ASN A 243 31.87 0.28 20.35
N GLY A 244 32.87 -0.59 20.35
CA GLY A 244 34.02 -0.40 21.21
C GLY A 244 33.81 -0.74 22.65
N ASN A 245 32.98 -1.74 22.93
CA ASN A 245 32.62 -2.16 24.28
C ASN A 245 33.47 -3.34 24.72
N ILE A 246 33.65 -3.45 26.03
CA ILE A 246 34.40 -4.55 26.60
C ILE A 246 33.46 -5.36 27.48
N VAL A 247 33.33 -6.64 27.17
CA VAL A 247 32.53 -7.61 27.91
C VAL A 247 33.54 -8.62 28.49
N GLU A 248 33.71 -8.61 29.81
CA GLU A 248 34.87 -9.26 30.40
C GLU A 248 34.58 -9.78 31.81
N ASN A 249 35.13 -10.94 32.13
CA ASN A 249 35.05 -11.56 33.46
C ASN A 249 33.63 -11.90 33.90
N ASN A 250 32.67 -11.99 32.98
CA ASN A 250 31.33 -12.36 33.36
C ASN A 250 31.19 -13.88 33.45
N VAL A 251 30.19 -14.31 34.22
CA VAL A 251 29.94 -15.71 34.50
C VAL A 251 28.46 -16.01 34.26
N PHE A 252 28.18 -17.03 33.45
CA PHE A 252 26.83 -17.44 33.09
C PHE A 252 26.60 -18.87 33.55
N PHE A 253 25.75 -19.06 34.55
CA PHE A 253 25.39 -20.40 35.03
C PHE A 253 24.00 -20.72 34.49
N GLY A 254 23.96 -21.38 33.33
CA GLY A 254 22.68 -21.76 32.75
C GLY A 254 22.01 -22.92 33.45
N ASN A 255 22.79 -23.85 34.00
CA ASN A 255 22.25 -25.05 34.67
C ASN A 255 21.35 -25.88 33.76
N GLY A 256 21.51 -25.78 32.45
CA GLY A 256 20.65 -26.54 31.56
C GLY A 256 19.20 -26.07 31.46
N VAL A 257 18.87 -24.93 32.03
CA VAL A 257 17.50 -24.40 31.92
C VAL A 257 17.24 -23.93 30.49
N ASP A 258 15.99 -24.11 30.05
CA ASP A 258 15.59 -23.85 28.67
C ASP A 258 15.85 -22.40 28.28
N HIS A 259 16.38 -22.21 27.09
CA HIS A 259 16.54 -20.88 26.51
C HIS A 259 17.48 -19.97 27.32
N THR A 260 18.49 -20.50 27.99
CA THR A 260 19.53 -19.68 28.63
C THR A 260 20.64 -19.34 27.63
N GLY A 261 20.94 -18.05 27.47
CA GLY A 261 22.12 -17.57 26.69
C GLY A 261 23.22 -17.04 27.65
N GLY A 262 24.33 -16.48 27.22
CA GLY A 262 24.68 -16.10 25.89
C GLY A 262 25.35 -14.74 25.92
N ILE A 263 26.44 -14.59 25.17
CA ILE A 263 26.90 -13.28 24.73
C ILE A 263 26.64 -13.19 23.24
N ARG A 264 26.01 -12.09 22.81
CA ARG A 264 25.64 -11.87 21.41
C ARG A 264 26.38 -10.63 20.90
N VAL A 265 27.16 -10.84 19.84
CA VAL A 265 28.08 -9.83 19.32
C VAL A 265 27.49 -9.26 18.04
N ILE A 266 27.39 -7.96 17.97
CA ILE A 266 26.94 -7.20 16.84
C ILE A 266 27.78 -5.95 16.87
N ASN A 267 27.91 -5.23 15.78
CA ASN A 267 28.66 -3.99 15.69
C ASN A 267 30.19 -4.10 15.69
N ARG A 268 30.87 -2.98 15.86
CA ARG A 268 32.31 -2.92 15.77
C ARG A 268 33.13 -2.81 17.00
N ASP A 269 34.37 -3.23 16.84
CA ASP A 269 35.38 -3.15 17.86
C ASP A 269 35.00 -3.71 19.22
N GLN A 270 34.25 -4.78 19.25
CA GLN A 270 33.88 -5.36 20.53
C GLN A 270 34.99 -6.27 21.05
N ILE A 271 35.18 -6.28 22.37
CA ILE A 271 36.11 -7.20 23.02
C ILE A 271 35.33 -8.08 24.00
N ILE A 272 35.38 -9.38 23.78
CA ILE A 272 34.70 -10.39 24.59
C ILE A 272 35.81 -11.30 25.11
N ARG A 273 36.27 -11.06 26.34
CA ARG A 273 37.42 -11.78 26.86
C ARG A 273 37.15 -12.25 28.29
N ASN A 274 37.73 -13.40 28.60
CA ASN A 274 37.76 -13.92 29.97
C ASN A 274 36.37 -14.13 30.55
N ASN A 275 35.39 -14.51 29.74
CA ASN A 275 34.05 -14.84 30.23
C ASN A 275 33.86 -16.35 30.34
N TYR A 276 33.09 -16.75 31.35
CA TYR A 276 32.84 -18.16 31.65
C TYR A 276 31.36 -18.46 31.43
N LEU A 277 31.08 -19.50 30.63
CA LEU A 277 29.75 -19.83 30.16
C LEU A 277 29.51 -21.33 30.33
N GLU A 278 28.48 -21.69 31.08
CA GLU A 278 28.23 -23.08 31.43
C GLU A 278 26.74 -23.39 31.36
N GLY A 279 26.44 -24.53 30.75
CA GLY A 279 25.10 -25.11 30.78
C GLY A 279 24.04 -24.26 30.11
N LEU A 280 24.39 -23.63 29.00
CA LEU A 280 23.51 -22.72 28.27
C LEU A 280 22.86 -23.46 27.12
N THR A 281 21.54 -23.42 27.04
CA THR A 281 20.81 -24.23 26.09
C THR A 281 20.21 -23.44 24.94
N GLY A 282 20.39 -22.14 24.90
CA GLY A 282 19.68 -21.35 23.91
C GLY A 282 20.26 -21.49 22.53
N TYR A 283 19.52 -20.96 21.55
CA TYR A 283 19.93 -21.04 20.15
C TYR A 283 19.53 -19.74 19.45
N ARG A 284 19.95 -19.62 18.20
CA ARG A 284 19.74 -18.43 17.35
C ARG A 284 20.23 -17.22 18.13
N PHE A 285 19.43 -16.17 18.28
CA PHE A 285 19.90 -14.99 19.00
C PHE A 285 20.07 -15.24 20.50
N GLY A 286 19.50 -16.33 21.04
CA GLY A 286 19.73 -16.67 22.43
C GLY A 286 20.80 -17.71 22.67
N SER A 287 21.71 -17.89 21.72
CA SER A 287 22.78 -18.87 21.87
C SER A 287 23.75 -18.47 23.00
N GLY A 288 24.51 -19.46 23.45
CA GLY A 288 25.59 -19.18 24.39
C GLY A 288 26.59 -18.19 23.84
N LEU A 289 26.93 -18.31 22.55
CA LEU A 289 27.79 -17.34 21.91
C LEU A 289 27.24 -17.10 20.51
N THR A 290 27.03 -15.84 20.15
CA THR A 290 26.42 -15.48 18.88
C THR A 290 27.20 -14.36 18.23
N VAL A 291 27.62 -14.56 16.98
CA VAL A 291 28.20 -13.50 16.18
C VAL A 291 27.26 -13.30 15.00
N MET A 292 26.58 -12.17 14.97
CA MET A 292 25.49 -11.95 14.03
C MET A 292 26.00 -11.47 12.67
N ASN A 293 25.21 -11.77 11.64
CA ASN A 293 25.25 -11.03 10.39
C ASN A 293 24.57 -9.68 10.58
N GLY A 294 25.04 -8.68 9.82
CA GLY A 294 24.45 -7.36 9.82
C GLY A 294 23.84 -7.03 8.45
N VAL A 295 23.30 -5.82 8.37
CA VAL A 295 22.69 -5.29 7.16
C VAL A 295 23.69 -4.33 6.52
N PRO A 296 24.00 -4.47 5.23
CA PRO A 296 24.81 -3.45 4.56
C PRO A 296 24.11 -2.09 4.64
N ASN A 297 24.88 -1.06 4.95
CA ASN A 297 24.35 0.30 5.09
C ASN A 297 23.15 0.32 6.04
N SER A 298 23.29 -0.38 7.17
CA SER A 298 22.21 -0.56 8.10
C SER A 298 21.67 0.78 8.59
N LYS A 299 20.36 0.85 8.78
CA LYS A 299 19.79 1.95 9.54
C LYS A 299 20.20 1.83 11.00
N ILE A 300 20.09 2.95 11.72
CA ILE A 300 20.73 3.06 13.02
C ILE A 300 20.12 2.09 14.03
N ASN A 301 18.91 1.67 13.78
CA ASN A 301 18.23 0.74 14.66
C ASN A 301 18.06 -0.69 14.20
N ARG A 302 18.79 -1.08 13.17
CA ARG A 302 18.74 -2.42 12.63
C ARG A 302 19.89 -3.31 13.11
N TYR A 303 20.81 -3.66 12.23
CA TYR A 303 21.92 -4.51 12.63
C TYR A 303 23.20 -4.15 11.90
N HIS A 304 24.23 -3.75 12.61
CA HIS A 304 25.47 -3.37 11.98
C HIS A 304 26.46 -4.53 11.92
N GLN A 305 27.11 -4.67 10.78
CA GLN A 305 28.02 -5.77 10.52
C GLN A 305 29.07 -5.90 11.62
N VAL A 306 29.33 -7.14 12.03
CA VAL A 306 30.42 -7.37 12.97
C VAL A 306 31.75 -7.12 12.29
N ASP A 307 32.55 -6.25 12.88
CA ASP A 307 33.79 -5.76 12.29
C ASP A 307 34.80 -5.61 13.42
N ASN A 308 35.91 -6.34 13.35
CA ASN A 308 36.96 -6.25 14.35
C ASN A 308 36.46 -6.66 15.75
N ALA A 309 35.68 -7.73 15.81
CA ALA A 309 35.43 -8.38 17.09
C ALA A 309 36.67 -9.14 17.56
N LEU A 310 36.86 -9.20 18.87
CA LEU A 310 37.95 -9.94 19.48
C LEU A 310 37.37 -10.82 20.59
N ILE A 311 37.46 -12.14 20.40
CA ILE A 311 36.82 -13.11 21.28
C ILE A 311 37.93 -14.02 21.81
N GLU A 312 38.42 -13.77 23.02
CA GLU A 312 39.56 -14.54 23.49
C GLU A 312 39.42 -14.95 24.95
N ASN A 313 40.03 -16.08 25.27
CA ASN A 313 40.10 -16.60 26.65
C ASN A 313 38.74 -16.76 27.30
N ASN A 314 37.74 -17.12 26.54
CA ASN A 314 36.47 -17.53 27.12
C ASN A 314 36.41 -19.04 27.29
N THR A 315 35.70 -19.46 28.33
CA THR A 315 35.48 -20.87 28.59
C THR A 315 34.02 -21.19 28.34
N LEU A 316 33.77 -22.23 27.55
CA LEU A 316 32.40 -22.61 27.21
C LEU A 316 32.24 -24.09 27.51
N VAL A 317 31.50 -24.39 28.58
CA VAL A 317 31.27 -25.76 29.02
C VAL A 317 29.82 -26.10 28.78
N ASN A 318 29.58 -27.19 28.02
CA ASN A 318 28.24 -27.66 27.69
C ASN A 318 27.36 -26.50 27.21
N VAL A 319 27.91 -25.66 26.34
CA VAL A 319 27.14 -24.61 25.68
C VAL A 319 26.64 -25.23 24.39
N GLU A 320 25.32 -25.37 24.27
CA GLU A 320 24.79 -26.20 23.19
C GLU A 320 24.94 -25.52 21.83
N HIS A 321 24.89 -24.19 21.77
CA HIS A 321 24.97 -23.53 20.47
C HIS A 321 25.95 -22.36 20.49
N ILE A 322 26.92 -22.42 19.59
CA ILE A 322 27.79 -21.31 19.24
C ILE A 322 27.51 -21.01 17.78
N GLN A 323 26.96 -19.84 17.49
CA GLN A 323 26.44 -19.58 16.16
C GLN A 323 27.12 -18.37 15.54
N PHE A 324 27.74 -18.58 14.39
CA PHE A 324 28.43 -17.53 13.66
C PHE A 324 27.60 -17.15 12.45
N ALA A 325 27.62 -15.86 12.11
CA ALA A 325 26.78 -15.28 11.07
C ALA A 325 25.30 -15.54 11.31
N ALA A 326 24.90 -15.65 12.57
CA ALA A 326 23.50 -15.88 12.91
C ALA A 326 22.60 -14.74 12.42
N GLY A 327 21.41 -15.09 11.98
CA GLY A 327 20.53 -14.12 11.36
C GLY A 327 20.76 -13.90 9.89
N SER A 328 21.68 -14.65 9.28
CA SER A 328 21.97 -14.42 7.87
C SER A 328 20.71 -14.65 7.03
N ASP A 329 20.39 -13.69 6.18
CA ASP A 329 19.28 -13.82 5.25
C ASP A 329 19.41 -12.71 4.22
N LYS A 330 18.34 -12.47 3.45
CA LYS A 330 18.44 -11.52 2.35
C LYS A 330 18.68 -10.11 2.85
N GLU A 331 18.14 -9.76 4.02
CA GLU A 331 18.40 -8.46 4.62
C GLU A 331 19.77 -8.42 5.28
N ARG A 332 20.02 -9.35 6.22
CA ARG A 332 21.26 -9.39 6.99
C ARG A 332 22.32 -10.20 6.24
N SER A 333 22.86 -9.57 5.20
CA SER A 333 23.75 -10.25 4.27
C SER A 333 25.21 -9.92 4.48
N ALA A 334 25.54 -9.09 5.47
CA ALA A 334 26.90 -8.65 5.72
C ALA A 334 27.49 -9.56 6.81
N ALA A 335 28.36 -10.48 6.38
CA ALA A 335 28.99 -11.45 7.28
C ALA A 335 30.12 -10.80 8.07
N PRO A 336 30.55 -11.41 9.17
CA PRO A 336 31.57 -10.78 10.03
C PRO A 336 32.92 -10.62 9.34
N ILE A 337 33.58 -9.50 9.59
CA ILE A 337 34.88 -9.22 8.97
C ILE A 337 35.91 -8.77 10.00
N ASN A 338 37.18 -8.89 9.60
CA ASN A 338 38.34 -8.43 10.38
C ASN A 338 38.31 -8.86 11.83
N SER A 339 37.77 -10.03 12.13
CA SER A 339 37.59 -10.44 13.51
C SER A 339 38.54 -11.57 13.87
N ASN A 340 38.61 -11.87 15.17
CA ASN A 340 39.56 -12.85 15.70
C ASN A 340 38.97 -13.58 16.89
N MET A 341 39.09 -14.91 16.90
CA MET A 341 38.65 -15.75 18.02
C MET A 341 39.80 -16.68 18.41
N ASN A 342 40.42 -16.42 19.57
CA ASN A 342 41.66 -17.07 19.98
C ASN A 342 41.60 -17.52 21.43
N ASN A 343 42.36 -18.57 21.74
CA ASN A 343 42.66 -18.99 23.11
C ASN A 343 41.40 -19.28 23.93
N ASN A 344 40.33 -19.68 23.25
CA ASN A 344 39.12 -20.09 23.92
C ASN A 344 39.15 -21.59 24.24
N LEU A 345 38.27 -22.00 25.15
CA LEU A 345 38.19 -23.37 25.60
C LEU A 345 36.74 -23.82 25.51
N ILE A 346 36.51 -24.86 24.74
CA ILE A 346 35.18 -25.42 24.51
C ILE A 346 35.23 -26.88 24.93
N VAL A 347 34.47 -27.22 25.97
CA VAL A 347 34.34 -28.57 26.45
C VAL A 347 32.87 -28.91 26.41
N ASN A 348 32.51 -29.92 25.63
CA ASN A 348 31.11 -30.28 25.43
C ASN A 348 31.00 -31.79 25.47
N ASP A 349 30.10 -32.32 26.28
CA ASP A 349 29.92 -33.77 26.35
C ASP A 349 28.79 -34.27 25.46
N GLN A 350 28.32 -33.48 24.51
CA GLN A 350 27.21 -33.89 23.66
C GLN A 350 27.68 -34.40 22.29
N GLY A 351 28.98 -34.55 22.09
CA GLY A 351 29.52 -35.13 20.88
C GLY A 351 29.91 -34.14 19.81
N THR A 352 29.60 -32.87 20.00
CA THR A 352 29.86 -31.85 19.02
C THR A 352 30.48 -30.64 19.71
N ASP A 353 31.14 -29.79 18.93
CA ASP A 353 31.60 -28.53 19.48
C ASP A 353 30.49 -27.49 19.59
N GLY A 354 29.26 -27.81 19.16
CA GLY A 354 28.13 -26.92 19.22
C GLY A 354 28.13 -25.80 18.19
N ILE A 355 29.10 -25.76 17.28
CA ILE A 355 29.26 -24.63 16.38
C ILE A 355 28.42 -24.83 15.13
N THR A 356 27.69 -23.78 14.73
CA THR A 356 27.01 -23.74 13.45
C THR A 356 27.33 -22.42 12.76
N ALA A 357 27.77 -22.49 11.51
CA ALA A 357 27.96 -21.30 10.69
C ALA A 357 26.79 -21.17 9.72
N PHE A 358 26.23 -19.96 9.63
CA PHE A 358 25.07 -19.71 8.79
C PHE A 358 25.43 -18.90 7.54
N ASP A 359 26.69 -18.57 7.34
CA ASP A 359 27.16 -17.78 6.21
C ASP A 359 28.68 -17.95 6.15
N ASP A 360 29.31 -17.26 5.21
CA ASP A 360 30.76 -17.25 5.17
C ASP A 360 31.32 -16.70 6.48
N ILE A 361 32.28 -17.42 7.07
CA ILE A 361 32.94 -16.99 8.29
C ILE A 361 34.44 -16.80 8.09
N SER A 362 34.88 -16.67 6.85
CA SER A 362 36.30 -16.46 6.61
C SER A 362 36.78 -15.11 7.11
N GLY A 363 35.87 -14.22 7.51
CA GLY A 363 36.26 -12.98 8.13
C GLY A 363 36.52 -13.06 9.62
N ILE A 364 36.41 -14.24 10.20
CA ILE A 364 36.84 -14.52 11.57
C ILE A 364 38.06 -15.43 11.49
N LYS A 365 39.18 -14.99 12.03
CA LYS A 365 40.36 -15.86 12.08
C LYS A 365 40.43 -16.54 13.44
N PHE A 366 40.50 -17.85 13.40
CA PHE A 366 40.55 -18.68 14.59
C PHE A 366 41.98 -19.12 14.82
N LYS A 367 42.44 -19.03 16.07
CA LYS A 367 43.79 -19.42 16.43
C LYS A 367 43.81 -19.93 17.86
N ASP A 368 44.51 -21.05 18.07
CA ASP A 368 44.79 -21.52 19.43
C ASP A 368 43.53 -21.71 20.26
N ASN A 369 42.48 -22.29 19.69
CA ASN A 369 41.31 -22.69 20.47
C ASN A 369 41.39 -24.18 20.77
N LEU A 370 41.00 -24.56 22.00
CA LEU A 370 41.13 -25.93 22.47
C LEU A 370 39.75 -26.55 22.66
N LEU A 371 39.60 -27.75 22.13
CA LEU A 371 38.39 -28.55 22.15
C LEU A 371 38.70 -29.88 22.83
N ASN A 372 37.73 -30.43 23.57
CA ASN A 372 37.91 -31.77 24.08
C ASN A 372 37.76 -32.79 22.94
N GLN A 373 38.44 -33.93 23.10
CA GLN A 373 38.69 -34.82 21.98
C GLN A 373 37.42 -35.51 21.48
N ASP A 374 36.42 -35.67 22.35
CA ASP A 374 35.18 -36.33 21.94
C ASP A 374 34.24 -35.43 21.17
N ALA A 375 34.55 -34.16 20.99
CA ALA A 375 33.63 -33.20 20.40
C ALA A 375 34.06 -32.95 18.97
N LYS A 376 33.34 -33.55 18.02
CA LYS A 376 33.49 -33.34 16.58
C LYS A 376 33.68 -31.85 16.27
N PRO A 377 34.85 -31.44 15.79
CA PRO A 377 35.05 -30.02 15.44
C PRO A 377 34.30 -29.68 14.17
N SER A 378 33.57 -28.57 14.20
CA SER A 378 32.91 -28.06 13.01
C SER A 378 33.85 -27.22 12.14
N ILE A 379 35.00 -26.81 12.68
CA ILE A 379 35.97 -25.98 11.99
C ILE A 379 37.34 -26.59 12.20
N ASN A 380 38.13 -26.70 11.13
CA ASN A 380 39.44 -27.38 11.24
C ASN A 380 40.56 -26.45 11.71
N LYS A 381 40.99 -25.50 10.87
CA LYS A 381 42.07 -24.62 11.25
C LYS A 381 41.67 -23.79 12.46
N GLY A 382 42.56 -23.70 13.45
CA GLY A 382 42.36 -22.86 14.59
C GLY A 382 41.77 -23.56 15.79
N PHE A 383 41.46 -24.83 15.69
CA PHE A 383 40.97 -25.62 16.81
C PHE A 383 41.82 -26.87 16.94
N GLU A 384 42.36 -27.12 18.12
CA GLU A 384 43.06 -28.37 18.37
C GLU A 384 42.28 -29.15 19.42
N GLN A 385 42.47 -30.45 19.39
CA GLN A 385 41.72 -31.34 20.26
C GLN A 385 42.67 -32.01 21.24
N ALA A 386 42.16 -32.23 22.45
CA ALA A 386 42.98 -32.85 23.48
C ALA A 386 42.09 -33.59 24.47
N ASP A 387 42.72 -34.49 25.21
CA ASP A 387 42.06 -35.16 26.32
C ASP A 387 41.94 -34.15 27.46
N ILE A 388 40.73 -33.64 27.68
CA ILE A 388 40.49 -32.62 28.69
C ILE A 388 39.56 -33.20 29.74
N THR A 389 39.91 -33.05 31.01
CA THR A 389 38.94 -33.33 32.06
C THR A 389 38.84 -32.10 32.97
N MET A 390 37.63 -31.60 33.13
CA MET A 390 37.40 -30.37 33.87
C MET A 390 37.17 -30.69 35.34
N GLN A 391 37.67 -29.83 36.22
CA GLN A 391 37.31 -29.95 37.62
C GLN A 391 37.04 -28.58 38.19
N ARG A 392 36.11 -28.52 39.13
CA ARG A 392 35.61 -27.25 39.64
C ARG A 392 36.50 -26.72 40.75
N HIS A 393 37.05 -25.52 40.56
CA HIS A 393 37.85 -24.86 41.58
C HIS A 393 36.94 -24.31 42.69
N ASP A 394 37.58 -23.75 43.72
CA ASP A 394 36.84 -23.17 44.84
C ASP A 394 35.98 -21.99 44.41
N ASN A 395 36.38 -21.28 43.37
CA ASN A 395 35.60 -20.15 42.92
C ASN A 395 34.32 -20.56 42.21
N GLY A 396 34.00 -21.86 42.22
CA GLY A 396 32.83 -22.39 41.57
C GLY A 396 32.95 -22.64 40.08
N LEU A 397 34.12 -22.42 39.47
CA LEU A 397 34.26 -22.54 38.03
C LEU A 397 35.08 -23.77 37.64
N LEU A 398 34.75 -24.33 36.47
CA LEU A 398 35.45 -25.48 35.93
C LEU A 398 36.71 -25.07 35.18
N TYR A 399 37.79 -25.81 35.42
CA TYR A 399 39.07 -25.63 34.76
C TYR A 399 39.64 -26.97 34.31
N PRO A 400 40.37 -27.01 33.19
CA PRO A 400 41.13 -28.22 32.85
C PRO A 400 42.03 -28.63 34.01
N GLU A 401 42.09 -29.95 34.24
CA GLU A 401 43.03 -30.48 35.23
C GLU A 401 44.46 -30.10 34.89
N ALA A 402 44.81 -30.12 33.61
CA ALA A 402 46.18 -29.87 33.19
C ALA A 402 46.50 -28.39 33.27
N LYS A 403 47.58 -28.05 33.99
CA LYS A 403 48.02 -26.67 34.04
C LYS A 403 48.35 -26.12 32.66
N THR A 404 48.91 -26.94 31.77
CA THR A 404 49.24 -26.46 30.44
C THR A 404 47.99 -26.11 29.64
N GLN A 405 46.86 -26.75 29.93
CA GLN A 405 45.62 -26.42 29.23
C GLN A 405 44.91 -25.20 29.83
N GLN A 406 45.39 -24.67 30.95
CA GLN A 406 44.80 -23.48 31.55
C GLN A 406 45.19 -22.19 30.85
N LYS A 407 46.08 -22.25 29.86
CA LYS A 407 46.32 -21.09 29.00
C LYS A 407 45.21 -20.91 27.98
N TYR A 408 44.24 -21.81 27.97
CA TYR A 408 43.06 -21.68 27.15
C TYR A 408 41.87 -21.37 28.05
N GLY A 409 41.02 -20.50 27.57
CA GLY A 409 39.85 -20.15 28.33
C GLY A 409 40.17 -19.17 29.44
N VAL A 410 39.36 -19.26 30.48
CA VAL A 410 39.21 -18.24 31.51
C VAL A 410 40.35 -18.34 32.53
N SER A 411 40.77 -17.19 33.05
CA SER A 411 41.75 -17.12 34.13
C SER A 411 41.26 -17.84 35.40
N THR A 412 42.22 -18.40 36.13
CA THR A 412 41.92 -19.02 37.42
C THR A 412 41.64 -18.01 38.53
N GLN A 413 41.97 -16.73 38.35
CA GLN A 413 41.73 -15.76 39.42
C GLN A 413 40.33 -15.17 39.44
N LEU A 414 39.45 -15.55 38.53
CA LEU A 414 38.08 -15.07 38.61
C LEU A 414 37.48 -15.43 39.97
N GLU A 415 36.68 -14.50 40.50
CA GLU A 415 35.95 -14.73 41.75
C GLU A 415 34.52 -14.25 41.55
N PRO A 416 33.62 -15.13 41.09
CA PRO A 416 32.24 -14.72 40.82
C PRO A 416 31.57 -14.17 42.07
N ILE A 417 30.91 -13.02 41.92
CA ILE A 417 30.15 -12.48 43.04
C ILE A 417 29.00 -13.42 43.37
N GLY A 418 28.73 -13.57 44.67
CA GLY A 418 27.68 -14.45 45.13
C GLY A 418 26.34 -13.77 45.28
N LYS A 419 25.29 -14.58 45.30
CA LYS A 419 23.94 -14.03 45.45
C LYS A 419 23.79 -13.28 46.78
N ASP A 420 24.51 -13.68 47.83
CA ASP A 420 24.38 -13.02 49.11
C ASP A 420 25.43 -11.93 49.33
N GLU A 421 26.22 -11.60 48.32
CA GLU A 421 27.14 -10.47 48.39
C GLU A 421 26.61 -9.27 47.64
N VAL A 422 25.34 -9.29 47.29
CA VAL A 422 24.74 -8.31 46.41
C VAL A 422 23.39 -7.93 47.02
N GLY A 423 22.90 -6.74 46.68
CA GLY A 423 21.64 -6.29 47.25
C GLY A 423 21.81 -5.75 48.67
N VAL A 424 20.79 -5.99 49.50
CA VAL A 424 20.79 -5.56 50.90
C VAL A 424 20.61 -6.75 51.83
N SER A 425 21.27 -6.70 52.98
CA SER A 425 21.16 -7.76 53.96
C SER A 425 19.80 -7.80 54.64
N TRP A 426 19.04 -6.71 54.58
CA TRP A 426 17.83 -6.54 55.37
C TRP A 426 16.56 -6.79 54.59
N TYR A 427 16.66 -7.30 53.36
CA TYR A 427 15.48 -7.63 52.59
C TYR A 427 15.71 -8.99 51.92
N PRO A 428 14.81 -9.96 52.12
CA PRO A 428 15.09 -11.33 51.67
C PRO A 428 15.00 -11.49 50.17
N LYS A 429 15.82 -12.42 49.65
CA LYS A 429 15.72 -12.88 48.27
C LYS A 429 14.88 -14.15 48.26
N VAL A 430 13.78 -14.13 47.53
CA VAL A 430 12.66 -15.02 47.78
C VAL A 430 12.26 -15.71 46.46
N GLU A 431 11.46 -16.74 46.58
CA GLU A 431 11.04 -17.42 45.36
C GLU A 431 9.83 -16.70 44.75
N PRO A 432 9.82 -16.49 43.42
CA PRO A 432 8.75 -15.69 42.81
C PRO A 432 7.43 -16.41 42.61
N ASP A 433 7.44 -17.74 42.46
CA ASP A 433 6.23 -18.47 42.12
C ASP A 433 5.78 -19.37 43.26
N VAL A 434 4.47 -19.56 43.37
CA VAL A 434 3.89 -20.58 44.26
C VAL A 434 3.76 -21.88 43.48
N ALA A 435 4.25 -22.97 44.08
CA ALA A 435 4.19 -24.26 43.41
C ALA A 435 2.83 -24.89 43.60
N PHE A 436 2.39 -25.62 42.57
CA PHE A 436 1.14 -26.38 42.69
C PHE A 436 1.29 -27.45 43.76
N GLY A 437 0.32 -27.54 44.66
CA GLY A 437 0.36 -28.58 45.67
C GLY A 437 1.37 -28.37 46.76
N SER A 438 1.89 -27.15 46.90
CA SER A 438 2.81 -26.83 47.98
C SER A 438 2.08 -26.48 49.27
N GLY A 439 0.77 -26.36 49.23
CA GLY A 439 -0.06 -26.06 50.39
C GLY A 439 -0.61 -27.32 51.02
N LYS A 440 -1.82 -27.23 51.52
CA LYS A 440 -2.47 -28.32 52.24
C LYS A 440 -3.63 -28.88 51.42
N HIS A 441 -4.10 -30.06 51.83
CA HIS A 441 -5.21 -30.70 51.16
C HIS A 441 -6.49 -30.41 51.93
N ILE A 442 -7.54 -30.04 51.20
CA ILE A 442 -8.84 -29.71 51.75
C ILE A 442 -9.87 -30.61 51.09
N ALA A 443 -10.63 -31.33 51.91
CA ALA A 443 -11.72 -32.14 51.40
C ALA A 443 -12.93 -31.26 51.12
N VAL A 444 -13.57 -31.47 50.00
CA VAL A 444 -14.70 -30.69 49.63
C VAL A 444 -15.80 -31.66 49.32
N SER A 445 -17.04 -31.28 49.57
CA SER A 445 -18.16 -32.15 49.31
C SER A 445 -19.23 -31.50 48.46
N PRO A 446 -20.10 -32.39 47.83
CA PRO A 446 -21.18 -31.77 47.06
C PRO A 446 -22.14 -31.05 47.96
N GLY A 447 -23.04 -30.19 47.48
CA GLY A 447 -23.21 -29.93 46.08
C GLY A 447 -23.76 -28.61 45.54
N ASP A 448 -23.86 -27.56 46.34
CA ASP A 448 -24.34 -26.28 45.79
C ASP A 448 -23.52 -25.18 46.50
N ASN A 449 -22.77 -24.43 45.71
CA ASN A 449 -21.93 -23.38 46.25
C ASN A 449 -20.82 -23.90 47.09
N THR A 450 -20.68 -25.19 47.10
CA THR A 450 -19.64 -25.78 47.95
C THR A 450 -18.25 -25.58 47.35
N LEU A 451 -18.15 -25.49 46.04
CA LEU A 451 -16.88 -25.24 45.37
C LEU A 451 -16.50 -23.76 45.47
N PHE A 452 -17.48 -22.89 45.26
CA PHE A 452 -17.29 -21.46 45.47
C PHE A 452 -16.73 -21.17 46.85
N ASP A 453 -17.26 -21.83 47.88
CA ASP A 453 -16.80 -21.55 49.23
C ASP A 453 -15.45 -22.19 49.51
N ALA A 454 -15.20 -23.39 48.98
CA ALA A 454 -13.90 -24.02 49.22
C ALA A 454 -12.77 -23.24 48.55
N ILE A 455 -13.00 -22.78 47.31
CA ILE A 455 -12.01 -21.96 46.63
C ILE A 455 -11.74 -20.68 47.43
N ALA A 456 -12.79 -20.03 47.91
CA ALA A 456 -12.63 -18.72 48.53
C ALA A 456 -11.84 -18.79 49.83
N SER A 457 -11.93 -19.88 50.58
CA SER A 457 -11.25 -19.94 51.86
C SER A 457 -9.96 -20.76 51.83
N ALA A 458 -9.67 -21.42 50.72
CA ALA A 458 -8.37 -22.07 50.56
C ALA A 458 -7.25 -21.02 50.53
N GLU A 459 -6.03 -21.49 50.77
CA GLU A 459 -4.82 -20.68 50.71
C GLU A 459 -4.02 -21.07 49.49
N THR A 460 -3.08 -20.18 49.10
CA THR A 460 -2.39 -20.37 47.83
C THR A 460 -1.51 -21.61 47.90
N GLY A 461 -1.57 -22.43 46.85
CA GLY A 461 -0.88 -23.70 46.84
C GLY A 461 -1.70 -24.89 47.32
N ASP A 462 -2.91 -24.66 47.84
CA ASP A 462 -3.71 -25.75 48.39
C ASP A 462 -4.22 -26.66 47.28
N VAL A 463 -4.69 -27.84 47.69
CA VAL A 463 -5.29 -28.82 46.78
C VAL A 463 -6.67 -29.16 47.30
N LEU A 464 -7.69 -28.88 46.49
CA LEU A 464 -9.06 -29.22 46.82
C LEU A 464 -9.35 -30.62 46.28
N VAL A 465 -9.81 -31.51 47.16
CA VAL A 465 -10.09 -32.91 46.83
C VAL A 465 -11.60 -33.10 46.90
N LEU A 466 -12.24 -33.17 45.74
CA LEU A 466 -13.69 -33.25 45.69
C LEU A 466 -14.13 -34.70 45.86
N GLN A 467 -15.03 -34.93 46.82
CA GLN A 467 -15.60 -36.25 46.97
C GLN A 467 -16.59 -36.52 45.85
N ALA A 468 -16.98 -37.77 45.70
CA ALA A 468 -17.87 -38.16 44.61
C ALA A 468 -19.20 -37.44 44.71
N GLY A 469 -19.78 -37.12 43.58
CA GLY A 469 -21.09 -36.50 43.56
C GLY A 469 -21.16 -35.36 42.56
N GLU A 470 -22.13 -34.48 42.78
CA GLU A 470 -22.49 -33.43 41.83
C GLU A 470 -22.18 -32.06 42.43
N TYR A 471 -21.50 -31.21 41.66
CA TYR A 471 -21.16 -29.85 42.11
C TYR A 471 -21.83 -28.86 41.18
N TRP A 472 -22.91 -28.25 41.65
CA TRP A 472 -23.65 -27.27 40.87
C TRP A 472 -23.06 -25.89 41.16
N VAL A 473 -22.83 -25.11 40.12
CA VAL A 473 -22.04 -23.90 40.24
C VAL A 473 -22.87 -22.74 39.70
N SER A 474 -23.52 -22.01 40.60
CA SER A 474 -24.36 -20.87 40.27
C SER A 474 -23.61 -19.55 40.28
N LYS A 475 -22.35 -19.54 40.70
CA LYS A 475 -21.56 -18.32 40.79
C LYS A 475 -20.19 -18.58 40.19
N ILE A 476 -19.70 -17.61 39.42
CA ILE A 476 -18.40 -17.75 38.78
C ILE A 476 -17.33 -18.07 39.83
N LEU A 477 -16.48 -19.03 39.52
CA LEU A 477 -15.36 -19.40 40.38
C LEU A 477 -14.16 -18.57 39.96
N SER A 478 -13.91 -17.46 40.65
CA SER A 478 -12.81 -16.58 40.28
C SER A 478 -11.60 -16.94 41.14
N LEU A 479 -10.50 -17.26 40.48
CA LEU A 479 -9.29 -17.75 41.10
C LEU A 479 -8.26 -16.63 41.14
N ASP A 480 -7.82 -16.27 42.35
CA ASP A 480 -6.79 -15.26 42.52
C ASP A 480 -5.65 -15.82 43.37
N LYS A 481 -5.49 -17.14 43.36
CA LYS A 481 -4.39 -17.79 44.06
C LYS A 481 -3.98 -19.01 43.25
N THR A 482 -2.96 -19.72 43.72
CA THR A 482 -2.54 -20.96 43.08
C THR A 482 -3.32 -22.11 43.70
N LEU A 483 -3.99 -22.90 42.88
CA LEU A 483 -4.93 -23.89 43.39
C LEU A 483 -4.98 -25.11 42.49
N THR A 484 -5.14 -26.27 43.10
CA THR A 484 -5.39 -27.53 42.39
C THR A 484 -6.78 -28.03 42.78
N ILE A 485 -7.60 -28.33 41.79
CA ILE A 485 -8.91 -28.95 42.01
C ILE A 485 -8.80 -30.40 41.54
N ARG A 486 -8.85 -31.34 42.49
CA ARG A 486 -8.58 -32.75 42.23
C ARG A 486 -9.78 -33.60 42.65
N ALA A 487 -10.22 -34.49 41.78
CA ALA A 487 -11.24 -35.46 42.16
C ALA A 487 -10.63 -36.55 43.03
N GLN A 488 -11.31 -36.88 44.09
CA GLN A 488 -10.88 -37.93 44.97
C GLN A 488 -10.77 -39.20 44.13
N GLU A 489 -11.72 -39.41 43.26
CA GLU A 489 -11.72 -40.55 42.38
C GLU A 489 -12.17 -40.10 40.99
N LYS A 490 -11.27 -40.17 40.04
CA LYS A 490 -11.50 -39.72 38.67
C LYS A 490 -12.84 -40.04 37.99
N GLY A 491 -13.58 -39.02 37.59
CA GLY A 491 -14.79 -39.20 36.88
C GLY A 491 -15.92 -39.31 37.86
N SER A 492 -15.64 -39.26 39.15
CA SER A 492 -16.70 -39.36 40.13
C SER A 492 -17.14 -38.01 40.65
N ALA A 493 -16.45 -36.93 40.30
CA ALA A 493 -16.87 -35.60 40.72
C ALA A 493 -17.32 -34.89 39.49
N VAL A 494 -18.59 -34.59 39.44
CA VAL A 494 -19.23 -33.96 38.31
C VAL A 494 -19.52 -32.52 38.60
N ILE A 495 -19.04 -31.62 37.76
CA ILE A 495 -19.22 -30.18 37.95
C ILE A 495 -20.19 -29.67 36.90
N PHE A 496 -21.26 -29.03 37.33
CA PHE A 496 -22.29 -28.51 36.44
C PHE A 496 -22.26 -26.99 36.46
N PRO A 497 -21.66 -26.33 35.48
CA PRO A 497 -21.80 -24.88 35.39
C PRO A 497 -23.23 -24.47 35.05
N GLN A 498 -23.69 -23.41 35.70
CA GLN A 498 -24.96 -22.80 35.37
C GLN A 498 -24.81 -21.36 34.90
N ARG A 499 -23.59 -20.82 34.89
CA ARG A 499 -23.30 -19.47 34.40
C ARG A 499 -22.52 -19.52 33.10
N SER A 500 -22.39 -18.35 32.46
CA SER A 500 -21.66 -18.24 31.20
C SER A 500 -20.21 -18.64 31.35
N THR A 501 -19.64 -18.48 32.53
CA THR A 501 -18.29 -18.91 32.82
C THR A 501 -18.33 -19.83 34.02
N LEU A 502 -17.53 -20.90 33.97
CA LEU A 502 -17.30 -21.73 35.12
C LEU A 502 -16.16 -21.19 35.98
N ILE A 503 -14.99 -20.98 35.38
CA ILE A 503 -13.79 -20.57 36.10
C ILE A 503 -13.16 -19.36 35.40
N GLU A 504 -12.88 -18.33 36.19
CA GLU A 504 -12.20 -17.11 35.77
C GLU A 504 -10.85 -17.03 36.47
N ILE A 505 -9.80 -16.79 35.70
CA ILE A 505 -8.45 -16.71 36.25
C ILE A 505 -8.08 -15.23 36.36
N ASN A 506 -7.91 -14.76 37.59
CA ASN A 506 -7.51 -13.40 37.92
C ASN A 506 -6.02 -13.34 38.20
N ASN A 507 -5.53 -12.12 38.40
CA ASN A 507 -4.16 -11.91 38.86
C ASN A 507 -3.85 -12.82 40.03
N LYS A 508 -2.70 -13.49 39.97
CA LYS A 508 -2.17 -14.39 40.98
C LYS A 508 -2.85 -15.76 40.90
N GLY A 509 -3.87 -15.92 40.08
CA GLY A 509 -4.48 -17.23 39.90
C GLY A 509 -3.64 -18.12 38.99
N ASN A 510 -3.51 -19.37 39.39
CA ASN A 510 -2.93 -20.43 38.58
C ASN A 510 -3.72 -21.69 38.93
N LEU A 511 -4.05 -22.50 37.92
CA LEU A 511 -5.05 -23.54 38.08
C LEU A 511 -4.55 -24.88 37.55
N THR A 512 -4.70 -25.92 38.37
CA THR A 512 -4.59 -27.30 37.91
C THR A 512 -5.93 -27.99 38.13
N LEU A 513 -6.44 -28.61 37.07
CA LEU A 513 -7.59 -29.50 37.12
C LEU A 513 -7.09 -30.92 36.92
N ASP A 514 -7.49 -31.83 37.80
CA ASP A 514 -6.99 -33.19 37.79
C ASP A 514 -8.16 -34.14 38.04
N GLY A 515 -8.53 -34.91 37.02
CA GLY A 515 -9.55 -35.93 37.19
C GLY A 515 -10.96 -35.44 37.35
N VAL A 516 -11.28 -34.25 36.92
CA VAL A 516 -12.61 -33.73 37.13
C VAL A 516 -13.46 -34.03 35.90
N TYR A 517 -14.77 -33.91 36.06
CA TYR A 517 -15.72 -34.15 35.00
C TYR A 517 -16.66 -32.97 34.93
N VAL A 518 -16.75 -32.34 33.76
CA VAL A 518 -17.59 -31.16 33.59
C VAL A 518 -18.62 -31.46 32.53
N ASP A 519 -19.89 -31.33 32.89
CA ASP A 519 -21.01 -31.41 31.97
C ASP A 519 -21.65 -30.03 31.96
N ALA A 520 -21.50 -29.31 30.84
CA ALA A 520 -22.00 -27.95 30.68
C ALA A 520 -23.43 -27.89 30.16
N THR A 521 -24.18 -28.99 30.27
CA THR A 521 -25.57 -29.03 29.81
C THR A 521 -26.41 -27.85 30.33
N ASN A 522 -26.18 -27.43 31.56
CA ASN A 522 -27.04 -26.46 32.21
C ASN A 522 -26.52 -25.03 32.14
N ALA A 523 -25.48 -24.76 31.35
CA ALA A 523 -25.03 -23.39 31.15
C ALA A 523 -26.15 -22.55 30.53
N PRO A 524 -26.12 -21.23 30.67
CA PRO A 524 -27.19 -20.42 30.12
C PRO A 524 -27.29 -20.57 28.61
N ASP A 525 -28.52 -20.47 28.11
CA ASP A 525 -28.83 -20.65 26.69
C ASP A 525 -28.50 -19.35 25.96
N ALA A 526 -27.20 -19.14 25.78
CA ALA A 526 -26.71 -17.91 25.17
C ALA A 526 -25.48 -18.24 24.36
N ALA A 527 -25.31 -17.51 23.27
CA ALA A 527 -24.10 -17.66 22.47
C ALA A 527 -22.91 -17.05 23.20
N GLY A 528 -21.73 -17.59 22.95
CA GLY A 528 -20.54 -16.98 23.50
C GLY A 528 -20.23 -17.32 24.94
N ASN A 529 -20.74 -18.43 25.45
CA ASN A 529 -20.28 -18.92 26.74
C ASN A 529 -18.81 -19.30 26.66
N THR A 530 -18.15 -19.28 27.81
CA THR A 530 -16.72 -19.57 27.90
C THR A 530 -16.53 -20.35 29.19
N LEU A 531 -16.24 -21.65 29.08
CA LEU A 531 -16.16 -22.46 30.29
C LEU A 531 -15.03 -22.01 31.20
N ILE A 532 -13.84 -21.81 30.64
CA ILE A 532 -12.70 -21.33 31.39
C ILE A 532 -12.09 -20.15 30.66
N ARG A 533 -11.65 -19.14 31.41
CA ARG A 533 -11.09 -17.94 30.80
C ARG A 533 -10.29 -17.19 31.85
N THR A 534 -9.44 -16.28 31.38
CA THR A 534 -8.89 -15.28 32.27
C THR A 534 -9.95 -14.23 32.57
N THR A 535 -9.69 -13.41 33.57
CA THR A 535 -10.41 -12.15 33.70
C THR A 535 -10.33 -11.37 32.38
N ARG A 536 -11.34 -10.54 32.14
CA ARG A 536 -11.32 -9.66 31.00
C ARG A 536 -10.74 -8.30 31.33
N LEU A 537 -10.44 -8.05 32.59
CA LEU A 537 -9.62 -6.90 32.94
C LEU A 537 -8.19 -7.22 32.53
N PRO A 538 -7.49 -6.30 31.85
CA PRO A 538 -6.09 -6.56 31.49
C PRO A 538 -5.32 -6.95 32.73
N MET A 539 -4.59 -8.06 32.63
CA MET A 539 -3.92 -8.63 33.78
C MET A 539 -2.55 -7.99 34.01
N GLN A 540 -2.09 -8.09 35.24
CA GLN A 540 -0.79 -7.58 35.66
C GLN A 540 0.31 -8.63 35.60
N ARG A 541 -0.06 -9.89 35.46
CA ARG A 541 0.76 -11.02 35.85
C ARG A 541 0.48 -12.16 34.88
N ASN A 542 1.45 -13.03 34.66
CA ASN A 542 1.21 -14.23 33.87
C ASN A 542 0.43 -15.26 34.69
N TYR A 543 0.01 -16.35 34.03
CA TYR A 543 -0.70 -17.42 34.74
C TYR A 543 -0.28 -18.77 34.18
N ARG A 544 -0.58 -19.83 34.93
CA ARG A 544 -0.35 -21.21 34.55
C ARG A 544 -1.66 -21.98 34.57
N LEU A 545 -1.85 -22.86 33.59
CA LEU A 545 -3.04 -23.70 33.50
C LEU A 545 -2.62 -25.12 33.15
N ALA A 546 -2.95 -26.08 34.01
CA ALA A 546 -2.67 -27.51 33.80
C ALA A 546 -3.98 -28.28 33.89
N ILE A 547 -4.20 -29.18 32.93
CA ILE A 547 -5.43 -29.95 32.82
C ILE A 547 -5.04 -31.41 32.60
N LYS A 548 -5.41 -32.28 33.54
CA LYS A 548 -4.98 -33.68 33.55
C LYS A 548 -6.15 -34.58 33.86
N ASN A 549 -6.28 -35.67 33.11
CA ASN A 549 -7.22 -36.76 33.45
C ASN A 549 -8.66 -36.27 33.52
N SER A 550 -9.03 -35.24 32.76
CA SER A 550 -10.33 -34.63 32.95
C SER A 550 -11.18 -34.78 31.70
N THR A 551 -12.47 -34.60 31.88
CA THR A 551 -13.43 -34.76 30.81
C THR A 551 -14.37 -33.57 30.79
N PHE A 552 -14.63 -33.05 29.59
CA PHE A 552 -15.43 -31.85 29.43
C PHE A 552 -16.40 -32.10 28.29
N GLU A 553 -17.71 -32.03 28.57
CA GLU A 553 -18.71 -32.44 27.61
C GLU A 553 -19.86 -31.45 27.54
N ASN A 554 -20.48 -31.42 26.36
CA ASN A 554 -21.78 -30.76 26.18
C ASN A 554 -21.67 -29.25 26.34
N LEU A 555 -20.61 -28.67 25.79
CA LEU A 555 -20.51 -27.21 25.64
C LEU A 555 -21.22 -26.80 24.35
N ASP A 556 -22.51 -27.12 24.30
CA ASP A 556 -23.18 -26.98 23.03
C ASP A 556 -24.64 -26.53 23.13
N ILE A 557 -25.03 -25.91 24.25
CA ILE A 557 -26.42 -25.45 24.36
C ILE A 557 -26.72 -24.35 23.35
N ASN A 558 -25.71 -23.57 22.96
CA ASN A 558 -25.85 -22.54 21.96
C ASN A 558 -24.51 -22.43 21.24
N HIS A 559 -24.46 -21.57 20.23
CA HIS A 559 -23.25 -21.53 19.42
C HIS A 559 -22.14 -20.72 20.12
N SER A 560 -20.91 -20.89 19.63
CA SER A 560 -19.75 -20.16 20.12
C SER A 560 -19.53 -20.39 21.62
N TYR A 561 -19.68 -21.62 22.06
CA TYR A 561 -19.41 -21.99 23.45
C TYR A 561 -17.97 -22.50 23.48
N HIS A 562 -17.07 -21.63 23.92
CA HIS A 562 -15.64 -21.94 23.93
C HIS A 562 -15.22 -22.63 25.21
N PHE A 563 -14.19 -23.47 25.09
CA PHE A 563 -13.64 -24.07 26.31
C PHE A 563 -12.74 -23.08 27.05
N PHE A 564 -11.78 -22.45 26.36
CA PHE A 564 -10.87 -21.52 27.00
C PHE A 564 -10.72 -20.26 26.15
N ASP A 565 -10.94 -19.10 26.78
CA ASP A 565 -10.89 -17.81 26.10
C ASP A 565 -9.90 -16.90 26.83
N ALA A 566 -8.77 -16.62 26.19
CA ALA A 566 -7.75 -15.76 26.77
C ALA A 566 -8.18 -14.30 26.68
N GLY A 567 -8.01 -13.56 27.78
CA GLY A 567 -8.24 -12.14 27.73
C GLY A 567 -7.19 -11.41 26.91
N ASN A 568 -7.60 -10.28 26.35
CA ASN A 568 -6.64 -9.42 25.65
C ASN A 568 -5.46 -9.09 26.55
N ARG A 569 -4.26 -9.20 26.00
CA ARG A 569 -3.01 -8.91 26.69
C ARG A 569 -2.75 -9.84 27.87
N SER A 570 -3.38 -11.02 27.91
CA SER A 570 -3.10 -12.00 28.93
C SER A 570 -1.96 -12.91 28.46
N PHE A 571 -1.30 -13.56 29.42
CA PHE A 571 -0.14 -14.38 29.06
C PHE A 571 -0.03 -15.60 29.96
N ALA A 572 -0.13 -16.78 29.36
CA ALA A 572 0.09 -18.03 30.07
C ALA A 572 1.55 -18.46 29.95
N ASP A 573 2.25 -18.52 31.09
CA ASP A 573 3.56 -19.16 31.12
C ASP A 573 3.51 -20.58 30.55
N TYR A 574 2.41 -21.31 30.79
CA TYR A 574 2.14 -22.51 30.03
C TYR A 574 0.69 -22.89 30.16
N ILE A 575 0.20 -23.56 29.14
CA ILE A 575 -1.06 -24.30 29.16
C ILE A 575 -0.73 -25.74 28.82
N GLU A 576 -1.03 -26.66 29.73
CA GLU A 576 -0.69 -28.07 29.54
C GLU A 576 -1.93 -28.95 29.71
N VAL A 577 -2.21 -29.76 28.69
CA VAL A 577 -3.34 -30.69 28.68
C VAL A 577 -2.79 -32.10 28.48
N GLN A 578 -3.08 -32.97 29.45
CA GLN A 578 -2.62 -34.36 29.43
C GLN A 578 -3.81 -35.29 29.68
N ASP A 579 -3.93 -36.34 28.86
CA ASP A 579 -4.83 -37.46 29.16
C ASP A 579 -6.26 -36.99 29.46
N SER A 580 -6.82 -36.15 28.58
CA SER A 580 -8.10 -35.52 28.83
C SER A 580 -9.02 -35.65 27.63
N GLN A 581 -10.32 -35.60 27.87
CA GLN A 581 -11.30 -35.80 26.80
C GLN A 581 -12.21 -34.59 26.68
N PHE A 582 -12.58 -34.25 25.45
CA PHE A 582 -13.43 -33.11 25.16
C PHE A 582 -14.44 -33.55 24.13
N LYS A 583 -15.71 -33.31 24.37
CA LYS A 583 -16.72 -33.70 23.43
C LYS A 583 -17.92 -32.78 23.32
N HIS A 584 -18.33 -32.47 22.12
CA HIS A 584 -19.48 -31.63 21.81
C HIS A 584 -19.36 -30.18 22.24
N ILE A 585 -18.54 -29.45 21.52
CA ILE A 585 -18.25 -28.07 21.78
C ILE A 585 -18.44 -27.23 20.54
N THR A 586 -19.26 -26.19 20.65
CA THR A 586 -19.55 -25.39 19.49
C THR A 586 -18.52 -24.28 19.24
N GLY A 587 -17.80 -23.84 20.25
CA GLY A 587 -16.78 -22.82 20.09
C GLY A 587 -15.42 -23.41 19.75
N ASP A 588 -14.38 -22.65 20.06
CA ASP A 588 -13.02 -23.15 19.98
C ASP A 588 -12.64 -23.80 21.31
N LEU A 589 -11.58 -24.61 21.25
CA LEU A 589 -10.98 -25.16 22.45
C LEU A 589 -10.12 -24.13 23.17
N PHE A 590 -9.06 -23.64 22.53
CA PHE A 590 -8.16 -22.65 23.11
C PHE A 590 -8.08 -21.44 22.18
N ARG A 591 -8.50 -20.29 22.70
CA ARG A 591 -8.48 -19.04 21.95
C ARG A 591 -7.29 -18.22 22.45
N LEU A 592 -6.18 -18.31 21.71
CA LEU A 592 -4.89 -17.71 22.07
C LEU A 592 -4.40 -16.79 20.98
N ASN A 593 -5.33 -16.06 20.36
CA ASN A 593 -5.07 -15.26 19.18
C ASN A 593 -5.63 -13.85 19.31
N LYS A 594 -5.55 -13.25 20.51
CA LYS A 594 -6.14 -11.94 20.73
C LYS A 594 -5.28 -10.77 20.25
N GLU A 595 -3.98 -10.95 20.09
CA GLU A 595 -3.10 -9.80 19.88
C GLU A 595 -2.84 -9.61 18.39
N THR A 596 -3.85 -9.12 17.71
CA THR A 596 -3.81 -8.98 16.26
C THR A 596 -3.32 -7.61 15.82
N ASP A 597 -2.78 -6.80 16.74
CA ASP A 597 -2.17 -5.54 16.35
C ASP A 597 -0.70 -5.68 15.96
N ASP A 598 -0.17 -6.89 15.88
CA ASP A 598 1.11 -7.19 15.23
C ASP A 598 2.27 -6.37 15.83
N LEU A 599 2.30 -6.23 17.15
CA LEU A 599 3.41 -5.60 17.85
C LEU A 599 4.33 -6.64 18.49
N GLY A 600 4.27 -7.89 18.04
CA GLY A 600 5.11 -8.93 18.61
C GLY A 600 4.61 -9.53 19.91
N ILE A 601 3.40 -9.17 20.37
CA ILE A 601 2.83 -9.65 21.62
C ILE A 601 2.10 -10.96 21.37
N TYR A 602 2.12 -11.86 22.36
CA TYR A 602 1.40 -13.13 22.22
C TYR A 602 0.87 -13.57 23.58
N ASN A 603 0.13 -14.69 23.59
CA ASN A 603 -0.72 -15.10 24.71
C ASN A 603 -0.24 -16.32 25.48
N VAL A 604 0.76 -17.05 24.98
CA VAL A 604 1.16 -18.31 25.59
C VAL A 604 2.61 -18.65 25.22
N GLU A 605 3.42 -19.03 26.22
CA GLU A 605 4.78 -19.44 25.94
C GLU A 605 4.84 -20.90 25.48
N TYR A 606 4.22 -21.82 26.23
CA TYR A 606 4.19 -23.25 25.93
C TYR A 606 2.75 -23.73 25.93
N LEU A 607 2.26 -24.15 24.78
CA LEU A 607 0.99 -24.86 24.66
C LEU A 607 1.30 -26.33 24.41
N THR A 608 0.87 -27.21 25.31
CA THR A 608 1.13 -28.64 25.18
C THR A 608 -0.18 -29.42 25.35
N ILE A 609 -0.48 -30.28 24.37
CA ILE A 609 -1.65 -31.18 24.42
C ILE A 609 -1.17 -32.56 24.03
N GLU A 610 -1.21 -33.51 24.97
CA GLU A 610 -0.77 -34.87 24.69
C GLU A 610 -1.77 -35.89 25.23
N ASN A 611 -1.85 -37.04 24.53
CA ASN A 611 -2.59 -38.22 25.00
C ASN A 611 -4.05 -37.89 25.29
N SER A 612 -4.62 -37.01 24.48
CA SER A 612 -5.94 -36.50 24.77
C SER A 612 -6.86 -36.81 23.60
N ASN A 613 -8.15 -36.55 23.80
CA ASN A 613 -9.15 -36.93 22.83
C ASN A 613 -10.17 -35.80 22.70
N VAL A 614 -10.41 -35.35 21.48
CA VAL A 614 -11.30 -34.25 21.17
C VAL A 614 -12.23 -34.70 20.06
N SER A 615 -13.54 -34.56 20.30
CA SER A 615 -14.52 -35.05 19.33
C SER A 615 -15.71 -34.10 19.24
N ASP A 616 -16.12 -33.79 18.01
CA ASP A 616 -17.28 -32.94 17.72
C ASP A 616 -17.07 -31.52 18.28
N LEU A 617 -15.99 -30.90 17.82
CA LEU A 617 -15.61 -29.53 18.16
C LEU A 617 -15.79 -28.68 16.92
N GLN A 618 -16.73 -27.73 16.95
CA GLN A 618 -16.96 -26.95 15.74
C GLN A 618 -15.79 -26.03 15.42
N GLY A 619 -15.11 -25.52 16.44
CA GLY A 619 -14.04 -24.57 16.26
C GLY A 619 -12.68 -25.25 16.19
N ALA A 620 -11.65 -24.46 16.39
CA ALA A 620 -10.30 -25.00 16.35
C ALA A 620 -9.87 -25.54 17.71
N ILE A 621 -9.06 -26.59 17.67
CA ILE A 621 -8.27 -27.01 18.83
C ILE A 621 -7.54 -25.82 19.43
N ALA A 622 -6.87 -25.03 18.59
CA ALA A 622 -6.12 -23.89 19.08
C ALA A 622 -5.96 -22.89 17.95
N LYS A 623 -6.13 -21.62 18.29
CA LYS A 623 -5.78 -20.51 17.40
C LYS A 623 -4.75 -19.71 18.18
N VAL A 624 -3.50 -19.71 17.72
CA VAL A 624 -2.48 -19.00 18.46
C VAL A 624 -1.70 -18.11 17.51
N TYR A 625 -1.51 -16.86 17.92
CA TYR A 625 -1.12 -15.79 17.00
C TYR A 625 -0.05 -14.91 17.63
N ARG A 626 1.03 -14.70 16.88
CA ARG A 626 2.05 -13.72 17.25
C ARG A 626 2.39 -12.99 15.96
N GLY A 627 1.96 -11.74 15.85
CA GLY A 627 2.12 -10.99 14.63
C GLY A 627 3.25 -9.97 14.64
N GLY A 628 3.64 -9.60 13.43
CA GLY A 628 4.72 -8.66 13.25
C GLY A 628 6.04 -9.35 12.97
N THR A 629 7.10 -8.58 13.14
CA THR A 629 8.43 -8.98 12.70
C THR A 629 9.42 -8.93 13.86
N ASP A 630 8.95 -9.10 15.09
CA ASP A 630 9.85 -9.10 16.23
C ASP A 630 10.65 -10.39 16.32
N GLU A 631 11.91 -10.25 16.67
CA GLU A 631 12.77 -11.40 16.91
C GLU A 631 13.35 -11.36 18.32
N SER A 632 12.56 -10.90 19.29
CA SER A 632 13.04 -10.72 20.65
C SER A 632 12.59 -11.80 21.61
N THR A 633 11.88 -12.82 21.15
CA THR A 633 11.23 -13.80 22.03
C THR A 633 11.46 -15.21 21.50
N PHE A 634 11.02 -16.20 22.25
CA PHE A 634 11.23 -17.59 21.89
C PHE A 634 9.95 -18.37 21.65
N GLY A 635 8.80 -17.83 22.05
CA GLY A 635 7.54 -18.52 21.96
C GLY A 635 6.60 -17.86 20.98
N PRO A 636 5.42 -18.44 20.77
CA PRO A 636 4.91 -19.69 21.35
C PRO A 636 5.61 -20.97 20.93
N HIS A 637 5.61 -21.95 21.83
CA HIS A 637 5.95 -23.33 21.51
C HIS A 637 4.65 -24.12 21.55
N VAL A 638 4.30 -24.77 20.44
CA VAL A 638 3.08 -25.55 20.34
C VAL A 638 3.45 -27.01 20.09
N VAL A 639 3.13 -27.88 21.04
CA VAL A 639 3.56 -29.27 21.03
C VAL A 639 2.32 -30.12 21.23
N MET A 640 2.00 -30.96 20.23
CA MET A 640 0.81 -31.80 20.30
C MET A 640 1.14 -33.21 19.83
N ASN A 641 1.04 -34.18 20.74
CA ASN A 641 1.46 -35.54 20.49
C ASN A 641 0.42 -36.53 20.97
N ASN A 642 0.21 -37.58 20.16
CA ASN A 642 -0.50 -38.78 20.62
C ASN A 642 -1.96 -38.49 20.94
N ASN A 643 -2.57 -37.56 20.22
CA ASN A 643 -3.97 -37.21 20.41
C ASN A 643 -4.80 -37.82 19.31
N ILE A 644 -6.10 -37.95 19.58
CA ILE A 644 -7.09 -38.34 18.60
C ILE A 644 -8.08 -37.20 18.49
N PHE A 645 -8.20 -36.63 17.30
CA PHE A 645 -9.14 -35.54 17.02
C PHE A 645 -10.17 -36.04 16.02
N ASN A 646 -11.45 -36.01 16.40
CA ASN A 646 -12.55 -36.42 15.52
C ASN A 646 -13.51 -35.27 15.26
N GLU A 647 -13.85 -35.07 13.99
CA GLU A 647 -14.85 -34.08 13.58
C GLU A 647 -14.56 -32.71 14.21
N VAL A 648 -13.40 -32.17 13.88
CA VAL A 648 -12.89 -30.96 14.51
C VAL A 648 -12.72 -29.87 13.46
N GLY A 649 -13.17 -28.66 13.79
CA GLY A 649 -12.82 -27.47 13.04
C GLY A 649 -13.72 -27.10 11.89
N LYS A 650 -14.82 -27.82 11.65
CA LYS A 650 -15.60 -27.62 10.45
C LYS A 650 -16.82 -26.74 10.65
N GLY A 651 -17.03 -26.19 11.84
CA GLY A 651 -18.18 -25.34 12.06
C GLY A 651 -18.17 -24.12 11.16
N LYS A 652 -19.37 -23.69 10.76
CA LYS A 652 -19.50 -22.56 9.87
C LYS A 652 -19.05 -21.24 10.51
N ARG A 653 -18.87 -21.20 11.82
CA ARG A 653 -18.42 -19.96 12.45
C ARG A 653 -16.91 -19.91 12.66
N ASN A 654 -16.20 -20.98 12.31
CA ASN A 654 -14.73 -21.04 12.43
C ASN A 654 -14.16 -20.38 11.18
N LYS A 655 -13.85 -19.09 11.29
CA LYS A 655 -13.38 -18.35 10.12
C LYS A 655 -12.04 -18.86 9.62
N SER A 656 -11.24 -19.50 10.48
CA SER A 656 -9.95 -20.05 10.08
C SER A 656 -10.10 -21.24 9.14
N ALA A 657 -11.26 -21.89 9.15
CA ALA A 657 -11.47 -23.18 8.47
C ALA A 657 -10.31 -24.14 8.74
N ALA A 658 -9.83 -24.12 9.98
CA ALA A 658 -8.73 -24.98 10.40
C ALA A 658 -9.09 -25.68 11.70
N SER A 659 -8.50 -26.86 11.90
CA SER A 659 -8.55 -27.49 13.21
C SER A 659 -7.50 -26.93 14.13
N LEU A 660 -6.51 -26.25 13.57
CA LEU A 660 -5.37 -25.72 14.30
C LEU A 660 -4.76 -24.64 13.41
N ILE A 661 -4.71 -23.40 13.88
CA ILE A 661 -4.09 -22.36 13.04
C ILE A 661 -3.02 -21.65 13.87
N LEU A 662 -1.79 -21.69 13.38
CA LEU A 662 -0.61 -21.28 14.13
C LEU A 662 0.10 -20.21 13.32
N HIS A 663 0.05 -18.97 13.82
CA HIS A 663 0.65 -17.81 13.16
C HIS A 663 1.75 -17.26 14.06
N GLY A 664 2.98 -17.26 13.54
CA GLY A 664 4.11 -16.75 14.28
C GLY A 664 4.57 -17.60 15.44
N THR A 665 4.14 -18.87 15.52
CA THR A 665 4.69 -19.76 16.53
C THR A 665 6.08 -20.24 16.12
N GLN A 666 6.99 -20.24 17.08
CA GLN A 666 8.41 -20.40 16.83
C GLN A 666 8.88 -21.85 16.92
N VAL A 667 8.18 -22.68 17.69
CA VAL A 667 8.47 -24.09 17.79
C VAL A 667 7.16 -24.86 17.65
N ASN A 668 7.07 -25.71 16.63
CA ASN A 668 5.86 -26.47 16.37
C ASN A 668 6.21 -27.94 16.22
N LYS A 669 5.56 -28.78 17.03
CA LYS A 669 5.82 -30.22 17.00
C LYS A 669 4.48 -30.96 17.09
N MET A 670 4.07 -31.59 16.00
CA MET A 670 2.85 -32.40 15.96
C MET A 670 3.20 -33.83 15.55
N THR A 671 2.96 -34.77 16.47
CA THR A 671 3.55 -36.10 16.38
C THR A 671 2.52 -37.15 16.79
N THR A 672 2.32 -38.17 15.95
CA THR A 672 1.59 -39.37 16.33
C THR A 672 0.13 -39.05 16.69
N ASN A 673 -0.46 -38.11 15.98
CA ASN A 673 -1.86 -37.78 16.19
C ASN A 673 -2.71 -38.44 15.11
N GLU A 674 -4.01 -38.51 15.36
CA GLU A 674 -5.01 -38.81 14.34
C GLU A 674 -5.91 -37.60 14.15
N PHE A 675 -6.02 -37.13 12.90
CA PHE A 675 -6.96 -36.08 12.52
C PHE A 675 -8.00 -36.72 11.62
N ASN A 676 -9.14 -37.09 12.21
CA ASN A 676 -10.18 -37.82 11.50
C ASN A 676 -11.33 -36.89 11.15
N ASN A 677 -11.61 -36.79 9.85
CA ASN A 677 -12.77 -36.05 9.34
C ASN A 677 -12.80 -34.63 9.91
N SER A 678 -11.72 -33.89 9.68
CA SER A 678 -11.52 -32.62 10.35
C SER A 678 -10.96 -31.58 9.38
N ALA A 679 -10.96 -30.34 9.83
CA ALA A 679 -10.34 -29.27 9.08
C ALA A 679 -8.82 -29.39 9.20
N PRO A 680 -8.08 -28.85 8.24
CA PRO A 680 -6.62 -29.05 8.22
C PRO A 680 -5.89 -28.27 9.30
N ILE A 681 -4.63 -28.64 9.49
CA ILE A 681 -3.66 -27.84 10.22
C ILE A 681 -3.16 -26.74 9.30
N ILE A 682 -3.03 -25.51 9.81
CA ILE A 682 -2.58 -24.41 8.98
C ILE A 682 -1.47 -23.65 9.69
N PHE A 683 -0.31 -23.58 9.05
CA PHE A 683 0.83 -22.80 9.53
C PHE A 683 0.90 -21.50 8.77
N GLU A 684 1.08 -20.40 9.49
CA GLU A 684 1.40 -19.11 8.93
C GLU A 684 2.73 -18.69 9.58
N LEU A 685 3.81 -19.13 9.00
CA LEU A 685 5.13 -18.86 9.49
C LEU A 685 5.61 -17.44 9.26
N THR A 686 6.18 -16.82 10.29
CA THR A 686 6.68 -15.45 10.21
C THR A 686 8.21 -15.40 10.27
N VAL A 687 8.76 -14.30 10.71
CA VAL A 687 10.18 -14.15 10.84
C VAL A 687 10.78 -15.00 11.96
N GLY A 688 12.10 -15.01 12.01
CA GLY A 688 12.87 -15.71 13.01
C GLY A 688 13.16 -17.17 12.86
N GLU A 689 13.12 -17.67 11.63
CA GLU A 689 13.45 -19.05 11.28
C GLU A 689 12.76 -20.07 12.22
N PRO A 690 11.44 -20.07 12.28
CA PRO A 690 10.76 -21.02 13.15
C PRO A 690 11.01 -22.45 12.73
N LYS A 691 10.86 -23.36 13.70
CA LYS A 691 11.13 -24.78 13.52
C LYS A 691 9.82 -25.55 13.67
N THR A 692 9.47 -26.31 12.63
CA THR A 692 8.22 -27.06 12.57
C THR A 692 8.49 -28.51 12.20
N TRP A 693 7.90 -29.44 12.95
CA TRP A 693 8.00 -30.89 12.72
C TRP A 693 6.61 -31.50 12.83
N VAL A 694 6.10 -32.03 11.72
CA VAL A 694 4.79 -32.68 11.68
C VAL A 694 5.02 -34.06 11.09
N THR A 695 5.18 -35.06 11.95
CA THR A 695 5.55 -36.40 11.53
C THR A 695 4.73 -37.44 12.27
N GLY A 696 4.52 -38.57 11.61
CA GLY A 696 3.87 -39.70 12.25
C GLY A 696 2.38 -39.57 12.46
N ASN A 697 1.73 -38.62 11.79
CA ASN A 697 0.31 -38.41 12.00
C ASN A 697 -0.52 -39.15 10.95
N VAL A 698 -1.79 -39.39 11.28
CA VAL A 698 -2.77 -39.90 10.33
C VAL A 698 -3.76 -38.79 10.02
N PHE A 699 -3.90 -38.45 8.74
CA PHE A 699 -4.89 -37.50 8.29
C PHE A 699 -5.93 -38.23 7.45
N GLU A 700 -6.93 -38.81 8.11
CA GLU A 700 -7.97 -39.58 7.44
C GLU A 700 -9.23 -38.72 7.29
N GLY A 701 -9.63 -38.47 6.05
CA GLY A 701 -10.68 -37.53 5.81
C GLY A 701 -10.34 -36.11 6.21
N THR A 702 -9.05 -35.78 6.28
CA THR A 702 -8.58 -34.46 6.67
C THR A 702 -7.52 -34.02 5.66
N PRO A 703 -7.65 -32.82 5.08
CA PRO A 703 -6.61 -32.35 4.16
C PRO A 703 -5.24 -32.31 4.85
N GLU A 704 -4.19 -32.50 4.04
CA GLU A 704 -2.79 -32.36 4.46
C GLU A 704 -2.57 -31.01 5.09
N PRO A 705 -1.58 -30.87 5.98
CA PRO A 705 -1.28 -29.57 6.57
C PRO A 705 -1.01 -28.50 5.51
N VAL A 706 -1.54 -27.29 5.74
CA VAL A 706 -1.34 -26.15 4.85
C VAL A 706 -0.22 -25.29 5.41
N VAL A 707 0.76 -24.96 4.58
CA VAL A 707 1.82 -24.03 4.96
C VAL A 707 1.70 -22.78 4.10
N ARG A 708 1.47 -21.66 4.76
CA ARG A 708 1.51 -20.34 4.15
C ARG A 708 2.76 -19.65 4.71
N ASP A 709 3.73 -19.37 3.86
CA ASP A 709 4.93 -18.69 4.35
C ASP A 709 4.75 -17.24 4.05
N LEU A 710 4.73 -16.43 5.08
CA LEU A 710 4.52 -15.03 4.92
C LEU A 710 5.80 -14.32 4.65
N PHE A 711 6.87 -15.08 4.60
CA PHE A 711 8.14 -14.49 4.34
C PHE A 711 8.91 -15.50 3.56
N PRO A 712 8.50 -15.59 2.23
CA PRO A 712 9.25 -16.56 1.44
C PRO A 712 10.62 -16.03 1.14
N LEU A 713 11.68 -16.75 1.44
CA LEU A 713 11.67 -18.02 2.11
C LEU A 713 12.65 -17.72 3.22
N SER A 714 12.22 -16.77 4.04
CA SER A 714 12.98 -16.23 5.15
C SER A 714 13.98 -16.65 6.20
N GLY A 715 13.97 -17.87 6.69
CA GLY A 715 13.05 -18.88 6.30
C GLY A 715 13.19 -20.06 7.21
N ALA A 716 12.04 -20.57 7.52
CA ALA A 716 11.80 -21.65 8.39
C ALA A 716 12.38 -22.99 8.02
N THR A 717 12.56 -23.82 9.03
CA THR A 717 12.98 -25.17 8.81
C THR A 717 11.70 -25.91 9.13
N THR A 718 11.09 -26.42 8.08
CA THR A 718 9.77 -27.03 8.15
C THR A 718 9.87 -28.44 7.61
N THR A 719 9.67 -29.42 8.50
CA THR A 719 9.70 -30.84 8.18
C THR A 719 8.30 -31.38 8.35
N ILE A 720 7.64 -31.72 7.25
CA ILE A 720 6.30 -32.30 7.27
C ILE A 720 6.37 -33.56 6.42
N SER A 721 6.48 -34.72 7.07
CA SER A 721 6.66 -35.96 6.34
C SER A 721 6.35 -37.14 7.25
N GLY A 722 6.28 -38.32 6.66
CA GLY A 722 6.00 -39.52 7.43
C GLY A 722 4.58 -39.59 7.92
N ASN A 723 3.66 -38.95 7.22
CA ASN A 723 2.26 -38.93 7.59
C ASN A 723 1.45 -39.73 6.58
N THR A 724 0.43 -40.42 7.09
CA THR A 724 -0.53 -41.15 6.27
C THR A 724 -1.71 -40.24 5.95
N VAL A 725 -1.92 -40.00 4.66
CA VAL A 725 -3.03 -39.18 4.20
C VAL A 725 -4.10 -40.11 3.64
N LEU A 726 -5.25 -40.16 4.33
CA LEU A 726 -6.35 -41.08 4.08
C LEU A 726 -5.93 -42.53 4.22
N ALA B 1 -10.12 27.43 -44.51
CA ALA B 1 -9.38 27.44 -45.77
C ALA B 1 -7.96 27.99 -45.57
N ASP B 2 -7.00 27.50 -46.36
CA ASP B 2 -5.61 27.94 -46.27
C ASP B 2 -5.34 29.04 -47.30
N LEU B 3 -4.82 30.16 -46.82
CA LEU B 3 -4.52 31.35 -47.64
C LEU B 3 -3.01 31.58 -47.63
N LEU B 4 -2.30 30.88 -48.50
CA LEU B 4 -0.85 31.03 -48.58
C LEU B 4 -0.50 32.37 -49.26
N VAL B 5 0.43 33.09 -48.65
CA VAL B 5 0.74 34.47 -49.00
C VAL B 5 2.24 34.64 -49.14
N LYS B 6 2.68 35.43 -50.12
CA LYS B 6 4.10 35.60 -50.36
C LYS B 6 4.59 37.04 -50.29
N THR B 7 3.71 38.00 -50.09
CA THR B 7 4.09 39.39 -49.94
C THR B 7 3.18 40.03 -48.91
N PRO B 8 3.58 41.15 -48.31
CA PRO B 8 2.65 41.85 -47.40
C PRO B 8 1.36 42.24 -48.08
N GLU B 9 1.41 42.65 -49.35
CA GLU B 9 0.20 43.01 -50.08
C GLU B 9 -0.77 41.82 -50.16
N ALA B 10 -0.26 40.63 -50.45
CA ALA B 10 -1.11 39.44 -50.44
C ALA B 10 -1.60 39.12 -49.04
N TYR B 11 -0.81 39.47 -48.01
CA TYR B 11 -1.26 39.28 -46.64
C TYR B 11 -2.45 40.18 -46.33
N ASP B 12 -2.34 41.47 -46.64
CA ASP B 12 -3.46 42.39 -46.45
C ASP B 12 -4.74 41.85 -47.09
N GLN B 13 -4.61 41.28 -48.29
CA GLN B 13 -5.71 40.66 -49.04
C GLN B 13 -6.29 39.46 -48.31
N ALA B 14 -5.42 38.57 -47.85
CA ALA B 14 -5.88 37.37 -47.18
C ALA B 14 -6.53 37.72 -45.85
N LEU B 15 -6.10 38.81 -45.24
CA LEU B 15 -6.67 39.22 -43.97
C LEU B 15 -8.09 39.74 -44.12
N LYS B 16 -8.40 40.39 -45.26
CA LYS B 16 -9.75 40.87 -45.48
C LYS B 16 -10.74 39.73 -45.73
N LYS B 17 -10.28 38.64 -46.36
CA LYS B 17 -11.18 37.57 -46.76
C LYS B 17 -11.16 36.36 -45.84
N ALA B 18 -10.28 36.35 -44.84
CA ALA B 18 -10.24 35.21 -43.93
C ALA B 18 -11.46 35.21 -43.03
N LYS B 19 -12.02 34.03 -42.80
CA LYS B 19 -13.16 33.82 -41.94
C LYS B 19 -12.77 32.82 -40.85
N PRO B 20 -13.58 32.72 -39.76
CA PRO B 20 -13.31 31.71 -38.73
C PRO B 20 -12.95 30.37 -39.32
N GLY B 21 -11.81 29.83 -38.90
CA GLY B 21 -11.35 28.55 -39.38
C GLY B 21 -10.26 28.63 -40.42
N ASP B 22 -10.04 29.79 -41.03
CA ASP B 22 -9.02 29.91 -42.06
C ASP B 22 -7.64 30.15 -41.45
N ASP B 23 -6.62 29.71 -42.19
CA ASP B 23 -5.22 29.88 -41.83
C ASP B 23 -4.55 30.77 -42.87
N ILE B 24 -4.11 31.95 -42.47
CA ILE B 24 -3.18 32.70 -43.30
C ILE B 24 -1.79 32.13 -43.09
N ILE B 25 -1.11 31.84 -44.18
CA ILE B 25 0.16 31.14 -44.14
C ILE B 25 1.21 31.98 -44.84
N LEU B 26 2.20 32.43 -44.09
CA LEU B 26 3.34 33.14 -44.66
C LEU B 26 4.27 32.11 -45.30
N ALA B 27 4.58 32.30 -46.57
CA ALA B 27 5.43 31.35 -47.28
C ALA B 27 6.86 31.39 -46.76
N ASN B 28 7.55 30.26 -46.89
CA ASN B 28 8.93 30.15 -46.41
C ASN B 28 9.83 31.20 -47.05
N GLY B 29 10.75 31.74 -46.25
CA GLY B 29 11.63 32.79 -46.69
C GLY B 29 11.74 33.90 -45.68
N THR B 30 12.47 34.94 -46.07
CA THR B 30 12.81 36.04 -45.18
C THR B 30 11.92 37.23 -45.49
N TRP B 31 11.13 37.63 -44.49
CA TRP B 31 10.23 38.78 -44.59
C TRP B 31 10.90 39.93 -43.85
N ARG B 32 11.52 40.85 -44.58
CA ARG B 32 12.22 41.95 -43.93
C ARG B 32 11.31 43.16 -43.76
N ASP B 33 11.49 43.88 -42.64
CA ASP B 33 10.76 45.11 -42.33
C ASP B 33 9.24 44.93 -42.49
N PHE B 34 8.73 43.83 -41.97
CA PHE B 34 7.30 43.51 -42.03
C PHE B 34 6.68 43.79 -40.67
N GLU B 35 5.88 44.85 -40.58
CA GLU B 35 5.13 45.15 -39.37
C GLU B 35 3.75 44.54 -39.53
N VAL B 36 3.54 43.40 -38.88
CA VAL B 36 2.34 42.61 -39.04
C VAL B 36 1.26 43.11 -38.08
N LEU B 37 0.15 43.56 -38.62
CA LEU B 37 -1.07 43.78 -37.84
C LEU B 37 -2.03 42.65 -38.17
N PHE B 38 -2.17 41.71 -37.24
CA PHE B 38 -3.06 40.56 -37.40
C PHE B 38 -4.34 40.92 -36.66
N GLU B 39 -5.21 41.65 -37.35
CA GLU B 39 -6.46 42.13 -36.77
C GLU B 39 -7.61 41.42 -37.49
N ALA B 40 -8.23 40.48 -36.79
CA ALA B 40 -9.32 39.68 -37.33
C ALA B 40 -10.19 39.23 -36.16
N LYS B 41 -11.14 38.33 -36.45
CA LYS B 41 -12.13 37.94 -35.45
C LYS B 41 -12.58 36.52 -35.79
N GLY B 42 -11.95 35.55 -35.15
CA GLY B 42 -12.43 34.19 -35.19
C GLY B 42 -13.56 33.99 -34.19
N ASN B 43 -13.96 32.75 -34.03
CA ASN B 43 -14.90 32.41 -32.98
C ASN B 43 -14.37 31.26 -32.16
N GLU B 44 -15.03 31.04 -31.04
CA GLU B 44 -14.67 30.01 -30.07
C GLU B 44 -14.29 28.69 -30.73
N ASN B 45 -15.12 28.18 -31.62
CA ASN B 45 -14.85 26.87 -32.18
C ASN B 45 -13.95 26.90 -33.41
N LYS B 46 -13.88 28.04 -34.11
CA LYS B 46 -13.13 28.13 -35.35
C LYS B 46 -12.24 29.39 -35.33
N PRO B 47 -11.02 29.27 -34.80
CA PRO B 47 -10.15 30.45 -34.73
C PRO B 47 -9.60 30.80 -36.09
N ILE B 48 -9.13 32.04 -36.22
CA ILE B 48 -8.36 32.45 -37.38
C ILE B 48 -6.88 32.43 -37.02
N THR B 49 -6.08 31.79 -37.86
CA THR B 49 -4.68 31.52 -37.59
C THR B 49 -3.78 32.26 -38.57
N LEU B 50 -2.66 32.76 -38.05
CA LEU B 50 -1.52 33.23 -38.83
C LEU B 50 -0.33 32.32 -38.50
N ARG B 51 0.22 31.64 -39.51
CA ARG B 51 1.30 30.70 -39.23
C ARG B 51 2.30 30.66 -40.39
N GLY B 52 3.50 30.21 -40.08
CA GLY B 52 4.50 30.02 -41.11
C GLY B 52 4.29 28.71 -41.87
N GLN B 53 4.63 28.74 -43.16
CA GLN B 53 4.49 27.56 -44.01
C GLN B 53 5.19 26.35 -43.40
N THR B 54 6.49 26.48 -43.15
CA THR B 54 7.26 25.47 -42.42
C THR B 54 7.89 26.13 -41.20
N PRO B 55 7.45 25.84 -39.99
CA PRO B 55 8.07 26.45 -38.80
C PRO B 55 9.56 26.21 -38.79
N GLY B 56 10.33 27.29 -38.62
CA GLY B 56 11.78 27.25 -38.74
C GLY B 56 12.31 27.74 -40.07
N LYS B 57 11.44 28.01 -41.03
CA LYS B 57 11.84 28.51 -42.34
C LYS B 57 11.14 29.81 -42.71
N VAL B 58 10.34 30.38 -41.83
CA VAL B 58 9.74 31.69 -42.01
C VAL B 58 10.40 32.65 -41.02
N PHE B 59 11.06 33.67 -41.54
CA PHE B 59 11.85 34.61 -40.76
C PHE B 59 11.29 36.01 -40.93
N LEU B 60 11.02 36.67 -39.80
CA LEU B 60 10.72 38.10 -39.81
C LEU B 60 11.96 38.81 -39.30
N THR B 61 12.50 39.70 -40.14
CA THR B 61 13.80 40.29 -39.88
C THR B 61 13.71 41.80 -40.06
N GLY B 62 14.83 42.48 -39.82
CA GLY B 62 14.83 43.92 -39.87
C GLY B 62 13.84 44.50 -38.90
N GLN B 63 13.20 45.59 -39.28
CA GLN B 63 12.27 46.29 -38.40
C GLN B 63 10.88 45.69 -38.56
N SER B 64 10.77 44.43 -38.13
CA SER B 64 9.52 43.70 -38.13
C SER B 64 8.93 43.65 -36.73
N ASN B 65 7.61 43.54 -36.65
CA ASN B 65 6.95 43.27 -35.39
C ASN B 65 5.60 42.62 -35.66
N LEU B 66 4.85 42.40 -34.59
CA LEU B 66 3.57 41.71 -34.68
C LEU B 66 2.62 42.31 -33.64
N ARG B 67 1.41 42.62 -34.09
CA ARG B 67 0.30 43.01 -33.22
C ARG B 67 -0.90 42.11 -33.53
N LEU B 68 -1.52 41.59 -32.47
CA LEU B 68 -2.78 40.86 -32.53
C LEU B 68 -3.90 41.79 -32.05
N ALA B 69 -5.02 41.78 -32.75
CA ALA B 69 -6.15 42.61 -32.35
C ALA B 69 -7.43 41.88 -32.72
N GLY B 70 -8.43 41.94 -31.85
CA GLY B 70 -9.64 41.17 -32.06
C GLY B 70 -9.80 40.02 -31.07
N GLU B 71 -10.16 38.83 -31.56
CA GLU B 71 -10.37 37.71 -30.65
C GLU B 71 -10.27 36.39 -31.42
N HIS B 72 -10.02 35.32 -30.66
CA HIS B 72 -9.92 33.97 -31.17
C HIS B 72 -8.93 33.87 -32.33
N LEU B 73 -7.77 34.50 -32.16
CA LEU B 73 -6.67 34.41 -33.10
C LEU B 73 -5.61 33.45 -32.58
N ILE B 74 -4.82 32.90 -33.51
CA ILE B 74 -3.66 32.07 -33.21
C ILE B 74 -2.52 32.46 -34.13
N VAL B 75 -1.33 32.67 -33.56
CA VAL B 75 -0.10 32.91 -34.32
C VAL B 75 0.90 31.83 -33.97
N SER B 76 1.49 31.20 -34.98
CA SER B 76 2.39 30.09 -34.70
C SER B 76 3.44 29.95 -35.78
N GLY B 77 4.56 29.35 -35.41
CA GLY B 77 5.61 28.99 -36.36
C GLY B 77 6.37 30.12 -37.03
N LEU B 78 6.71 31.18 -36.29
CA LEU B 78 7.48 32.30 -36.83
C LEU B 78 8.79 32.45 -36.09
N VAL B 79 9.78 33.02 -36.77
CA VAL B 79 11.08 33.31 -36.18
C VAL B 79 11.40 34.78 -36.41
N PHE B 80 11.60 35.52 -35.32
CA PHE B 80 12.10 36.88 -35.36
C PHE B 80 13.60 36.83 -35.10
N LYS B 81 14.39 37.27 -36.06
CA LYS B 81 15.84 37.33 -35.88
C LYS B 81 16.37 38.40 -36.82
N ASP B 82 17.66 38.69 -36.67
CA ASP B 82 18.37 39.68 -37.49
C ASP B 82 17.58 40.98 -37.59
N GLY B 83 17.17 41.52 -36.45
CA GLY B 83 16.43 42.75 -36.47
C GLY B 83 16.06 43.22 -35.08
N TYR B 84 15.11 44.14 -35.04
CA TYR B 84 14.60 44.67 -33.79
C TYR B 84 13.36 45.47 -34.11
N THR B 85 12.47 45.57 -33.15
CA THR B 85 11.22 46.26 -33.41
C THR B 85 11.45 47.77 -33.51
N PRO B 86 10.80 48.44 -34.47
CA PRO B 86 10.82 49.91 -34.53
C PRO B 86 9.85 50.57 -33.57
N THR B 87 8.94 49.81 -32.97
CA THR B 87 7.99 50.36 -32.02
C THR B 87 8.45 49.99 -30.60
N GLY B 88 7.53 49.99 -29.65
CA GLY B 88 7.91 49.65 -28.30
C GLY B 88 7.94 48.16 -27.99
N GLU B 89 7.34 47.33 -28.85
CA GLU B 89 7.24 45.90 -28.57
C GLU B 89 7.43 45.10 -29.84
N VAL B 90 7.93 43.86 -29.67
CA VAL B 90 8.05 42.96 -30.80
C VAL B 90 6.72 42.25 -31.05
N ILE B 91 6.11 41.72 -30.00
CA ILE B 91 4.82 41.07 -30.07
C ILE B 91 3.93 41.72 -29.01
N ALA B 92 2.81 42.30 -29.47
CA ALA B 92 1.85 42.93 -28.57
C ALA B 92 0.47 42.37 -28.84
N PHE B 93 -0.25 42.03 -27.78
CA PHE B 93 -1.62 41.58 -27.88
C PHE B 93 -2.61 42.74 -27.99
N ARG B 94 -2.29 43.76 -28.77
CA ARG B 94 -3.24 44.83 -29.07
C ARG B 94 -2.83 45.48 -30.38
N ARG B 95 -3.76 46.21 -30.98
CA ARG B 95 -3.40 47.15 -32.02
C ARG B 95 -2.95 48.46 -31.41
N ASN B 96 -3.69 48.96 -30.45
CA ASN B 96 -3.37 50.20 -29.74
C ASN B 96 -4.13 50.19 -28.43
N LYS B 97 -3.98 51.29 -27.65
CA LYS B 97 -4.72 51.47 -26.38
C LYS B 97 -6.11 50.90 -26.40
N ASP B 98 -6.82 51.26 -27.46
CA ASP B 98 -8.25 51.09 -27.53
C ASP B 98 -8.69 49.81 -28.23
N VAL B 99 -7.80 49.16 -28.97
CA VAL B 99 -8.16 47.97 -29.73
C VAL B 99 -7.25 46.84 -29.28
N LEU B 100 -7.79 45.93 -28.47
CA LEU B 100 -7.07 44.89 -27.76
C LEU B 100 -7.33 43.54 -28.41
N ALA B 101 -6.60 42.54 -27.95
CA ALA B 101 -6.83 41.15 -28.34
C ALA B 101 -7.16 40.34 -27.11
N SER B 102 -8.14 39.44 -27.23
CA SER B 102 -8.51 38.53 -26.16
C SER B 102 -8.76 37.16 -26.77
N HIS B 103 -8.78 36.14 -25.91
CA HIS B 103 -9.00 34.76 -26.33
C HIS B 103 -8.07 34.36 -27.46
N SER B 104 -6.83 34.83 -27.41
CA SER B 104 -5.88 34.57 -28.47
C SER B 104 -4.62 33.91 -27.92
N ARG B 105 -3.85 33.36 -28.84
CA ARG B 105 -2.76 32.48 -28.50
C ARG B 105 -1.58 32.76 -29.42
N VAL B 106 -0.42 32.92 -28.83
CA VAL B 106 0.85 32.90 -29.55
C VAL B 106 1.56 31.64 -29.09
N THR B 107 1.83 30.74 -30.03
CA THR B 107 2.46 29.47 -29.68
C THR B 107 3.53 29.15 -30.71
N GLN B 108 4.60 28.48 -30.25
CA GLN B 108 5.70 28.07 -31.10
C GLN B 108 6.24 29.23 -31.95
N VAL B 109 6.55 30.35 -31.30
CA VAL B 109 7.33 31.34 -32.03
C VAL B 109 8.63 31.63 -31.29
N VAL B 110 9.63 31.97 -32.08
CA VAL B 110 10.99 32.18 -31.66
C VAL B 110 11.31 33.67 -31.78
N ILE B 111 11.90 34.25 -30.74
CA ILE B 111 12.57 35.54 -30.86
C ILE B 111 14.00 35.31 -30.43
N ASP B 112 14.94 35.39 -31.38
CA ASP B 112 16.34 35.05 -31.19
C ASP B 112 17.18 36.30 -31.41
N ASN B 113 17.66 36.89 -30.32
CA ASN B 113 18.62 37.99 -30.36
C ASN B 113 18.12 39.13 -31.25
N PHE B 114 16.83 39.43 -31.12
CA PHE B 114 16.14 40.47 -31.87
C PHE B 114 16.23 41.81 -31.14
N SER B 115 17.46 42.21 -30.82
CA SER B 115 17.71 43.25 -29.84
C SER B 115 17.98 44.57 -30.53
N ASN B 116 17.48 45.64 -29.93
CA ASN B 116 17.84 46.97 -30.35
C ASN B 116 19.36 47.14 -30.35
N PRO B 117 19.94 47.81 -31.34
CA PRO B 117 21.40 48.00 -31.36
C PRO B 117 21.97 48.70 -30.13
N GLU B 118 21.20 49.50 -29.41
CA GLU B 118 21.71 50.25 -28.27
C GLU B 118 21.15 49.65 -27.00
N LYS B 119 22.03 49.19 -26.12
CA LYS B 119 21.58 48.52 -24.91
C LYS B 119 20.61 49.37 -24.10
N PHE B 120 20.70 50.69 -24.15
CA PHE B 120 19.82 51.47 -23.29
C PHE B 120 18.78 52.29 -24.07
N GLU B 121 18.50 51.85 -25.29
CA GLU B 121 17.27 52.17 -26.00
C GLU B 121 16.28 51.07 -25.63
N GLN B 122 15.35 51.40 -24.74
CA GLN B 122 14.48 50.39 -24.12
C GLN B 122 13.41 49.89 -25.08
N ASP B 123 13.11 48.60 -25.00
CA ASP B 123 11.91 48.05 -25.61
C ASP B 123 11.54 46.78 -24.85
N SER B 124 10.44 46.17 -25.26
CA SER B 124 9.99 44.90 -24.73
C SER B 124 9.81 43.92 -25.87
N TRP B 125 9.91 42.64 -25.57
CA TRP B 125 9.71 41.68 -26.65
C TRP B 125 8.28 41.16 -26.74
N VAL B 126 7.60 40.96 -25.61
CA VAL B 126 6.22 40.50 -25.60
C VAL B 126 5.42 41.29 -24.57
N MET B 127 4.31 41.89 -25.01
CA MET B 127 3.38 42.60 -24.13
C MET B 127 1.98 42.03 -24.31
N VAL B 128 1.39 41.54 -23.22
CA VAL B 128 0.04 41.00 -23.25
C VAL B 128 -0.93 42.05 -22.70
N TYR B 129 -2.10 42.15 -23.35
CA TYR B 129 -3.19 43.01 -22.96
C TYR B 129 -4.47 42.17 -23.01
N GLY B 130 -5.61 42.79 -22.69
CA GLY B 130 -6.87 42.08 -22.83
C GLY B 130 -7.02 40.96 -21.81
N ARG B 131 -7.78 39.93 -22.19
CA ARG B 131 -8.13 38.84 -21.28
C ARG B 131 -8.09 37.51 -22.01
N HIS B 132 -7.83 36.45 -21.23
CA HIS B 132 -7.92 35.07 -21.67
C HIS B 132 -6.99 34.76 -22.84
N ASN B 133 -5.84 35.42 -22.87
CA ASN B 133 -4.81 35.08 -23.84
C ASN B 133 -3.87 34.02 -23.29
N ARG B 134 -3.20 33.32 -24.20
CA ARG B 134 -2.22 32.31 -23.88
C ARG B 134 -0.96 32.56 -24.67
N PHE B 135 0.18 32.34 -24.03
CA PHE B 135 1.50 32.46 -24.64
C PHE B 135 2.25 31.19 -24.23
N ASP B 136 2.45 30.26 -25.17
CA ASP B 136 2.91 28.93 -24.82
C ASP B 136 3.87 28.37 -25.87
N HIS B 137 4.81 27.53 -25.40
CA HIS B 137 5.76 26.82 -26.26
C HIS B 137 6.53 27.78 -27.15
N ASN B 138 6.89 28.93 -26.60
CA ASN B 138 7.73 29.88 -27.32
C ASN B 138 9.17 29.81 -26.83
N HIS B 139 10.05 30.48 -27.56
CA HIS B 139 11.50 30.38 -27.41
C HIS B 139 12.05 31.80 -27.53
N LEU B 140 12.39 32.40 -26.38
CA LEU B 140 12.89 33.77 -26.27
C LEU B 140 14.32 33.74 -25.73
N VAL B 141 15.27 34.29 -26.47
CA VAL B 141 16.67 34.22 -26.04
C VAL B 141 17.45 35.43 -26.56
N GLY B 142 18.33 35.96 -25.72
CA GLY B 142 19.33 36.93 -26.12
C GLY B 142 18.91 38.39 -26.11
N LYS B 143 17.93 38.79 -25.31
CA LYS B 143 17.62 40.22 -25.23
C LYS B 143 18.73 40.93 -24.46
N ARG B 144 19.43 41.85 -25.13
CA ARG B 144 20.58 42.49 -24.52
C ARG B 144 20.28 43.88 -23.99
N ASN B 145 19.11 44.43 -24.27
CA ASN B 145 18.86 45.84 -24.01
C ASN B 145 17.86 46.01 -22.88
N LYS B 146 17.81 47.24 -22.37
CA LYS B 146 16.90 47.56 -21.28
C LYS B 146 15.47 47.28 -21.69
N GLY B 147 14.69 46.80 -20.74
CA GLY B 147 13.30 46.52 -20.98
C GLY B 147 13.02 45.06 -20.77
N VAL B 148 11.86 44.79 -20.18
CA VAL B 148 11.49 43.43 -19.84
C VAL B 148 11.34 42.59 -21.10
N THR B 149 11.70 41.31 -21.00
CA THR B 149 11.49 40.40 -22.12
C THR B 149 9.99 40.22 -22.39
N MET B 150 9.23 39.94 -21.34
CA MET B 150 7.79 39.73 -21.46
C MET B 150 7.05 40.38 -20.30
N ALA B 151 5.90 41.00 -20.59
CA ALA B 151 5.12 41.59 -19.53
C ALA B 151 3.63 41.42 -19.81
N VAL B 152 2.86 41.35 -18.72
CA VAL B 152 1.42 41.48 -18.76
C VAL B 152 1.09 42.89 -18.33
N ARG B 153 0.30 43.60 -19.14
CA ARG B 153 -0.13 44.95 -18.81
C ARG B 153 -1.54 44.94 -18.23
N LEU B 154 -1.80 45.96 -17.43
CA LEU B 154 -3.00 46.08 -16.63
C LEU B 154 -3.50 47.52 -16.66
N THR B 155 -3.19 48.25 -17.73
CA THR B 155 -3.40 49.69 -17.75
C THR B 155 -4.88 50.06 -17.70
N THR B 156 -5.78 49.17 -18.09
CA THR B 156 -7.21 49.41 -17.97
C THR B 156 -7.88 48.17 -17.43
N GLU B 157 -9.12 48.35 -16.95
CA GLU B 157 -9.93 47.22 -16.50
C GLU B 157 -9.97 46.11 -17.54
N SER B 158 -10.00 46.49 -18.82
CA SER B 158 -10.11 45.54 -19.91
C SER B 158 -8.95 44.57 -19.98
N SER B 159 -7.80 44.92 -19.40
CA SER B 159 -6.65 44.04 -19.34
C SER B 159 -6.44 43.41 -17.98
N GLN B 160 -7.23 43.79 -16.98
CA GLN B 160 -7.16 43.21 -15.65
C GLN B 160 -8.02 41.97 -15.59
N GLN B 161 -7.86 41.20 -14.50
CA GLN B 161 -8.63 39.98 -14.31
C GLN B 161 -8.58 39.12 -15.57
N ASN B 162 -7.36 38.98 -16.09
CA ASN B 162 -7.17 38.45 -17.44
C ASN B 162 -7.20 36.93 -17.49
N HIS B 163 -6.74 36.26 -16.44
CA HIS B 163 -6.57 34.80 -16.47
C HIS B 163 -5.64 34.35 -17.61
N HIS B 164 -4.68 35.18 -17.99
CA HIS B 164 -3.73 34.78 -19.02
C HIS B 164 -2.95 33.55 -18.58
N ARG B 165 -2.55 32.74 -19.56
CA ARG B 165 -1.77 31.56 -19.28
C ARG B 165 -0.46 31.67 -20.05
N ILE B 166 0.65 31.47 -19.33
CA ILE B 166 1.98 31.61 -19.86
C ILE B 166 2.67 30.32 -19.46
N ASP B 167 2.87 29.41 -20.42
CA ASP B 167 3.24 28.04 -20.06
C ASP B 167 4.13 27.40 -21.12
N HIS B 168 4.98 26.50 -20.65
CA HIS B 168 5.83 25.66 -21.52
C HIS B 168 6.76 26.48 -22.40
N ASN B 169 7.14 27.66 -21.94
CA ASN B 169 8.01 28.53 -22.71
C ASN B 169 9.46 28.30 -22.34
N TYR B 170 10.34 28.43 -23.33
CA TYR B 170 11.77 28.42 -23.09
C TYR B 170 12.22 29.88 -23.02
N PHE B 171 12.43 30.37 -21.80
CA PHE B 171 13.09 31.67 -21.60
C PHE B 171 14.59 31.40 -21.50
N GLY B 172 15.29 31.52 -22.62
CA GLY B 172 16.69 31.16 -22.66
C GLY B 172 17.58 32.28 -22.14
N PRO B 173 18.89 32.04 -22.23
CA PRO B 173 19.88 32.96 -21.63
C PRO B 173 19.60 34.41 -21.95
N ARG B 174 19.54 35.22 -20.90
CA ARG B 174 19.52 36.67 -21.01
C ARG B 174 20.72 37.20 -20.23
N PRO B 175 21.65 37.92 -20.83
CA PRO B 175 22.85 38.36 -20.11
C PRO B 175 22.56 39.56 -19.22
N ILE B 176 23.53 39.85 -18.36
CA ILE B 176 23.46 40.97 -17.43
C ILE B 176 23.23 42.27 -18.20
N LEU B 177 22.28 43.07 -17.74
CA LEU B 177 21.99 44.36 -18.34
C LEU B 177 23.01 45.40 -17.89
N GLY B 178 23.32 45.42 -16.60
CA GLY B 178 24.10 46.47 -16.00
C GLY B 178 23.29 47.60 -15.40
N SER B 179 22.05 47.34 -14.99
CA SER B 179 21.03 48.33 -14.72
C SER B 179 19.79 47.60 -14.23
N ASN B 180 18.90 48.35 -13.57
CA ASN B 180 17.52 47.91 -13.44
C ASN B 180 16.85 47.85 -14.80
N GLY B 181 15.84 47.00 -14.93
CA GLY B 181 15.07 46.87 -16.14
C GLY B 181 15.44 45.69 -17.03
N GLY B 182 16.00 44.64 -16.45
CA GLY B 182 16.40 43.47 -17.20
C GLY B 182 15.56 42.25 -16.89
N GLU B 183 14.32 42.45 -16.41
CA GLU B 183 13.47 41.34 -16.00
C GLU B 183 13.12 40.44 -17.19
N THR B 184 12.92 39.16 -16.89
CA THR B 184 12.44 38.26 -17.93
C THR B 184 10.92 38.30 -18.05
N LEU B 185 10.23 38.34 -16.92
CA LEU B 185 8.77 38.33 -16.90
C LEU B 185 8.29 39.28 -15.82
N ARG B 186 7.41 40.21 -16.19
CA ARG B 186 6.81 41.16 -15.27
C ARG B 186 5.31 41.08 -15.38
N ILE B 187 4.63 40.89 -14.26
CA ILE B 187 3.17 40.81 -14.28
C ILE B 187 2.59 42.04 -13.62
N GLY B 188 2.30 43.07 -14.44
CA GLY B 188 1.78 44.32 -13.93
C GLY B 188 2.86 45.36 -13.74
N THR B 189 2.41 46.52 -13.26
CA THR B 189 3.30 47.60 -12.86
C THR B 189 2.77 48.18 -11.56
N SER B 190 3.57 49.03 -10.93
CA SER B 190 3.25 49.51 -9.60
C SER B 190 1.89 50.20 -9.56
N HIS B 191 1.57 50.98 -10.60
CA HIS B 191 0.34 51.76 -10.60
C HIS B 191 -0.90 50.89 -10.54
N HIS B 192 -0.81 49.69 -11.09
CA HIS B 192 -1.95 48.77 -11.15
C HIS B 192 -1.73 47.54 -10.28
N SER B 193 -0.79 47.62 -9.35
CA SER B 193 -0.39 46.43 -8.61
C SER B 193 -1.41 46.05 -7.56
N LEU B 194 -2.34 46.94 -7.23
CA LEU B 194 -3.41 46.58 -6.30
C LEU B 194 -4.63 46.02 -7.02
N THR B 195 -4.58 45.85 -8.34
CA THR B 195 -5.67 45.19 -9.05
C THR B 195 -5.36 43.70 -9.19
N ASP B 196 -6.40 42.93 -9.45
CA ASP B 196 -6.26 41.48 -9.56
C ASP B 196 -6.00 41.10 -11.00
N SER B 197 -4.98 40.30 -11.21
CA SER B 197 -4.61 39.90 -12.56
C SER B 197 -4.98 38.47 -12.86
N PHE B 198 -4.86 37.56 -11.88
CA PHE B 198 -5.18 36.15 -12.03
C PHE B 198 -4.36 35.49 -13.14
N THR B 199 -3.12 35.92 -13.30
CA THR B 199 -2.29 35.36 -14.36
C THR B 199 -1.67 34.04 -13.92
N LEU B 200 -1.65 33.10 -14.84
CA LEU B 200 -1.08 31.78 -14.58
C LEU B 200 0.24 31.64 -15.32
N VAL B 201 1.33 31.44 -14.57
CA VAL B 201 2.67 31.24 -15.13
C VAL B 201 3.13 29.86 -14.70
N GLU B 202 3.20 28.91 -15.64
CA GLU B 202 3.47 27.52 -15.23
C GLU B 202 4.28 26.74 -16.25
N ASN B 203 5.06 25.80 -15.73
CA ASN B 203 5.85 24.86 -16.52
C ASN B 203 6.73 25.56 -17.56
N ASN B 204 7.22 26.75 -17.22
CA ASN B 204 8.23 27.42 -18.03
C ASN B 204 9.63 27.06 -17.53
N TYR B 205 10.60 27.18 -18.43
CA TYR B 205 12.00 26.93 -18.12
C TYR B 205 12.80 28.22 -18.29
N PHE B 206 13.41 28.69 -17.21
CA PHE B 206 14.23 29.91 -17.19
C PHE B 206 15.69 29.48 -17.15
N ASP B 207 16.36 29.57 -18.28
CA ASP B 207 17.70 29.04 -18.48
C ASP B 207 18.71 30.20 -18.51
N ARG B 208 19.43 30.39 -17.41
CA ARG B 208 20.40 31.49 -17.23
C ARG B 208 19.80 32.84 -17.63
N CYS B 209 18.64 33.13 -17.05
CA CYS B 209 18.00 34.43 -17.17
C CYS B 209 18.67 35.35 -16.17
N ASN B 210 19.61 36.17 -16.66
CA ASN B 210 20.55 36.88 -15.78
C ASN B 210 20.42 38.41 -15.88
N GLY B 211 19.31 38.91 -16.42
CA GLY B 211 19.20 40.34 -16.70
C GLY B 211 19.41 41.23 -15.48
N GLU B 212 18.99 40.78 -14.31
CA GLU B 212 18.99 41.62 -13.11
C GLU B 212 18.51 40.82 -11.91
N VAL B 213 18.31 41.45 -10.75
CA VAL B 213 17.92 40.67 -9.57
C VAL B 213 16.56 39.99 -9.72
N GLU B 214 15.68 40.51 -10.58
CA GLU B 214 14.34 39.96 -10.76
C GLU B 214 14.27 39.20 -12.07
N ILE B 215 14.23 37.87 -11.98
CA ILE B 215 13.88 37.06 -13.15
C ILE B 215 12.41 37.24 -13.46
N ILE B 216 11.57 36.93 -12.48
CA ILE B 216 10.14 37.24 -12.50
C ILE B 216 9.91 38.36 -11.49
N SER B 217 9.14 39.35 -11.93
CA SER B 217 8.77 40.51 -11.12
C SER B 217 7.25 40.54 -11.06
N ASN B 218 6.68 40.02 -9.99
CA ASN B 218 5.23 40.00 -9.86
C ASN B 218 4.77 41.35 -9.30
N LYS B 219 3.91 42.06 -10.03
CA LYS B 219 3.47 43.39 -9.63
C LYS B 219 1.95 43.52 -9.76
N SER B 220 1.21 42.55 -9.27
CA SER B 220 -0.24 42.60 -9.26
C SER B 220 -0.76 41.48 -8.35
N GLY B 221 -2.08 41.32 -8.32
CA GLY B 221 -2.74 40.53 -7.29
C GLY B 221 -3.21 39.19 -7.79
N LYS B 222 -3.12 38.20 -6.91
CA LYS B 222 -3.79 36.91 -7.06
C LYS B 222 -3.30 36.15 -8.29
N ASN B 223 -2.01 36.25 -8.55
CA ASN B 223 -1.40 35.46 -9.60
C ASN B 223 -0.93 34.13 -9.06
N SER B 224 -0.67 33.21 -9.97
CA SER B 224 -0.22 31.88 -9.62
C SER B 224 1.02 31.55 -10.44
N ILE B 225 2.15 31.36 -9.76
CA ILE B 225 3.45 31.13 -10.40
C ILE B 225 3.95 29.77 -9.92
N ARG B 226 3.85 28.77 -10.78
CA ARG B 226 3.90 27.39 -10.32
C ARG B 226 4.64 26.52 -11.31
N ASN B 227 5.34 25.51 -10.78
CA ASN B 227 5.92 24.43 -11.59
C ASN B 227 6.92 24.94 -12.63
N ASN B 228 7.65 25.99 -12.32
CA ASN B 228 8.65 26.51 -13.24
C ASN B 228 10.04 26.08 -12.76
N VAL B 229 10.97 25.95 -13.69
CA VAL B 229 12.35 25.60 -13.38
C VAL B 229 13.26 26.79 -13.70
N PHE B 230 14.17 27.08 -12.78
CA PHE B 230 15.11 28.18 -12.88
C PHE B 230 16.50 27.57 -12.83
N PHE B 231 17.18 27.54 -13.97
CA PHE B 231 18.46 26.86 -14.09
C PHE B 231 19.56 27.93 -14.17
N GLU B 232 20.42 27.95 -13.15
CA GLU B 232 21.62 28.81 -13.16
C GLU B 232 21.27 30.25 -13.51
N SER B 233 20.16 30.74 -12.96
CA SER B 233 19.67 32.05 -13.30
C SER B 233 20.07 33.03 -12.21
N ARG B 234 20.71 34.12 -12.62
CA ARG B 234 21.41 35.04 -11.75
C ARG B 234 20.43 36.10 -11.24
N GLY B 235 19.47 35.64 -10.47
CA GLY B 235 18.38 36.47 -10.05
C GLY B 235 17.37 35.67 -9.28
N THR B 236 16.14 36.19 -9.22
CA THR B 236 15.15 35.74 -8.26
C THR B 236 13.75 35.78 -8.86
N LEU B 237 12.84 35.04 -8.22
CA LEU B 237 11.41 35.22 -8.39
C LEU B 237 10.98 36.19 -7.29
N THR B 238 10.65 37.41 -7.65
CA THR B 238 10.33 38.43 -6.67
C THR B 238 8.83 38.73 -6.67
N LEU B 239 8.22 38.64 -5.50
CA LEU B 239 6.87 39.13 -5.30
C LEU B 239 7.00 40.62 -4.97
N ARG B 240 7.06 41.45 -6.01
CA ARG B 240 7.55 42.81 -5.89
C ARG B 240 6.47 43.78 -5.38
N HIS B 241 5.30 43.81 -6.04
CA HIS B 241 4.17 44.63 -5.63
C HIS B 241 2.90 43.79 -5.73
N GLY B 242 1.90 44.11 -4.91
CA GLY B 242 0.63 43.41 -4.96
C GLY B 242 0.61 42.15 -4.09
N ASN B 243 -0.60 41.64 -3.86
CA ASN B 243 -0.91 40.74 -2.75
C ASN B 243 -1.68 39.50 -3.19
N GLY B 244 -1.66 38.49 -2.31
CA GLY B 244 -2.48 37.32 -2.51
C GLY B 244 -2.00 36.37 -3.57
N ASN B 245 -0.70 36.33 -3.83
CA ASN B 245 -0.15 35.47 -4.87
C ASN B 245 0.30 34.15 -4.30
N ILE B 246 0.39 33.14 -5.17
CA ILE B 246 0.84 31.81 -4.79
C ILE B 246 2.06 31.43 -5.64
N VAL B 247 3.14 31.04 -4.95
CA VAL B 247 4.37 30.57 -5.57
C VAL B 247 4.56 29.13 -5.13
N GLU B 248 4.52 28.20 -6.08
CA GLU B 248 4.21 26.79 -5.82
C GLU B 248 4.97 25.88 -6.76
N ASN B 249 5.53 24.80 -6.23
CA ASN B 249 6.05 23.71 -7.06
C ASN B 249 7.20 24.13 -7.98
N ASN B 250 7.80 25.31 -7.75
CA ASN B 250 8.92 25.73 -8.59
C ASN B 250 10.23 25.08 -8.14
N VAL B 251 11.17 24.97 -9.08
CA VAL B 251 12.44 24.30 -8.84
C VAL B 251 13.59 25.22 -9.26
N PHE B 252 14.55 25.42 -8.36
CA PHE B 252 15.70 26.29 -8.60
C PHE B 252 16.98 25.48 -8.51
N PHE B 253 17.70 25.36 -9.62
CA PHE B 253 18.98 24.67 -9.71
C PHE B 253 20.07 25.73 -9.93
N GLY B 254 20.68 26.21 -8.85
CA GLY B 254 21.71 27.22 -8.98
C GLY B 254 23.06 26.65 -9.36
N ASN B 255 23.31 25.39 -9.00
CA ASN B 255 24.59 24.72 -9.31
C ASN B 255 25.78 25.49 -8.79
N GLY B 256 25.61 26.20 -7.67
CA GLY B 256 26.69 26.99 -7.10
C GLY B 256 27.15 28.16 -7.94
N VAL B 257 26.38 28.58 -8.95
CA VAL B 257 26.74 29.73 -9.75
C VAL B 257 26.56 31.01 -8.92
N ASP B 258 27.49 31.95 -9.09
CA ASP B 258 27.49 33.19 -8.35
C ASP B 258 26.18 33.97 -8.53
N HIS B 259 25.63 34.47 -7.41
CA HIS B 259 24.43 35.32 -7.39
C HIS B 259 23.19 34.65 -7.97
N THR B 260 23.02 33.34 -7.76
CA THR B 260 21.78 32.65 -8.06
C THR B 260 20.84 32.76 -6.86
N GLY B 261 19.62 33.27 -7.07
CA GLY B 261 18.54 33.27 -6.07
C GLY B 261 17.47 32.25 -6.50
N GLY B 262 16.34 32.06 -5.84
CA GLY B 262 15.82 32.77 -4.73
C GLY B 262 14.33 33.04 -4.93
N ILE B 263 13.59 33.01 -3.84
CA ILE B 263 12.24 33.59 -3.80
C ILE B 263 12.28 34.77 -2.85
N ARG B 264 11.82 35.93 -3.30
CA ARG B 264 11.81 37.13 -2.48
C ARG B 264 10.37 37.53 -2.16
N VAL B 265 10.06 37.63 -0.87
CA VAL B 265 8.70 37.87 -0.40
C VAL B 265 8.57 39.33 0.04
N ILE B 266 7.58 39.99 -0.52
CA ILE B 266 7.24 41.34 -0.17
C ILE B 266 5.72 41.41 -0.24
N ASN B 267 5.15 42.41 0.36
CA ASN B 267 3.72 42.57 0.35
C ASN B 267 2.94 41.53 1.19
N ARG B 268 1.65 41.51 1.02
CA ARG B 268 0.78 40.70 1.80
C ARG B 268 0.14 39.45 1.26
N ASP B 269 -0.22 38.56 2.17
CA ASP B 269 -1.02 37.39 1.84
C ASP B 269 -0.34 36.47 0.82
N GLN B 270 0.98 36.45 0.79
CA GLN B 270 1.69 35.61 -0.16
C GLN B 270 1.79 34.19 0.39
N ILE B 271 1.68 33.21 -0.50
CA ILE B 271 1.83 31.80 -0.15
C ILE B 271 3.02 31.24 -0.94
N ILE B 272 4.01 30.73 -0.23
CA ILE B 272 5.21 30.16 -0.82
C ILE B 272 5.28 28.71 -0.32
N ARG B 273 4.84 27.76 -1.14
CA ARG B 273 4.71 26.37 -0.71
C ARG B 273 5.30 25.42 -1.73
N ASN B 274 5.92 24.37 -1.23
CA ASN B 274 6.32 23.21 -2.02
C ASN B 274 7.34 23.58 -3.11
N ASN B 275 8.18 24.58 -2.87
CA ASN B 275 9.26 24.93 -3.79
C ASN B 275 10.57 24.30 -3.37
N TYR B 276 11.37 23.89 -4.36
CA TYR B 276 12.65 23.23 -4.16
C TYR B 276 13.79 24.14 -4.62
N LEU B 277 14.79 24.32 -3.76
CA LEU B 277 15.87 25.27 -4.01
C LEU B 277 17.19 24.61 -3.63
N GLU B 278 18.14 24.60 -4.57
CA GLU B 278 19.40 23.89 -4.39
C GLU B 278 20.54 24.67 -5.01
N GLY B 279 21.63 24.82 -4.26
CA GLY B 279 22.85 25.39 -4.80
C GLY B 279 22.79 26.88 -5.13
N LEU B 280 22.06 27.65 -4.34
CA LEU B 280 21.90 29.08 -4.58
C LEU B 280 22.85 29.87 -3.70
N THR B 281 23.60 30.77 -4.33
CA THR B 281 24.66 31.53 -3.66
C THR B 281 24.30 32.97 -3.37
N GLY B 282 23.21 33.49 -3.91
CA GLY B 282 22.90 34.90 -3.77
C GLY B 282 22.63 35.30 -2.33
N TYR B 283 22.66 36.62 -2.09
CA TYR B 283 22.40 37.19 -0.78
C TYR B 283 21.66 38.51 -0.94
N ARG B 284 21.32 39.11 0.20
CA ARG B 284 20.47 40.31 0.32
C ARG B 284 19.23 40.09 -0.54
N PHE B 285 18.89 40.99 -1.48
CA PHE B 285 17.67 40.79 -2.25
C PHE B 285 17.78 39.59 -3.19
N GLY B 286 19.01 39.16 -3.49
CA GLY B 286 19.25 37.99 -4.29
C GLY B 286 19.37 36.68 -3.52
N SER B 287 18.93 36.64 -2.26
CA SER B 287 19.05 35.44 -1.45
C SER B 287 18.19 34.30 -2.01
N GLY B 288 18.53 33.08 -1.59
CA GLY B 288 17.69 31.94 -1.93
C GLY B 288 16.28 32.08 -1.39
N LEU B 289 16.15 32.57 -0.16
CA LEU B 289 14.84 32.90 0.38
C LEU B 289 14.98 34.23 1.11
N THR B 290 14.14 35.20 0.75
CA THR B 290 14.17 36.53 1.34
C THR B 290 12.77 36.92 1.79
N VAL B 291 12.67 37.43 3.01
CA VAL B 291 11.50 38.15 3.48
C VAL B 291 11.95 39.56 3.81
N MET B 292 11.45 40.54 3.06
CA MET B 292 11.96 41.90 3.18
C MET B 292 11.28 42.69 4.29
N ASN B 293 11.98 43.72 4.76
CA ASN B 293 11.32 44.80 5.46
C ASN B 293 10.67 45.74 4.44
N GLY B 294 9.56 46.35 4.84
CA GLY B 294 8.88 47.35 4.06
C GLY B 294 8.96 48.74 4.66
N VAL B 295 8.35 49.69 3.96
CA VAL B 295 8.29 51.08 4.38
C VAL B 295 6.94 51.33 5.05
N PRO B 296 6.91 51.87 6.26
CA PRO B 296 5.62 52.26 6.83
C PRO B 296 4.96 53.29 5.93
N ASN B 297 3.68 53.08 5.62
CA ASN B 297 2.94 54.01 4.77
C ASN B 297 3.63 54.17 3.41
N SER B 298 3.99 53.02 2.82
CA SER B 298 4.80 53.03 1.62
C SER B 298 4.04 53.63 0.45
N LYS B 299 4.77 54.33 -0.42
CA LYS B 299 4.17 54.63 -1.72
C LYS B 299 3.94 53.34 -2.49
N ILE B 300 3.03 53.40 -3.42
CA ILE B 300 2.63 52.26 -4.21
C ILE B 300 3.78 51.55 -4.92
N ASN B 301 4.79 52.29 -5.32
CA ASN B 301 5.95 51.76 -6.01
C ASN B 301 7.19 51.55 -5.14
N ARG B 302 7.03 51.57 -3.82
CA ARG B 302 8.17 51.37 -2.96
C ARG B 302 7.86 50.00 -2.36
N TYR B 303 8.37 49.69 -1.20
CA TYR B 303 8.13 48.42 -0.51
C TYR B 303 7.07 48.32 0.59
N HIS B 304 6.19 47.36 0.48
CA HIS B 304 5.14 47.22 1.48
C HIS B 304 5.46 46.08 2.43
N GLN B 305 5.17 46.32 3.70
CA GLN B 305 5.42 45.39 4.79
C GLN B 305 4.94 43.99 4.45
N VAL B 306 5.77 42.99 4.77
CA VAL B 306 5.32 41.61 4.72
C VAL B 306 4.32 41.37 5.84
N ASP B 307 3.16 40.87 5.46
CA ASP B 307 2.01 40.68 6.35
C ASP B 307 1.32 39.40 5.90
N ASN B 308 1.25 38.43 6.79
CA ASN B 308 0.54 37.19 6.52
C ASN B 308 1.18 36.43 5.35
N ALA B 309 2.50 36.36 5.35
CA ALA B 309 3.17 35.40 4.48
C ALA B 309 3.00 34.00 5.06
N LEU B 310 2.91 33.01 4.17
CA LEU B 310 2.83 31.61 4.55
C LEU B 310 3.89 30.89 3.74
N ILE B 311 4.88 30.32 4.43
CA ILE B 311 6.05 29.71 3.80
C ILE B 311 6.17 28.27 4.31
N GLU B 312 5.86 27.30 3.46
CA GLU B 312 5.71 25.93 3.94
C GLU B 312 6.18 24.91 2.93
N ASN B 313 6.73 23.81 3.45
CA ASN B 313 7.08 22.65 2.65
C ASN B 313 8.05 23.00 1.52
N ASN B 314 8.98 23.91 1.80
CA ASN B 314 10.05 24.19 0.86
C ASN B 314 11.32 23.47 1.31
N THR B 315 12.04 22.95 0.33
CA THR B 315 13.32 22.28 0.56
C THR B 315 14.42 23.24 0.10
N LEU B 316 15.41 23.44 0.97
CA LEU B 316 16.53 24.32 0.66
C LEU B 316 17.82 23.54 0.92
N VAL B 317 18.49 23.13 -0.15
CA VAL B 317 19.71 22.35 -0.09
C VAL B 317 20.86 23.23 -0.52
N ASN B 318 21.84 23.41 0.35
CA ASN B 318 23.00 24.25 0.05
C ASN B 318 22.54 25.62 -0.48
N VAL B 319 21.60 26.21 0.23
CA VAL B 319 21.17 27.57 -0.03
C VAL B 319 21.94 28.44 0.96
N GLU B 320 22.87 29.23 0.43
CA GLU B 320 23.81 29.92 1.30
C GLU B 320 23.16 30.99 2.15
N HIS B 321 22.06 31.62 1.70
CA HIS B 321 21.47 32.68 2.49
C HIS B 321 19.95 32.63 2.50
N ILE B 322 19.42 32.64 3.72
CA ILE B 322 18.01 32.81 4.01
C ILE B 322 17.96 34.02 4.93
N GLN B 323 17.37 35.10 4.46
CA GLN B 323 17.46 36.37 5.16
C GLN B 323 16.06 36.90 5.47
N PHE B 324 15.83 37.21 6.73
CA PHE B 324 14.57 37.77 7.20
C PHE B 324 14.78 39.23 7.56
N ALA B 325 13.79 40.05 7.24
CA ALA B 325 13.86 41.51 7.37
C ALA B 325 14.97 42.10 6.52
N ALA B 326 15.26 41.49 5.38
CA ALA B 326 16.31 42.00 4.50
C ALA B 326 15.97 43.40 4.03
N GLY B 327 16.99 44.24 3.91
CA GLY B 327 16.80 45.64 3.57
C GLY B 327 16.43 46.53 4.74
N SER B 328 16.34 45.99 5.95
CA SER B 328 16.01 46.81 7.11
C SER B 328 16.97 47.97 7.25
N ASP B 329 16.43 49.18 7.27
CA ASP B 329 17.19 50.42 7.48
C ASP B 329 16.22 51.49 7.97
N LYS B 330 16.63 52.75 7.93
CA LYS B 330 15.77 53.81 8.46
C LYS B 330 14.55 54.04 7.56
N GLU B 331 14.66 53.73 6.27
CA GLU B 331 13.47 53.82 5.42
C GLU B 331 12.61 52.58 5.57
N ARG B 332 13.19 51.40 5.32
CA ARG B 332 12.44 50.14 5.35
C ARG B 332 12.45 49.62 6.78
N SER B 333 11.63 50.25 7.62
CA SER B 333 11.62 49.94 9.05
C SER B 333 10.45 49.07 9.50
N ALA B 334 9.56 48.65 8.59
CA ALA B 334 8.42 47.82 8.95
C ALA B 334 8.79 46.34 8.82
N ALA B 335 9.00 45.68 9.96
CA ALA B 335 9.35 44.28 10.02
C ALA B 335 8.18 43.36 9.64
N PRO B 336 8.47 42.11 9.27
CA PRO B 336 7.40 41.19 8.87
C PRO B 336 6.48 40.84 10.03
N ILE B 337 5.17 40.76 9.74
CA ILE B 337 4.16 40.54 10.77
C ILE B 337 3.15 39.49 10.31
N ASN B 338 2.52 38.84 11.29
CA ASN B 338 1.42 37.90 11.06
C ASN B 338 1.82 36.76 10.12
N SER B 339 3.08 36.36 10.11
CA SER B 339 3.53 35.37 9.15
C SER B 339 3.90 34.05 9.83
N ASN B 340 4.00 33.00 9.01
CA ASN B 340 4.26 31.66 9.47
C ASN B 340 5.16 30.93 8.49
N MET B 341 6.15 30.21 9.01
CA MET B 341 7.07 29.44 8.19
C MET B 341 7.20 28.07 8.84
N ASN B 342 6.64 27.04 8.19
CA ASN B 342 6.41 25.73 8.78
C ASN B 342 6.82 24.63 7.83
N ASN B 343 7.34 23.54 8.39
CA ASN B 343 7.58 22.29 7.67
C ASN B 343 8.52 22.46 6.48
N ASN B 344 9.50 23.34 6.61
CA ASN B 344 10.53 23.44 5.60
C ASN B 344 11.72 22.56 5.99
N LEU B 345 12.52 22.21 4.98
CA LEU B 345 13.69 21.36 5.15
C LEU B 345 14.92 22.13 4.70
N ILE B 346 15.85 22.38 5.62
CA ILE B 346 17.09 23.10 5.31
C ILE B 346 18.26 22.16 5.53
N VAL B 347 18.95 21.80 4.45
CA VAL B 347 20.09 20.89 4.50
C VAL B 347 21.27 21.62 3.89
N ASN B 348 22.28 21.93 4.71
CA ASN B 348 23.38 22.79 4.32
C ASN B 348 24.68 22.15 4.81
N ASP B 349 25.68 22.05 3.93
CA ASP B 349 26.95 21.44 4.27
C ASP B 349 28.03 22.46 4.61
N GLN B 350 27.66 23.69 4.95
CA GLN B 350 28.64 24.73 5.25
C GLN B 350 28.67 25.11 6.71
N GLY B 351 28.06 24.30 7.59
CA GLY B 351 28.16 24.51 9.01
C GLY B 351 27.10 25.42 9.62
N THR B 352 26.24 26.00 8.80
CA THR B 352 25.24 26.91 9.30
C THR B 352 23.93 26.63 8.57
N ASP B 353 22.81 27.03 9.20
CA ASP B 353 21.53 26.97 8.50
C ASP B 353 21.39 28.05 7.44
N GLY B 354 22.38 28.94 7.29
CA GLY B 354 22.32 30.02 6.33
C GLY B 354 21.39 31.15 6.67
N ILE B 355 20.85 31.20 7.89
CA ILE B 355 19.82 32.17 8.24
C ILE B 355 20.46 33.42 8.83
N THR B 356 20.01 34.59 8.37
CA THR B 356 20.35 35.87 9.01
C THR B 356 19.08 36.68 9.16
N ALA B 357 18.84 37.18 10.37
CA ALA B 357 17.77 38.14 10.61
C ALA B 357 18.37 39.53 10.79
N PHE B 358 17.78 40.52 10.11
CA PHE B 358 18.28 41.89 10.15
C PHE B 358 17.41 42.84 10.95
N ASP B 359 16.38 42.34 11.64
CA ASP B 359 15.46 43.16 12.42
C ASP B 359 14.69 42.18 13.29
N ASP B 360 13.88 42.71 14.19
CA ASP B 360 12.93 41.91 14.94
C ASP B 360 12.09 41.00 14.03
N ILE B 361 12.20 39.70 14.20
CA ILE B 361 11.42 38.74 13.42
C ILE B 361 10.40 38.01 14.29
N SER B 362 10.03 38.60 15.43
CA SER B 362 8.98 37.96 16.23
C SER B 362 7.64 37.96 15.49
N GLY B 363 7.46 38.80 14.47
CA GLY B 363 6.26 38.72 13.67
C GLY B 363 6.19 37.54 12.71
N ILE B 364 7.20 36.67 12.68
CA ILE B 364 7.18 35.41 11.95
C ILE B 364 7.18 34.27 12.96
N LYS B 365 6.21 33.37 12.86
CA LYS B 365 6.17 32.18 13.71
C LYS B 365 6.77 31.02 12.94
N PHE B 366 7.66 30.27 13.60
CA PHE B 366 8.30 29.12 12.99
C PHE B 366 7.78 27.85 13.64
N LYS B 367 7.61 26.79 12.84
CA LYS B 367 7.01 25.55 13.31
C LYS B 367 7.48 24.38 12.48
N ASP B 368 7.94 23.33 13.16
CA ASP B 368 8.27 22.05 12.53
C ASP B 368 9.19 22.23 11.32
N ASN B 369 10.25 23.00 11.49
CA ASN B 369 11.26 23.07 10.46
C ASN B 369 12.42 22.18 10.87
N LEU B 370 13.02 21.52 9.88
CA LEU B 370 14.09 20.57 10.14
C LEU B 370 15.38 21.02 9.46
N LEU B 371 16.51 20.82 10.14
CA LEU B 371 17.79 21.02 9.49
C LEU B 371 18.73 19.87 9.83
N ASN B 372 19.76 19.72 9.02
CA ASN B 372 20.73 18.66 9.24
C ASN B 372 21.59 18.95 10.46
N GLN B 373 22.13 17.87 11.03
CA GLN B 373 22.79 17.92 12.34
C GLN B 373 23.92 18.93 12.40
N ASP B 374 24.73 19.00 11.34
CA ASP B 374 25.95 19.80 11.37
C ASP B 374 25.74 21.25 11.03
N ALA B 375 24.51 21.69 10.81
CA ALA B 375 24.22 23.08 10.47
C ALA B 375 23.73 23.79 11.73
N LYS B 376 24.57 24.64 12.30
CA LYS B 376 24.25 25.33 13.54
C LYS B 376 22.98 26.15 13.34
N PRO B 377 21.95 25.95 14.14
CA PRO B 377 20.73 26.75 14.01
C PRO B 377 20.93 28.18 14.46
N SER B 378 20.34 29.12 13.71
CA SER B 378 20.28 30.53 14.09
C SER B 378 19.03 30.86 14.88
N ILE B 379 18.07 29.95 14.95
CA ILE B 379 16.80 30.18 15.61
C ILE B 379 16.47 28.92 16.38
N ASN B 380 15.99 29.08 17.61
CA ASN B 380 15.69 27.89 18.38
C ASN B 380 14.25 27.42 18.18
N LYS B 381 13.29 28.27 18.50
CA LYS B 381 11.92 27.82 18.49
C LYS B 381 11.43 27.61 17.07
N GLY B 382 10.93 26.42 16.81
CA GLY B 382 10.42 26.06 15.52
C GLY B 382 11.41 25.39 14.60
N PHE B 383 12.63 25.14 15.06
CA PHE B 383 13.62 24.41 14.29
C PHE B 383 14.14 23.26 15.15
N GLU B 384 14.49 22.17 14.49
CA GLU B 384 15.07 21.02 15.17
C GLU B 384 16.10 20.40 14.25
N GLN B 385 17.15 19.82 14.84
CA GLN B 385 18.21 19.17 14.09
C GLN B 385 18.01 17.66 14.08
N ALA B 386 18.46 17.03 13.01
CA ALA B 386 18.37 15.58 12.90
C ALA B 386 19.48 15.08 11.98
N ASP B 387 19.71 13.78 12.09
CA ASP B 387 20.58 13.07 11.16
C ASP B 387 19.82 12.86 9.86
N ILE B 388 20.30 13.46 8.79
CA ILE B 388 19.65 13.44 7.49
C ILE B 388 20.66 13.02 6.46
N THR B 389 20.31 12.04 5.63
CA THR B 389 21.04 11.79 4.40
C THR B 389 20.08 12.02 3.25
N MET B 390 20.49 12.87 2.32
CA MET B 390 19.65 13.19 1.18
C MET B 390 19.99 12.22 0.05
N GLN B 391 18.97 11.80 -0.69
CA GLN B 391 19.17 10.97 -1.86
C GLN B 391 18.39 11.57 -3.02
N ARG B 392 18.96 11.49 -4.22
CA ARG B 392 18.35 12.11 -5.38
C ARG B 392 17.41 11.12 -6.07
N HIS B 393 16.12 11.46 -6.07
CA HIS B 393 15.11 10.68 -6.76
C HIS B 393 15.25 10.82 -8.27
N ASP B 394 14.49 10.00 -8.99
CA ASP B 394 14.49 10.05 -10.44
C ASP B 394 13.91 11.35 -10.97
N ASN B 395 13.06 12.03 -10.20
CA ASN B 395 12.62 13.34 -10.65
C ASN B 395 13.73 14.39 -10.57
N GLY B 396 14.92 14.04 -10.07
CA GLY B 396 16.05 14.95 -10.04
C GLY B 396 16.23 15.75 -8.77
N LEU B 397 15.35 15.58 -7.78
CA LEU B 397 15.37 16.32 -6.54
C LEU B 397 15.87 15.44 -5.38
N LEU B 398 16.46 16.09 -4.38
CA LEU B 398 16.95 15.41 -3.19
C LEU B 398 15.85 15.33 -2.15
N TYR B 399 15.79 14.19 -1.46
CA TYR B 399 14.81 13.97 -0.41
C TYR B 399 15.46 13.25 0.75
N PRO B 400 14.94 13.43 1.96
CA PRO B 400 15.44 12.65 3.10
C PRO B 400 15.25 11.15 2.88
N GLU B 401 16.21 10.38 3.37
CA GLU B 401 16.09 8.93 3.39
C GLU B 401 15.05 8.47 4.39
N ALA B 402 14.98 9.14 5.55
CA ALA B 402 14.10 8.68 6.63
C ALA B 402 12.66 8.95 6.29
N LYS B 403 11.83 7.91 6.41
CA LYS B 403 10.39 8.07 6.27
C LYS B 403 9.88 9.22 7.12
N THR B 404 10.32 9.28 8.38
CA THR B 404 9.86 10.27 9.35
C THR B 404 10.25 11.70 8.98
N GLN B 405 11.13 11.90 8.01
CA GLN B 405 11.58 13.24 7.64
C GLN B 405 10.95 13.70 6.34
N GLN B 406 10.10 12.88 5.73
CA GLN B 406 9.46 13.28 4.48
C GLN B 406 8.36 14.33 4.70
N LYS B 407 7.89 14.55 5.91
CA LYS B 407 6.91 15.61 6.15
C LYS B 407 7.53 17.00 6.16
N TYR B 408 8.84 17.10 5.96
CA TYR B 408 9.52 18.38 5.84
C TYR B 408 9.87 18.67 4.40
N GLY B 409 9.62 19.90 3.99
CA GLY B 409 9.98 20.27 2.65
C GLY B 409 9.06 19.69 1.59
N VAL B 410 9.64 19.45 0.45
CA VAL B 410 8.91 19.33 -0.80
C VAL B 410 8.30 17.93 -0.93
N SER B 411 7.14 17.86 -1.59
CA SER B 411 6.46 16.59 -1.85
C SER B 411 7.23 15.73 -2.85
N THR B 412 7.09 14.41 -2.69
CA THR B 412 7.72 13.46 -3.62
C THR B 412 7.12 13.50 -5.02
N GLN B 413 5.94 14.08 -5.20
CA GLN B 413 5.31 14.04 -6.53
C GLN B 413 5.74 15.15 -7.48
N LEU B 414 6.60 16.07 -7.06
CA LEU B 414 7.11 17.08 -7.98
C LEU B 414 7.71 16.43 -9.22
N GLU B 415 7.41 17.01 -10.38
CA GLU B 415 7.92 16.56 -11.67
C GLU B 415 8.45 17.76 -12.43
N PRO B 416 9.72 18.13 -12.23
CA PRO B 416 10.26 19.34 -12.86
C PRO B 416 10.29 19.26 -14.38
N ILE B 417 9.75 20.30 -15.03
CA ILE B 417 9.74 20.31 -16.48
C ILE B 417 11.17 20.29 -17.01
N GLY B 418 11.40 19.53 -18.06
CA GLY B 418 12.70 19.46 -18.68
C GLY B 418 12.95 20.56 -19.70
N LYS B 419 14.23 20.90 -19.86
CA LYS B 419 14.61 21.89 -20.86
C LYS B 419 14.16 21.45 -22.25
N ASP B 420 14.11 20.15 -22.51
CA ASP B 420 13.69 19.66 -23.81
C ASP B 420 12.19 19.49 -23.92
N GLU B 421 11.43 19.81 -22.88
CA GLU B 421 9.97 19.72 -22.91
C GLU B 421 9.32 21.06 -23.14
N VAL B 422 10.11 22.04 -23.51
CA VAL B 422 9.67 23.41 -23.48
C VAL B 422 10.15 24.04 -24.79
N GLY B 423 9.49 25.11 -25.19
CA GLY B 423 9.87 25.74 -26.46
C GLY B 423 9.43 24.90 -27.65
N VAL B 424 10.30 24.80 -28.66
CA VAL B 424 9.95 24.16 -29.93
C VAL B 424 11.02 23.15 -30.30
N SER B 425 10.58 22.04 -30.90
CA SER B 425 11.55 21.03 -31.31
C SER B 425 12.34 21.46 -32.53
N TRP B 426 11.83 22.41 -33.30
CA TRP B 426 12.45 22.73 -34.59
C TRP B 426 13.46 23.87 -34.53
N TYR B 427 13.77 24.41 -33.35
CA TYR B 427 14.75 25.50 -33.20
C TYR B 427 15.70 25.13 -32.06
N PRO B 428 17.00 25.00 -32.31
CA PRO B 428 17.89 24.48 -31.28
C PRO B 428 18.13 25.45 -30.13
N LYS B 429 18.36 24.90 -28.95
CA LYS B 429 18.76 25.65 -27.76
C LYS B 429 20.27 25.53 -27.66
N VAL B 430 20.98 26.65 -27.82
CA VAL B 430 22.43 26.63 -27.98
C VAL B 430 23.09 27.41 -26.84
N GLU B 431 24.42 27.34 -26.82
CA GLU B 431 25.21 28.08 -25.86
C GLU B 431 25.34 29.54 -26.31
N PRO B 432 25.19 30.49 -25.40
CA PRO B 432 25.16 31.90 -25.80
C PRO B 432 26.52 32.50 -26.12
N ASP B 433 27.60 31.98 -25.53
CA ASP B 433 28.91 32.61 -25.63
C ASP B 433 29.89 31.71 -26.37
N VAL B 434 30.83 32.33 -27.08
CA VAL B 434 31.98 31.62 -27.64
C VAL B 434 33.06 31.52 -26.57
N ALA B 435 33.47 30.30 -26.24
CA ALA B 435 34.53 30.12 -25.27
C ALA B 435 35.88 30.51 -25.88
N PHE B 436 36.74 31.13 -25.06
CA PHE B 436 38.08 31.46 -25.54
C PHE B 436 38.83 30.19 -25.91
N GLY B 437 39.53 30.23 -27.05
CA GLY B 437 40.31 29.08 -27.45
C GLY B 437 39.52 27.87 -27.88
N SER B 438 38.24 28.04 -28.23
CA SER B 438 37.46 26.94 -28.75
C SER B 438 37.70 26.71 -30.24
N GLY B 439 38.41 27.62 -30.91
CA GLY B 439 38.68 27.49 -32.34
C GLY B 439 40.00 26.82 -32.62
N LYS B 440 40.67 27.28 -33.68
CA LYS B 440 41.96 26.74 -34.09
C LYS B 440 43.09 27.67 -33.68
N HIS B 441 44.30 27.13 -33.73
CA HIS B 441 45.52 27.91 -33.50
C HIS B 441 46.10 28.34 -34.83
N ILE B 442 46.45 29.63 -34.91
CA ILE B 442 46.92 30.26 -36.15
C ILE B 442 48.25 30.92 -35.86
N ALA B 443 49.26 30.58 -36.66
CA ALA B 443 50.58 31.16 -36.52
C ALA B 443 50.63 32.52 -37.20
N VAL B 444 51.28 33.48 -36.55
CA VAL B 444 51.45 34.83 -37.08
C VAL B 444 52.93 35.16 -37.00
N SER B 445 53.43 35.85 -38.02
CA SER B 445 54.80 36.33 -38.11
C SER B 445 54.85 37.85 -38.08
N PRO B 446 56.00 38.43 -37.68
CA PRO B 446 56.25 39.87 -37.83
C PRO B 446 56.09 40.31 -39.29
N GLY B 447 55.85 41.59 -39.59
CA GLY B 447 55.69 42.62 -38.59
C GLY B 447 54.97 43.91 -38.99
N ASP B 448 54.49 44.02 -40.23
CA ASP B 448 53.84 45.24 -40.73
C ASP B 448 52.38 44.95 -41.10
N ASN B 449 51.47 45.27 -40.18
CA ASN B 449 50.03 44.97 -40.30
C ASN B 449 49.76 43.48 -40.52
N THR B 450 50.66 42.62 -40.06
CA THR B 450 50.38 41.18 -40.05
C THR B 450 49.43 40.78 -38.93
N LEU B 451 49.49 41.48 -37.81
CA LEU B 451 48.50 41.25 -36.76
C LEU B 451 47.12 41.68 -37.22
N PHE B 452 47.04 42.81 -37.92
CA PHE B 452 45.77 43.27 -38.49
C PHE B 452 45.16 42.21 -39.40
N ASP B 453 45.96 41.65 -40.31
CA ASP B 453 45.42 40.71 -41.30
C ASP B 453 45.02 39.38 -40.66
N ALA B 454 45.81 38.88 -39.70
CA ALA B 454 45.47 37.63 -39.03
C ALA B 454 44.15 37.76 -38.28
N ILE B 455 43.93 38.90 -37.61
CA ILE B 455 42.68 39.09 -36.88
C ILE B 455 41.52 39.09 -37.86
N ALA B 456 41.67 39.80 -38.97
CA ALA B 456 40.61 39.90 -39.95
C ALA B 456 40.16 38.52 -40.43
N SER B 457 41.12 37.65 -40.74
CA SER B 457 40.76 36.37 -41.35
C SER B 457 40.52 35.27 -40.33
N ALA B 458 40.80 35.50 -39.05
CA ALA B 458 40.54 34.46 -38.06
C ALA B 458 39.04 34.25 -37.89
N GLU B 459 38.70 33.12 -37.27
CA GLU B 459 37.33 32.78 -36.95
C GLU B 459 37.14 32.90 -35.43
N THR B 460 35.89 33.08 -35.03
CA THR B 460 35.59 33.31 -33.62
C THR B 460 36.02 32.10 -32.79
N GLY B 461 36.69 32.38 -31.68
CA GLY B 461 37.23 31.34 -30.85
C GLY B 461 38.68 30.97 -31.12
N ASP B 462 39.29 31.52 -32.17
CA ASP B 462 40.63 31.11 -32.60
C ASP B 462 41.71 31.66 -31.67
N VAL B 463 42.92 31.13 -31.82
CA VAL B 463 44.07 31.57 -31.05
C VAL B 463 45.15 32.00 -32.01
N LEU B 464 45.56 33.25 -31.91
CA LEU B 464 46.65 33.81 -32.69
C LEU B 464 47.94 33.62 -31.90
N VAL B 465 48.90 32.89 -32.46
CA VAL B 465 50.15 32.63 -31.76
C VAL B 465 51.24 33.45 -32.46
N LEU B 466 51.78 34.43 -31.75
CA LEU B 466 52.70 35.38 -32.37
C LEU B 466 54.12 34.83 -32.28
N GLN B 467 54.75 34.62 -33.42
CA GLN B 467 56.16 34.26 -33.45
C GLN B 467 57.00 35.44 -32.98
N ALA B 468 58.20 35.13 -32.47
CA ALA B 468 59.11 36.15 -31.98
C ALA B 468 59.37 37.20 -33.04
N GLY B 469 59.54 38.45 -32.60
CA GLY B 469 59.83 39.58 -33.47
C GLY B 469 58.96 40.78 -33.13
N GLU B 470 58.94 41.74 -34.04
CA GLU B 470 58.29 43.03 -33.82
C GLU B 470 57.02 43.13 -34.66
N TYR B 471 55.98 43.69 -34.06
CA TYR B 471 54.67 43.81 -34.71
C TYR B 471 54.28 45.28 -34.73
N TRP B 472 54.51 45.93 -35.85
CA TRP B 472 54.19 47.33 -36.02
C TRP B 472 52.76 47.43 -36.53
N VAL B 473 51.97 48.27 -35.86
CA VAL B 473 50.52 48.33 -36.05
C VAL B 473 50.18 49.76 -36.44
N SER B 474 50.00 50.01 -37.73
CA SER B 474 49.63 51.34 -38.20
C SER B 474 48.13 51.46 -38.50
N LYS B 475 47.38 50.38 -38.33
CA LYS B 475 45.92 50.39 -38.41
C LYS B 475 45.36 49.86 -37.09
N ILE B 476 44.22 50.41 -36.67
CA ILE B 476 43.61 49.97 -35.42
C ILE B 476 43.10 48.54 -35.56
N LEU B 477 43.37 47.74 -34.53
CA LEU B 477 42.93 46.35 -34.47
C LEU B 477 41.53 46.33 -33.88
N SER B 478 40.53 46.13 -34.72
CA SER B 478 39.15 46.08 -34.25
C SER B 478 38.71 44.62 -34.17
N LEU B 479 38.24 44.23 -32.99
CA LEU B 479 37.79 42.88 -32.70
C LEU B 479 36.27 42.81 -32.75
N ASP B 480 35.74 42.00 -33.67
CA ASP B 480 34.31 41.68 -33.70
C ASP B 480 34.07 40.18 -33.57
N LYS B 481 35.00 39.48 -32.92
CA LYS B 481 34.86 38.06 -32.66
C LYS B 481 35.58 37.75 -31.37
N THR B 482 35.43 36.53 -30.88
CA THR B 482 36.18 36.07 -29.73
C THR B 482 37.56 35.59 -30.17
N LEU B 483 38.61 36.11 -29.54
CA LEU B 483 39.95 35.84 -30.03
C LEU B 483 40.94 35.84 -28.88
N THR B 484 41.99 35.03 -29.03
CA THR B 484 43.14 35.07 -28.14
C THR B 484 44.38 35.47 -28.93
N ILE B 485 45.20 36.35 -28.36
CA ILE B 485 46.47 36.72 -28.95
C ILE B 485 47.54 36.34 -27.96
N ARG B 486 48.36 35.37 -28.32
CA ARG B 486 49.28 34.70 -27.41
C ARG B 486 50.67 34.74 -28.01
N ALA B 487 51.66 35.04 -27.19
CA ALA B 487 53.03 34.97 -27.66
C ALA B 487 53.49 33.52 -27.67
N GLN B 488 54.10 33.09 -28.77
CA GLN B 488 54.73 31.78 -28.81
C GLN B 488 55.65 31.58 -27.61
N GLU B 489 56.45 32.60 -27.31
CA GLU B 489 57.31 32.59 -26.13
C GLU B 489 57.14 33.93 -25.42
N LYS B 490 56.66 33.88 -24.19
CA LYS B 490 56.35 35.08 -23.43
C LYS B 490 57.50 36.08 -23.47
N GLY B 491 57.23 37.26 -24.03
CA GLY B 491 58.19 38.34 -24.04
C GLY B 491 59.01 38.50 -25.31
N SER B 492 58.86 37.61 -26.27
CA SER B 492 59.59 37.72 -27.52
C SER B 492 58.72 38.27 -28.65
N ALA B 493 57.43 38.45 -28.42
CA ALA B 493 56.57 39.13 -29.37
C ALA B 493 56.31 40.53 -28.84
N VAL B 494 56.76 41.54 -29.57
CA VAL B 494 56.69 42.92 -29.13
C VAL B 494 55.78 43.68 -30.07
N ILE B 495 54.78 44.35 -29.51
CA ILE B 495 53.76 45.06 -30.29
C ILE B 495 53.98 46.56 -30.14
N PHE B 496 54.08 47.26 -31.28
CA PHE B 496 54.36 48.69 -31.33
C PHE B 496 53.16 49.42 -31.91
N PRO B 497 52.29 50.00 -31.08
CA PRO B 497 51.20 50.81 -31.63
C PRO B 497 51.74 52.08 -32.27
N GLN B 498 51.15 52.43 -33.42
CA GLN B 498 51.45 53.70 -34.07
C GLN B 498 50.20 54.56 -34.24
N ARG B 499 49.03 54.06 -33.85
CA ARG B 499 47.79 54.82 -33.85
C ARG B 499 47.42 55.22 -32.42
N SER B 500 46.43 56.09 -32.31
CA SER B 500 46.00 56.50 -30.97
C SER B 500 45.35 55.37 -30.20
N THR B 501 44.89 54.34 -30.89
CA THR B 501 44.37 53.12 -30.28
C THR B 501 45.11 51.93 -30.84
N LEU B 502 45.45 50.97 -29.99
CA LEU B 502 45.95 49.70 -30.49
C LEU B 502 44.81 48.73 -30.78
N ILE B 503 43.94 48.49 -29.80
CA ILE B 503 42.86 47.51 -29.89
C ILE B 503 41.53 48.16 -29.57
N GLU B 504 40.56 47.99 -30.45
CA GLU B 504 39.19 48.39 -30.23
C GLU B 504 38.32 47.14 -30.11
N ILE B 505 37.57 47.01 -29.01
CA ILE B 505 36.69 45.87 -28.81
C ILE B 505 35.30 46.25 -29.31
N ASN B 506 34.86 45.63 -30.40
CA ASN B 506 33.56 45.92 -30.97
C ASN B 506 32.51 44.91 -30.49
N ASN B 507 31.28 45.08 -30.98
CA ASN B 507 30.22 44.12 -30.74
C ASN B 507 30.68 42.73 -31.14
N LYS B 508 30.47 41.76 -30.25
CA LYS B 508 30.89 40.36 -30.40
C LYS B 508 32.40 40.19 -30.24
N GLY B 509 33.15 41.28 -30.04
CA GLY B 509 34.53 41.13 -29.66
C GLY B 509 34.64 40.67 -28.21
N ASN B 510 35.52 39.70 -27.99
CA ASN B 510 35.99 39.33 -26.65
C ASN B 510 37.46 38.98 -26.80
N LEU B 511 38.27 39.34 -25.81
CA LEU B 511 39.71 39.32 -26.03
C LEU B 511 40.46 38.73 -24.85
N THR B 512 41.42 37.85 -25.15
CA THR B 512 42.44 37.42 -24.21
C THR B 512 43.80 37.79 -24.76
N LEU B 513 44.63 38.43 -23.93
CA LEU B 513 46.02 38.69 -24.26
C LEU B 513 46.88 37.85 -23.31
N ASP B 514 47.86 37.13 -23.86
CA ASP B 514 48.62 36.14 -23.09
C ASP B 514 50.10 36.23 -23.48
N GLY B 515 50.93 36.75 -22.58
CA GLY B 515 52.34 36.78 -22.84
C GLY B 515 52.80 37.80 -23.85
N VAL B 516 51.96 38.76 -24.23
CA VAL B 516 52.38 39.79 -25.17
C VAL B 516 53.09 40.92 -24.42
N TYR B 517 53.94 41.63 -25.14
CA TYR B 517 54.65 42.79 -24.64
C TYR B 517 54.30 43.94 -25.56
N VAL B 518 53.93 45.07 -24.97
CA VAL B 518 53.56 46.25 -25.75
C VAL B 518 54.45 47.40 -25.33
N ASP B 519 55.08 48.02 -26.32
CA ASP B 519 55.88 49.22 -26.14
C ASP B 519 55.18 50.33 -26.92
N ALA B 520 54.61 51.29 -26.20
CA ALA B 520 53.80 52.34 -26.81
C ALA B 520 54.62 53.56 -27.19
N THR B 521 55.95 53.44 -27.19
CA THR B 521 56.85 54.57 -27.45
C THR B 521 56.49 55.33 -28.71
N ASN B 522 56.06 54.65 -29.77
CA ASN B 522 55.89 55.27 -31.08
C ASN B 522 54.44 55.62 -31.40
N ALA B 523 53.55 55.59 -30.42
CA ALA B 523 52.18 56.06 -30.60
C ALA B 523 52.17 57.55 -30.94
N PRO B 524 51.07 58.07 -31.49
CA PRO B 524 51.04 59.48 -31.88
C PRO B 524 51.21 60.42 -30.69
N ASP B 525 51.90 61.54 -30.96
CA ASP B 525 52.19 62.56 -29.95
C ASP B 525 50.95 63.42 -29.77
N ALA B 526 49.97 62.88 -29.05
CA ALA B 526 48.73 63.58 -28.78
C ALA B 526 48.19 63.13 -27.43
N ALA B 527 47.58 64.06 -26.73
CA ALA B 527 46.94 63.75 -25.46
C ALA B 527 45.71 62.89 -25.69
N GLY B 528 45.41 62.05 -24.70
CA GLY B 528 44.22 61.23 -24.75
C GLY B 528 44.31 59.96 -25.55
N ASN B 529 45.51 59.44 -25.82
CA ASN B 529 45.63 58.12 -26.43
C ASN B 529 45.02 57.06 -25.51
N THR B 530 44.52 55.98 -26.11
CA THR B 530 43.87 54.88 -25.39
C THR B 530 44.37 53.57 -25.99
N LEU B 531 45.24 52.85 -25.28
CA LEU B 531 45.83 51.65 -25.87
C LEU B 531 44.76 50.64 -26.24
N ILE B 532 43.85 50.35 -25.30
CA ILE B 532 42.76 49.40 -25.49
C ILE B 532 41.46 50.08 -25.07
N ARG B 533 40.39 49.85 -25.82
CA ARG B 533 39.11 50.46 -25.51
C ARG B 533 38.02 49.66 -26.17
N THR B 534 36.79 49.88 -25.73
CA THR B 534 35.67 49.47 -26.57
C THR B 534 35.56 50.43 -27.73
N THR B 535 34.76 50.04 -28.71
CA THR B 535 34.23 51.02 -29.64
C THR B 535 33.56 52.14 -28.85
N ARG B 536 33.58 53.34 -29.41
CA ARG B 536 32.88 54.45 -28.80
C ARG B 536 31.42 54.53 -29.24
N LEU B 537 31.01 53.74 -30.23
CA LEU B 537 29.61 53.60 -30.58
C LEU B 537 28.90 52.81 -29.48
N PRO B 538 27.69 53.21 -29.06
CA PRO B 538 27.00 52.47 -28.00
C PRO B 538 26.89 51.00 -28.34
N MET B 539 27.40 50.11 -27.52
CA MET B 539 27.45 48.71 -27.88
C MET B 539 26.07 48.07 -27.74
N GLN B 540 25.85 47.02 -28.52
CA GLN B 540 24.65 46.20 -28.43
C GLN B 540 24.76 45.09 -27.41
N ARG B 541 25.96 44.81 -26.89
CA ARG B 541 26.26 43.52 -26.30
C ARG B 541 27.42 43.69 -25.32
N ASN B 542 27.49 42.81 -24.32
CA ASN B 542 28.58 42.87 -23.36
C ASN B 542 29.87 42.33 -23.96
N TYR B 543 30.98 42.45 -23.22
CA TYR B 543 32.25 41.94 -23.72
C TYR B 543 33.07 41.39 -22.56
N ARG B 544 34.06 40.55 -22.88
CA ARG B 544 34.98 40.01 -21.90
C ARG B 544 36.41 40.39 -22.26
N LEU B 545 37.23 40.61 -21.23
CA LEU B 545 38.63 40.97 -21.43
C LEU B 545 39.48 40.29 -20.39
N ALA B 546 40.46 39.49 -20.84
CA ALA B 546 41.38 38.80 -19.95
C ALA B 546 42.80 39.12 -20.37
N ILE B 547 43.61 39.58 -19.42
CA ILE B 547 45.01 39.97 -19.67
C ILE B 547 45.90 39.16 -18.75
N LYS B 548 46.78 38.35 -19.34
CA LYS B 548 47.58 37.38 -18.61
C LYS B 548 49.03 37.44 -19.04
N ASN B 549 49.94 37.39 -18.08
CA ASN B 549 51.36 37.19 -18.36
C ASN B 549 51.91 38.21 -19.35
N SER B 550 51.38 39.42 -19.37
CA SER B 550 51.76 40.40 -20.38
C SER B 550 52.39 41.64 -19.75
N THR B 551 53.06 42.41 -20.61
CA THR B 551 53.79 43.60 -20.20
C THR B 551 53.43 44.77 -21.10
N PHE B 552 53.14 45.92 -20.48
CA PHE B 552 52.72 47.13 -21.20
C PHE B 552 53.49 48.31 -20.65
N GLU B 553 54.17 49.04 -21.54
CA GLU B 553 55.15 50.05 -21.11
C GLU B 553 55.17 51.24 -22.07
N ASN B 554 55.51 52.40 -21.51
CA ASN B 554 55.81 53.59 -22.30
C ASN B 554 54.55 54.15 -22.97
N LEU B 555 53.47 54.21 -22.20
CA LEU B 555 52.28 54.98 -22.56
C LEU B 555 52.43 56.40 -22.02
N ASP B 556 53.47 57.10 -22.52
CA ASP B 556 53.81 58.39 -21.95
C ASP B 556 54.38 59.40 -22.94
N ILE B 557 54.15 59.24 -24.24
CA ILE B 557 54.61 60.25 -25.19
C ILE B 557 53.94 61.58 -24.92
N ASN B 558 52.72 61.58 -24.38
CA ASN B 558 51.96 62.79 -24.11
C ASN B 558 51.03 62.49 -22.93
N HIS B 559 50.33 63.52 -22.45
CA HIS B 559 49.57 63.27 -21.23
C HIS B 559 48.26 62.52 -21.54
N SER B 560 47.65 62.01 -20.48
CA SER B 560 46.37 61.30 -20.56
C SER B 560 46.42 60.15 -21.56
N TYR B 561 47.49 59.37 -21.51
CA TYR B 561 47.58 58.14 -22.29
C TYR B 561 47.04 57.02 -21.41
N HIS B 562 45.82 56.59 -21.71
CA HIS B 562 45.16 55.59 -20.88
C HIS B 562 45.44 54.19 -21.38
N PHE B 563 45.49 53.25 -20.45
CA PHE B 563 45.58 51.85 -20.86
C PHE B 563 44.25 51.32 -21.37
N PHE B 564 43.18 51.47 -20.60
CA PHE B 564 41.87 50.96 -21.04
C PHE B 564 40.77 51.99 -20.80
N ASP B 565 39.99 52.28 -21.86
CA ASP B 565 38.96 53.31 -21.83
C ASP B 565 37.60 52.73 -22.23
N ALA B 566 36.70 52.57 -21.27
CA ALA B 566 35.38 52.04 -21.59
C ALA B 566 34.54 53.06 -22.33
N GLY B 567 33.80 52.60 -23.34
CA GLY B 567 32.88 53.50 -24.01
C GLY B 567 31.63 53.75 -23.19
N ASN B 568 30.96 54.86 -23.50
CA ASN B 568 29.70 55.17 -22.82
C ASN B 568 28.69 54.05 -23.06
N ARG B 569 28.08 53.58 -21.98
CA ARG B 569 27.05 52.55 -22.01
C ARG B 569 27.62 51.19 -22.44
N SER B 570 28.91 50.96 -22.21
CA SER B 570 29.54 49.69 -22.48
C SER B 570 29.58 48.85 -21.20
N PHE B 571 29.76 47.55 -21.36
CA PHE B 571 29.64 46.68 -20.19
C PHE B 571 30.52 45.46 -20.34
N ALA B 572 31.49 45.32 -19.45
CA ALA B 572 32.32 44.13 -19.42
C ALA B 572 31.72 43.12 -18.46
N ASP B 573 31.34 41.95 -19.00
CA ASP B 573 31.00 40.83 -18.12
C ASP B 573 32.14 40.55 -17.15
N TYR B 574 33.38 40.65 -17.62
CA TYR B 574 34.50 40.67 -16.69
C TYR B 574 35.72 41.30 -17.34
N ILE B 575 36.55 41.89 -16.51
CA ILE B 575 37.89 42.31 -16.88
C ILE B 575 38.83 41.63 -15.89
N GLU B 576 39.75 40.82 -16.40
CA GLU B 576 40.61 40.04 -15.52
C GLU B 576 42.06 40.27 -15.91
N VAL B 577 42.88 40.64 -14.92
CA VAL B 577 44.31 40.87 -15.13
C VAL B 577 45.10 39.98 -14.17
N GLN B 578 45.98 39.15 -14.73
CA GLN B 578 46.77 38.20 -13.96
C GLN B 578 48.22 38.28 -14.37
N ASP B 579 49.12 38.33 -13.39
CA ASP B 579 50.56 38.20 -13.62
C ASP B 579 51.06 39.13 -14.73
N SER B 580 50.64 40.38 -14.68
CA SER B 580 50.99 41.31 -15.74
C SER B 580 51.73 42.53 -15.20
N GLN B 581 52.43 43.23 -16.08
CA GLN B 581 53.24 44.37 -15.68
C GLN B 581 52.89 45.59 -16.51
N PHE B 582 52.82 46.74 -15.85
CA PHE B 582 52.43 48.00 -16.44
C PHE B 582 53.40 49.07 -15.93
N LYS B 583 54.01 49.81 -16.85
CA LYS B 583 55.05 50.75 -16.45
C LYS B 583 55.02 51.99 -17.34
N HIS B 584 55.13 53.17 -16.73
CA HIS B 584 55.27 54.45 -17.44
C HIS B 584 54.03 54.80 -18.26
N ILE B 585 52.95 55.18 -17.58
CA ILE B 585 51.67 55.44 -18.20
C ILE B 585 51.17 56.76 -17.64
N THR B 586 50.87 57.72 -18.51
CA THR B 586 50.45 59.03 -18.02
C THR B 586 48.96 59.12 -17.69
N GLY B 587 48.11 58.32 -18.32
CA GLY B 587 46.69 58.32 -18.03
C GLY B 587 46.31 57.37 -16.91
N ASP B 588 45.04 56.95 -16.94
CA ASP B 588 44.53 55.93 -16.02
C ASP B 588 44.76 54.54 -16.61
N LEU B 589 44.79 53.54 -15.72
CA LEU B 589 44.83 52.14 -16.17
C LEU B 589 43.45 51.69 -16.68
N PHE B 590 42.42 51.76 -15.84
CA PHE B 590 41.08 51.32 -16.20
C PHE B 590 40.07 52.43 -15.93
N ARG B 591 39.45 52.94 -16.98
CA ARG B 591 38.44 53.99 -16.87
C ARG B 591 37.08 53.35 -17.03
N LEU B 592 36.44 53.05 -15.91
CA LEU B 592 35.18 52.33 -15.85
C LEU B 592 34.12 53.18 -15.17
N ASN B 593 34.12 54.47 -15.49
CA ASN B 593 33.36 55.46 -14.72
C ASN B 593 32.61 56.40 -15.63
N LYS B 594 32.08 55.92 -16.74
CA LYS B 594 31.48 56.81 -17.71
C LYS B 594 30.03 57.15 -17.43
N GLU B 595 29.35 56.39 -16.58
CA GLU B 595 27.90 56.50 -16.42
C GLU B 595 27.57 57.44 -15.27
N THR B 596 27.76 58.73 -15.53
CA THR B 596 27.64 59.76 -14.52
C THR B 596 26.21 60.30 -14.37
N ASP B 597 25.25 59.84 -15.17
CA ASP B 597 23.88 60.33 -15.03
C ASP B 597 23.07 59.67 -13.91
N ASP B 598 23.67 58.78 -13.12
CA ASP B 598 23.08 58.23 -11.89
C ASP B 598 21.73 57.55 -12.14
N LEU B 599 21.65 56.74 -13.19
CA LEU B 599 20.49 55.91 -13.45
C LEU B 599 20.73 54.46 -13.08
N GLY B 600 21.69 54.20 -12.21
CA GLY B 600 21.99 52.84 -11.80
C GLY B 600 22.77 52.02 -12.79
N ILE B 601 23.24 52.63 -13.89
CA ILE B 601 24.00 51.94 -14.93
C ILE B 601 25.48 51.94 -14.56
N TYR B 602 26.18 50.86 -14.92
CA TYR B 602 27.62 50.77 -14.70
C TYR B 602 28.28 50.02 -15.86
N ASN B 603 29.62 49.95 -15.82
CA ASN B 603 30.45 49.53 -16.94
C ASN B 603 31.11 48.16 -16.76
N VAL B 604 31.05 47.54 -15.58
CA VAL B 604 31.75 46.27 -15.38
C VAL B 604 31.14 45.46 -14.25
N GLU B 605 30.92 44.16 -14.48
CA GLU B 605 30.44 43.28 -13.42
C GLU B 605 31.57 42.83 -12.49
N TYR B 606 32.65 42.28 -13.05
CA TYR B 606 33.81 41.84 -12.26
C TYR B 606 35.06 42.49 -12.81
N LEU B 607 35.76 43.26 -11.97
CA LEU B 607 37.11 43.76 -12.22
C LEU B 607 38.06 43.03 -11.28
N THR B 608 39.04 42.32 -11.83
CA THR B 608 39.97 41.55 -11.01
C THR B 608 41.41 41.79 -11.47
N ILE B 609 42.29 42.14 -10.53
CA ILE B 609 43.70 42.31 -10.80
C ILE B 609 44.48 41.57 -9.72
N GLU B 610 45.33 40.63 -10.13
CA GLU B 610 46.06 39.82 -9.16
C GLU B 610 47.48 39.56 -9.66
N ASN B 611 48.40 39.40 -8.69
CA ASN B 611 49.80 39.04 -8.96
C ASN B 611 50.42 39.93 -10.03
N SER B 612 50.04 41.20 -10.05
CA SER B 612 50.46 42.08 -11.13
C SER B 612 51.24 43.23 -10.56
N ASN B 613 51.91 43.97 -11.44
CA ASN B 613 52.81 45.04 -11.05
C ASN B 613 52.51 46.29 -11.87
N VAL B 614 52.27 47.41 -11.17
CA VAL B 614 52.06 48.70 -11.80
C VAL B 614 53.04 49.70 -11.20
N SER B 615 53.78 50.38 -12.06
CA SER B 615 54.75 51.35 -11.58
C SER B 615 54.72 52.59 -12.46
N ASP B 616 54.81 53.76 -11.83
CA ASP B 616 54.88 55.03 -12.56
C ASP B 616 53.63 55.22 -13.43
N LEU B 617 52.49 55.33 -12.74
CA LEU B 617 51.19 55.54 -13.36
C LEU B 617 50.59 56.81 -12.76
N GLN B 618 50.41 57.84 -13.60
CA GLN B 618 49.95 59.10 -13.05
C GLN B 618 48.49 59.05 -12.67
N GLY B 619 47.67 58.30 -13.41
CA GLY B 619 46.27 58.18 -13.10
C GLY B 619 45.97 57.05 -12.13
N ALA B 620 44.69 56.71 -12.05
CA ALA B 620 44.25 55.70 -11.11
C ALA B 620 44.36 54.31 -11.73
N ILE B 621 44.65 53.33 -10.87
CA ILE B 621 44.53 51.93 -11.29
C ILE B 621 43.16 51.68 -11.90
N ALA B 622 42.10 52.09 -11.19
CA ALA B 622 40.77 51.98 -11.74
C ALA B 622 39.91 53.10 -11.16
N LYS B 623 39.01 53.61 -12.00
CA LYS B 623 37.93 54.49 -11.58
C LYS B 623 36.64 53.77 -11.96
N VAL B 624 35.88 53.31 -10.98
CA VAL B 624 34.64 52.62 -11.33
C VAL B 624 33.48 53.21 -10.52
N TYR B 625 32.39 53.45 -11.23
CA TYR B 625 31.31 54.32 -10.79
C TYR B 625 29.99 53.65 -11.14
N ARG B 626 29.08 53.63 -10.17
CA ARG B 626 27.69 53.25 -10.36
C ARG B 626 26.88 54.21 -9.51
N GLY B 627 26.17 55.12 -10.15
CA GLY B 627 25.52 56.20 -9.46
C GLY B 627 24.05 55.96 -9.22
N GLY B 628 23.51 56.67 -8.24
CA GLY B 628 22.10 56.64 -7.94
C GLY B 628 21.79 55.73 -6.78
N THR B 629 20.51 55.39 -6.67
CA THR B 629 20.00 54.67 -5.51
C THR B 629 19.34 53.33 -5.91
N ASP B 630 19.77 52.71 -7.01
CA ASP B 630 19.19 51.45 -7.44
C ASP B 630 19.75 50.27 -6.64
N GLU B 631 18.91 49.26 -6.41
CA GLU B 631 19.29 48.04 -5.70
C GLU B 631 18.90 46.80 -6.49
N SER B 632 18.96 46.90 -7.82
CA SER B 632 18.50 45.86 -8.71
C SER B 632 19.62 45.04 -9.30
N THR B 633 20.86 45.31 -8.92
CA THR B 633 22.01 44.70 -9.55
C THR B 633 22.93 44.15 -8.48
N PHE B 634 23.98 43.47 -8.92
CA PHE B 634 24.92 42.89 -7.98
C PHE B 634 26.31 43.47 -8.08
N GLY B 635 26.65 44.14 -9.18
CA GLY B 635 27.99 44.68 -9.35
C GLY B 635 28.08 46.20 -9.28
N PRO B 636 29.28 46.76 -9.49
CA PRO B 636 30.55 46.06 -9.75
C PRO B 636 31.17 45.36 -8.55
N HIS B 637 31.92 44.30 -8.83
CA HIS B 637 32.80 43.63 -7.89
C HIS B 637 34.22 44.03 -8.26
N VAL B 638 34.99 44.51 -7.30
CA VAL B 638 36.37 44.93 -7.55
C VAL B 638 37.28 44.15 -6.61
N VAL B 639 38.12 43.29 -7.17
CA VAL B 639 38.95 42.38 -6.38
C VAL B 639 40.39 42.56 -6.82
N MET B 640 41.26 42.97 -5.90
CA MET B 640 42.66 43.15 -6.20
C MET B 640 43.52 42.52 -5.11
N ASN B 641 44.28 41.50 -5.49
CA ASN B 641 45.07 40.73 -4.54
C ASN B 641 46.49 40.57 -5.03
N ASN B 642 47.45 40.63 -4.10
CA ASN B 642 48.83 40.23 -4.36
C ASN B 642 49.50 41.05 -5.46
N ASN B 643 49.15 42.34 -5.57
CA ASN B 643 49.78 43.19 -6.55
C ASN B 643 50.82 44.07 -5.88
N ILE B 644 51.69 44.66 -6.71
CA ILE B 644 52.63 45.67 -6.26
C ILE B 644 52.34 46.94 -7.04
N PHE B 645 51.93 47.99 -6.32
CA PHE B 645 51.61 49.29 -6.88
C PHE B 645 52.62 50.30 -6.38
N ASN B 646 53.29 50.96 -7.30
CA ASN B 646 54.37 51.88 -6.95
C ASN B 646 54.26 53.15 -7.77
N GLU B 647 54.26 54.29 -7.09
CA GLU B 647 54.19 55.61 -7.72
C GLU B 647 52.96 55.71 -8.63
N VAL B 648 51.78 55.57 -8.02
CA VAL B 648 50.52 55.50 -8.74
C VAL B 648 49.60 56.61 -8.26
N GLY B 649 48.97 57.30 -9.20
CA GLY B 649 47.83 58.12 -8.87
C GLY B 649 48.15 59.54 -8.47
N LYS B 650 49.40 59.96 -8.51
CA LYS B 650 49.82 61.28 -8.09
C LYS B 650 49.90 62.29 -9.22
N GLY B 651 49.45 61.95 -10.42
CA GLY B 651 49.51 62.89 -11.52
C GLY B 651 48.65 64.12 -11.28
N LYS B 652 49.10 65.27 -11.79
CA LYS B 652 48.37 66.51 -11.56
C LYS B 652 47.04 66.54 -12.28
N ARG B 653 46.82 65.69 -13.28
CA ARG B 653 45.52 65.66 -13.94
C ARG B 653 44.56 64.62 -13.35
N ASN B 654 44.97 63.87 -12.33
CA ASN B 654 44.07 62.90 -11.70
C ASN B 654 43.24 63.63 -10.64
N LYS B 655 42.04 64.07 -11.03
CA LYS B 655 41.19 64.85 -10.12
C LYS B 655 40.69 64.03 -8.95
N SER B 656 40.58 62.71 -9.11
CA SER B 656 40.17 61.84 -8.00
C SER B 656 41.20 61.83 -6.88
N ALA B 657 42.46 62.19 -7.16
CA ALA B 657 43.53 62.14 -6.18
C ALA B 657 43.57 60.76 -5.50
N ALA B 658 43.31 59.72 -6.27
CA ALA B 658 43.23 58.37 -5.75
C ALA B 658 43.98 57.41 -6.66
N SER B 659 44.55 56.36 -6.07
CA SER B 659 45.05 55.25 -6.89
C SER B 659 43.91 54.32 -7.28
N LEU B 660 42.79 54.45 -6.59
CA LEU B 660 41.63 53.61 -6.77
C LEU B 660 40.45 54.42 -6.24
N ILE B 661 39.48 54.74 -7.09
CA ILE B 661 38.28 55.41 -6.60
C ILE B 661 37.05 54.62 -7.02
N LEU B 662 36.24 54.24 -6.04
CA LEU B 662 35.25 53.19 -6.18
C LEU B 662 33.92 53.71 -5.62
N HIS B 663 33.00 54.05 -6.51
CA HIS B 663 31.75 54.70 -6.16
C HIS B 663 30.60 53.76 -6.49
N GLY B 664 29.84 53.37 -5.48
CA GLY B 664 28.71 52.50 -5.74
C GLY B 664 29.07 51.08 -6.08
N THR B 665 30.31 50.67 -5.82
CA THR B 665 30.71 49.29 -6.06
C THR B 665 30.27 48.43 -4.89
N GLN B 666 29.73 47.25 -5.20
CA GLN B 666 29.00 46.48 -4.20
C GLN B 666 29.84 45.41 -3.51
N VAL B 667 30.93 44.95 -4.12
CA VAL B 667 31.86 44.03 -3.48
C VAL B 667 33.28 44.54 -3.73
N ASN B 668 34.00 44.83 -2.67
CA ASN B 668 35.35 45.36 -2.74
C ASN B 668 36.26 44.52 -1.87
N LYS B 669 37.30 43.96 -2.46
CA LYS B 669 38.24 43.12 -1.73
C LYS B 669 39.65 43.44 -2.20
N MET B 670 40.47 43.96 -1.31
CA MET B 670 41.86 44.22 -1.62
C MET B 670 42.71 43.61 -0.52
N THR B 671 43.42 42.55 -0.85
CA THR B 671 44.18 41.80 0.12
C THR B 671 45.60 41.63 -0.38
N THR B 672 46.56 41.67 0.54
CA THR B 672 47.94 41.24 0.26
C THR B 672 48.62 42.11 -0.83
N ASN B 673 48.26 43.38 -0.95
CA ASN B 673 48.90 44.25 -1.92
C ASN B 673 49.97 45.10 -1.24
N GLU B 674 50.95 45.52 -2.03
CA GLU B 674 51.87 46.59 -1.67
C GLU B 674 51.45 47.86 -2.39
N PHE B 675 51.14 48.91 -1.64
CA PHE B 675 50.94 50.24 -2.18
C PHE B 675 52.13 51.09 -1.75
N ASN B 676 52.98 51.45 -2.69
CA ASN B 676 54.17 52.21 -2.37
C ASN B 676 54.14 53.57 -3.06
N ASN B 677 54.32 54.63 -2.25
CA ASN B 677 54.43 56.00 -2.73
C ASN B 677 53.29 56.37 -3.68
N SER B 678 52.06 56.11 -3.24
CA SER B 678 50.90 56.23 -4.11
C SER B 678 49.79 57.04 -3.47
N ALA B 679 48.91 57.54 -4.33
CA ALA B 679 47.66 58.13 -3.87
C ALA B 679 46.80 57.06 -3.20
N PRO B 680 45.91 57.44 -2.29
CA PRO B 680 45.18 56.44 -1.50
C PRO B 680 44.03 55.82 -2.28
N ILE B 681 43.56 54.67 -1.76
CA ILE B 681 42.28 54.10 -2.12
C ILE B 681 41.15 54.95 -1.56
N ILE B 682 40.11 55.20 -2.36
CA ILE B 682 38.96 55.96 -1.89
C ILE B 682 37.68 55.20 -2.23
N PHE B 683 36.88 54.93 -1.21
CA PHE B 683 35.56 54.33 -1.35
C PHE B 683 34.50 55.42 -1.21
N GLU B 684 33.51 55.40 -2.07
CA GLU B 684 32.39 56.28 -2.02
C GLU B 684 31.27 55.29 -2.01
N LEU B 685 30.76 54.96 -0.84
CA LEU B 685 29.74 53.96 -0.72
C LEU B 685 28.42 54.60 -1.06
N THR B 686 27.51 53.84 -1.62
CA THR B 686 26.13 54.23 -1.81
C THR B 686 25.11 53.32 -1.11
N VAL B 687 23.99 53.05 -1.71
CA VAL B 687 22.98 52.21 -1.17
C VAL B 687 23.27 50.74 -1.35
N GLY B 688 22.46 49.89 -0.77
CA GLY B 688 22.60 48.46 -0.92
C GLY B 688 23.56 47.71 -0.04
N GLU B 689 23.99 48.31 1.04
CA GLU B 689 24.86 47.65 2.02
C GLU B 689 26.07 46.99 1.36
N PRO B 690 26.90 47.75 0.64
CA PRO B 690 28.09 47.17 0.00
C PRO B 690 28.99 46.47 1.00
N LYS B 691 29.74 45.48 0.51
CA LYS B 691 30.65 44.69 1.33
C LYS B 691 32.08 45.03 0.94
N THR B 692 32.89 45.44 1.90
CA THR B 692 34.22 45.94 1.65
C THR B 692 35.20 45.28 2.62
N TRP B 693 36.31 44.79 2.08
CA TRP B 693 37.30 44.03 2.83
C TRP B 693 38.68 44.46 2.34
N VAL B 694 39.41 45.21 3.16
CA VAL B 694 40.79 45.63 2.87
C VAL B 694 41.66 45.16 4.02
N THR B 695 42.40 44.07 3.82
CA THR B 695 43.19 43.48 4.89
C THR B 695 44.50 42.97 4.33
N GLY B 696 45.51 42.91 5.20
CA GLY B 696 46.79 42.35 4.81
C GLY B 696 47.64 43.17 3.86
N ASN B 697 47.30 44.44 3.62
CA ASN B 697 48.06 45.24 2.67
C ASN B 697 49.16 46.04 3.35
N VAL B 698 50.19 46.36 2.58
CA VAL B 698 51.23 47.31 2.98
C VAL B 698 50.96 48.65 2.30
N PHE B 699 50.76 49.70 3.09
CA PHE B 699 50.60 51.06 2.62
C PHE B 699 51.84 51.84 3.04
N GLU B 700 52.83 51.88 2.14
CA GLU B 700 54.14 52.46 2.43
C GLU B 700 54.33 53.73 1.61
N GLY B 701 54.37 54.86 2.30
CA GLY B 701 54.30 56.15 1.62
C GLY B 701 52.97 56.37 0.93
N THR B 702 51.92 55.70 1.39
CA THR B 702 50.59 55.77 0.81
C THR B 702 49.60 55.97 1.94
N PRO B 703 48.74 56.99 1.88
CA PRO B 703 47.77 57.19 2.96
C PRO B 703 46.79 56.01 3.08
N GLU B 704 46.29 55.82 4.31
CA GLU B 704 45.24 54.84 4.64
C GLU B 704 44.05 55.03 3.72
N PRO B 705 43.29 53.99 3.43
CA PRO B 705 42.11 54.15 2.57
C PRO B 705 41.15 55.18 3.15
N VAL B 706 40.51 55.92 2.26
CA VAL B 706 39.55 56.94 2.60
C VAL B 706 38.15 56.39 2.36
N VAL B 707 37.28 56.50 3.36
CA VAL B 707 35.91 56.04 3.25
C VAL B 707 35.00 57.26 3.28
N ARG B 708 34.23 57.45 2.22
CA ARG B 708 33.19 58.46 2.17
C ARG B 708 31.85 57.75 2.11
N ASP B 709 30.98 58.02 3.06
CA ASP B 709 29.69 57.35 3.10
C ASP B 709 28.62 58.32 2.65
N LEU B 710 28.18 58.13 1.42
CA LEU B 710 27.21 58.99 0.80
C LEU B 710 25.77 58.74 1.12
N PHE B 711 25.49 57.83 2.02
CA PHE B 711 24.12 57.49 2.33
C PHE B 711 24.04 57.03 3.75
N PRO B 712 24.49 57.94 4.70
CA PRO B 712 24.42 57.45 6.09
C PRO B 712 23.14 56.70 6.59
N LEU B 713 23.34 55.53 7.22
CA LEU B 713 24.66 54.96 7.38
C LEU B 713 25.27 54.65 5.98
N SER B 714 24.55 53.98 5.09
CA SER B 714 23.20 53.46 5.37
C SER B 714 23.17 52.03 5.80
N GLY B 715 24.33 51.43 5.96
CA GLY B 715 24.37 50.07 6.39
C GLY B 715 25.50 49.28 5.81
N ALA B 716 26.49 49.96 5.28
CA ALA B 716 27.64 49.27 4.69
C ALA B 716 28.36 48.41 5.73
N THR B 717 28.87 47.27 5.28
CA THR B 717 29.74 46.44 6.10
C THR B 717 31.15 46.57 5.55
N THR B 718 32.03 47.24 6.30
CA THR B 718 33.34 47.67 5.84
C THR B 718 34.40 47.23 6.83
N THR B 719 35.33 46.40 6.37
CA THR B 719 36.38 45.84 7.22
C THR B 719 37.73 46.25 6.67
N ILE B 720 38.34 47.26 7.29
CA ILE B 720 39.67 47.75 6.92
C ILE B 720 40.52 47.63 8.17
N SER B 721 41.39 46.62 8.20
CA SER B 721 42.16 46.27 9.37
C SER B 721 43.26 45.34 8.94
N GLY B 722 44.16 45.04 9.87
CA GLY B 722 45.29 44.20 9.56
C GLY B 722 46.18 44.72 8.46
N ASN B 723 46.20 46.03 8.23
CA ASN B 723 47.14 46.59 7.27
C ASN B 723 48.31 47.26 7.98
N THR B 724 49.43 47.35 7.26
CA THR B 724 50.63 48.00 7.74
C THR B 724 50.72 49.38 7.10
N VAL B 725 50.70 50.43 7.92
CA VAL B 725 50.77 51.81 7.44
C VAL B 725 52.18 52.32 7.71
N LEU B 726 52.97 52.39 6.64
CA LEU B 726 54.41 52.65 6.65
C LEU B 726 55.19 51.51 7.27
N ALA C 1 11.91 6.04 -13.67
CA ALA C 1 11.06 5.93 -12.49
C ALA C 1 9.94 4.90 -12.69
N ASP C 2 9.30 4.49 -11.60
CA ASP C 2 8.25 3.46 -11.60
C ASP C 2 6.88 4.12 -11.52
N LEU C 3 6.19 4.17 -12.66
CA LEU C 3 4.89 4.83 -12.78
C LEU C 3 3.82 3.75 -12.75
N LEU C 4 3.40 3.39 -11.54
CA LEU C 4 2.41 2.34 -11.33
C LEU C 4 1.02 2.86 -11.60
N VAL C 5 0.33 2.18 -12.51
CA VAL C 5 -0.90 2.69 -13.09
C VAL C 5 -2.01 1.62 -12.97
N LYS C 6 -3.23 2.06 -12.62
CA LYS C 6 -4.32 1.12 -12.35
C LYS C 6 -5.55 1.27 -13.26
N THR C 7 -5.55 2.21 -14.21
CA THR C 7 -6.63 2.34 -15.17
C THR C 7 -6.05 2.65 -16.53
N PRO C 8 -6.81 2.42 -17.60
CA PRO C 8 -6.38 2.93 -18.91
C PRO C 8 -6.13 4.43 -18.92
N GLU C 9 -6.91 5.18 -18.15
CA GLU C 9 -6.76 6.63 -18.09
C GLU C 9 -5.43 7.01 -17.48
N ALA C 10 -5.12 6.44 -16.33
CA ALA C 10 -3.85 6.73 -15.71
C ALA C 10 -2.68 6.24 -16.58
N TYR C 11 -2.88 5.14 -17.34
CA TYR C 11 -1.85 4.73 -18.30
C TYR C 11 -1.60 5.82 -19.32
N ASP C 12 -2.66 6.42 -19.86
CA ASP C 12 -2.50 7.53 -20.80
C ASP C 12 -1.64 8.64 -20.20
N GLN C 13 -1.89 8.96 -18.94
CA GLN C 13 -1.17 10.00 -18.22
C GLN C 13 0.29 9.63 -18.16
N ALA C 14 0.58 8.54 -17.50
CA ALA C 14 1.92 8.03 -17.38
C ALA C 14 2.66 8.07 -18.68
N LEU C 15 2.04 7.62 -19.74
CA LEU C 15 2.68 7.57 -21.03
C LEU C 15 3.10 8.89 -21.58
N LYS C 16 2.32 9.90 -21.30
CA LYS C 16 2.58 11.24 -21.82
C LYS C 16 3.76 11.89 -21.14
N LYS C 17 4.04 11.45 -19.94
CA LYS C 17 5.14 11.98 -19.19
C LYS C 17 6.31 11.00 -19.04
N ALA C 18 6.27 9.89 -19.72
CA ALA C 18 7.30 8.90 -19.57
C ALA C 18 8.57 9.40 -20.19
N LYS C 19 9.67 9.17 -19.50
CA LYS C 19 10.94 9.61 -20.02
C LYS C 19 11.90 8.46 -20.16
N PRO C 20 12.92 8.60 -21.01
CA PRO C 20 13.92 7.53 -21.08
C PRO C 20 14.36 7.03 -19.72
N GLY C 21 14.17 5.74 -19.50
CA GLY C 21 14.52 5.11 -18.25
C GLY C 21 13.36 4.83 -17.34
N ASP C 22 12.15 5.21 -17.71
CA ASP C 22 10.98 4.98 -16.87
C ASP C 22 10.36 3.60 -17.14
N ASP C 23 9.56 3.16 -16.17
CA ASP C 23 8.84 1.88 -16.23
C ASP C 23 7.36 2.16 -15.96
N ILE C 24 6.53 2.04 -16.97
CA ILE C 24 5.08 2.05 -16.74
C ILE C 24 4.66 0.64 -16.32
N ILE C 25 4.00 0.54 -15.17
CA ILE C 25 3.71 -0.75 -14.55
C ILE C 25 2.20 -0.92 -14.42
N LEU C 26 1.65 -1.86 -15.18
CA LEU C 26 0.24 -2.21 -15.02
C LEU C 26 0.04 -2.99 -13.73
N ALA C 27 -0.93 -2.58 -12.93
CA ALA C 27 -1.15 -3.19 -11.63
C ALA C 27 -1.83 -4.55 -11.75
N ASN C 28 -1.59 -5.42 -10.77
CA ASN C 28 -2.08 -6.79 -10.82
C ASN C 28 -3.59 -6.82 -10.89
N GLY C 29 -4.12 -7.63 -11.81
CA GLY C 29 -5.54 -7.77 -11.99
C GLY C 29 -5.85 -8.01 -13.45
N THR C 30 -7.14 -7.91 -13.78
CA THR C 30 -7.65 -8.21 -15.11
C THR C 30 -8.01 -6.93 -15.84
N TRP C 31 -7.36 -6.70 -16.97
CA TRP C 31 -7.61 -5.54 -17.82
C TRP C 31 -8.38 -5.99 -19.06
N ARG C 32 -9.70 -5.92 -18.99
CA ARG C 32 -10.56 -6.34 -20.09
C ARG C 32 -10.70 -5.22 -21.13
N ASP C 33 -10.64 -5.60 -22.41
CA ASP C 33 -10.84 -4.70 -23.54
C ASP C 33 -9.86 -3.52 -23.54
N PHE C 34 -8.58 -3.81 -23.35
CA PHE C 34 -7.54 -2.79 -23.27
C PHE C 34 -6.68 -2.83 -24.53
N GLU C 35 -6.97 -1.92 -25.47
CA GLU C 35 -6.14 -1.76 -26.67
C GLU C 35 -4.96 -0.86 -26.32
N VAL C 36 -3.86 -1.49 -25.93
CA VAL C 36 -2.66 -0.78 -25.50
C VAL C 36 -1.93 -0.24 -26.72
N LEU C 37 -1.81 1.07 -26.80
CA LEU C 37 -0.89 1.72 -27.74
C LEU C 37 0.27 2.27 -26.92
N PHE C 38 1.45 1.74 -27.15
CA PHE C 38 2.64 2.04 -26.37
C PHE C 38 3.59 2.78 -27.30
N GLU C 39 3.37 4.08 -27.42
CA GLU C 39 4.13 4.95 -28.31
C GLU C 39 4.99 5.88 -27.47
N ALA C 40 6.30 5.81 -27.68
CA ALA C 40 7.27 6.53 -26.86
C ALA C 40 8.64 6.41 -27.52
N LYS C 41 9.58 7.21 -27.03
CA LYS C 41 10.94 7.24 -27.56
C LYS C 41 11.91 7.13 -26.40
N GLY C 42 12.59 6.01 -26.29
CA GLY C 42 13.58 5.80 -25.27
C GLY C 42 14.97 6.05 -25.81
N ASN C 43 15.97 5.73 -25.02
CA ASN C 43 17.37 5.87 -25.43
C ASN C 43 18.06 4.53 -25.40
N GLU C 44 19.02 4.34 -26.27
CA GLU C 44 19.78 3.12 -26.27
C GLU C 44 20.29 2.76 -24.88
N ASN C 45 20.52 3.74 -24.03
CA ASN C 45 21.01 3.46 -22.70
C ASN C 45 19.93 3.32 -21.68
N LYS C 46 18.83 4.03 -21.89
CA LYS C 46 17.69 4.01 -21.00
C LYS C 46 16.42 3.80 -21.81
N PRO C 47 15.87 2.61 -21.72
CA PRO C 47 14.65 2.35 -22.47
C PRO C 47 13.41 2.67 -21.63
N ILE C 48 12.33 2.95 -22.33
CA ILE C 48 11.03 3.06 -21.68
C ILE C 48 10.39 1.69 -21.67
N THR C 49 9.99 1.22 -20.49
CA THR C 49 9.48 -0.12 -20.30
C THR C 49 7.99 -0.09 -19.94
N LEU C 50 7.22 -1.01 -20.52
CA LEU C 50 5.85 -1.28 -20.13
C LEU C 50 5.78 -2.71 -19.62
N ARG C 51 5.45 -2.89 -18.35
CA ARG C 51 5.47 -4.22 -17.79
C ARG C 51 4.37 -4.36 -16.75
N GLY C 52 4.01 -5.61 -16.48
CA GLY C 52 3.05 -5.90 -15.44
C GLY C 52 3.70 -5.94 -14.08
N GLN C 53 2.93 -5.54 -13.06
CA GLN C 53 3.42 -5.50 -11.70
C GLN C 53 4.07 -6.82 -11.29
N THR C 54 3.30 -7.89 -11.24
CA THR C 54 3.82 -9.22 -10.93
C THR C 54 3.56 -10.14 -12.13
N PRO C 55 4.58 -10.43 -12.94
CA PRO C 55 4.38 -11.30 -14.10
C PRO C 55 3.62 -12.56 -13.72
N GLY C 56 2.51 -12.80 -14.41
CA GLY C 56 1.61 -13.88 -14.06
C GLY C 56 0.36 -13.45 -13.34
N LYS C 57 0.26 -12.18 -12.91
CA LYS C 57 -0.94 -11.66 -12.30
C LYS C 57 -1.56 -10.49 -13.06
N VAL C 58 -0.97 -10.07 -14.17
CA VAL C 58 -1.52 -9.01 -15.01
C VAL C 58 -2.05 -9.63 -16.29
N PHE C 59 -3.37 -9.72 -16.41
CA PHE C 59 -4.05 -10.31 -17.55
C PHE C 59 -4.69 -9.22 -18.41
N LEU C 60 -4.47 -9.31 -19.71
CA LEU C 60 -5.19 -8.50 -20.69
C LEU C 60 -6.16 -9.44 -21.41
N THR C 61 -7.45 -9.22 -21.19
CA THR C 61 -8.49 -10.14 -21.61
C THR C 61 -9.49 -9.42 -22.52
N GLY C 62 -10.51 -10.15 -22.95
CA GLY C 62 -11.46 -9.61 -23.92
C GLY C 62 -10.78 -9.09 -25.17
N GLN C 63 -11.31 -8.00 -25.71
CA GLN C 63 -10.79 -7.42 -26.95
C GLN C 63 -9.61 -6.48 -26.64
N SER C 64 -8.52 -7.08 -26.19
CA SER C 64 -7.27 -6.39 -25.92
C SER C 64 -6.26 -6.67 -27.03
N ASN C 65 -5.30 -5.75 -27.18
CA ASN C 65 -4.16 -5.91 -28.07
C ASN C 65 -3.04 -4.95 -27.63
N LEU C 66 -1.96 -4.92 -28.40
CA LEU C 66 -0.78 -4.17 -28.00
C LEU C 66 -0.03 -3.72 -29.24
N ARG C 67 0.27 -2.43 -29.31
CA ARG C 67 1.00 -1.85 -30.42
C ARG C 67 2.18 -1.08 -29.86
N LEU C 68 3.38 -1.34 -30.39
CA LEU C 68 4.59 -0.61 -30.05
C LEU C 68 4.90 0.37 -31.17
N ALA C 69 5.34 1.57 -30.80
CA ALA C 69 5.72 2.56 -31.78
C ALA C 69 6.74 3.51 -31.17
N GLY C 70 7.73 3.88 -31.98
CA GLY C 70 8.85 4.66 -31.48
C GLY C 70 10.15 3.87 -31.49
N GLU C 71 10.91 3.91 -30.39
CA GLU C 71 12.16 3.18 -30.34
C GLU C 71 12.62 2.99 -28.91
N HIS C 72 13.49 1.99 -28.74
CA HIS C 72 14.06 1.61 -27.45
C HIS C 72 12.96 1.41 -26.42
N LEU C 73 11.98 0.60 -26.80
CA LEU C 73 10.88 0.21 -25.94
C LEU C 73 11.07 -1.23 -25.47
N ILE C 74 10.51 -1.55 -24.30
CA ILE C 74 10.49 -2.90 -23.77
C ILE C 74 9.12 -3.17 -23.16
N VAL C 75 8.46 -4.24 -23.59
CA VAL C 75 7.24 -4.74 -22.94
C VAL C 75 7.54 -6.10 -22.34
N SER C 76 7.10 -6.33 -21.11
CA SER C 76 7.40 -7.59 -20.45
C SER C 76 6.32 -7.94 -19.43
N GLY C 77 6.23 -9.23 -19.14
CA GLY C 77 5.40 -9.74 -18.04
C GLY C 77 3.90 -9.55 -18.15
N LEU C 78 3.34 -9.72 -19.35
CA LEU C 78 1.90 -9.66 -19.56
C LEU C 78 1.36 -11.03 -19.99
N VAL C 79 0.11 -11.32 -19.63
CA VAL C 79 -0.59 -12.54 -20.03
C VAL C 79 -1.84 -12.13 -20.79
N PHE C 80 -1.92 -12.53 -22.06
CA PHE C 80 -3.12 -12.32 -22.88
C PHE C 80 -3.94 -13.61 -22.89
N LYS C 81 -5.16 -13.56 -22.35
CA LYS C 81 -6.01 -14.75 -22.31
C LYS C 81 -7.47 -14.33 -22.23
N ASP C 82 -8.35 -15.32 -22.36
CA ASP C 82 -9.80 -15.10 -22.26
C ASP C 82 -10.25 -13.95 -23.15
N GLY C 83 -9.82 -14.00 -24.40
CA GLY C 83 -10.16 -12.94 -25.32
C GLY C 83 -9.61 -13.22 -26.70
N TYR C 84 -9.58 -12.16 -27.50
CA TYR C 84 -9.07 -12.17 -28.86
C TYR C 84 -8.98 -10.74 -29.33
N THR C 85 -8.05 -10.47 -30.22
CA THR C 85 -7.81 -9.09 -30.65
C THR C 85 -8.95 -8.60 -31.51
N PRO C 86 -9.40 -7.35 -31.33
CA PRO C 86 -10.37 -6.75 -32.26
C PRO C 86 -9.75 -6.30 -33.57
N THR C 87 -8.41 -6.25 -33.68
CA THR C 87 -7.79 -5.78 -34.90
C THR C 87 -7.23 -6.97 -35.68
N GLY C 88 -6.26 -6.70 -36.54
CA GLY C 88 -5.58 -7.75 -37.28
C GLY C 88 -4.54 -8.51 -36.48
N GLU C 89 -4.07 -7.98 -35.35
CA GLU C 89 -2.97 -8.60 -34.62
C GLU C 89 -3.10 -8.40 -33.12
N VAL C 90 -2.56 -9.37 -32.36
CA VAL C 90 -2.53 -9.24 -30.90
C VAL C 90 -1.39 -8.33 -30.48
N ILE C 91 -0.18 -8.58 -30.97
CA ILE C 91 1.00 -7.76 -30.69
C ILE C 91 1.58 -7.29 -32.01
N ALA C 92 1.68 -5.98 -32.19
CA ALA C 92 2.22 -5.39 -33.41
C ALA C 92 3.35 -4.43 -33.07
N PHE C 93 4.46 -4.52 -33.79
CA PHE C 93 5.59 -3.60 -33.61
C PHE C 93 5.41 -2.36 -34.48
N ARG C 94 4.23 -1.76 -34.43
CA ARG C 94 3.92 -0.57 -35.20
C ARG C 94 2.64 0.02 -34.65
N ARG C 95 2.47 1.32 -34.87
CA ARG C 95 1.16 1.93 -34.68
C ARG C 95 0.29 1.69 -35.89
N ASN C 96 0.86 1.90 -37.07
CA ASN C 96 0.23 1.72 -38.36
C ASN C 96 1.36 1.73 -39.39
N LYS C 97 1.01 1.66 -40.67
CA LYS C 97 2.01 1.49 -41.71
C LYS C 97 3.03 2.62 -41.73
N ASP C 98 2.68 3.79 -41.20
CA ASP C 98 3.54 4.97 -41.27
C ASP C 98 4.31 5.23 -40.00
N VAL C 99 3.99 4.57 -38.89
CA VAL C 99 4.66 4.79 -37.62
C VAL C 99 5.03 3.41 -37.05
N LEU C 100 6.28 3.04 -37.19
CA LEU C 100 6.80 1.73 -36.86
C LEU C 100 7.47 1.74 -35.48
N ALA C 101 8.03 0.61 -35.10
CA ALA C 101 8.81 0.49 -33.88
C ALA C 101 10.13 -0.17 -34.23
N SER C 102 11.23 0.39 -33.72
CA SER C 102 12.56 -0.15 -33.93
C SER C 102 13.27 -0.23 -32.60
N HIS C 103 14.34 -1.01 -32.56
CA HIS C 103 15.16 -1.17 -31.35
C HIS C 103 14.28 -1.43 -30.12
N SER C 104 13.23 -2.22 -30.30
CA SER C 104 12.30 -2.49 -29.22
C SER C 104 12.20 -3.98 -28.98
N ARG C 105 11.72 -4.33 -27.79
CA ARG C 105 11.79 -5.69 -27.31
C ARG C 105 10.48 -6.06 -26.65
N VAL C 106 9.94 -7.22 -27.01
CA VAL C 106 8.82 -7.83 -26.30
C VAL C 106 9.33 -9.13 -25.69
N THR C 107 9.28 -9.24 -24.38
CA THR C 107 9.93 -10.35 -23.71
C THR C 107 9.09 -10.79 -22.53
N GLN C 108 9.06 -12.09 -22.29
CA GLN C 108 8.30 -12.68 -21.18
C GLN C 108 6.82 -12.30 -21.24
N VAL C 109 6.18 -12.40 -22.40
CA VAL C 109 4.74 -12.27 -22.40
C VAL C 109 4.10 -13.54 -22.93
N VAL C 110 2.96 -13.89 -22.34
CA VAL C 110 2.20 -15.08 -22.68
C VAL C 110 1.02 -14.67 -23.54
N ILE C 111 0.78 -15.41 -24.62
CA ILE C 111 -0.50 -15.42 -25.30
C ILE C 111 -1.02 -16.84 -25.23
N ASP C 112 -2.15 -17.04 -24.55
CA ASP C 112 -2.65 -18.37 -24.22
C ASP C 112 -4.09 -18.47 -24.70
N ASN C 113 -4.29 -19.20 -25.80
CA ASN C 113 -5.60 -19.51 -26.33
C ASN C 113 -6.46 -18.27 -26.54
N PHE C 114 -5.80 -17.20 -26.97
CA PHE C 114 -6.41 -15.92 -27.25
C PHE C 114 -7.01 -15.90 -28.67
N SER C 115 -7.83 -16.91 -29.00
CA SER C 115 -8.26 -17.15 -30.38
C SER C 115 -9.57 -16.47 -30.73
N ASN C 116 -9.66 -15.99 -31.94
CA ASN C 116 -10.92 -15.51 -32.49
C ASN C 116 -11.98 -16.61 -32.35
N PRO C 117 -13.24 -16.24 -32.07
CA PRO C 117 -14.28 -17.28 -31.95
C PRO C 117 -14.52 -18.09 -33.21
N GLU C 118 -14.16 -17.59 -34.38
CA GLU C 118 -14.36 -18.27 -35.66
C GLU C 118 -13.03 -18.72 -36.21
N LYS C 119 -12.90 -20.02 -36.50
CA LYS C 119 -11.64 -20.55 -36.99
C LYS C 119 -11.19 -19.86 -38.27
N PHE C 120 -12.12 -19.38 -39.10
CA PHE C 120 -11.70 -18.83 -40.38
C PHE C 120 -11.92 -17.33 -40.46
N GLU C 121 -12.08 -16.68 -39.32
CA GLU C 121 -11.81 -15.25 -39.20
C GLU C 121 -10.32 -15.11 -38.91
N GLN C 122 -9.57 -14.69 -39.91
CA GLN C 122 -8.10 -14.69 -39.84
C GLN C 122 -7.58 -13.57 -38.95
N ASP C 123 -6.53 -13.86 -38.18
CA ASP C 123 -5.72 -12.83 -37.55
C ASP C 123 -4.32 -13.39 -37.32
N SER C 124 -3.49 -12.61 -36.68
CA SER C 124 -2.12 -12.98 -36.36
C SER C 124 -1.83 -12.62 -34.92
N TRP C 125 -1.06 -13.45 -34.23
CA TRP C 125 -0.82 -13.12 -32.83
C TRP C 125 0.33 -12.12 -32.67
N VAL C 126 1.40 -12.25 -33.43
CA VAL C 126 2.54 -11.33 -33.36
C VAL C 126 2.99 -10.97 -34.77
N MET C 127 3.12 -9.67 -35.04
CA MET C 127 3.62 -9.15 -36.31
C MET C 127 4.73 -8.15 -36.07
N VAL C 128 5.91 -8.41 -36.64
CA VAL C 128 7.08 -7.56 -36.43
C VAL C 128 7.26 -6.64 -37.64
N TYR C 129 7.52 -5.37 -37.38
CA TYR C 129 7.85 -4.38 -38.40
C TYR C 129 9.14 -3.66 -37.99
N GLY C 130 9.61 -2.75 -38.83
CA GLY C 130 10.73 -1.93 -38.43
C GLY C 130 12.05 -2.69 -38.49
N ARG C 131 12.98 -2.31 -37.61
CA ARG C 131 14.31 -2.87 -37.61
C ARG C 131 14.84 -3.05 -36.18
N HIS C 132 15.73 -4.03 -36.03
CA HIS C 132 16.48 -4.26 -34.80
C HIS C 132 15.59 -4.47 -33.59
N ASN C 133 14.49 -5.19 -33.81
CA ASN C 133 13.59 -5.58 -32.73
C ASN C 133 13.93 -6.99 -32.25
N ARG C 134 13.48 -7.30 -31.05
CA ARG C 134 13.67 -8.61 -30.47
C ARG C 134 12.39 -9.11 -29.82
N PHE C 135 12.11 -10.40 -30.01
CA PHE C 135 10.96 -11.08 -29.45
C PHE C 135 11.51 -12.34 -28.77
N ASP C 136 11.59 -12.35 -27.44
CA ASP C 136 12.31 -13.42 -26.75
C ASP C 136 11.62 -13.82 -25.46
N HIS C 137 11.87 -15.08 -25.07
CA HIS C 137 11.38 -15.66 -23.82
C HIS C 137 9.87 -15.49 -23.67
N ASN C 138 9.16 -15.60 -24.78
CA ASN C 138 7.70 -15.53 -24.79
C ASN C 138 7.09 -16.93 -24.86
N HIS C 139 5.76 -17.00 -24.80
CA HIS C 139 5.05 -18.25 -24.59
C HIS C 139 3.73 -18.14 -25.35
N LEU C 140 3.68 -18.70 -26.57
CA LEU C 140 2.51 -18.63 -27.43
C LEU C 140 1.94 -20.02 -27.62
N VAL C 141 0.66 -20.21 -27.25
CA VAL C 141 0.07 -21.54 -27.28
C VAL C 141 -1.42 -21.44 -27.62
N GLY C 142 -1.86 -22.35 -28.48
CA GLY C 142 -3.27 -22.59 -28.66
C GLY C 142 -4.00 -21.76 -29.70
N LYS C 143 -3.33 -21.30 -30.74
CA LYS C 143 -4.01 -20.50 -31.76
C LYS C 143 -4.83 -21.43 -32.65
N ARG C 144 -6.15 -21.28 -32.62
CA ARG C 144 -6.99 -22.26 -33.30
C ARG C 144 -7.41 -21.82 -34.69
N ASN C 145 -7.24 -20.55 -35.04
CA ASN C 145 -7.85 -20.00 -36.23
C ASN C 145 -6.81 -19.72 -37.31
N LYS C 146 -7.32 -19.43 -38.51
CA LYS C 146 -6.50 -19.15 -39.66
C LYS C 146 -5.60 -17.96 -39.38
N GLY C 147 -4.38 -18.01 -39.90
CA GLY C 147 -3.50 -16.89 -39.66
C GLY C 147 -2.27 -17.38 -38.93
N VAL C 148 -1.11 -16.91 -39.41
CA VAL C 148 0.16 -17.31 -38.86
C VAL C 148 0.25 -16.83 -37.41
N THR C 149 0.87 -17.64 -36.56
CA THR C 149 1.00 -17.24 -35.16
C THR C 149 1.90 -16.01 -35.05
N MET C 150 3.01 -16.02 -35.77
CA MET C 150 3.97 -14.94 -35.76
C MET C 150 4.55 -14.74 -37.15
N ALA C 151 4.65 -13.48 -37.57
CA ALA C 151 5.30 -13.17 -38.82
C ALA C 151 6.19 -11.93 -38.69
N VAL C 152 7.17 -11.87 -39.56
CA VAL C 152 7.95 -10.66 -39.82
C VAL C 152 7.44 -10.06 -41.11
N ARG C 153 7.08 -8.78 -41.10
CA ARG C 153 6.61 -8.09 -42.29
C ARG C 153 7.74 -7.31 -42.96
N LEU C 154 7.69 -7.24 -44.27
CA LEU C 154 8.71 -6.61 -45.09
C LEU C 154 8.09 -5.69 -46.12
N THR C 155 7.03 -4.98 -45.74
CA THR C 155 6.24 -4.30 -46.75
C THR C 155 6.87 -3.01 -47.27
N THR C 156 7.75 -2.39 -46.49
CA THR C 156 8.52 -1.24 -46.95
C THR C 156 9.97 -1.44 -46.56
N GLU C 157 10.86 -0.67 -47.21
CA GLU C 157 12.28 -0.76 -46.90
C GLU C 157 12.55 -0.51 -45.43
N SER C 158 11.71 0.30 -44.78
CA SER C 158 11.87 0.54 -43.35
C SER C 158 11.72 -0.74 -42.53
N SER C 159 11.11 -1.77 -43.10
CA SER C 159 10.97 -3.04 -42.42
C SER C 159 11.88 -4.13 -42.98
N GLN C 160 12.45 -3.91 -44.16
CA GLN C 160 13.43 -4.84 -44.72
C GLN C 160 14.77 -4.68 -44.02
N GLN C 161 15.68 -5.61 -44.30
CA GLN C 161 17.04 -5.61 -43.72
C GLN C 161 16.97 -5.32 -42.23
N ASN C 162 16.20 -6.12 -41.52
CA ASN C 162 15.82 -5.73 -40.17
C ASN C 162 16.74 -6.28 -39.10
N HIS C 163 17.35 -7.43 -39.30
CA HIS C 163 18.17 -8.06 -38.27
C HIS C 163 17.37 -8.30 -36.98
N HIS C 164 16.05 -8.47 -37.12
CA HIS C 164 15.22 -8.86 -35.99
C HIS C 164 15.73 -10.16 -35.39
N ARG C 165 15.57 -10.29 -34.07
CA ARG C 165 16.00 -11.48 -33.34
C ARG C 165 14.82 -12.12 -32.62
N ILE C 166 14.63 -13.43 -32.84
CA ILE C 166 13.49 -14.19 -32.35
C ILE C 166 14.05 -15.39 -31.61
N ASP C 167 14.07 -15.36 -30.28
CA ASP C 167 14.87 -16.36 -29.58
C ASP C 167 14.28 -16.75 -28.23
N HIS C 168 14.51 -18.01 -27.87
CA HIS C 168 14.17 -18.53 -26.56
C HIS C 168 12.65 -18.49 -26.31
N ASN C 169 11.86 -18.57 -27.38
CA ASN C 169 10.41 -18.57 -27.26
C ASN C 169 9.86 -19.99 -27.19
N TYR C 170 8.78 -20.14 -26.45
CA TYR C 170 8.03 -21.39 -26.43
C TYR C 170 6.83 -21.23 -27.36
N PHE C 171 6.91 -21.87 -28.53
CA PHE C 171 5.75 -22.00 -29.40
C PHE C 171 5.11 -23.33 -29.05
N GLY C 172 4.13 -23.29 -28.16
CA GLY C 172 3.49 -24.49 -27.69
C GLY C 172 2.47 -25.02 -28.67
N PRO C 173 1.79 -26.09 -28.27
CA PRO C 173 0.88 -26.81 -29.18
C PRO C 173 -0.05 -25.88 -29.95
N ARG C 174 -0.08 -26.07 -31.28
CA ARG C 174 -1.05 -25.44 -32.15
C ARG C 174 -1.74 -26.55 -32.92
N PRO C 175 -3.06 -26.65 -32.88
CA PRO C 175 -3.74 -27.78 -33.53
C PRO C 175 -3.87 -27.58 -35.03
N ILE C 176 -4.24 -28.67 -35.69
CA ILE C 176 -4.50 -28.67 -37.12
C ILE C 176 -5.55 -27.62 -37.45
N LEU C 177 -5.24 -26.80 -38.44
CA LEU C 177 -6.17 -25.76 -38.90
C LEU C 177 -7.28 -26.35 -39.76
N GLY C 178 -6.93 -27.28 -40.64
CA GLY C 178 -7.86 -27.75 -41.62
C GLY C 178 -7.78 -27.02 -42.94
N SER C 179 -6.68 -26.30 -43.18
CA SER C 179 -6.44 -25.58 -44.42
C SER C 179 -5.04 -24.98 -44.41
N ASN C 180 -4.66 -24.31 -45.50
CA ASN C 180 -3.44 -23.53 -45.50
C ASN C 180 -3.62 -22.30 -44.60
N GLY C 181 -2.52 -21.79 -44.08
CA GLY C 181 -2.56 -20.63 -43.22
C GLY C 181 -2.41 -20.91 -41.74
N GLY C 182 -1.84 -22.05 -41.36
CA GLY C 182 -1.67 -22.39 -39.96
C GLY C 182 -0.22 -22.37 -39.54
N GLU C 183 0.60 -21.56 -40.19
CA GLU C 183 2.03 -21.52 -39.88
C GLU C 183 2.27 -20.98 -38.48
N THR C 184 3.33 -21.46 -37.85
CA THR C 184 3.72 -20.87 -36.57
C THR C 184 4.58 -19.63 -36.77
N LEU C 185 5.49 -19.63 -37.74
CA LEU C 185 6.39 -18.51 -37.96
C LEU C 185 6.57 -18.31 -39.46
N ARG C 186 6.31 -17.10 -39.94
CA ARG C 186 6.51 -16.73 -41.33
C ARG C 186 7.41 -15.52 -41.42
N ILE C 187 8.46 -15.59 -42.23
CA ILE C 187 9.38 -14.46 -42.38
C ILE C 187 9.22 -13.89 -43.78
N GLY C 188 8.38 -12.86 -43.90
CA GLY C 188 8.09 -12.26 -45.20
C GLY C 188 6.91 -12.91 -45.89
N THR C 189 6.63 -12.40 -47.09
CA THR C 189 5.59 -12.91 -47.95
C THR C 189 6.14 -12.99 -49.36
N SER C 190 5.41 -13.66 -50.24
CA SER C 190 5.86 -13.83 -51.61
C SER C 190 6.24 -12.50 -52.24
N HIS C 191 5.43 -11.46 -52.02
CA HIS C 191 5.62 -10.20 -52.73
C HIS C 191 6.94 -9.54 -52.38
N HIS C 192 7.48 -9.80 -51.19
CA HIS C 192 8.73 -9.20 -50.74
C HIS C 192 9.83 -10.24 -50.54
N SER C 193 9.68 -11.41 -51.14
CA SER C 193 10.56 -12.54 -50.87
C SER C 193 11.93 -12.39 -51.50
N LEU C 194 12.08 -11.47 -52.46
CA LEU C 194 13.38 -11.20 -53.06
C LEU C 194 14.15 -10.12 -52.31
N THR C 195 13.60 -9.59 -51.23
CA THR C 195 14.35 -8.66 -50.40
C THR C 195 15.07 -9.41 -49.29
N ASP C 196 16.14 -8.81 -48.78
CA ASP C 196 16.93 -9.42 -47.72
C ASP C 196 16.40 -8.96 -46.37
N SER C 197 16.12 -9.92 -45.50
CA SER C 197 15.53 -9.65 -44.20
C SER C 197 16.53 -9.72 -43.06
N PHE C 198 17.49 -10.65 -43.13
CA PHE C 198 18.55 -10.83 -42.12
C PHE C 198 17.98 -11.18 -40.74
N THR C 199 16.83 -11.85 -40.70
CA THR C 199 16.22 -12.19 -39.43
C THR C 199 16.94 -13.38 -38.79
N LEU C 200 17.17 -13.29 -37.48
CA LEU C 200 17.81 -14.36 -36.72
C LEU C 200 16.73 -15.07 -35.91
N VAL C 201 16.55 -16.36 -36.18
CA VAL C 201 15.55 -17.19 -35.50
C VAL C 201 16.32 -18.32 -34.82
N GLU C 202 16.42 -18.27 -33.48
CA GLU C 202 17.37 -19.14 -32.81
C GLU C 202 16.88 -19.55 -31.42
N ASN C 203 17.18 -20.79 -31.06
CA ASN C 203 16.97 -21.32 -29.71
C ASN C 203 15.51 -21.25 -29.27
N ASN C 204 14.60 -21.44 -30.20
CA ASN C 204 13.18 -21.57 -29.92
C ASN C 204 12.80 -23.04 -29.87
N TYR C 205 11.71 -23.31 -29.17
CA TYR C 205 11.19 -24.65 -29.00
C TYR C 205 9.79 -24.70 -29.59
N PHE C 206 9.61 -25.51 -30.60
CA PHE C 206 8.33 -25.68 -31.26
C PHE C 206 7.76 -27.01 -30.80
N ASP C 207 6.76 -26.95 -29.95
CA ASP C 207 6.20 -28.11 -29.26
C ASP C 207 4.84 -28.43 -29.86
N ARG C 208 4.79 -29.47 -30.69
CA ARG C 208 3.56 -29.91 -31.37
C ARG C 208 2.88 -28.76 -32.12
N CYS C 209 3.68 -27.99 -32.85
CA CYS C 209 3.13 -26.99 -33.76
C CYS C 209 2.60 -27.72 -34.98
N ASN C 210 1.29 -27.88 -35.03
CA ASN C 210 0.67 -28.81 -35.97
C ASN C 210 -0.28 -28.09 -36.92
N GLY C 211 -0.06 -26.80 -37.15
CA GLY C 211 -1.04 -26.01 -37.85
C GLY C 211 -1.26 -26.46 -39.28
N GLU C 212 -0.19 -26.89 -39.95
CA GLU C 212 -0.18 -27.15 -41.38
C GLU C 212 1.19 -27.67 -41.78
N VAL C 213 1.43 -27.91 -43.07
CA VAL C 213 2.71 -28.48 -43.49
C VAL C 213 3.91 -27.57 -43.12
N GLU C 214 3.72 -26.26 -43.06
CA GLU C 214 4.81 -25.34 -42.71
C GLU C 214 4.70 -24.93 -41.24
N ILE C 215 5.62 -25.43 -40.41
CA ILE C 215 5.84 -24.85 -39.09
C ILE C 215 6.44 -23.47 -39.23
N ILE C 216 7.62 -23.40 -39.86
CA ILE C 216 8.28 -22.17 -40.24
C ILE C 216 8.19 -22.04 -41.76
N SER C 217 7.74 -20.88 -42.23
CA SER C 217 7.64 -20.59 -43.65
C SER C 217 8.55 -19.40 -43.92
N ASN C 218 9.72 -19.68 -44.48
CA ASN C 218 10.70 -18.65 -44.79
C ASN C 218 10.39 -18.11 -46.18
N LYS C 219 10.05 -16.83 -46.25
CA LYS C 219 9.70 -16.17 -47.52
C LYS C 219 10.48 -14.87 -47.68
N SER C 220 11.79 -14.91 -47.44
CA SER C 220 12.65 -13.76 -47.72
C SER C 220 14.09 -14.23 -47.87
N GLY C 221 15.01 -13.29 -47.82
CA GLY C 221 16.40 -13.52 -48.21
C GLY C 221 17.33 -13.48 -47.01
N LYS C 222 18.28 -14.41 -46.99
CA LYS C 222 19.45 -14.33 -46.12
C LYS C 222 19.06 -14.30 -44.65
N ASN C 223 18.13 -15.16 -44.29
CA ASN C 223 17.79 -15.30 -42.88
C ASN C 223 18.61 -16.43 -42.29
N SER C 224 18.72 -16.41 -40.97
CA SER C 224 19.41 -17.46 -40.24
C SER C 224 18.43 -18.14 -39.31
N ILE C 225 18.16 -19.42 -39.54
CA ILE C 225 17.22 -20.19 -38.75
C ILE C 225 18.03 -21.33 -38.13
N ARG C 226 18.33 -21.22 -36.84
CA ARG C 226 19.40 -22.02 -36.26
C ARG C 226 19.05 -22.42 -34.83
N ASN C 227 19.59 -23.57 -34.42
CA ASN C 227 19.60 -23.96 -33.01
C ASN C 227 18.19 -24.07 -32.41
N ASN C 228 17.19 -24.37 -33.23
CA ASN C 228 15.83 -24.54 -32.75
C ASN C 228 15.52 -26.04 -32.59
N VAL C 229 14.55 -26.35 -31.73
CA VAL C 229 14.11 -27.72 -31.49
C VAL C 229 12.66 -27.83 -31.91
N PHE C 230 12.34 -28.87 -32.67
CA PHE C 230 10.97 -29.13 -33.12
C PHE C 230 10.55 -30.48 -32.56
N PHE C 231 9.59 -30.49 -31.66
CA PHE C 231 9.21 -31.69 -30.91
C PHE C 231 7.83 -32.14 -31.36
N GLU C 232 7.76 -33.30 -31.98
CA GLU C 232 6.51 -33.92 -32.43
C GLU C 232 5.65 -32.91 -33.17
N SER C 233 6.27 -32.14 -34.05
CA SER C 233 5.55 -31.11 -34.77
C SER C 233 5.15 -31.66 -36.11
N ARG C 234 3.86 -31.55 -36.40
CA ARG C 234 3.25 -32.14 -37.60
C ARG C 234 3.45 -31.22 -38.81
N GLY C 235 4.72 -31.02 -39.16
CA GLY C 235 5.03 -30.14 -40.27
C GLY C 235 6.52 -30.03 -40.47
N THR C 236 6.94 -28.92 -41.09
CA THR C 236 8.28 -28.80 -41.63
C THR C 236 8.82 -27.40 -41.40
N LEU C 237 10.14 -27.30 -41.53
CA LEU C 237 10.84 -26.03 -41.74
C LEU C 237 10.97 -25.87 -43.24
N THR C 238 10.19 -24.97 -43.84
CA THR C 238 10.14 -24.81 -45.28
C THR C 238 10.84 -23.50 -45.69
N LEU C 239 11.80 -23.62 -46.59
CA LEU C 239 12.38 -22.49 -47.29
C LEU C 239 11.49 -22.22 -48.50
N ARG C 240 10.43 -21.45 -48.28
CA ARG C 240 9.30 -21.41 -49.21
C ARG C 240 9.59 -20.49 -50.39
N HIS C 241 10.02 -19.26 -50.11
CA HIS C 241 10.34 -18.24 -51.09
C HIS C 241 11.60 -17.52 -50.61
N GLY C 242 12.37 -16.99 -51.54
CA GLY C 242 13.56 -16.24 -51.17
C GLY C 242 14.79 -17.12 -51.01
N ASN C 243 15.96 -16.48 -51.07
CA ASN C 243 17.24 -17.16 -51.31
C ASN C 243 18.29 -16.81 -50.27
N GLY C 244 19.35 -17.61 -50.23
CA GLY C 244 20.52 -17.28 -49.45
C GLY C 244 20.37 -17.47 -47.96
N ASN C 245 19.52 -18.40 -47.53
CA ASN C 245 19.24 -18.60 -46.12
C ASN C 245 20.07 -19.74 -45.55
N ILE C 246 20.34 -19.69 -44.26
CA ILE C 246 21.09 -20.74 -43.59
C ILE C 246 20.20 -21.42 -42.55
N VAL C 247 20.13 -22.74 -42.64
CA VAL C 247 19.37 -23.58 -41.74
C VAL C 247 20.36 -24.52 -41.07
N GLU C 248 20.67 -24.30 -39.79
CA GLU C 248 21.75 -25.04 -39.15
C GLU C 248 21.48 -25.27 -37.67
N ASN C 249 22.07 -26.33 -37.13
CA ASN C 249 22.05 -26.66 -35.71
C ASN C 249 20.63 -26.95 -35.18
N ASN C 250 19.67 -27.18 -36.06
CA ASN C 250 18.30 -27.47 -35.63
C ASN C 250 18.14 -28.96 -35.32
N VAL C 251 17.21 -29.26 -34.40
CA VAL C 251 16.95 -30.62 -33.93
C VAL C 251 15.47 -30.93 -34.07
N PHE C 252 15.16 -32.06 -34.71
CA PHE C 252 13.79 -32.50 -34.95
C PHE C 252 13.60 -33.85 -34.25
N PHE C 253 12.78 -33.89 -33.21
CA PHE C 253 12.40 -35.16 -32.56
C PHE C 253 10.97 -35.50 -32.98
N GLY C 254 10.84 -36.35 -34.00
CA GLY C 254 9.52 -36.74 -34.45
C GLY C 254 8.87 -37.78 -33.58
N ASN C 255 9.68 -38.67 -32.98
CA ASN C 255 9.19 -39.77 -32.14
C ASN C 255 8.21 -40.68 -32.87
N GLY C 256 8.35 -40.79 -34.19
CA GLY C 256 7.45 -41.63 -34.95
C GLY C 256 6.02 -41.13 -35.06
N VAL C 257 5.72 -39.89 -34.67
CA VAL C 257 4.36 -39.40 -34.74
C VAL C 257 3.98 -39.15 -36.20
N ASP C 258 2.73 -39.42 -36.52
CA ASP C 258 2.25 -39.34 -37.90
C ASP C 258 2.48 -37.94 -38.47
N HIS C 259 3.00 -37.89 -39.70
CA HIS C 259 3.16 -36.65 -40.47
C HIS C 259 4.13 -35.65 -39.82
N THR C 260 5.20 -36.11 -39.18
CA THR C 260 6.27 -35.23 -38.73
C THR C 260 7.30 -35.04 -39.84
N GLY C 261 7.61 -33.79 -40.20
CA GLY C 261 8.74 -33.44 -41.08
C GLY C 261 9.84 -32.80 -40.24
N GLY C 262 10.94 -32.27 -40.75
CA GLY C 262 11.27 -32.08 -42.13
C GLY C 262 11.96 -30.72 -42.36
N ILE C 263 12.99 -30.68 -43.19
CA ILE C 263 13.46 -29.46 -43.85
C ILE C 263 13.12 -29.58 -45.33
N ARG C 264 12.45 -28.58 -45.87
CA ARG C 264 12.05 -28.60 -47.28
C ARG C 264 12.80 -27.50 -48.02
N VAL C 265 13.46 -27.87 -49.11
CA VAL C 265 14.36 -26.98 -49.82
C VAL C 265 13.71 -26.54 -51.11
N ILE C 266 13.61 -25.24 -51.28
CA ILE C 266 13.10 -24.62 -52.46
C ILE C 266 13.97 -23.38 -52.65
N ASN C 267 14.01 -22.88 -53.87
CA ASN C 267 14.77 -21.71 -54.21
C ASN C 267 16.31 -21.88 -54.24
N ARG C 268 17.01 -20.77 -54.33
CA ARG C 268 18.45 -20.73 -54.47
C ARG C 268 19.34 -20.44 -53.29
N ASP C 269 20.57 -20.89 -53.41
CA ASP C 269 21.62 -20.65 -52.46
C ASP C 269 21.34 -20.96 -51.01
N GLN C 270 20.55 -21.96 -50.76
CA GLN C 270 20.23 -22.34 -49.38
C GLN C 270 21.32 -23.22 -48.80
N ILE C 271 21.64 -23.02 -47.53
CA ILE C 271 22.60 -23.85 -46.81
C ILE C 271 21.88 -24.59 -45.70
N ILE C 272 21.91 -25.92 -45.77
CA ILE C 272 21.30 -26.79 -44.78
C ILE C 272 22.41 -27.64 -44.16
N ARG C 273 22.86 -27.28 -42.96
CA ARG C 273 24.01 -27.99 -42.40
C ARG C 273 23.87 -28.22 -40.91
N ASN C 274 24.45 -29.32 -40.44
CA ASN C 274 24.56 -29.61 -39.00
C ASN C 274 23.18 -29.69 -38.33
N ASN C 275 22.18 -30.19 -39.04
CA ASN C 275 20.85 -30.39 -38.47
C ASN C 275 20.65 -31.87 -38.14
N TYR C 276 20.01 -32.13 -37.01
CA TYR C 276 19.75 -33.47 -36.53
C TYR C 276 18.27 -33.80 -36.67
N LEU C 277 17.96 -34.89 -37.36
CA LEU C 277 16.58 -35.28 -37.64
C LEU C 277 16.38 -36.73 -37.23
N GLU C 278 15.38 -36.98 -36.36
CA GLU C 278 15.14 -38.30 -35.83
C GLU C 278 13.64 -38.62 -35.79
N GLY C 279 13.28 -39.79 -36.31
CA GLY C 279 11.95 -40.34 -36.12
C GLY C 279 10.86 -39.63 -36.89
N LEU C 280 11.18 -39.11 -38.07
CA LEU C 280 10.29 -38.28 -38.85
C LEU C 280 9.59 -39.16 -39.87
N THR C 281 8.25 -39.13 -39.86
CA THR C 281 7.44 -40.06 -40.63
C THR C 281 6.82 -39.44 -41.88
N GLY C 282 6.94 -38.13 -42.06
CA GLY C 282 6.18 -37.46 -43.09
C GLY C 282 6.66 -37.81 -44.47
N TYR C 283 5.86 -37.42 -45.47
CA TYR C 283 6.21 -37.72 -46.86
C TYR C 283 5.73 -36.58 -47.75
N ARG C 284 6.06 -36.68 -49.04
CA ARG C 284 5.91 -35.61 -50.02
C ARG C 284 6.45 -34.30 -49.45
N PHE C 285 5.62 -33.26 -49.36
CA PHE C 285 6.13 -31.97 -48.91
C PHE C 285 6.41 -31.96 -47.42
N GLY C 286 5.89 -32.92 -46.67
CA GLY C 286 6.24 -33.05 -45.28
C GLY C 286 7.30 -34.08 -44.94
N SER C 287 8.12 -34.47 -45.91
CA SER C 287 9.19 -35.45 -45.68
C SER C 287 10.23 -34.93 -44.69
N GLY C 288 11.05 -35.85 -44.17
CA GLY C 288 12.17 -35.44 -43.34
C GLY C 288 13.10 -34.49 -44.06
N LEU C 289 13.42 -34.80 -45.31
CA LEU C 289 14.23 -33.94 -46.15
C LEU C 289 13.57 -33.88 -47.52
N THR C 290 13.37 -32.68 -48.04
CA THR C 290 12.70 -32.51 -49.32
C THR C 290 13.51 -31.54 -50.14
N VAL C 291 13.78 -31.89 -51.39
CA VAL C 291 14.31 -30.96 -52.37
C VAL C 291 13.31 -30.97 -53.51
N MET C 292 12.63 -29.85 -53.69
CA MET C 292 11.49 -29.80 -54.60
C MET C 292 11.90 -29.43 -56.00
N ASN C 293 11.07 -29.86 -56.95
CA ASN C 293 11.07 -29.28 -58.28
C ASN C 293 10.39 -27.91 -58.24
N GLY C 294 10.83 -27.03 -59.13
CA GLY C 294 10.25 -25.71 -59.27
C GLY C 294 9.65 -25.48 -60.64
N VAL C 295 9.26 -24.25 -60.92
CA VAL C 295 8.54 -23.87 -62.13
C VAL C 295 9.49 -23.08 -63.02
N PRO C 296 9.69 -23.47 -64.28
CA PRO C 296 10.44 -22.63 -65.23
C PRO C 296 9.85 -21.23 -65.29
N ASN C 297 10.65 -20.20 -65.02
CA ASN C 297 10.17 -18.81 -65.01
C ASN C 297 9.00 -18.65 -64.04
N SER C 298 9.15 -19.22 -62.85
CA SER C 298 8.07 -19.23 -61.87
C SER C 298 7.60 -17.82 -61.57
N LYS C 299 6.29 -17.68 -61.40
CA LYS C 299 5.78 -16.46 -60.83
C LYS C 299 6.23 -16.37 -59.36
N ILE C 300 6.27 -15.16 -58.84
CA ILE C 300 6.76 -14.89 -57.51
C ILE C 300 6.21 -15.76 -56.37
N ASN C 301 4.96 -16.17 -56.48
CA ASN C 301 4.35 -16.97 -55.43
C ASN C 301 4.20 -18.43 -55.72
N ARG C 302 4.88 -18.93 -56.74
CA ARG C 302 4.79 -20.34 -57.04
C ARG C 302 6.21 -20.84 -56.64
N TYR C 303 6.65 -21.95 -57.19
CA TYR C 303 7.96 -22.50 -56.89
C TYR C 303 9.18 -22.30 -57.77
N HIS C 304 10.24 -21.81 -57.17
CA HIS C 304 11.47 -21.56 -57.89
C HIS C 304 12.45 -22.74 -57.77
N GLN C 305 13.01 -23.12 -58.90
CA GLN C 305 13.94 -24.23 -59.02
C GLN C 305 15.03 -24.21 -57.95
N VAL C 306 15.34 -25.37 -57.38
CA VAL C 306 16.46 -25.45 -56.46
C VAL C 306 17.77 -25.29 -57.24
N ASP C 307 18.61 -24.39 -56.76
CA ASP C 307 19.82 -24.02 -57.48
C ASP C 307 20.86 -23.69 -56.42
N ASN C 308 21.99 -24.40 -56.46
CA ASN C 308 23.08 -24.16 -55.53
C ASN C 308 22.63 -24.39 -54.08
N ALA C 309 21.84 -25.43 -53.86
CA ALA C 309 21.63 -25.93 -52.51
C ALA C 309 22.88 -26.60 -51.98
N LEU C 310 23.20 -26.38 -50.71
CA LEU C 310 24.26 -27.12 -50.04
C LEU C 310 23.69 -27.81 -48.80
N ILE C 311 23.74 -29.14 -48.80
CA ILE C 311 23.17 -29.96 -47.72
C ILE C 311 24.30 -30.79 -47.14
N GLU C 312 24.84 -30.41 -45.98
CA GLU C 312 26.00 -31.13 -45.49
C GLU C 312 25.96 -31.32 -43.98
N ASN C 313 26.55 -32.42 -43.52
CA ASN C 313 26.71 -32.71 -42.09
C ASN C 313 25.39 -32.77 -41.33
N ASN C 314 24.35 -33.27 -41.97
CA ASN C 314 23.10 -33.55 -41.29
C ASN C 314 23.04 -35.02 -40.88
N THR C 315 22.33 -35.29 -39.79
CA THR C 315 22.05 -36.64 -39.31
C THR C 315 20.56 -36.93 -39.48
N LEU C 316 20.25 -38.04 -40.13
CA LEU C 316 18.88 -38.48 -40.32
C LEU C 316 18.77 -39.92 -39.81
N VAL C 317 18.19 -40.10 -38.63
CA VAL C 317 18.00 -41.41 -38.02
C VAL C 317 16.51 -41.74 -38.09
N ASN C 318 16.20 -42.90 -38.67
CA ASN C 318 14.82 -43.35 -38.86
C ASN C 318 13.95 -42.25 -39.44
N VAL C 319 14.50 -41.58 -40.45
CA VAL C 319 13.73 -40.64 -41.25
C VAL C 319 13.15 -41.43 -42.42
N GLU C 320 11.84 -41.62 -42.41
CA GLU C 320 11.22 -42.53 -43.35
C GLU C 320 11.28 -42.02 -44.78
N HIS C 321 11.38 -40.71 -44.99
CA HIS C 321 11.34 -40.21 -46.37
C HIS C 321 12.30 -39.08 -46.58
N ILE C 322 13.15 -39.26 -47.59
CA ILE C 322 14.04 -38.25 -48.12
C ILE C 322 13.69 -38.19 -49.60
N GLN C 323 13.24 -37.03 -50.08
CA GLN C 323 12.59 -36.96 -51.39
C GLN C 323 13.22 -35.86 -52.21
N PHE C 324 13.77 -36.23 -53.36
CA PHE C 324 14.45 -35.32 -54.28
C PHE C 324 13.55 -35.09 -55.48
N ALA C 325 13.48 -33.83 -55.93
CA ALA C 325 12.64 -33.42 -57.03
C ALA C 325 11.15 -33.58 -56.70
N ALA C 326 10.79 -33.55 -55.43
CA ALA C 326 9.41 -33.75 -55.02
C ALA C 326 8.51 -32.66 -55.60
N GLY C 327 7.28 -33.04 -55.94
CA GLY C 327 6.40 -32.12 -56.64
C GLY C 327 6.58 -32.07 -58.15
N SER C 328 7.48 -32.88 -58.69
CA SER C 328 7.69 -32.90 -60.13
C SER C 328 6.41 -33.25 -60.85
N ASP C 329 6.04 -32.42 -61.81
CA ASP C 329 4.90 -32.68 -62.69
C ASP C 329 5.04 -31.76 -63.90
N LYS C 330 3.97 -31.65 -64.69
CA LYS C 330 4.09 -30.84 -65.89
C LYS C 330 4.24 -29.36 -65.56
N GLU C 331 3.69 -28.90 -64.43
CA GLU C 331 3.94 -27.52 -64.03
C GLU C 331 5.33 -27.38 -63.41
N ARG C 332 5.62 -28.16 -62.38
CA ARG C 332 6.92 -28.08 -61.69
C ARG C 332 7.87 -29.06 -62.38
N SER C 333 8.45 -28.61 -63.49
CA SER C 333 9.28 -29.45 -64.34
C SER C 333 10.77 -29.18 -64.19
N ALA C 334 11.15 -28.23 -63.35
CA ALA C 334 12.54 -27.79 -63.24
C ALA C 334 13.23 -28.53 -62.09
N ALA C 335 14.04 -29.55 -62.44
CA ALA C 335 14.76 -30.34 -61.47
C ALA C 335 15.87 -29.53 -60.81
N PRO C 336 16.37 -29.95 -59.65
CA PRO C 336 17.41 -29.16 -58.98
C PRO C 336 18.74 -29.19 -59.73
N ILE C 337 19.51 -28.11 -59.56
CA ILE C 337 20.75 -27.91 -60.32
C ILE C 337 21.81 -27.26 -59.44
N ASN C 338 23.08 -27.51 -59.81
CA ASN C 338 24.25 -26.92 -59.19
C ASN C 338 24.30 -27.14 -57.68
N SER C 339 23.82 -28.29 -57.22
CA SER C 339 23.68 -28.47 -55.79
C SER C 339 24.57 -29.61 -55.30
N ASN C 340 24.81 -29.62 -54.00
CA ASN C 340 25.73 -30.57 -53.39
C ASN C 340 25.15 -31.10 -52.09
N MET C 341 25.22 -32.42 -51.90
CA MET C 341 24.82 -33.06 -50.65
C MET C 341 25.99 -33.91 -50.14
N ASN C 342 26.61 -33.49 -49.05
CA ASN C 342 27.91 -34.03 -48.63
C ASN C 342 27.92 -34.31 -47.14
N ASN C 343 28.68 -35.33 -46.75
CA ASN C 343 29.06 -35.55 -45.35
C ASN C 343 27.83 -35.77 -44.45
N ASN C 344 26.76 -36.30 -45.01
CA ASN C 344 25.58 -36.56 -44.19
C ASN C 344 25.65 -37.98 -43.67
N LEU C 345 24.85 -38.24 -42.64
CA LEU C 345 24.76 -39.54 -42.01
C LEU C 345 23.29 -39.94 -42.04
N ILE C 346 22.99 -41.08 -42.67
CA ILE C 346 21.65 -41.63 -42.73
C ILE C 346 21.70 -43.00 -42.08
N VAL C 347 20.93 -43.18 -41.02
CA VAL C 347 20.87 -44.44 -40.30
C VAL C 347 19.40 -44.80 -40.21
N ASN C 348 19.02 -45.88 -40.87
CA ASN C 348 17.63 -46.26 -41.02
C ASN C 348 17.53 -47.76 -40.77
N ASP C 349 16.60 -48.15 -39.90
CA ASP C 349 16.43 -49.56 -39.56
C ASP C 349 15.35 -50.26 -40.36
N GLN C 350 14.72 -49.59 -41.32
CA GLN C 350 13.61 -50.20 -42.03
C GLN C 350 14.05 -50.80 -43.37
N GLY C 351 15.33 -51.02 -43.55
CA GLY C 351 15.83 -51.75 -44.69
C GLY C 351 16.17 -50.91 -45.89
N THR C 352 15.88 -49.61 -45.86
CA THR C 352 16.12 -48.74 -46.99
C THR C 352 16.75 -47.44 -46.51
N ASP C 353 17.33 -46.69 -47.43
CA ASP C 353 17.78 -45.36 -47.06
C ASP C 353 16.66 -44.34 -47.05
N GLY C 354 15.45 -44.75 -47.39
CA GLY C 354 14.28 -43.89 -47.42
C GLY C 354 14.27 -42.88 -48.56
N ILE C 355 15.19 -42.97 -49.51
CA ILE C 355 15.32 -41.99 -50.57
C ILE C 355 14.41 -42.36 -51.73
N THR C 356 13.67 -41.38 -52.23
CA THR C 356 12.94 -41.50 -53.49
C THR C 356 13.25 -40.29 -54.35
N ALA C 357 13.56 -40.51 -55.62
CA ALA C 357 13.78 -39.45 -56.59
C ALA C 357 12.59 -39.42 -57.56
N PHE C 358 11.97 -38.24 -57.69
CA PHE C 358 10.79 -38.13 -58.54
C PHE C 358 11.09 -37.52 -59.91
N ASP C 359 12.36 -37.30 -60.22
CA ASP C 359 12.78 -36.68 -61.48
C ASP C 359 14.30 -36.85 -61.56
N ASP C 360 14.94 -36.15 -62.50
CA ASP C 360 16.38 -36.26 -62.70
C ASP C 360 17.12 -35.54 -61.58
N ILE C 361 17.94 -36.28 -60.83
CA ILE C 361 18.70 -35.73 -59.72
C ILE C 361 20.17 -35.58 -60.05
N SER C 362 20.53 -35.64 -61.34
CA SER C 362 21.93 -35.45 -61.71
C SER C 362 22.40 -34.03 -61.47
N GLY C 363 21.49 -33.11 -61.15
CA GLY C 363 21.87 -31.77 -60.75
C GLY C 363 22.36 -31.64 -59.32
N ILE C 364 22.32 -32.72 -58.55
CA ILE C 364 22.84 -32.76 -57.18
C ILE C 364 24.05 -33.68 -57.19
N LYS C 365 25.19 -33.17 -56.75
CA LYS C 365 26.35 -34.05 -56.56
C LYS C 365 26.37 -34.57 -55.14
N PHE C 366 26.40 -35.88 -55.01
CA PHE C 366 26.51 -36.55 -53.74
C PHE C 366 27.95 -36.99 -53.50
N LYS C 367 28.43 -36.75 -52.29
CA LYS C 367 29.81 -37.04 -51.95
C LYS C 367 29.89 -37.30 -50.46
N ASP C 368 30.61 -38.37 -50.08
CA ASP C 368 30.98 -38.62 -48.69
C ASP C 368 29.78 -38.69 -47.75
N ASN C 369 28.70 -39.36 -48.18
CA ASN C 369 27.57 -39.63 -47.31
C ASN C 369 27.66 -41.06 -46.79
N LEU C 370 27.34 -41.26 -45.52
CA LEU C 370 27.44 -42.57 -44.89
C LEU C 370 26.05 -43.13 -44.60
N LEU C 371 25.85 -44.38 -44.98
CA LEU C 371 24.62 -45.13 -44.82
C LEU C 371 24.94 -46.41 -44.07
N ASN C 372 24.03 -46.87 -43.22
CA ASN C 372 24.27 -48.14 -42.57
C ASN C 372 24.14 -49.27 -43.59
N GLN C 373 25.01 -50.28 -43.46
CA GLN C 373 25.13 -51.25 -44.54
C GLN C 373 23.87 -52.08 -44.75
N ASP C 374 22.97 -52.14 -43.76
CA ASP C 374 21.70 -52.85 -43.90
C ASP C 374 20.75 -52.15 -44.86
N ALA C 375 20.90 -50.85 -45.01
CA ALA C 375 19.95 -50.06 -45.78
C ALA C 375 20.35 -50.11 -47.23
N LYS C 376 19.49 -50.66 -48.07
CA LYS C 376 19.77 -50.70 -49.48
C LYS C 376 19.84 -49.28 -50.02
N PRO C 377 20.95 -48.86 -50.60
CA PRO C 377 21.04 -47.51 -51.12
C PRO C 377 20.31 -47.40 -52.44
N SER C 378 19.59 -46.30 -52.63
CA SER C 378 18.91 -46.08 -53.89
C SER C 378 19.71 -45.16 -54.80
N ILE C 379 20.89 -44.72 -54.37
CA ILE C 379 21.85 -44.00 -55.20
C ILE C 379 23.23 -44.63 -54.95
N ASN C 380 23.92 -45.02 -56.03
CA ASN C 380 25.21 -45.69 -55.85
C ASN C 380 26.32 -44.72 -55.45
N LYS C 381 26.81 -43.91 -56.38
CA LYS C 381 27.89 -42.98 -56.08
C LYS C 381 27.46 -41.91 -55.09
N GLY C 382 28.33 -41.61 -54.14
CA GLY C 382 28.11 -40.57 -53.16
C GLY C 382 27.74 -41.08 -51.78
N PHE C 383 27.40 -42.36 -51.66
CA PHE C 383 26.97 -42.96 -50.41
C PHE C 383 27.85 -44.17 -50.13
N GLU C 384 28.63 -44.09 -49.05
CA GLU C 384 29.38 -45.24 -48.58
C GLU C 384 28.60 -45.98 -47.51
N GLN C 385 28.91 -47.25 -47.33
CA GLN C 385 28.18 -48.08 -46.39
C GLN C 385 29.12 -48.67 -45.36
N ALA C 386 28.58 -48.91 -44.17
CA ALA C 386 29.38 -49.34 -43.03
C ALA C 386 28.46 -49.91 -41.96
N ASP C 387 29.03 -50.76 -41.13
CA ASP C 387 28.34 -51.12 -39.90
C ASP C 387 28.35 -49.92 -38.96
N ILE C 388 27.18 -49.50 -38.51
CA ILE C 388 27.05 -48.33 -37.67
C ILE C 388 26.26 -48.70 -36.43
N THR C 389 26.82 -48.45 -35.28
CA THR C 389 26.08 -48.58 -34.04
C THR C 389 25.93 -47.18 -33.44
N MET C 390 24.70 -46.70 -33.36
CA MET C 390 24.40 -45.36 -32.85
C MET C 390 24.20 -45.41 -31.35
N GLN C 391 24.80 -44.45 -30.64
CA GLN C 391 24.57 -44.31 -29.21
C GLN C 391 24.23 -42.87 -28.88
N ARG C 392 23.38 -42.70 -27.86
CA ARG C 392 22.83 -41.40 -27.52
C ARG C 392 23.71 -40.72 -26.48
N HIS C 393 24.25 -39.56 -26.82
CA HIS C 393 25.08 -38.79 -25.91
C HIS C 393 24.21 -38.03 -24.91
N ASP C 394 24.90 -37.39 -23.96
CA ASP C 394 24.20 -36.64 -22.91
C ASP C 394 23.38 -35.49 -23.46
N ASN C 395 23.70 -35.01 -24.67
CA ASN C 395 22.89 -33.95 -25.28
C ASN C 395 21.60 -34.47 -25.90
N GLY C 396 21.29 -35.75 -25.72
CA GLY C 396 20.08 -36.31 -26.28
C GLY C 396 20.15 -36.74 -27.72
N LEU C 397 21.27 -36.55 -28.40
CA LEU C 397 21.37 -36.86 -29.82
C LEU C 397 22.18 -38.13 -30.03
N LEU C 398 21.80 -38.89 -31.06
CA LEU C 398 22.50 -40.11 -31.43
C LEU C 398 23.72 -39.83 -32.30
N TYR C 399 24.80 -40.56 -32.02
CA TYR C 399 26.04 -40.47 -32.77
C TYR C 399 26.60 -41.87 -33.00
N PRO C 400 27.36 -42.08 -34.07
CA PRO C 400 28.06 -43.37 -34.24
C PRO C 400 29.04 -43.62 -33.09
N GLU C 401 29.12 -44.89 -32.67
CA GLU C 401 30.16 -45.27 -31.71
C GLU C 401 31.55 -45.04 -32.29
N ALA C 402 31.73 -45.32 -33.58
CA ALA C 402 33.03 -45.25 -34.20
C ALA C 402 33.44 -43.79 -34.38
N LYS C 403 34.52 -43.39 -33.70
CA LYS C 403 35.03 -42.03 -33.80
C LYS C 403 35.30 -41.65 -35.26
N THR C 404 35.75 -42.62 -36.06
CA THR C 404 36.04 -42.33 -37.46
C THR C 404 34.79 -41.99 -38.26
N GLN C 405 33.61 -42.36 -37.77
CA GLN C 405 32.36 -42.07 -38.46
C GLN C 405 31.73 -40.77 -38.00
N GLN C 406 32.28 -40.12 -36.99
CA GLN C 406 31.71 -38.87 -36.54
C GLN C 406 32.06 -37.71 -37.46
N LYS C 407 32.86 -37.94 -38.49
CA LYS C 407 33.00 -36.98 -39.59
C LYS C 407 31.75 -36.90 -40.44
N TYR C 408 30.81 -37.81 -40.27
CA TYR C 408 29.54 -37.77 -40.99
C TYR C 408 28.46 -37.23 -40.08
N GLY C 409 27.56 -36.45 -40.66
CA GLY C 409 26.46 -35.95 -39.87
C GLY C 409 26.86 -34.84 -38.91
N VAL C 410 26.08 -34.77 -37.85
CA VAL C 410 26.01 -33.64 -36.96
C VAL C 410 27.19 -33.62 -35.99
N SER C 411 27.64 -32.42 -35.63
CA SER C 411 28.72 -32.23 -34.67
C SER C 411 28.33 -32.70 -33.27
N THR C 412 29.33 -33.19 -32.53
CA THR C 412 29.12 -33.58 -31.14
C THR C 412 28.94 -32.39 -30.22
N GLN C 413 29.19 -31.18 -30.69
CA GLN C 413 29.08 -29.99 -29.84
C GLN C 413 27.67 -29.42 -29.77
N LEU C 414 26.71 -30.01 -30.49
CA LEU C 414 25.34 -29.53 -30.41
C LEU C 414 24.80 -29.66 -28.99
N GLU C 415 24.12 -28.62 -28.50
CA GLU C 415 23.39 -28.66 -27.24
C GLU C 415 21.97 -28.19 -27.50
N PRO C 416 21.03 -29.11 -27.75
CA PRO C 416 19.65 -28.71 -28.06
C PRO C 416 18.99 -28.02 -26.86
N ILE C 417 18.42 -26.85 -27.11
CA ILE C 417 17.69 -26.15 -26.06
C ILE C 417 16.55 -27.02 -25.54
N GLY C 418 16.35 -27.00 -24.23
CA GLY C 418 15.29 -27.78 -23.63
C GLY C 418 13.99 -27.02 -23.50
N LYS C 419 12.92 -27.77 -23.27
CA LYS C 419 11.59 -27.18 -23.14
C LYS C 419 11.48 -26.29 -21.91
N ASP C 420 12.27 -26.54 -20.87
CA ASP C 420 12.24 -25.73 -19.67
C ASP C 420 13.30 -24.64 -19.65
N GLU C 421 13.97 -24.38 -20.77
CA GLU C 421 14.92 -23.28 -20.89
C GLU C 421 14.35 -22.18 -21.78
N VAL C 422 13.05 -22.23 -22.03
CA VAL C 422 12.41 -21.41 -23.04
C VAL C 422 11.11 -20.86 -22.44
N GLY C 423 10.62 -19.79 -23.02
CA GLY C 423 9.42 -19.17 -22.44
C GLY C 423 9.72 -18.49 -21.11
N VAL C 424 8.85 -18.71 -20.13
CA VAL C 424 8.92 -18.06 -18.82
C VAL C 424 8.73 -19.10 -17.73
N SER C 425 9.35 -18.83 -16.58
CA SER C 425 9.29 -19.75 -15.46
C SER C 425 7.97 -19.67 -14.70
N TRP C 426 7.24 -18.58 -14.88
CA TRP C 426 6.07 -18.29 -14.05
C TRP C 426 4.76 -18.64 -14.74
N TYR C 427 4.81 -19.36 -15.87
CA TYR C 427 3.59 -19.77 -16.54
C TYR C 427 3.74 -21.22 -16.99
N PRO C 428 2.80 -22.07 -16.63
CA PRO C 428 2.95 -23.51 -16.87
C PRO C 428 2.80 -23.89 -18.33
N LYS C 429 3.54 -24.93 -18.74
CA LYS C 429 3.41 -25.54 -20.05
C LYS C 429 2.56 -26.79 -19.87
N VAL C 430 1.37 -26.79 -20.47
CA VAL C 430 0.32 -27.74 -20.13
C VAL C 430 -0.08 -28.56 -21.35
N GLU C 431 -0.74 -29.68 -21.09
CA GLU C 431 -1.26 -30.48 -22.18
C GLU C 431 -2.50 -29.82 -22.76
N PRO C 432 -2.63 -29.78 -24.09
CA PRO C 432 -3.75 -29.05 -24.71
C PRO C 432 -5.09 -29.78 -24.68
N ASP C 433 -5.12 -31.11 -24.63
CA ASP C 433 -6.35 -31.87 -24.80
C ASP C 433 -6.79 -32.59 -23.53
N VAL C 434 -8.10 -32.76 -23.37
CA VAL C 434 -8.67 -33.57 -22.30
C VAL C 434 -8.88 -35.00 -22.80
N ALA C 435 -8.24 -35.96 -22.17
CA ALA C 435 -8.33 -37.35 -22.60
C ALA C 435 -9.68 -37.96 -22.20
N PHE C 436 -10.23 -38.80 -23.07
CA PHE C 436 -11.47 -39.49 -22.74
C PHE C 436 -11.24 -40.38 -21.53
N GLY C 437 -12.20 -40.35 -20.59
CA GLY C 437 -12.13 -41.24 -19.46
C GLY C 437 -11.13 -40.83 -18.39
N SER C 438 -10.69 -39.59 -18.41
CA SER C 438 -9.72 -39.08 -17.44
C SER C 438 -10.38 -38.55 -16.18
N GLY C 439 -11.70 -38.38 -16.17
CA GLY C 439 -12.41 -37.90 -15.01
C GLY C 439 -12.95 -39.03 -14.16
N LYS C 440 -14.19 -38.90 -13.67
CA LYS C 440 -14.82 -39.89 -12.82
C LYS C 440 -15.97 -40.56 -13.55
N HIS C 441 -16.34 -41.75 -13.09
CA HIS C 441 -17.51 -42.43 -13.63
C HIS C 441 -18.75 -42.01 -12.85
N ILE C 442 -19.85 -41.83 -13.57
CA ILE C 442 -21.09 -41.32 -13.01
C ILE C 442 -22.24 -42.22 -13.46
N ALA C 443 -22.94 -42.83 -12.51
CA ALA C 443 -24.08 -43.67 -12.83
C ALA C 443 -25.27 -42.79 -13.19
N VAL C 444 -25.94 -43.15 -14.29
CA VAL C 444 -27.14 -42.45 -14.71
C VAL C 444 -28.27 -43.47 -14.81
N SER C 445 -29.48 -43.06 -14.36
CA SER C 445 -30.70 -43.83 -14.30
C SER C 445 -31.65 -43.42 -15.42
N PRO C 446 -32.42 -44.38 -15.93
CA PRO C 446 -33.45 -44.04 -16.94
C PRO C 446 -34.45 -43.01 -16.43
N GLY C 447 -35.10 -42.36 -17.38
CA GLY C 447 -36.06 -41.32 -17.09
C GLY C 447 -36.19 -40.41 -18.31
N ASP C 448 -36.77 -39.24 -18.08
CA ASP C 448 -36.82 -38.21 -19.11
C ASP C 448 -36.00 -37.00 -18.65
N ASN C 449 -35.06 -36.60 -19.52
CA ASN C 449 -34.08 -35.55 -19.23
C ASN C 449 -33.13 -35.94 -18.09
N THR C 450 -33.06 -37.23 -17.77
CA THR C 450 -32.03 -37.69 -16.83
C THR C 450 -30.66 -37.65 -17.47
N LEU C 451 -30.58 -37.99 -18.76
CA LEU C 451 -29.34 -37.83 -19.52
C LEU C 451 -28.96 -36.36 -19.64
N PHE C 452 -29.95 -35.51 -19.90
CA PHE C 452 -29.71 -34.08 -20.01
C PHE C 452 -29.12 -33.52 -18.73
N ASP C 453 -29.66 -33.91 -17.57
CA ASP C 453 -29.15 -33.39 -16.30
C ASP C 453 -27.75 -33.90 -16.01
N ALA C 454 -27.46 -35.15 -16.39
CA ALA C 454 -26.17 -35.74 -16.08
C ALA C 454 -25.06 -35.09 -16.90
N ILE C 455 -25.34 -34.82 -18.18
CA ILE C 455 -24.34 -34.19 -19.02
C ILE C 455 -24.01 -32.80 -18.48
N ALA C 456 -25.04 -32.04 -18.14
CA ALA C 456 -24.83 -30.68 -17.64
C ALA C 456 -24.06 -30.66 -16.33
N SER C 457 -24.26 -31.66 -15.48
CA SER C 457 -23.60 -31.63 -14.18
C SER C 457 -22.24 -32.31 -14.18
N ALA C 458 -21.92 -33.11 -15.21
CA ALA C 458 -20.64 -33.80 -15.29
C ALA C 458 -19.49 -32.82 -15.55
N GLU C 459 -18.28 -33.27 -15.23
CA GLU C 459 -17.05 -32.53 -15.49
C GLU C 459 -16.33 -33.12 -16.69
N THR C 460 -15.41 -32.33 -17.25
CA THR C 460 -14.75 -32.71 -18.49
C THR C 460 -13.88 -33.95 -18.28
N GLY C 461 -13.97 -34.90 -19.21
CA GLY C 461 -13.32 -36.18 -19.08
C GLY C 461 -14.11 -37.26 -18.37
N ASP C 462 -15.30 -36.95 -17.86
CA ASP C 462 -16.03 -37.93 -17.08
C ASP C 462 -16.65 -38.98 -18.00
N VAL C 463 -17.15 -40.04 -17.37
CA VAL C 463 -17.79 -41.15 -18.06
C VAL C 463 -19.16 -41.33 -17.42
N LEU C 464 -20.20 -41.25 -18.24
CA LEU C 464 -21.56 -41.52 -17.78
C LEU C 464 -21.89 -42.98 -18.08
N VAL C 465 -22.36 -43.69 -17.06
CA VAL C 465 -22.61 -45.13 -17.15
C VAL C 465 -24.12 -45.31 -17.06
N LEU C 466 -24.76 -45.59 -18.19
CA LEU C 466 -26.23 -45.63 -18.24
C LEU C 466 -26.71 -46.96 -17.71
N GLN C 467 -27.49 -46.92 -16.62
CA GLN C 467 -28.20 -48.11 -16.18
C GLN C 467 -29.24 -48.50 -17.22
N ALA C 468 -29.55 -49.79 -17.28
CA ALA C 468 -30.51 -50.31 -18.24
C ALA C 468 -31.87 -49.61 -18.11
N GLY C 469 -32.55 -49.48 -19.23
CA GLY C 469 -33.84 -48.83 -19.28
C GLY C 469 -33.92 -47.90 -20.47
N GLU C 470 -34.87 -46.98 -20.41
CA GLU C 470 -35.22 -46.13 -21.54
C GLU C 470 -34.89 -44.69 -21.20
N TYR C 471 -34.21 -44.02 -22.12
CA TYR C 471 -33.79 -42.64 -21.93
C TYR C 471 -34.52 -41.80 -22.96
N TRP C 472 -35.62 -41.18 -22.55
CA TRP C 472 -36.39 -40.31 -23.42
C TRP C 472 -35.78 -38.91 -23.35
N VAL C 473 -35.46 -38.35 -24.50
CA VAL C 473 -34.66 -37.14 -24.60
C VAL C 473 -35.54 -36.10 -25.28
N SER C 474 -36.22 -35.28 -24.48
CA SER C 474 -37.07 -34.23 -25.02
C SER C 474 -36.37 -32.88 -25.10
N LYS C 475 -35.11 -32.80 -24.65
CA LYS C 475 -34.29 -31.59 -24.79
C LYS C 475 -33.00 -31.96 -25.48
N ILE C 476 -32.50 -31.07 -26.34
CA ILE C 476 -31.26 -31.37 -27.05
C ILE C 476 -30.12 -31.50 -26.05
N LEU C 477 -29.31 -32.52 -26.23
CA LEU C 477 -28.11 -32.77 -25.43
C LEU C 477 -26.94 -32.04 -26.06
N SER C 478 -26.57 -30.89 -25.53
CA SER C 478 -25.44 -30.13 -26.05
C SER C 478 -24.21 -30.38 -25.18
N LEU C 479 -23.11 -30.68 -25.83
CA LEU C 479 -21.89 -31.15 -25.21
C LEU C 479 -20.83 -30.06 -25.34
N ASP C 480 -20.40 -29.49 -24.22
CA ASP C 480 -19.33 -28.51 -24.22
C ASP C 480 -18.16 -28.98 -23.36
N LYS C 481 -18.00 -30.27 -23.23
CA LYS C 481 -16.88 -30.83 -22.50
C LYS C 481 -16.54 -32.17 -23.13
N THR C 482 -15.41 -32.72 -22.74
CA THR C 482 -15.06 -34.06 -23.15
C THR C 482 -15.84 -35.06 -22.31
N LEU C 483 -16.46 -36.04 -22.96
CA LEU C 483 -17.39 -36.89 -22.25
C LEU C 483 -17.55 -38.22 -22.95
N THR C 484 -17.73 -39.27 -22.15
CA THR C 484 -18.05 -40.60 -22.64
C THR C 484 -19.43 -40.96 -22.13
N ILE C 485 -20.26 -41.49 -23.02
CA ILE C 485 -21.56 -42.03 -22.62
C ILE C 485 -21.50 -43.52 -22.90
N ARG C 486 -21.57 -44.32 -21.84
CA ARG C 486 -21.35 -45.75 -21.94
C ARG C 486 -22.53 -46.49 -21.31
N ALA C 487 -22.94 -47.58 -21.89
CA ALA C 487 -24.00 -48.35 -21.32
C ALA C 487 -23.40 -49.30 -20.34
N GLN C 488 -24.05 -49.46 -19.21
CA GLN C 488 -23.59 -50.38 -18.19
C GLN C 488 -23.51 -51.78 -18.78
N GLU C 489 -24.50 -52.16 -19.56
CA GLU C 489 -24.50 -53.42 -20.25
C GLU C 489 -24.94 -53.20 -21.68
N LYS C 490 -24.06 -53.46 -22.59
CA LYS C 490 -24.32 -53.26 -23.99
C LYS C 490 -25.67 -53.74 -24.47
N GLY C 491 -26.51 -52.84 -24.95
CA GLY C 491 -27.80 -53.19 -25.47
C GLY C 491 -29.01 -53.12 -24.57
N SER C 492 -28.81 -52.67 -23.36
CA SER C 492 -29.79 -52.52 -22.30
C SER C 492 -30.12 -51.06 -22.00
N ALA C 493 -29.34 -50.12 -22.51
CA ALA C 493 -29.67 -48.70 -22.46
C ALA C 493 -30.15 -48.28 -23.84
N VAL C 494 -31.42 -47.91 -23.94
CA VAL C 494 -32.00 -47.48 -25.22
C VAL C 494 -32.34 -46.00 -25.09
N ILE C 495 -31.82 -45.20 -26.03
CA ILE C 495 -32.04 -43.76 -26.03
C ILE C 495 -33.05 -43.42 -27.10
N PHE C 496 -34.09 -42.68 -26.72
CA PHE C 496 -35.18 -42.28 -27.61
C PHE C 496 -35.12 -40.78 -27.85
N PRO C 497 -34.63 -40.31 -28.99
CA PRO C 497 -34.72 -38.88 -29.29
C PRO C 497 -36.17 -38.47 -29.56
N GLN C 498 -36.55 -37.34 -28.99
CA GLN C 498 -37.82 -36.69 -29.33
C GLN C 498 -37.63 -35.33 -29.99
N ARG C 499 -36.39 -34.87 -30.15
CA ARG C 499 -36.10 -33.62 -30.82
C ARG C 499 -35.42 -33.90 -32.16
N SER C 500 -35.36 -32.88 -33.01
CA SER C 500 -34.76 -33.07 -34.32
C SER C 500 -33.29 -33.38 -34.24
N THR C 501 -32.64 -33.04 -33.13
CA THR C 501 -31.27 -33.41 -32.84
C THR C 501 -31.22 -34.16 -31.51
N LEU C 502 -30.45 -35.24 -31.47
CA LEU C 502 -30.16 -35.89 -30.19
C LEU C 502 -29.01 -35.19 -29.47
N ILE C 503 -27.81 -35.21 -30.07
CA ILE C 503 -26.62 -34.67 -29.45
C ILE C 503 -26.07 -33.53 -30.32
N GLU C 504 -25.75 -32.42 -29.69
CA GLU C 504 -25.07 -31.31 -30.34
C GLU C 504 -23.67 -31.15 -29.74
N ILE C 505 -22.65 -31.15 -30.60
CA ILE C 505 -21.26 -31.00 -30.16
C ILE C 505 -20.85 -29.53 -30.30
N ASN C 506 -20.64 -28.86 -29.17
CA ASN C 506 -20.26 -27.46 -29.09
C ASN C 506 -18.76 -27.32 -28.90
N ASN C 507 -18.28 -26.07 -28.90
CA ASN C 507 -16.88 -25.78 -28.59
C ASN C 507 -16.48 -26.47 -27.29
N LYS C 508 -15.31 -27.13 -27.30
CA LYS C 508 -14.76 -27.93 -26.22
C LYS C 508 -15.49 -29.26 -26.01
N GLY C 509 -16.58 -29.53 -26.75
CA GLY C 509 -17.19 -30.84 -26.70
C GLY C 509 -16.39 -31.88 -27.48
N ASN C 510 -16.31 -33.07 -26.91
CA ASN C 510 -15.69 -34.24 -27.51
C ASN C 510 -16.43 -35.45 -26.93
N LEU C 511 -16.76 -36.40 -27.79
CA LEU C 511 -17.73 -37.41 -27.41
C LEU C 511 -17.27 -38.80 -27.79
N THR C 512 -17.34 -39.70 -26.82
CA THR C 512 -17.27 -41.13 -27.06
C THR C 512 -18.61 -41.77 -26.72
N LEU C 513 -19.16 -42.53 -27.67
CA LEU C 513 -20.34 -43.35 -27.43
C LEU C 513 -19.89 -44.81 -27.37
N ASP C 514 -20.28 -45.53 -26.32
CA ASP C 514 -19.82 -46.89 -26.08
C ASP C 514 -20.98 -47.75 -25.63
N GLY C 515 -21.40 -48.68 -26.49
CA GLY C 515 -22.46 -49.61 -26.15
C GLY C 515 -23.86 -49.04 -26.08
N VAL C 516 -24.10 -47.87 -26.64
CA VAL C 516 -25.46 -47.34 -26.61
C VAL C 516 -26.28 -47.95 -27.72
N TYR C 517 -27.60 -47.89 -27.53
CA TYR C 517 -28.58 -48.27 -28.53
C TYR C 517 -29.50 -47.08 -28.70
N VAL C 518 -29.63 -46.57 -29.91
CA VAL C 518 -30.50 -45.43 -30.19
C VAL C 518 -31.59 -45.86 -31.14
N ASP C 519 -32.83 -45.53 -30.79
CA ASP C 519 -34.01 -45.78 -31.61
C ASP C 519 -34.69 -44.43 -31.84
N ALA C 520 -34.64 -43.95 -33.09
CA ALA C 520 -35.13 -42.60 -33.41
C ALA C 520 -36.60 -42.56 -33.79
N THR C 521 -37.36 -43.63 -33.51
CA THR C 521 -38.75 -43.76 -33.95
C THR C 521 -39.58 -42.52 -33.62
N ASN C 522 -39.36 -41.91 -32.45
CA ASN C 522 -40.21 -40.86 -31.93
C ASN C 522 -39.67 -39.45 -32.15
N ALA C 523 -38.68 -39.29 -33.01
CA ALA C 523 -38.20 -37.96 -33.34
C ALA C 523 -39.27 -37.22 -34.15
N PRO C 524 -39.16 -35.89 -34.26
CA PRO C 524 -40.21 -35.14 -34.95
C PRO C 524 -40.38 -35.58 -36.39
N ASP C 525 -41.64 -35.60 -36.83
CA ASP C 525 -41.99 -35.94 -38.21
C ASP C 525 -41.72 -34.69 -39.06
N ALA C 526 -40.44 -34.51 -39.39
CA ALA C 526 -39.98 -33.40 -40.19
C ALA C 526 -38.75 -33.84 -40.97
N ALA C 527 -38.62 -33.34 -42.19
CA ALA C 527 -37.44 -33.65 -42.98
C ALA C 527 -36.22 -32.95 -42.40
N GLY C 528 -35.06 -33.54 -42.64
CA GLY C 528 -33.81 -32.90 -42.27
C GLY C 528 -33.42 -33.04 -40.82
N ASN C 529 -33.98 -34.01 -40.09
CA ASN C 529 -33.52 -34.29 -38.74
C ASN C 529 -32.04 -34.68 -38.78
N THR C 530 -31.35 -34.48 -37.67
CA THR C 530 -29.92 -34.81 -37.61
C THR C 530 -29.65 -35.43 -36.26
N LEU C 531 -29.39 -36.74 -36.22
CA LEU C 531 -29.25 -37.41 -34.94
C LEU C 531 -28.13 -36.80 -34.12
N ILE C 532 -26.94 -36.69 -34.72
CA ILE C 532 -25.76 -36.14 -34.07
C ILE C 532 -25.18 -35.07 -34.99
N ARG C 533 -24.78 -33.94 -34.41
CA ARG C 533 -24.18 -32.89 -35.23
C ARG C 533 -23.26 -32.06 -34.35
N THR C 534 -22.43 -31.23 -35.01
CA THR C 534 -21.84 -30.12 -34.29
C THR C 534 -22.89 -29.03 -34.16
N THR C 535 -22.63 -28.10 -33.26
CA THR C 535 -23.31 -26.82 -33.29
C THR C 535 -23.27 -26.27 -34.72
N ARG C 536 -24.27 -25.46 -35.07
CA ARG C 536 -24.27 -24.79 -36.35
C ARG C 536 -23.63 -23.40 -36.29
N LEU C 537 -23.32 -22.91 -35.10
CA LEU C 537 -22.47 -21.71 -34.97
C LEU C 537 -21.05 -22.08 -35.38
N PRO C 538 -20.37 -21.28 -36.19
CA PRO C 538 -18.99 -21.59 -36.57
C PRO C 538 -18.15 -21.83 -35.32
N MET C 539 -17.51 -22.98 -35.26
CA MET C 539 -16.81 -23.37 -34.05
C MET C 539 -15.46 -22.67 -33.92
N GLN C 540 -15.02 -22.54 -32.68
CA GLN C 540 -13.70 -22.00 -32.36
C GLN C 540 -12.59 -23.04 -32.42
N ARG C 541 -12.90 -24.32 -32.28
CA ARG C 541 -11.85 -25.31 -32.17
C ARG C 541 -12.35 -26.66 -32.67
N ASN C 542 -11.41 -27.60 -32.83
CA ASN C 542 -11.69 -28.92 -33.36
C ASN C 542 -12.42 -29.77 -32.31
N TYR C 543 -12.98 -30.90 -32.76
CA TYR C 543 -13.65 -31.85 -31.87
C TYR C 543 -13.21 -33.27 -32.24
N ARG C 544 -13.49 -34.21 -31.34
CA ARG C 544 -13.21 -35.62 -31.55
C ARG C 544 -14.50 -36.41 -31.33
N LEU C 545 -14.73 -37.42 -32.14
CA LEU C 545 -15.94 -38.25 -32.03
C LEU C 545 -15.55 -39.71 -32.17
N ALA C 546 -15.86 -40.52 -31.15
CA ALA C 546 -15.58 -41.95 -31.18
C ALA C 546 -16.84 -42.74 -30.88
N ILE C 547 -17.16 -43.69 -31.74
CA ILE C 547 -18.39 -44.47 -31.66
C ILE C 547 -18.00 -45.94 -31.64
N LYS C 548 -18.30 -46.61 -30.52
CA LYS C 548 -17.92 -48.01 -30.30
C LYS C 548 -19.12 -48.83 -29.87
N ASN C 549 -19.23 -50.04 -30.44
CA ASN C 549 -20.14 -51.08 -29.95
C ASN C 549 -21.56 -50.58 -29.80
N SER C 550 -21.98 -49.69 -30.69
CA SER C 550 -23.26 -49.03 -30.53
C SER C 550 -24.18 -49.36 -31.69
N THR C 551 -25.47 -49.13 -31.47
CA THR C 551 -26.50 -49.40 -32.46
C THR C 551 -27.42 -48.21 -32.60
N PHE C 552 -27.72 -47.85 -33.85
CA PHE C 552 -28.57 -46.71 -34.17
C PHE C 552 -29.55 -47.16 -35.24
N GLU C 553 -30.84 -47.04 -34.99
CA GLU C 553 -31.78 -47.48 -36.01
C GLU C 553 -33.06 -46.64 -36.00
N ASN C 554 -33.77 -46.74 -37.13
CA ASN C 554 -35.07 -46.11 -37.34
C ASN C 554 -34.94 -44.58 -37.39
N LEU C 555 -33.95 -44.11 -38.14
CA LEU C 555 -33.86 -42.69 -38.48
C LEU C 555 -34.59 -42.50 -39.80
N ASP C 556 -35.91 -42.72 -39.75
CA ASP C 556 -36.65 -42.76 -40.99
C ASP C 556 -38.10 -42.30 -40.87
N ILE C 557 -38.46 -41.52 -39.85
CA ILE C 557 -39.84 -41.06 -39.76
C ILE C 557 -40.17 -40.09 -40.91
N ASN C 558 -39.17 -39.41 -41.45
CA ASN C 558 -39.35 -38.51 -42.59
C ASN C 558 -38.06 -38.57 -43.41
N HIS C 559 -38.00 -37.84 -44.52
CA HIS C 559 -36.83 -37.98 -45.37
C HIS C 559 -35.66 -37.16 -44.85
N SER C 560 -34.49 -37.43 -45.43
CA SER C 560 -33.28 -36.66 -45.15
C SER C 560 -32.98 -36.61 -43.65
N TYR C 561 -33.11 -37.74 -42.97
CA TYR C 561 -32.76 -37.87 -41.55
C TYR C 561 -31.34 -38.41 -41.50
N HIS C 562 -30.38 -37.53 -41.21
CA HIS C 562 -28.97 -37.88 -41.25
C HIS C 562 -28.49 -38.36 -39.90
N PHE C 563 -27.49 -39.23 -39.92
CA PHE C 563 -26.88 -39.66 -38.65
C PHE C 563 -25.96 -38.58 -38.09
N PHE C 564 -25.01 -38.09 -38.88
CA PHE C 564 -24.12 -37.03 -38.40
C PHE C 564 -23.98 -35.93 -39.45
N ASP C 565 -24.05 -34.68 -38.98
CA ASP C 565 -24.07 -33.51 -39.86
C ASP C 565 -23.05 -32.50 -39.38
N ALA C 566 -21.98 -32.32 -40.14
CA ALA C 566 -20.95 -31.36 -39.75
C ALA C 566 -21.44 -29.94 -39.99
N GLY C 567 -21.17 -29.05 -39.04
CA GLY C 567 -21.40 -27.65 -39.27
C GLY C 567 -20.44 -27.07 -40.28
N ASN C 568 -20.85 -25.98 -40.92
CA ASN C 568 -19.91 -25.25 -41.78
C ASN C 568 -18.70 -24.79 -40.97
N ARG C 569 -17.52 -24.95 -41.56
CA ARG C 569 -16.22 -24.60 -40.98
C ARG C 569 -15.92 -25.36 -39.69
N SER C 570 -16.54 -26.53 -39.48
CA SER C 570 -16.20 -27.35 -38.34
C SER C 570 -15.13 -28.37 -38.73
N PHE C 571 -14.44 -28.91 -37.73
CA PHE C 571 -13.29 -29.78 -38.03
C PHE C 571 -13.15 -30.86 -36.98
N ALA C 572 -13.23 -32.11 -37.42
CA ALA C 572 -13.01 -33.27 -36.57
C ALA C 572 -11.55 -33.70 -36.66
N ASP C 573 -10.83 -33.60 -35.54
CA ASP C 573 -9.48 -34.17 -35.53
C ASP C 573 -9.51 -35.66 -35.83
N TYR C 574 -10.59 -36.35 -35.45
CA TYR C 574 -10.88 -37.68 -35.97
C TYR C 574 -12.33 -38.02 -35.70
N ILE C 575 -12.89 -38.82 -36.58
CA ILE C 575 -14.15 -39.50 -36.35
C ILE C 575 -13.84 -40.98 -36.52
N GLU C 576 -14.06 -41.74 -35.47
CA GLU C 576 -13.76 -43.16 -35.49
C GLU C 576 -15.00 -43.97 -35.14
N VAL C 577 -15.33 -44.93 -35.99
CA VAL C 577 -16.47 -45.81 -35.80
C VAL C 577 -15.95 -47.24 -35.73
N GLN C 578 -16.25 -47.92 -34.63
CA GLN C 578 -15.78 -49.28 -34.38
C GLN C 578 -16.92 -50.17 -33.92
N ASP C 579 -17.09 -51.31 -34.60
CA ASP C 579 -17.99 -52.38 -34.15
C ASP C 579 -19.40 -51.88 -33.89
N SER C 580 -19.99 -51.21 -34.86
CA SER C 580 -21.28 -50.57 -34.62
C SER C 580 -22.26 -50.90 -35.75
N GLN C 581 -23.54 -50.69 -35.46
CA GLN C 581 -24.63 -51.09 -36.35
C GLN C 581 -25.53 -49.91 -36.64
N PHE C 582 -25.85 -49.72 -37.88
CA PHE C 582 -26.71 -48.65 -38.34
C PHE C 582 -27.72 -49.26 -39.28
N LYS C 583 -29.00 -49.01 -39.04
CA LYS C 583 -30.08 -49.56 -39.83
C LYS C 583 -31.28 -48.63 -40.01
N HIS C 584 -31.78 -48.52 -41.24
CA HIS C 584 -32.94 -47.69 -41.63
C HIS C 584 -32.79 -46.18 -41.41
N ILE C 585 -32.03 -45.55 -42.26
CA ILE C 585 -31.71 -44.16 -42.23
C ILE C 585 -31.95 -43.56 -43.59
N THR C 586 -32.78 -42.53 -43.64
CA THR C 586 -33.18 -41.91 -44.90
C THR C 586 -32.20 -40.87 -45.41
N GLY C 587 -31.45 -40.22 -44.53
CA GLY C 587 -30.43 -39.27 -44.92
C GLY C 587 -29.08 -39.93 -45.13
N ASP C 588 -28.03 -39.14 -44.99
CA ASP C 588 -26.66 -39.62 -45.03
C ASP C 588 -26.17 -40.10 -43.66
N LEU C 589 -25.13 -40.91 -43.67
CA LEU C 589 -24.45 -41.30 -42.44
C LEU C 589 -23.52 -40.19 -41.93
N PHE C 590 -22.48 -39.86 -42.69
CA PHE C 590 -21.58 -38.76 -42.34
C PHE C 590 -21.55 -37.70 -43.44
N ARG C 591 -21.95 -36.48 -43.10
CA ARG C 591 -21.95 -35.35 -44.02
C ARG C 591 -20.75 -34.47 -43.68
N LEU C 592 -19.67 -34.63 -44.42
CA LEU C 592 -18.39 -34.01 -44.16
C LEU C 592 -17.94 -33.22 -45.39
N ASN C 593 -18.87 -32.53 -46.02
CA ASN C 593 -18.68 -31.98 -47.37
C ASN C 593 -19.23 -30.57 -47.44
N LYS C 594 -19.08 -29.79 -46.37
CA LYS C 594 -19.70 -28.48 -46.33
C LYS C 594 -18.88 -27.39 -47.00
N GLU C 595 -17.58 -27.59 -47.20
CA GLU C 595 -16.69 -26.49 -47.61
C GLU C 595 -16.55 -26.48 -49.14
N THR C 596 -17.65 -26.12 -49.77
CA THR C 596 -17.78 -26.11 -51.22
C THR C 596 -17.21 -24.86 -51.88
N ASP C 597 -16.56 -23.95 -51.16
CA ASP C 597 -16.01 -22.76 -51.79
C ASP C 597 -14.54 -22.92 -52.22
N ASP C 598 -13.98 -24.13 -52.11
CA ASP C 598 -12.70 -24.49 -52.74
C ASP C 598 -11.55 -23.55 -52.34
N LEU C 599 -11.48 -23.23 -51.05
CA LEU C 599 -10.33 -22.53 -50.50
C LEU C 599 -9.43 -23.47 -49.71
N GLY C 600 -9.51 -24.78 -50.01
CA GLY C 600 -8.69 -25.77 -49.35
C GLY C 600 -9.14 -26.24 -47.98
N ILE C 601 -10.28 -25.77 -47.48
CA ILE C 601 -10.74 -26.13 -46.14
C ILE C 601 -11.46 -27.48 -46.18
N TYR C 602 -11.39 -28.23 -45.08
CA TYR C 602 -12.11 -29.50 -44.99
C TYR C 602 -12.56 -29.72 -43.55
N ASN C 603 -13.33 -30.81 -43.35
CA ASN C 603 -14.09 -31.03 -42.13
C ASN C 603 -13.58 -32.17 -41.26
N VAL C 604 -12.62 -32.97 -41.71
CA VAL C 604 -12.19 -34.13 -40.93
C VAL C 604 -10.76 -34.49 -41.29
N GLU C 605 -9.92 -34.70 -40.28
CA GLU C 605 -8.57 -35.18 -40.56
C GLU C 605 -8.56 -36.69 -40.78
N TYR C 606 -9.10 -37.46 -39.83
CA TYR C 606 -9.17 -38.91 -39.94
C TYR C 606 -10.62 -39.36 -39.80
N LEU C 607 -11.11 -40.06 -40.81
CA LEU C 607 -12.39 -40.76 -40.81
C LEU C 607 -12.09 -42.25 -40.88
N THR C 608 -12.57 -42.99 -39.88
CA THR C 608 -12.30 -44.43 -39.80
C THR C 608 -13.57 -45.17 -39.42
N ILE C 609 -13.99 -46.13 -40.25
CA ILE C 609 -15.12 -46.99 -39.95
C ILE C 609 -14.66 -48.43 -40.12
N GLU C 610 -14.71 -49.21 -39.04
CA GLU C 610 -14.19 -50.57 -39.09
C GLU C 610 -15.12 -51.54 -38.37
N ASN C 611 -15.26 -52.74 -38.93
CA ASN C 611 -15.97 -53.83 -38.27
C ASN C 611 -17.40 -53.43 -37.95
N SER C 612 -18.00 -52.64 -38.83
CA SER C 612 -19.33 -52.12 -38.56
C SER C 612 -20.28 -52.59 -39.64
N ASN C 613 -21.56 -52.31 -39.43
CA ASN C 613 -22.61 -52.83 -40.27
C ASN C 613 -23.60 -51.73 -40.57
N VAL C 614 -23.81 -51.43 -41.85
CA VAL C 614 -24.78 -50.42 -42.27
C VAL C 614 -25.76 -51.07 -43.23
N SER C 615 -27.05 -50.98 -42.90
CA SER C 615 -28.09 -51.55 -43.75
C SER C 615 -29.23 -50.57 -43.94
N ASP C 616 -29.79 -50.54 -45.15
CA ASP C 616 -30.92 -49.68 -45.52
C ASP C 616 -30.65 -48.21 -45.19
N LEU C 617 -29.61 -47.68 -45.81
CA LEU C 617 -29.20 -46.28 -45.71
C LEU C 617 -29.44 -45.64 -47.06
N GLN C 618 -30.37 -44.69 -47.13
CA GLN C 618 -30.69 -44.09 -48.44
C GLN C 618 -29.59 -43.19 -48.94
N GLY C 619 -28.93 -42.45 -48.06
CA GLY C 619 -27.84 -41.58 -48.43
C GLY C 619 -26.52 -42.32 -48.43
N ALA C 620 -25.43 -41.55 -48.41
CA ALA C 620 -24.09 -42.11 -48.48
C ALA C 620 -23.53 -42.39 -47.09
N ILE C 621 -22.60 -43.34 -47.05
CA ILE C 621 -21.85 -43.62 -45.83
C ILE C 621 -21.07 -42.38 -45.41
N ALA C 622 -20.39 -41.75 -46.35
CA ALA C 622 -19.74 -40.48 -46.10
C ALA C 622 -19.69 -39.68 -47.38
N LYS C 623 -19.85 -38.38 -47.22
CA LYS C 623 -19.53 -37.41 -48.26
C LYS C 623 -18.45 -36.54 -47.64
N VAL C 624 -17.24 -36.59 -48.20
CA VAL C 624 -16.18 -35.77 -47.66
C VAL C 624 -15.45 -35.09 -48.81
N TYR C 625 -15.20 -33.79 -48.63
CA TYR C 625 -14.90 -32.88 -49.71
C TYR C 625 -13.79 -31.94 -49.25
N ARG C 626 -12.76 -31.80 -50.08
CA ARG C 626 -11.68 -30.82 -49.93
C ARG C 626 -11.45 -30.22 -51.31
N GLY C 627 -11.88 -28.98 -51.51
CA GLY C 627 -11.87 -28.36 -52.82
C GLY C 627 -10.68 -27.43 -53.06
N GLY C 628 -10.36 -27.25 -54.33
CA GLY C 628 -9.27 -26.37 -54.72
C GLY C 628 -7.99 -27.11 -55.02
N THR C 629 -6.91 -26.36 -55.05
CA THR C 629 -5.62 -26.88 -55.47
C THR C 629 -4.54 -26.71 -54.40
N ASP C 630 -4.94 -26.70 -53.14
CA ASP C 630 -3.99 -26.48 -52.06
C ASP C 630 -3.19 -27.73 -51.76
N GLU C 631 -1.93 -27.53 -51.37
CA GLU C 631 -1.06 -28.66 -51.05
C GLU C 631 -0.41 -28.46 -49.70
N SER C 632 -1.12 -27.83 -48.77
CA SER C 632 -0.54 -27.41 -47.50
C SER C 632 -0.98 -28.26 -46.33
N THR C 633 -1.64 -29.38 -46.60
CA THR C 633 -2.29 -30.18 -45.57
C THR C 633 -2.10 -31.65 -45.93
N PHE C 634 -2.48 -32.51 -45.01
CA PHE C 634 -2.29 -33.94 -45.19
C PHE C 634 -3.59 -34.72 -45.29
N GLY C 635 -4.74 -34.13 -44.97
CA GLY C 635 -5.98 -34.89 -44.95
C GLY C 635 -7.02 -34.39 -45.93
N PRO C 636 -8.21 -34.99 -45.92
CA PRO C 636 -8.68 -36.09 -45.08
C PRO C 636 -8.00 -37.44 -45.34
N HIS C 637 -7.87 -38.26 -44.29
CA HIS C 637 -7.58 -39.68 -44.41
C HIS C 637 -8.89 -40.43 -44.23
N VAL C 638 -9.25 -41.28 -45.19
CA VAL C 638 -10.50 -42.04 -45.09
C VAL C 638 -10.16 -43.51 -45.12
N VAL C 639 -10.52 -44.23 -44.06
CA VAL C 639 -10.12 -45.61 -43.85
C VAL C 639 -11.34 -46.42 -43.42
N MET C 640 -11.74 -47.39 -44.24
CA MET C 640 -12.88 -48.24 -43.93
C MET C 640 -12.51 -49.69 -44.21
N ASN C 641 -12.44 -50.51 -43.16
CA ASN C 641 -12.08 -51.91 -43.33
C ASN C 641 -13.11 -52.79 -42.64
N ASN C 642 -13.33 -53.96 -43.24
CA ASN C 642 -14.07 -55.05 -42.59
C ASN C 642 -15.49 -54.64 -42.22
N ASN C 643 -16.14 -53.88 -43.07
CA ASN C 643 -17.55 -53.56 -42.85
C ASN C 643 -18.43 -54.34 -43.81
N ILE C 644 -19.72 -54.39 -43.48
CA ILE C 644 -20.72 -54.88 -44.40
C ILE C 644 -21.71 -53.75 -44.65
N PHE C 645 -21.82 -53.35 -45.90
CA PHE C 645 -22.71 -52.29 -46.33
C PHE C 645 -23.78 -52.94 -47.20
N ASN C 646 -25.04 -52.77 -46.83
CA ASN C 646 -26.13 -53.38 -47.55
C ASN C 646 -27.23 -52.34 -47.81
N GLU C 647 -27.68 -52.27 -49.06
CA GLU C 647 -28.74 -51.35 -49.47
C GLU C 647 -28.40 -49.90 -49.08
N VAL C 648 -27.22 -49.45 -49.50
CA VAL C 648 -26.68 -48.15 -49.13
C VAL C 648 -26.65 -47.25 -50.35
N GLY C 649 -27.16 -46.04 -50.21
CA GLY C 649 -26.86 -45.00 -51.17
C GLY C 649 -27.77 -44.92 -52.37
N LYS C 650 -28.81 -45.72 -52.44
CA LYS C 650 -29.64 -45.73 -53.64
C LYS C 650 -30.77 -44.71 -53.60
N GLY C 651 -30.95 -44.02 -52.48
CA GLY C 651 -32.01 -43.03 -52.31
C GLY C 651 -32.11 -41.99 -53.40
N LYS C 652 -33.33 -41.57 -53.71
CA LYS C 652 -33.55 -40.63 -54.80
C LYS C 652 -33.11 -39.22 -54.46
N ARG C 653 -32.91 -38.90 -53.17
CA ARG C 653 -32.43 -37.58 -52.77
C ARG C 653 -30.92 -37.52 -52.57
N ASN C 654 -30.20 -38.60 -52.87
CA ASN C 654 -28.75 -38.63 -52.78
C ASN C 654 -28.19 -38.20 -54.13
N LYS C 655 -27.79 -36.92 -54.22
CA LYS C 655 -27.37 -36.38 -55.51
C LYS C 655 -26.12 -37.06 -56.03
N SER C 656 -25.21 -37.47 -55.14
CA SER C 656 -23.98 -38.12 -55.58
C SER C 656 -24.22 -39.49 -56.21
N ALA C 657 -25.38 -40.10 -55.98
CA ALA C 657 -25.65 -41.49 -56.41
C ALA C 657 -24.49 -42.41 -56.05
N ALA C 658 -23.97 -42.25 -54.84
CA ALA C 658 -22.82 -43.01 -54.39
C ALA C 658 -23.04 -43.45 -52.96
N SER C 659 -22.47 -44.60 -52.61
CA SER C 659 -22.41 -45.00 -51.21
C SER C 659 -21.28 -44.29 -50.49
N LEU C 660 -20.32 -43.77 -51.24
CA LEU C 660 -19.14 -43.13 -50.69
C LEU C 660 -18.65 -42.17 -51.77
N ILE C 661 -18.59 -40.88 -51.49
CA ILE C 661 -18.05 -39.98 -52.49
C ILE C 661 -16.99 -39.13 -51.81
N LEU C 662 -15.78 -39.17 -52.38
CA LEU C 662 -14.58 -38.71 -51.72
C LEU C 662 -13.84 -37.79 -52.67
N HIS C 663 -13.85 -36.49 -52.39
CA HIS C 663 -13.33 -35.47 -53.28
C HIS C 663 -12.16 -34.81 -52.57
N GLY C 664 -10.96 -34.95 -53.14
CA GLY C 664 -9.80 -34.30 -52.58
C GLY C 664 -9.30 -34.89 -51.28
N THR C 665 -9.74 -36.09 -50.93
CA THR C 665 -9.16 -36.83 -49.83
C THR C 665 -7.80 -37.40 -50.22
N GLN C 666 -6.84 -37.34 -49.30
CA GLN C 666 -5.45 -37.57 -49.67
C GLN C 666 -4.95 -38.98 -49.37
N VAL C 667 -5.59 -39.68 -48.45
CA VAL C 667 -5.25 -41.06 -48.14
C VAL C 667 -6.56 -41.82 -48.05
N ASN C 668 -6.75 -42.79 -48.95
CA ASN C 668 -7.99 -43.55 -49.06
C ASN C 668 -7.67 -45.03 -49.00
N LYS C 669 -8.32 -45.74 -48.08
CA LYS C 669 -8.02 -47.15 -47.90
C LYS C 669 -9.32 -47.88 -47.54
N MET C 670 -9.78 -48.73 -48.47
CA MET C 670 -10.99 -49.52 -48.30
C MET C 670 -10.64 -50.99 -48.52
N THR C 671 -10.76 -51.80 -47.47
CA THR C 671 -10.20 -53.13 -47.47
C THR C 671 -11.16 -54.11 -46.80
N THR C 672 -11.40 -55.25 -47.46
CA THR C 672 -12.13 -56.37 -46.84
C THR C 672 -13.54 -55.98 -46.46
N ASN C 673 -14.18 -55.14 -47.27
CA ASN C 673 -15.58 -54.78 -47.06
C ASN C 673 -16.48 -55.59 -47.98
N GLU C 674 -17.74 -55.69 -47.59
CA GLU C 674 -18.80 -56.13 -48.49
C GLU C 674 -19.69 -54.95 -48.83
N PHE C 675 -19.83 -54.67 -50.13
CA PHE C 675 -20.75 -53.66 -50.63
C PHE C 675 -21.87 -54.39 -51.38
N ASN C 676 -22.98 -54.60 -50.69
CA ASN C 676 -24.07 -55.43 -51.19
C ASN C 676 -25.25 -54.56 -51.61
N ASN C 677 -25.62 -54.65 -52.87
CA ASN C 677 -26.82 -54.02 -53.42
C ASN C 677 -26.85 -52.53 -53.11
N SER C 678 -25.75 -51.85 -53.46
CA SER C 678 -25.54 -50.46 -53.11
C SER C 678 -25.06 -49.65 -54.30
N ALA C 679 -25.12 -48.33 -54.14
CA ALA C 679 -24.47 -47.41 -55.06
C ALA C 679 -22.96 -47.56 -54.96
N PRO C 680 -22.22 -47.13 -55.97
CA PRO C 680 -20.78 -47.37 -55.99
C PRO C 680 -20.01 -46.40 -55.09
N ILE C 681 -18.74 -46.75 -54.87
CA ILE C 681 -17.72 -45.83 -54.36
C ILE C 681 -17.31 -44.91 -55.49
N ILE C 682 -17.21 -43.60 -55.21
CA ILE C 682 -16.81 -42.64 -56.23
C ILE C 682 -15.67 -41.78 -55.69
N PHE C 683 -14.56 -41.73 -56.42
CA PHE C 683 -13.42 -40.91 -56.09
C PHE C 683 -13.34 -39.73 -57.04
N GLU C 684 -13.10 -38.55 -56.50
CA GLU C 684 -12.78 -37.38 -57.29
C GLU C 684 -11.45 -36.89 -56.75
N LEU C 685 -10.38 -37.32 -57.38
CA LEU C 685 -9.03 -37.05 -56.90
C LEU C 685 -8.55 -35.70 -57.41
N THR C 686 -7.99 -34.90 -56.51
CA THR C 686 -7.50 -33.58 -56.85
C THR C 686 -5.97 -33.58 -56.84
N VAL C 687 -5.37 -32.39 -56.73
CA VAL C 687 -3.91 -32.24 -56.73
C VAL C 687 -3.31 -32.84 -55.47
N GLY C 688 -1.99 -33.03 -55.48
CA GLY C 688 -1.28 -33.50 -54.31
C GLY C 688 -0.89 -34.96 -54.35
N GLU C 689 -1.03 -35.63 -55.49
CA GLU C 689 -0.68 -37.03 -55.64
C GLU C 689 -1.28 -37.89 -54.54
N PRO C 690 -2.62 -37.91 -54.41
CA PRO C 690 -3.24 -38.69 -53.34
C PRO C 690 -3.04 -40.20 -53.51
N LYS C 691 -3.14 -40.91 -52.39
CA LYS C 691 -2.89 -42.36 -52.36
C LYS C 691 -4.17 -43.11 -52.04
N THR C 692 -4.53 -44.06 -52.90
CA THR C 692 -5.78 -44.82 -52.78
C THR C 692 -5.50 -46.32 -52.92
N TRP C 693 -6.06 -47.10 -51.99
CA TRP C 693 -6.01 -48.56 -52.01
C TRP C 693 -7.41 -49.10 -51.79
N VAL C 694 -7.94 -49.82 -52.77
CA VAL C 694 -9.24 -50.49 -52.67
C VAL C 694 -9.00 -51.93 -53.06
N THR C 695 -8.80 -52.81 -52.08
CA THR C 695 -8.51 -54.21 -52.36
C THR C 695 -9.27 -55.10 -51.41
N GLY C 696 -9.54 -56.32 -51.88
CA GLY C 696 -10.12 -57.34 -51.04
C GLY C 696 -11.58 -57.13 -50.72
N ASN C 697 -12.26 -56.29 -51.48
CA ASN C 697 -13.66 -56.03 -51.20
C ASN C 697 -14.54 -56.90 -52.08
N VAL C 698 -15.79 -57.06 -51.66
CA VAL C 698 -16.79 -57.74 -52.46
C VAL C 698 -17.80 -56.70 -52.91
N PHE C 699 -18.02 -56.62 -54.23
CA PHE C 699 -19.00 -55.72 -54.81
C PHE C 699 -20.08 -56.59 -55.47
N GLU C 700 -21.05 -57.01 -54.66
CA GLU C 700 -22.12 -57.90 -55.09
C GLU C 700 -23.39 -57.07 -55.26
N GLY C 701 -23.88 -56.98 -56.48
CA GLY C 701 -25.00 -56.08 -56.76
C GLY C 701 -24.65 -54.62 -56.60
N THR C 702 -23.37 -54.25 -56.78
CA THR C 702 -22.87 -52.88 -56.60
C THR C 702 -21.85 -52.64 -57.70
N PRO C 703 -21.99 -51.56 -58.48
CA PRO C 703 -20.99 -51.30 -59.52
C PRO C 703 -19.60 -51.10 -58.92
N GLU C 704 -18.59 -51.38 -59.75
CA GLU C 704 -17.17 -51.18 -59.44
C GLU C 704 -16.93 -49.77 -58.96
N PRO C 705 -15.87 -49.53 -58.18
CA PRO C 705 -15.52 -48.16 -57.83
C PRO C 705 -15.32 -47.28 -59.07
N VAL C 706 -15.76 -46.04 -58.97
CA VAL C 706 -15.65 -45.05 -60.05
C VAL C 706 -14.55 -44.07 -59.68
N VAL C 707 -13.69 -43.80 -60.63
CA VAL C 707 -12.67 -42.85 -60.45
C VAL C 707 -12.75 -41.80 -61.53
N ARG C 708 -12.91 -40.56 -61.12
CA ARG C 708 -12.92 -39.40 -61.99
C ARG C 708 -11.67 -38.64 -61.56
N ASP C 709 -10.85 -38.15 -62.46
CA ASP C 709 -9.59 -37.47 -62.04
C ASP C 709 -9.53 -36.02 -62.43
N LEU C 710 -9.71 -35.12 -61.47
CA LEU C 710 -9.66 -33.71 -61.75
C LEU C 710 -8.56 -33.19 -62.64
N PHE C 711 -7.33 -33.65 -62.49
CA PHE C 711 -6.25 -33.14 -63.35
C PHE C 711 -5.45 -34.32 -63.83
N PRO C 712 -6.12 -35.12 -64.62
CA PRO C 712 -5.55 -36.37 -65.08
C PRO C 712 -4.05 -36.48 -65.07
N LEU C 713 -3.60 -37.71 -65.29
CA LEU C 713 -2.19 -38.05 -65.30
C LEU C 713 -1.58 -37.47 -64.04
N SER C 714 -0.45 -36.78 -64.19
CA SER C 714 0.31 -36.18 -63.08
C SER C 714 -0.41 -36.04 -61.75
N GLY C 715 -0.29 -37.12 -61.00
CA GLY C 715 -0.89 -37.21 -59.73
C GLY C 715 -0.85 -38.51 -59.01
N ALA C 716 -2.05 -38.89 -58.72
CA ALA C 716 -2.46 -40.00 -57.95
C ALA C 716 -1.89 -41.37 -58.17
N THR C 717 -1.69 -42.02 -57.05
CA THR C 717 -1.30 -43.40 -57.03
C THR C 717 -2.53 -44.13 -56.58
N THR C 718 -3.22 -44.74 -57.52
CA THR C 718 -4.48 -45.40 -57.25
C THR C 718 -4.33 -46.90 -57.51
N THR C 719 -4.68 -47.70 -56.52
CA THR C 719 -4.56 -49.16 -56.60
C THR C 719 -5.92 -49.77 -56.27
N ILE C 720 -6.64 -50.19 -57.29
CA ILE C 720 -7.91 -50.87 -57.13
C ILE C 720 -7.77 -52.24 -57.78
N SER C 721 -7.69 -53.28 -56.97
CA SER C 721 -7.48 -54.63 -57.47
C SER C 721 -7.89 -55.60 -56.36
N GLY C 722 -7.83 -56.89 -56.68
CA GLY C 722 -8.18 -57.92 -55.72
C GLY C 722 -9.59 -57.82 -55.19
N ASN C 723 -10.52 -57.32 -55.98
CA ASN C 723 -11.92 -57.21 -55.58
C ASN C 723 -12.78 -58.18 -56.38
N THR C 724 -13.76 -58.77 -55.71
CA THR C 724 -14.77 -59.59 -56.36
C THR C 724 -15.91 -58.69 -56.81
N VAL C 725 -16.27 -58.74 -58.09
CA VAL C 725 -17.41 -57.97 -58.59
C VAL C 725 -18.51 -58.94 -59.01
N LEU C 726 -19.62 -58.87 -58.28
CA LEU C 726 -20.78 -59.73 -58.48
C LEU C 726 -20.42 -61.19 -58.38
N ALA D 1 -48.56 -5.46 63.99
CA ALA D 1 -47.43 -5.07 64.81
C ALA D 1 -46.25 -4.61 63.95
N ASP D 2 -45.58 -3.56 64.39
CA ASP D 2 -44.39 -3.04 63.72
C ASP D 2 -43.15 -3.74 64.26
N LEU D 3 -42.33 -4.26 63.36
CA LEU D 3 -41.07 -4.94 63.71
C LEU D 3 -39.92 -4.10 63.11
N LEU D 4 -39.53 -3.03 63.81
CA LEU D 4 -38.40 -2.19 63.41
C LEU D 4 -37.09 -2.97 63.59
N VAL D 5 -36.26 -2.99 62.54
CA VAL D 5 -35.07 -3.85 62.50
C VAL D 5 -33.86 -3.09 61.92
N LYS D 6 -32.69 -3.27 62.53
CA LYS D 6 -31.50 -2.49 62.21
C LYS D 6 -30.35 -3.29 61.59
N THR D 7 -30.46 -4.61 61.54
CA THR D 7 -29.41 -5.47 61.03
C THR D 7 -30.06 -6.64 60.30
N PRO D 8 -29.33 -7.32 59.41
CA PRO D 8 -29.89 -8.52 58.78
C PRO D 8 -30.29 -9.59 59.78
N GLU D 9 -29.54 -9.77 60.87
CA GLU D 9 -29.94 -10.80 61.83
C GLU D 9 -31.24 -10.43 62.52
N ALA D 10 -31.43 -9.15 62.86
CA ALA D 10 -32.71 -8.69 63.40
C ALA D 10 -33.83 -8.91 62.40
N TYR D 11 -33.59 -8.62 61.11
CA TYR D 11 -34.58 -8.93 60.08
C TYR D 11 -34.95 -10.41 60.09
N ASP D 12 -33.96 -11.30 60.17
CA ASP D 12 -34.23 -12.75 60.17
C ASP D 12 -35.12 -13.14 61.35
N GLN D 13 -34.84 -12.59 62.53
CA GLN D 13 -35.67 -12.86 63.71
C GLN D 13 -37.07 -12.30 63.52
N ALA D 14 -37.17 -11.08 63.01
CA ALA D 14 -38.48 -10.48 62.77
C ALA D 14 -39.27 -11.28 61.75
N LEU D 15 -38.61 -11.87 60.75
CA LEU D 15 -39.31 -12.63 59.72
C LEU D 15 -39.95 -13.89 60.29
N LYS D 16 -39.25 -14.56 61.21
CA LYS D 16 -39.80 -15.75 61.85
C LYS D 16 -41.06 -15.43 62.66
N LYS D 17 -41.11 -14.25 63.28
CA LYS D 17 -42.21 -13.90 64.16
C LYS D 17 -43.37 -13.18 63.46
N ALA D 18 -43.15 -12.69 62.24
CA ALA D 18 -44.17 -11.92 61.53
C ALA D 18 -45.43 -12.75 61.34
N LYS D 19 -46.55 -12.16 61.70
CA LYS D 19 -47.85 -12.77 61.48
C LYS D 19 -48.62 -11.95 60.46
N PRO D 20 -49.67 -12.50 59.85
CA PRO D 20 -50.47 -11.72 58.92
C PRO D 20 -50.86 -10.36 59.50
N GLY D 21 -50.59 -9.31 58.76
CA GLY D 21 -50.88 -7.95 59.20
C GLY D 21 -49.70 -7.20 59.78
N ASP D 22 -48.58 -7.87 60.02
CA ASP D 22 -47.39 -7.21 60.56
C ASP D 22 -46.59 -6.52 59.46
N ASP D 23 -45.83 -5.50 59.86
CA ASP D 23 -44.89 -4.78 59.00
C ASP D 23 -43.49 -4.95 59.55
N ILE D 24 -42.60 -5.53 58.76
CA ILE D 24 -41.17 -5.54 59.07
C ILE D 24 -40.57 -4.26 58.48
N ILE D 25 -39.90 -3.48 59.30
CA ILE D 25 -39.47 -2.14 58.92
C ILE D 25 -37.95 -2.06 58.99
N LEU D 26 -37.31 -1.87 57.84
CA LEU D 26 -35.87 -1.65 57.78
C LEU D 26 -35.59 -0.20 58.20
N ALA D 27 -34.77 -0.03 59.23
CA ALA D 27 -34.49 1.29 59.75
C ALA D 27 -33.70 2.10 58.74
N ASN D 28 -33.90 3.42 58.75
CA ASN D 28 -33.20 4.30 57.82
C ASN D 28 -31.69 4.08 57.90
N GLY D 29 -31.02 4.19 56.75
CA GLY D 29 -29.59 4.03 56.65
C GLY D 29 -29.24 3.19 55.42
N THR D 30 -27.97 2.78 55.34
CA THR D 30 -27.44 2.05 54.19
C THR D 30 -27.18 0.60 54.54
N TRP D 31 -27.91 -0.30 53.89
CA TRP D 31 -27.77 -1.75 54.08
C TRP D 31 -26.95 -2.29 52.91
N ARG D 32 -25.64 -2.45 53.12
CA ARG D 32 -24.76 -2.93 52.05
C ARG D 32 -24.70 -4.46 52.06
N ASP D 33 -24.68 -5.05 50.87
CA ASP D 33 -24.52 -6.50 50.68
C ASP D 33 -25.64 -7.30 51.39
N PHE D 34 -26.87 -6.86 51.20
CA PHE D 34 -28.03 -7.45 51.87
C PHE D 34 -28.85 -8.24 50.85
N GLU D 35 -28.76 -9.56 50.89
CA GLU D 35 -29.56 -10.42 50.04
C GLU D 35 -30.84 -10.77 50.78
N VAL D 36 -31.89 -10.00 50.52
CA VAL D 36 -33.15 -10.13 51.25
C VAL D 36 -33.95 -11.29 50.67
N LEU D 37 -34.29 -12.25 51.51
CA LEU D 37 -35.28 -13.28 51.17
C LEU D 37 -36.52 -12.98 52.02
N PHE D 38 -37.54 -12.41 51.40
CA PHE D 38 -38.80 -12.08 52.08
C PHE D 38 -39.78 -13.21 51.80
N GLU D 39 -39.76 -14.21 52.68
CA GLU D 39 -40.57 -15.42 52.51
C GLU D 39 -41.52 -15.53 53.70
N ALA D 40 -42.81 -15.31 53.44
CA ALA D 40 -43.83 -15.33 54.48
C ALA D 40 -45.19 -15.57 53.85
N LYS D 41 -46.24 -15.52 54.67
CA LYS D 41 -47.57 -15.97 54.28
C LYS D 41 -48.60 -15.10 55.03
N GLY D 42 -49.06 -14.05 54.38
CA GLY D 42 -50.17 -13.27 54.88
C GLY D 42 -51.50 -13.87 54.48
N ASN D 43 -52.57 -13.10 54.67
CA ASN D 43 -53.89 -13.43 54.19
C ASN D 43 -54.38 -12.33 53.27
N GLU D 44 -55.47 -12.61 52.55
CA GLU D 44 -56.03 -11.62 51.64
C GLU D 44 -56.38 -10.33 52.35
N ASN D 45 -56.78 -10.39 53.62
CA ASN D 45 -57.17 -9.18 54.33
C ASN D 45 -56.03 -8.58 55.14
N LYS D 46 -55.04 -9.37 55.52
CA LYS D 46 -53.93 -8.91 56.36
C LYS D 46 -52.62 -9.39 55.72
N PRO D 47 -52.06 -8.61 54.81
CA PRO D 47 -50.79 -8.99 54.20
C PRO D 47 -49.65 -8.81 55.20
N ILE D 48 -48.51 -9.40 54.85
CA ILE D 48 -47.27 -9.15 55.57
C ILE D 48 -46.41 -8.20 54.76
N THR D 49 -45.98 -7.12 55.37
CA THR D 49 -45.32 -6.03 54.67
C THR D 49 -43.85 -5.94 55.08
N LEU D 50 -42.98 -5.69 54.10
CA LEU D 50 -41.59 -5.32 54.31
C LEU D 50 -41.40 -3.92 53.73
N ARG D 51 -40.97 -2.97 54.56
CA ARG D 51 -40.86 -1.61 54.04
C ARG D 51 -39.77 -0.83 54.76
N GLY D 52 -39.29 0.20 54.06
CA GLY D 52 -38.33 1.12 54.66
C GLY D 52 -39.00 2.07 55.63
N GLN D 53 -38.28 2.40 56.69
CA GLN D 53 -38.82 3.28 57.72
C GLN D 53 -39.32 4.57 57.09
N THR D 54 -38.44 5.29 56.42
CA THR D 54 -38.77 6.51 55.69
C THR D 54 -38.44 6.29 54.23
N PRO D 55 -39.43 6.14 53.34
CA PRO D 55 -39.11 5.89 51.92
C PRO D 55 -38.24 7.01 51.37
N GLY D 56 -37.12 6.63 50.77
CA GLY D 56 -36.12 7.57 50.34
C GLY D 56 -34.92 7.67 51.24
N LYS D 57 -34.98 7.07 52.43
CA LYS D 57 -33.86 7.05 53.36
C LYS D 57 -33.37 5.64 53.68
N VAL D 58 -33.96 4.61 53.10
CA VAL D 58 -33.46 3.24 53.25
C VAL D 58 -32.88 2.82 51.91
N PHE D 59 -31.58 2.53 51.90
CA PHE D 59 -30.82 2.16 50.72
C PHE D 59 -30.25 0.76 50.86
N LEU D 60 -30.42 -0.07 49.84
CA LEU D 60 -29.73 -1.35 49.70
C LEU D 60 -28.65 -1.18 48.63
N THR D 61 -27.41 -1.42 49.01
CA THR D 61 -26.24 -1.12 48.20
C THR D 61 -25.32 -2.33 48.13
N GLY D 62 -24.27 -2.23 47.31
CA GLY D 62 -23.36 -3.36 47.10
C GLY D 62 -24.06 -4.52 46.43
N GLN D 63 -23.71 -5.75 46.83
CA GLN D 63 -24.34 -6.96 46.31
C GLN D 63 -25.64 -7.30 47.04
N SER D 64 -26.61 -6.40 46.91
CA SER D 64 -27.93 -6.57 47.52
C SER D 64 -28.95 -7.05 46.48
N ASN D 65 -29.97 -7.76 46.95
CA ASN D 65 -31.07 -8.16 46.08
C ASN D 65 -32.29 -8.47 46.94
N LEU D 66 -33.37 -8.90 46.29
CA LEU D 66 -34.64 -9.14 46.96
C LEU D 66 -35.36 -10.30 46.30
N ARG D 67 -35.81 -11.24 47.10
CA ARG D 67 -36.62 -12.37 46.64
C ARG D 67 -37.86 -12.45 47.50
N LEU D 68 -39.04 -12.39 46.87
CA LEU D 68 -40.31 -12.64 47.52
C LEU D 68 -40.73 -14.09 47.32
N ALA D 69 -41.30 -14.69 48.35
CA ALA D 69 -41.77 -16.06 48.25
C ALA D 69 -42.96 -16.27 49.19
N GLY D 70 -44.01 -16.92 48.69
CA GLY D 70 -45.20 -17.18 49.49
C GLY D 70 -46.43 -16.48 48.94
N GLU D 71 -47.17 -15.77 49.78
CA GLU D 71 -48.38 -15.12 49.30
C GLU D 71 -48.75 -13.95 50.19
N HIS D 72 -49.47 -13.01 49.60
CA HIS D 72 -50.03 -11.85 50.29
C HIS D 72 -48.92 -11.04 51.00
N LEU D 73 -47.86 -10.77 50.26
CA LEU D 73 -46.75 -9.96 50.72
C LEU D 73 -46.79 -8.59 50.06
N ILE D 74 -46.24 -7.60 50.74
CA ILE D 74 -46.07 -6.27 50.17
C ILE D 74 -44.66 -5.80 50.51
N VAL D 75 -43.97 -5.23 49.51
CA VAL D 75 -42.65 -4.63 49.72
C VAL D 75 -42.70 -3.20 49.19
N SER D 76 -42.29 -2.24 50.03
CA SER D 76 -42.36 -0.84 49.62
C SER D 76 -41.25 -0.02 50.24
N GLY D 77 -40.98 1.13 49.61
CA GLY D 77 -40.14 2.18 50.19
C GLY D 77 -38.66 1.88 50.32
N LEU D 78 -38.06 1.25 49.31
CA LEU D 78 -36.65 0.88 49.30
C LEU D 78 -35.97 1.50 48.09
N VAL D 79 -34.68 1.80 48.23
CA VAL D 79 -33.85 2.30 47.13
C VAL D 79 -32.65 1.36 46.96
N PHE D 80 -32.57 0.70 45.79
CA PHE D 80 -31.37 0.00 45.36
C PHE D 80 -30.50 0.96 44.55
N LYS D 81 -29.28 1.22 45.02
CA LYS D 81 -28.29 2.00 44.28
C LYS D 81 -26.90 1.59 44.76
N ASP D 82 -25.87 2.15 44.11
CA ASP D 82 -24.46 1.93 44.49
C ASP D 82 -24.16 0.45 44.67
N GLY D 83 -24.52 -0.35 43.67
CA GLY D 83 -24.30 -1.78 43.76
C GLY D 83 -24.85 -2.49 42.56
N TYR D 84 -24.91 -3.82 42.66
CA TYR D 84 -25.50 -4.64 41.62
C TYR D 84 -25.80 -6.01 42.21
N THR D 85 -26.74 -6.72 41.59
CA THR D 85 -27.15 -8.02 42.14
C THR D 85 -26.05 -9.06 41.92
N PRO D 86 -25.76 -9.89 42.92
CA PRO D 86 -24.84 -11.01 42.69
C PRO D 86 -25.51 -12.21 42.05
N THR D 87 -26.83 -12.19 41.89
CA THR D 87 -27.56 -13.28 41.26
C THR D 87 -27.98 -12.85 39.87
N GLY D 88 -28.97 -13.54 39.30
CA GLY D 88 -29.47 -13.15 37.99
C GLY D 88 -30.43 -11.98 38.02
N GLU D 89 -31.00 -11.66 39.18
CA GLU D 89 -32.04 -10.64 39.28
C GLU D 89 -31.86 -9.79 40.52
N VAL D 90 -32.16 -8.49 40.41
CA VAL D 90 -32.23 -7.64 41.60
C VAL D 90 -33.46 -8.02 42.42
N ILE D 91 -34.64 -7.98 41.82
CA ILE D 91 -35.90 -8.32 42.48
C ILE D 91 -36.53 -9.48 41.73
N ALA D 92 -36.83 -10.56 42.45
CA ALA D 92 -37.41 -11.75 41.87
C ALA D 92 -38.62 -12.15 42.70
N PHE D 93 -39.76 -12.35 42.03
CA PHE D 93 -40.96 -12.84 42.71
C PHE D 93 -40.90 -14.34 42.96
N ARG D 94 -39.75 -14.86 43.37
CA ARG D 94 -39.66 -16.25 43.78
C ARG D 94 -38.44 -16.40 44.70
N ARG D 95 -38.44 -17.50 45.46
CA ARG D 95 -37.22 -17.91 46.13
C ARG D 95 -36.33 -18.69 45.19
N ASN D 96 -36.91 -19.63 44.47
CA ASN D 96 -36.20 -20.44 43.48
C ASN D 96 -37.24 -21.01 42.54
N LYS D 97 -36.81 -21.92 41.66
CA LYS D 97 -37.69 -22.45 40.62
C LYS D 97 -38.97 -23.05 41.19
N ASP D 98 -38.90 -23.64 42.38
CA ASP D 98 -40.01 -24.43 42.92
C ASP D 98 -40.85 -23.66 43.93
N VAL D 99 -40.41 -22.50 44.39
CA VAL D 99 -41.06 -21.79 45.49
C VAL D 99 -41.31 -20.35 45.02
N LEU D 100 -42.53 -20.06 44.61
CA LEU D 100 -42.89 -18.80 43.97
C LEU D 100 -43.62 -17.88 44.95
N ALA D 101 -43.85 -16.66 44.48
CA ALA D 101 -44.70 -15.69 45.19
C ALA D 101 -45.94 -15.42 44.37
N SER D 102 -47.09 -15.41 45.02
CA SER D 102 -48.35 -15.04 44.40
C SER D 102 -49.06 -14.05 45.30
N HIS D 103 -50.05 -13.35 44.73
CA HIS D 103 -50.85 -12.36 45.45
C HIS D 103 -49.97 -11.36 46.20
N SER D 104 -48.84 -11.00 45.61
CA SER D 104 -47.86 -10.15 46.26
C SER D 104 -47.61 -8.89 45.45
N ARG D 105 -47.11 -7.87 46.13
CA ARG D 105 -47.03 -6.53 45.57
C ARG D 105 -45.65 -5.95 45.87
N VAL D 106 -45.04 -5.36 44.85
CA VAL D 106 -43.86 -4.53 45.02
C VAL D 106 -44.26 -3.13 44.55
N THR D 107 -44.17 -2.16 45.45
CA THR D 107 -44.67 -0.83 45.17
C THR D 107 -43.76 0.20 45.81
N GLN D 108 -43.56 1.32 45.12
CA GLN D 108 -42.73 2.42 45.60
C GLN D 108 -41.31 1.97 45.96
N VAL D 109 -40.68 1.18 45.09
CA VAL D 109 -39.27 0.89 45.23
C VAL D 109 -38.51 1.39 44.01
N VAL D 110 -37.31 1.90 44.29
CA VAL D 110 -36.46 2.60 43.33
C VAL D 110 -35.25 1.71 43.07
N ILE D 111 -34.92 1.51 41.80
CA ILE D 111 -33.64 0.94 41.38
C ILE D 111 -32.96 1.99 40.51
N ASP D 112 -31.84 2.51 41.00
CA ASP D 112 -31.17 3.67 40.41
C ASP D 112 -29.74 3.28 40.08
N ASN D 113 -29.51 2.99 38.80
CA ASN D 113 -28.17 2.72 38.27
C ASN D 113 -27.45 1.61 39.05
N PHE D 114 -28.19 0.55 39.33
CA PHE D 114 -27.74 -0.66 40.03
C PHE D 114 -27.19 -1.71 39.07
N SER D 115 -26.35 -1.27 38.13
CA SER D 115 -25.90 -2.07 37.00
C SER D 115 -24.63 -2.85 37.33
N ASN D 116 -24.54 -4.05 36.79
CA ASN D 116 -23.31 -4.82 36.79
C ASN D 116 -22.13 -3.97 36.31
N PRO D 117 -20.91 -4.20 36.81
CA PRO D 117 -19.76 -3.41 36.32
C PRO D 117 -19.46 -3.57 34.84
N GLU D 118 -19.81 -4.70 34.21
CA GLU D 118 -19.48 -4.97 32.82
C GLU D 118 -20.74 -5.09 31.99
N LYS D 119 -20.84 -4.26 30.95
CA LYS D 119 -22.05 -4.19 30.14
C LYS D 119 -22.51 -5.55 29.61
N PHE D 120 -21.59 -6.48 29.34
CA PHE D 120 -22.04 -7.72 28.73
C PHE D 120 -21.93 -8.91 29.66
N GLU D 121 -21.88 -8.66 30.95
CA GLU D 121 -22.25 -9.62 31.98
C GLU D 121 -23.75 -9.42 32.25
N GLN D 122 -24.57 -10.37 31.82
CA GLN D 122 -26.01 -10.17 31.74
C GLN D 122 -26.74 -10.37 33.08
N ASP D 123 -27.72 -9.51 33.38
CA ASP D 123 -28.66 -9.74 34.47
C ASP D 123 -29.99 -9.11 34.11
N SER D 124 -30.98 -9.27 35.00
CA SER D 124 -32.23 -8.53 34.91
C SER D 124 -32.57 -7.87 36.25
N TRP D 125 -33.36 -6.81 36.19
CA TRP D 125 -33.64 -6.08 37.44
C TRP D 125 -34.91 -6.56 38.13
N VAL D 126 -35.96 -6.94 37.39
CA VAL D 126 -37.19 -7.43 37.99
C VAL D 126 -37.68 -8.65 37.21
N MET D 127 -37.84 -9.78 37.91
CA MET D 127 -38.40 -11.01 37.36
C MET D 127 -39.65 -11.41 38.13
N VAL D 128 -40.78 -11.53 37.42
CA VAL D 128 -42.06 -11.89 38.02
C VAL D 128 -42.39 -13.34 37.68
N TYR D 129 -42.80 -14.11 38.69
CA TYR D 129 -43.29 -15.48 38.51
C TYR D 129 -44.62 -15.63 39.23
N GLY D 130 -45.16 -16.85 39.30
CA GLY D 130 -46.40 -17.02 40.06
C GLY D 130 -47.60 -16.38 39.39
N ARG D 131 -48.59 -16.03 40.21
CA ARG D 131 -49.84 -15.44 39.71
C ARG D 131 -50.32 -14.30 40.61
N HIS D 132 -51.09 -13.40 40.00
CA HIS D 132 -51.80 -12.34 40.71
C HIS D 132 -50.85 -11.44 41.50
N ASN D 133 -49.69 -11.18 40.94
CA ASN D 133 -48.74 -10.25 41.53
C ASN D 133 -48.90 -8.85 40.92
N ARG D 134 -48.42 -7.86 41.66
CA ARG D 134 -48.55 -6.48 41.23
C ARG D 134 -47.20 -5.77 41.36
N PHE D 135 -46.84 -5.00 40.34
CA PHE D 135 -45.62 -4.20 40.34
C PHE D 135 -46.03 -2.80 39.93
N ASP D 136 -46.19 -1.91 40.92
CA ASP D 136 -46.76 -0.59 40.66
C ASP D 136 -45.98 0.52 41.37
N HIS D 137 -46.03 1.72 40.78
CA HIS D 137 -45.47 2.95 41.39
C HIS D 137 -44.00 2.79 41.76
N ASN D 138 -43.28 2.07 40.92
CA ASN D 138 -41.84 1.91 41.07
C ASN D 138 -41.11 2.80 40.06
N HIS D 139 -39.79 2.85 40.22
CA HIS D 139 -38.92 3.85 39.58
C HIS D 139 -37.63 3.12 39.20
N LEU D 140 -37.50 2.74 37.92
CA LEU D 140 -36.34 2.00 37.42
C LEU D 140 -35.64 2.86 36.38
N VAL D 141 -34.34 3.11 36.57
CA VAL D 141 -33.60 4.01 35.69
C VAL D 141 -32.14 3.61 35.62
N GLY D 142 -31.58 3.73 34.42
CA GLY D 142 -30.15 3.62 34.23
C GLY D 142 -29.54 2.23 34.14
N LYS D 143 -30.28 1.21 33.68
CA LYS D 143 -29.65 -0.10 33.51
C LYS D 143 -28.74 -0.07 32.29
N ARG D 144 -27.48 -0.43 32.47
CA ARG D 144 -26.50 -0.26 31.41
C ARG D 144 -26.13 -1.55 30.68
N ASN D 145 -26.31 -2.71 31.31
CA ASN D 145 -25.76 -3.97 30.84
C ASN D 145 -26.81 -4.80 30.11
N LYS D 146 -26.32 -5.82 29.39
CA LYS D 146 -27.21 -6.72 28.67
C LYS D 146 -28.25 -7.34 29.61
N GLY D 147 -29.47 -7.46 29.12
CA GLY D 147 -30.53 -8.08 29.90
C GLY D 147 -31.70 -7.13 30.08
N VAL D 148 -32.90 -7.66 29.85
CA VAL D 148 -34.12 -6.88 29.96
C VAL D 148 -34.24 -6.31 31.37
N THR D 149 -34.70 -5.06 31.47
CA THR D 149 -34.86 -4.44 32.79
C THR D 149 -35.86 -5.22 33.63
N MET D 150 -37.02 -5.57 33.07
CA MET D 150 -38.05 -6.29 33.79
C MET D 150 -38.71 -7.32 32.88
N ALA D 151 -38.91 -8.54 33.36
CA ALA D 151 -39.62 -9.53 32.58
C ALA D 151 -40.59 -10.34 33.42
N VAL D 152 -41.69 -10.76 32.78
CA VAL D 152 -42.61 -11.75 33.31
C VAL D 152 -42.21 -13.12 32.77
N ARG D 153 -42.00 -14.07 33.67
CA ARG D 153 -41.58 -15.41 33.28
C ARG D 153 -42.76 -16.37 33.28
N LEU D 154 -42.69 -17.36 32.40
CA LEU D 154 -43.78 -18.32 32.17
C LEU D 154 -43.27 -19.75 32.18
N THR D 155 -42.23 -20.03 32.96
CA THR D 155 -41.46 -21.26 32.79
C THR D 155 -42.28 -22.50 33.13
N THR D 156 -43.25 -22.37 34.03
CA THR D 156 -44.14 -23.48 34.35
C THR D 156 -45.58 -22.99 34.36
N GLU D 157 -46.51 -23.94 34.35
CA GLU D 157 -47.93 -23.62 34.43
C GLU D 157 -48.24 -22.70 35.59
N SER D 158 -47.51 -22.84 36.70
CA SER D 158 -47.72 -22.03 37.89
C SER D 158 -47.45 -20.55 37.66
N SER D 159 -46.70 -20.19 36.62
CA SER D 159 -46.48 -18.78 36.32
C SER D 159 -47.27 -18.31 35.11
N GLN D 160 -47.95 -19.22 34.41
CA GLN D 160 -48.80 -18.88 33.29
C GLN D 160 -50.18 -18.48 33.79
N GLN D 161 -50.94 -17.81 32.92
CA GLN D 161 -52.29 -17.34 33.24
C GLN D 161 -52.27 -16.57 34.56
N ASN D 162 -51.38 -15.59 34.63
CA ASN D 162 -51.01 -14.97 35.90
C ASN D 162 -51.89 -13.80 36.28
N HIS D 163 -52.38 -13.04 35.30
CA HIS D 163 -53.11 -11.80 35.56
C HIS D 163 -52.27 -10.82 36.37
N HIS D 164 -50.95 -10.90 36.22
CA HIS D 164 -50.07 -9.92 36.82
C HIS D 164 -50.44 -8.52 36.35
N ARG D 165 -50.26 -7.54 37.23
CA ARG D 165 -50.54 -6.15 36.91
C ARG D 165 -49.29 -5.30 37.09
N ILE D 166 -48.96 -4.53 36.07
CA ILE D 166 -47.77 -3.71 36.03
C ILE D 166 -48.27 -2.32 35.67
N ASP D 167 -48.40 -1.43 36.67
CA ASP D 167 -49.06 -0.15 36.45
C ASP D 167 -48.37 0.99 37.18
N HIS D 168 -48.50 2.21 36.62
CA HIS D 168 -48.06 3.46 37.27
C HIS D 168 -46.56 3.48 37.59
N ASN D 169 -45.75 2.76 36.82
CA ASN D 169 -44.32 2.72 37.02
C ASN D 169 -43.64 3.78 36.16
N TYR D 170 -42.56 4.35 36.70
CA TYR D 170 -41.65 5.21 35.95
C TYR D 170 -40.54 4.31 35.40
N PHE D 171 -40.62 4.00 34.10
CA PHE D 171 -39.53 3.31 33.41
C PHE D 171 -38.67 4.42 32.84
N GLY D 172 -37.65 4.81 33.61
CA GLY D 172 -36.84 5.96 33.29
C GLY D 172 -35.82 5.64 32.22
N PRO D 173 -35.03 6.66 31.89
CA PRO D 173 -34.11 6.54 30.76
C PRO D 173 -33.23 5.31 30.88
N ARG D 174 -33.04 4.63 29.75
CA ARG D 174 -32.16 3.48 29.64
C ARG D 174 -31.28 3.72 28.43
N PRO D 175 -29.96 3.81 28.59
CA PRO D 175 -29.11 4.11 27.44
C PRO D 175 -29.03 2.93 26.47
N ILE D 176 -28.66 3.28 25.24
CA ILE D 176 -28.38 2.32 24.18
C ILE D 176 -27.44 1.24 24.69
N LEU D 177 -27.83 -0.02 24.47
CA LEU D 177 -27.00 -1.15 24.89
C LEU D 177 -25.88 -1.39 23.90
N GLY D 178 -26.18 -1.31 22.61
CA GLY D 178 -25.22 -1.63 21.58
C GLY D 178 -25.26 -3.06 21.11
N SER D 179 -26.33 -3.77 21.41
CA SER D 179 -26.59 -5.13 20.93
C SER D 179 -28.05 -5.44 21.26
N ASN D 180 -28.50 -6.62 20.83
CA ASN D 180 -29.76 -7.16 21.28
C ASN D 180 -29.69 -7.48 22.77
N GLY D 181 -30.85 -7.50 23.43
CA GLY D 181 -30.94 -7.73 24.86
C GLY D 181 -31.07 -6.50 25.73
N GLY D 182 -31.58 -5.40 25.20
CA GLY D 182 -31.71 -4.18 25.98
C GLY D 182 -33.14 -3.76 26.25
N GLU D 183 -34.05 -4.74 26.28
CA GLU D 183 -35.47 -4.45 26.43
C GLU D 183 -35.80 -3.89 27.80
N THR D 184 -36.78 -2.99 27.85
CA THR D 184 -37.24 -2.50 29.13
C THR D 184 -38.19 -3.49 29.79
N LEU D 185 -39.09 -4.08 29.00
CA LEU D 185 -40.10 -4.98 29.54
C LEU D 185 -40.32 -6.13 28.58
N ARG D 186 -40.26 -7.36 29.09
CA ARG D 186 -40.50 -8.56 28.31
C ARG D 186 -41.56 -9.41 29.00
N ILE D 187 -42.56 -9.86 28.24
CA ILE D 187 -43.65 -10.68 28.78
C ILE D 187 -43.54 -12.06 28.15
N GLY D 188 -42.89 -12.98 28.85
CA GLY D 188 -42.68 -14.32 28.32
C GLY D 188 -41.38 -14.43 27.53
N THR D 189 -41.19 -15.61 26.95
CA THR D 189 -40.07 -15.92 26.06
C THR D 189 -40.59 -16.75 24.91
N SER D 190 -39.71 -17.05 23.94
CA SER D 190 -40.17 -17.77 22.77
C SER D 190 -40.67 -19.17 23.13
N HIS D 191 -39.96 -19.87 24.01
CA HIS D 191 -40.33 -21.24 24.35
C HIS D 191 -41.73 -21.36 24.93
N HIS D 192 -42.22 -20.32 25.62
CA HIS D 192 -43.54 -20.37 26.23
C HIS D 192 -44.50 -19.39 25.59
N SER D 193 -44.18 -18.92 24.40
CA SER D 193 -44.93 -17.82 23.81
C SER D 193 -46.31 -18.23 23.34
N LEU D 194 -46.60 -19.52 23.28
CA LEU D 194 -47.90 -20.05 22.90
C LEU D 194 -48.81 -20.29 24.10
N THR D 195 -48.32 -20.08 25.31
CA THR D 195 -49.17 -20.16 26.50
C THR D 195 -49.78 -18.79 26.75
N ASP D 196 -50.88 -18.78 27.50
CA ASP D 196 -51.57 -17.54 27.83
C ASP D 196 -51.00 -16.97 29.12
N SER D 197 -50.70 -15.68 29.10
CA SER D 197 -50.20 -14.98 30.28
C SER D 197 -51.25 -14.07 30.94
N PHE D 198 -52.08 -13.39 30.17
CA PHE D 198 -53.12 -12.51 30.71
C PHE D 198 -52.52 -11.38 31.55
N THR D 199 -51.33 -10.89 31.18
CA THR D 199 -50.67 -9.84 31.94
C THR D 199 -51.20 -8.46 31.54
N LEU D 200 -51.39 -7.60 32.54
CA LEU D 200 -51.92 -6.26 32.33
C LEU D 200 -50.83 -5.21 32.55
N VAL D 201 -50.49 -4.47 31.50
CA VAL D 201 -49.45 -3.44 31.53
C VAL D 201 -50.14 -2.11 31.26
N GLU D 202 -50.39 -1.32 32.30
CA GLU D 202 -51.22 -0.14 32.11
C GLU D 202 -50.69 1.07 32.88
N ASN D 203 -50.85 2.24 32.28
CA ASN D 203 -50.57 3.52 32.94
C ASN D 203 -49.10 3.64 33.38
N ASN D 204 -48.19 3.08 32.60
CA ASN D 204 -46.78 3.27 32.85
C ASN D 204 -46.21 4.36 31.94
N TYR D 205 -45.11 4.97 32.40
CA TYR D 205 -44.45 6.04 31.66
C TYR D 205 -43.07 5.54 31.28
N PHE D 206 -42.78 5.52 29.97
CA PHE D 206 -41.50 5.04 29.43
C PHE D 206 -40.75 6.28 28.94
N ASP D 207 -39.79 6.73 29.74
CA ASP D 207 -39.08 7.98 29.52
C ASP D 207 -37.72 7.67 28.91
N ARG D 208 -37.57 7.93 27.62
CA ARG D 208 -36.34 7.66 26.86
C ARG D 208 -35.76 6.27 27.16
N CYS D 209 -36.59 5.25 27.02
CA CYS D 209 -36.13 3.88 27.09
C CYS D 209 -35.55 3.55 25.73
N ASN D 210 -34.22 3.54 25.66
CA ASN D 210 -33.49 3.50 24.41
C ASN D 210 -32.60 2.27 24.30
N GLY D 211 -32.86 1.23 25.11
CA GLY D 211 -31.95 0.09 25.16
C GLY D 211 -31.73 -0.59 23.82
N GLU D 212 -32.76 -0.67 22.98
CA GLU D 212 -32.73 -1.44 21.74
C GLU D 212 -34.04 -1.21 20.98
N VAL D 213 -34.26 -1.98 19.91
CA VAL D 213 -35.43 -1.73 19.08
C VAL D 213 -36.73 -2.06 19.81
N GLU D 214 -36.69 -2.91 20.82
CA GLU D 214 -37.89 -3.29 21.57
C GLU D 214 -37.89 -2.61 22.93
N ILE D 215 -38.73 -1.58 23.10
CA ILE D 215 -39.03 -1.12 24.46
C ILE D 215 -39.81 -2.18 25.22
N ILE D 216 -40.91 -2.64 24.64
CA ILE D 216 -41.70 -3.74 25.17
C ILE D 216 -41.63 -4.89 24.18
N SER D 217 -41.31 -6.07 24.67
CA SER D 217 -41.20 -7.27 23.87
C SER D 217 -42.29 -8.22 24.34
N ASN D 218 -43.45 -8.23 23.68
CA ASN D 218 -44.49 -9.16 24.09
C ASN D 218 -44.22 -10.52 23.44
N LYS D 219 -44.06 -11.54 24.27
CA LYS D 219 -43.71 -12.89 23.85
C LYS D 219 -44.63 -13.93 24.48
N SER D 220 -45.94 -13.64 24.54
CA SER D 220 -46.90 -14.62 25.04
C SER D 220 -48.31 -14.17 24.63
N GLY D 221 -49.31 -14.85 25.16
CA GLY D 221 -50.67 -14.78 24.65
C GLY D 221 -51.61 -13.97 25.54
N LYS D 222 -52.51 -13.24 24.88
CA LYS D 222 -53.70 -12.66 25.51
C LYS D 222 -53.34 -11.68 26.62
N ASN D 223 -52.33 -10.86 26.37
CA ASN D 223 -51.90 -9.81 27.28
C ASN D 223 -52.56 -8.49 26.88
N SER D 224 -52.56 -7.54 27.80
CA SER D 224 -53.19 -6.25 27.54
C SER D 224 -52.22 -5.13 27.88
N ILE D 225 -51.79 -4.40 26.86
CA ILE D 225 -50.82 -3.32 27.00
C ILE D 225 -51.53 -2.02 26.63
N ARG D 226 -51.90 -1.23 27.64
CA ARG D 226 -52.89 -0.18 27.44
C ARG D 226 -52.59 1.04 28.31
N ASN D 227 -52.91 2.22 27.78
CA ASN D 227 -52.84 3.47 28.54
C ASN D 227 -51.43 3.77 29.04
N ASN D 228 -50.42 3.45 28.23
CA ASN D 228 -49.05 3.80 28.58
C ASN D 228 -48.59 4.97 27.72
N VAL D 229 -47.55 5.65 28.19
CA VAL D 229 -46.95 6.77 27.47
C VAL D 229 -45.50 6.45 27.17
N PHE D 230 -45.09 6.72 25.94
CA PHE D 230 -43.72 6.47 25.48
C PHE D 230 -43.14 7.82 25.04
N PHE D 231 -42.29 8.39 25.86
CA PHE D 231 -41.74 9.71 25.62
C PHE D 231 -40.32 9.58 25.09
N GLU D 232 -40.13 10.04 23.85
CA GLU D 232 -38.82 10.11 23.20
C GLU D 232 -38.03 8.83 23.43
N SER D 233 -38.67 7.69 23.22
CA SER D 233 -38.03 6.40 23.44
C SER D 233 -37.58 5.82 22.12
N ARG D 234 -36.32 5.42 22.09
CA ARG D 234 -35.61 5.02 20.88
C ARG D 234 -35.87 3.53 20.63
N GLY D 235 -37.09 3.25 20.20
CA GLY D 235 -37.54 1.87 20.14
C GLY D 235 -39.03 1.79 19.98
N THR D 236 -39.58 0.59 20.24
CA THR D 236 -40.93 0.24 19.84
C THR D 236 -41.62 -0.61 20.89
N LEU D 237 -42.93 -0.70 20.75
CA LEU D 237 -43.74 -1.71 21.41
C LEU D 237 -43.89 -2.85 20.40
N THR D 238 -43.24 -3.98 20.65
CA THR D 238 -43.27 -5.08 19.72
C THR D 238 -44.11 -6.22 20.27
N LEU D 239 -45.06 -6.69 19.45
CA LEU D 239 -45.75 -7.95 19.68
C LEU D 239 -44.88 -9.03 19.03
N ARG D 240 -43.89 -9.53 19.79
CA ARG D 240 -42.76 -10.27 19.21
C ARG D 240 -43.13 -11.72 18.88
N HIS D 241 -43.64 -12.45 19.87
CA HIS D 241 -44.20 -13.78 19.72
C HIS D 241 -45.52 -13.85 20.48
N GLY D 242 -46.38 -14.77 20.09
CA GLY D 242 -47.60 -14.93 20.87
C GLY D 242 -48.77 -14.17 20.27
N ASN D 243 -49.97 -14.64 20.59
CA ASN D 243 -51.17 -14.23 19.85
C ASN D 243 -52.27 -13.72 20.77
N GLY D 244 -53.20 -12.96 20.19
CA GLY D 244 -54.41 -12.57 20.87
C GLY D 244 -54.25 -11.42 21.83
N ASN D 245 -53.29 -10.53 21.58
CA ASN D 245 -52.96 -9.44 22.47
C ASN D 245 -53.69 -8.17 22.06
N ILE D 246 -53.92 -7.31 23.04
CA ILE D 246 -54.61 -6.04 22.82
C ILE D 246 -53.64 -4.91 23.16
N VAL D 247 -53.41 -4.02 22.20
CA VAL D 247 -52.58 -2.84 22.40
C VAL D 247 -53.45 -1.61 22.18
N GLU D 248 -53.63 -0.82 23.24
CA GLU D 248 -54.84 -0.01 23.38
C GLU D 248 -54.56 1.28 24.15
N ASN D 249 -55.06 2.41 23.66
CA ASN D 249 -55.06 3.65 24.43
C ASN D 249 -53.64 4.18 24.75
N ASN D 250 -52.62 3.72 24.03
CA ASN D 250 -51.25 4.15 24.29
C ASN D 250 -50.92 5.42 23.51
N VAL D 251 -49.94 6.17 24.03
CA VAL D 251 -49.53 7.47 23.50
C VAL D 251 -48.02 7.46 23.26
N PHE D 252 -47.60 7.89 22.07
CA PHE D 252 -46.19 7.95 21.69
C PHE D 252 -45.84 9.39 21.29
N PHE D 253 -45.04 10.07 22.11
CA PHE D 253 -44.49 11.39 21.77
C PHE D 253 -43.03 11.21 21.37
N GLY D 254 -42.79 11.13 20.07
CA GLY D 254 -41.41 11.04 19.59
C GLY D 254 -40.69 12.37 19.56
N ASN D 255 -41.45 13.46 19.42
CA ASN D 255 -40.88 14.81 19.36
C ASN D 255 -39.82 14.94 18.27
N GLY D 256 -39.87 14.08 17.27
CA GLY D 256 -38.87 14.14 16.23
C GLY D 256 -37.50 13.64 16.63
N VAL D 257 -37.35 13.04 17.82
CA VAL D 257 -36.10 12.41 18.18
C VAL D 257 -35.80 11.24 17.22
N ASP D 258 -34.52 11.01 16.98
CA ASP D 258 -34.07 10.01 16.02
C ASP D 258 -34.43 8.59 16.50
N HIS D 259 -34.90 7.78 15.57
CA HIS D 259 -35.24 6.37 15.81
C HIS D 259 -36.28 6.18 16.90
N THR D 260 -37.23 7.09 17.05
CA THR D 260 -38.39 6.83 17.87
C THR D 260 -39.41 6.00 17.08
N GLY D 261 -39.85 4.88 17.64
CA GLY D 261 -40.98 4.07 17.14
C GLY D 261 -42.14 4.28 18.09
N GLY D 262 -43.30 3.64 17.93
CA GLY D 262 -43.60 2.59 17.00
C GLY D 262 -44.41 1.48 17.69
N ILE D 263 -45.43 0.95 17.03
CA ILE D 263 -46.02 -0.33 17.37
C ILE D 263 -45.69 -1.29 16.23
N ARG D 264 -45.15 -2.44 16.57
CA ARG D 264 -44.74 -3.44 15.59
C ARG D 264 -45.63 -4.66 15.73
N VAL D 265 -46.28 -5.07 14.65
CA VAL D 265 -47.25 -6.16 14.67
C VAL D 265 -46.64 -7.39 14.00
N ILE D 266 -46.63 -8.50 14.75
CA ILE D 266 -46.21 -9.83 14.29
C ILE D 266 -47.19 -10.81 14.91
N ASN D 267 -47.28 -12.01 14.32
CA ASN D 267 -48.09 -13.10 14.85
C ASN D 267 -49.60 -12.84 14.71
N ARG D 268 -50.43 -13.60 15.41
CA ARG D 268 -51.86 -13.72 15.08
C ARG D 268 -52.78 -13.00 16.07
N ASP D 269 -53.94 -12.58 15.53
CA ASP D 269 -55.09 -12.16 16.32
C ASP D 269 -54.81 -10.94 17.19
N GLN D 270 -53.92 -10.07 16.76
CA GLN D 270 -53.60 -8.88 17.56
C GLN D 270 -54.60 -7.76 17.28
N ILE D 271 -54.87 -6.95 18.30
CA ILE D 271 -55.75 -5.80 18.21
C ILE D 271 -54.97 -4.55 18.58
N ILE D 272 -54.93 -3.59 17.66
CA ILE D 272 -54.22 -2.33 17.87
C ILE D 272 -55.25 -1.22 17.66
N ARG D 273 -55.75 -0.65 18.75
CA ARG D 273 -56.88 0.28 18.68
C ARG D 273 -56.65 1.48 19.59
N ASN D 274 -57.06 2.65 19.12
CA ASN D 274 -57.13 3.84 19.94
C ASN D 274 -55.76 4.24 20.49
N ASN D 275 -54.71 4.07 19.71
CA ASN D 275 -53.38 4.53 20.08
C ASN D 275 -53.04 5.82 19.37
N TYR D 276 -52.35 6.71 20.07
CA TYR D 276 -51.95 8.00 19.51
C TYR D 276 -50.45 8.03 19.30
N LEU D 277 -50.02 8.32 18.08
CA LEU D 277 -48.61 8.29 17.70
C LEU D 277 -48.25 9.62 17.03
N GLU D 278 -47.28 10.34 17.59
CA GLU D 278 -46.90 11.67 17.11
C GLU D 278 -45.38 11.79 17.03
N GLY D 279 -44.89 12.30 15.92
CA GLY D 279 -43.50 12.70 15.81
C GLY D 279 -42.48 11.59 15.85
N LEU D 280 -42.81 10.42 15.28
CA LEU D 280 -41.94 9.25 15.32
C LEU D 280 -41.17 9.19 14.02
N THR D 281 -39.86 9.04 14.13
CA THR D 281 -38.98 9.11 12.98
C THR D 281 -38.41 7.76 12.54
N GLY D 282 -38.64 6.70 13.31
CA GLY D 282 -38.03 5.42 13.02
C GLY D 282 -38.53 4.80 11.72
N TYR D 283 -37.82 3.76 11.29
CA TYR D 283 -38.16 3.05 10.07
C TYR D 283 -37.77 1.59 10.22
N ARG D 284 -38.17 0.78 9.23
CA ARG D 284 -38.01 -0.68 9.25
C ARG D 284 -38.64 -1.20 10.53
N PHE D 285 -37.92 -1.97 11.36
CA PHE D 285 -38.59 -2.53 12.52
C PHE D 285 -38.86 -1.51 13.61
N GLY D 286 -38.25 -0.32 13.51
CA GLY D 286 -38.53 0.76 14.43
C GLY D 286 -39.47 1.81 13.86
N SER D 287 -40.25 1.44 12.85
CA SER D 287 -41.23 2.36 12.27
C SER D 287 -42.28 2.76 13.30
N GLY D 288 -42.96 3.88 13.01
CA GLY D 288 -44.09 4.27 13.84
C GLY D 288 -45.18 3.22 13.86
N LEU D 289 -45.43 2.57 12.73
CA LEU D 289 -46.37 1.47 12.64
C LEU D 289 -45.78 0.44 11.70
N THR D 290 -45.62 -0.78 12.19
CA THR D 290 -45.02 -1.85 11.40
C THR D 290 -45.92 -3.07 11.41
N VAL D 291 -46.18 -3.64 10.24
CA VAL D 291 -46.76 -4.97 10.12
C VAL D 291 -45.77 -5.81 9.35
N MET D 292 -45.12 -6.76 10.04
CA MET D 292 -44.02 -7.53 9.46
C MET D 292 -44.50 -8.67 8.58
N ASN D 293 -43.66 -9.02 7.62
CA ASN D 293 -43.70 -10.34 7.03
C ASN D 293 -43.22 -11.37 8.04
N GLY D 294 -43.77 -12.59 7.95
CA GLY D 294 -43.33 -13.70 8.75
C GLY D 294 -42.68 -14.78 7.91
N VAL D 295 -42.23 -15.81 8.62
CA VAL D 295 -41.56 -16.96 8.00
C VAL D 295 -42.59 -18.08 7.88
N PRO D 296 -42.90 -18.55 6.68
CA PRO D 296 -43.78 -19.73 6.54
C PRO D 296 -43.28 -20.88 7.40
N ASN D 297 -44.19 -21.48 8.16
CA ASN D 297 -43.85 -22.62 9.00
C ASN D 297 -42.69 -22.27 9.95
N SER D 298 -42.80 -21.14 10.62
CA SER D 298 -41.67 -20.56 11.35
C SER D 298 -41.27 -21.43 12.54
N LYS D 299 -39.96 -21.47 12.80
CA LYS D 299 -39.50 -21.88 14.12
C LYS D 299 -40.09 -20.97 15.19
N ILE D 300 -40.15 -21.50 16.41
CA ILE D 300 -40.89 -20.85 17.48
C ILE D 300 -40.27 -19.51 17.84
N ASN D 301 -38.97 -19.31 17.58
CA ASN D 301 -38.30 -18.07 17.94
C ASN D 301 -37.98 -17.19 16.74
N ARG D 302 -38.62 -17.42 15.59
CA ARG D 302 -38.37 -16.55 14.44
C ARG D 302 -39.22 -15.39 13.94
N TYR D 303 -40.28 -15.69 13.20
CA TYR D 303 -41.30 -14.68 12.90
C TYR D 303 -42.52 -15.38 12.33
N HIS D 304 -43.64 -15.22 13.01
CA HIS D 304 -44.89 -15.84 12.61
C HIS D 304 -45.74 -14.84 11.83
N GLN D 305 -46.32 -15.31 10.74
CA GLN D 305 -47.08 -14.49 9.81
C GLN D 305 -48.16 -13.69 10.52
N VAL D 306 -48.34 -12.44 10.09
CA VAL D 306 -49.44 -11.64 10.64
C VAL D 306 -50.74 -12.17 10.07
N ASP D 307 -51.61 -12.66 10.95
CA ASP D 307 -52.86 -13.29 10.57
C ASP D 307 -53.92 -12.70 11.47
N ASN D 308 -54.94 -12.07 10.89
CA ASN D 308 -56.08 -11.54 11.62
C ASN D 308 -55.67 -10.38 12.55
N ALA D 309 -54.86 -9.47 12.04
CA ALA D 309 -54.62 -8.24 12.77
C ALA D 309 -55.79 -7.27 12.57
N LEU D 310 -56.09 -6.48 13.60
CA LEU D 310 -57.10 -5.44 13.52
C LEU D 310 -56.48 -4.14 14.03
N ILE D 311 -56.35 -3.18 13.15
CA ILE D 311 -55.72 -1.91 13.46
C ILE D 311 -56.76 -0.82 13.23
N GLU D 312 -57.32 -0.26 14.29
CA GLU D 312 -58.33 0.75 14.02
C GLU D 312 -58.31 1.87 15.06
N ASN D 313 -58.84 3.01 14.62
CA ASN D 313 -59.01 4.20 15.46
C ASN D 313 -57.70 4.67 16.10
N ASN D 314 -56.60 4.54 15.37
CA ASN D 314 -55.34 5.12 15.80
C ASN D 314 -55.11 6.45 15.09
N THR D 315 -54.44 7.36 15.77
CA THR D 315 -54.02 8.64 15.18
C THR D 315 -52.51 8.65 14.98
N LEU D 316 -52.06 9.01 13.79
CA LEU D 316 -50.64 9.09 13.45
C LEU D 316 -50.32 10.47 12.89
N VAL D 317 -49.64 11.31 13.68
CA VAL D 317 -49.33 12.70 13.33
C VAL D 317 -47.83 12.83 13.12
N ASN D 318 -47.43 13.17 11.89
CA ASN D 318 -46.02 13.30 11.52
C ASN D 318 -45.24 12.03 11.89
N VAL D 319 -45.82 10.88 11.59
CA VAL D 319 -45.13 9.61 11.71
C VAL D 319 -44.50 9.34 10.36
N GLU D 320 -43.18 9.27 10.32
CA GLU D 320 -42.55 9.29 9.00
C GLU D 320 -42.67 7.95 8.29
N HIS D 321 -42.84 6.86 9.02
CA HIS D 321 -42.89 5.55 8.37
C HIS D 321 -43.97 4.68 8.94
N ILE D 322 -44.89 4.29 8.07
CA ILE D 322 -45.84 3.21 8.28
C ILE D 322 -45.49 2.14 7.26
N GLN D 323 -45.10 0.97 7.73
CA GLN D 323 -44.55 0.00 6.79
C GLN D 323 -45.27 -1.34 6.90
N PHE D 324 -45.75 -1.81 5.74
CA PHE D 324 -46.46 -3.06 5.61
C PHE D 324 -45.56 -4.09 4.95
N ALA D 325 -45.62 -5.33 5.43
CA ALA D 325 -44.74 -6.41 4.98
C ALA D 325 -43.27 -6.09 5.24
N ALA D 326 -43.00 -5.37 6.34
CA ALA D 326 -41.63 -5.02 6.69
C ALA D 326 -40.79 -6.27 6.95
N GLY D 327 -39.53 -6.22 6.54
CA GLY D 327 -38.66 -7.37 6.67
C GLY D 327 -38.84 -8.42 5.60
N SER D 328 -39.67 -8.16 4.61
CA SER D 328 -39.87 -9.09 3.52
C SER D 328 -38.56 -9.41 2.84
N ASP D 329 -38.24 -10.70 2.78
CA ASP D 329 -37.08 -11.18 2.05
C ASP D 329 -37.30 -12.67 1.77
N LYS D 330 -36.22 -13.39 1.41
CA LYS D 330 -36.37 -14.78 1.00
C LYS D 330 -36.82 -15.65 2.15
N GLU D 331 -36.35 -15.35 3.37
CA GLU D 331 -36.81 -16.06 4.54
C GLU D 331 -38.20 -15.60 4.98
N ARG D 332 -38.39 -14.28 5.14
CA ARG D 332 -39.68 -13.76 5.60
C ARG D 332 -40.57 -13.49 4.38
N SER D 333 -41.16 -14.56 3.86
CA SER D 333 -41.92 -14.51 2.62
C SER D 333 -43.43 -14.55 2.83
N ALA D 334 -43.90 -14.57 4.07
CA ALA D 334 -45.33 -14.70 4.36
C ALA D 334 -45.91 -13.32 4.66
N ALA D 335 -46.66 -12.79 3.71
CA ALA D 335 -47.28 -11.49 3.82
C ALA D 335 -48.48 -11.56 4.76
N PRO D 336 -48.90 -10.41 5.31
CA PRO D 336 -50.07 -10.41 6.22
C PRO D 336 -51.33 -10.91 5.53
N ILE D 337 -52.16 -11.64 6.28
CA ILE D 337 -53.41 -12.19 5.77
C ILE D 337 -54.53 -11.91 6.76
N ASN D 338 -55.76 -11.93 6.24
CA ASN D 338 -56.98 -11.86 7.04
C ASN D 338 -57.00 -10.67 7.99
N SER D 339 -56.48 -9.53 7.55
CA SER D 339 -56.27 -8.39 8.42
C SER D 339 -57.01 -7.14 7.92
N ASN D 340 -57.25 -6.21 8.84
CA ASN D 340 -58.07 -5.04 8.59
C ASN D 340 -57.49 -3.81 9.28
N MET D 341 -57.41 -2.70 8.54
CA MET D 341 -56.97 -1.43 9.08
C MET D 341 -58.05 -0.39 8.78
N ASN D 342 -58.80 0.03 9.80
CA ASN D 342 -60.00 0.84 9.64
C ASN D 342 -59.98 2.08 10.53
N ASN D 343 -60.57 3.16 10.03
CA ASN D 343 -60.89 4.33 10.86
C ASN D 343 -59.67 4.94 11.55
N ASN D 344 -58.51 4.82 10.92
CA ASN D 344 -57.33 5.51 11.38
C ASN D 344 -57.25 6.91 10.78
N LEU D 345 -56.44 7.75 11.39
CA LEU D 345 -56.27 9.13 10.94
C LEU D 345 -54.77 9.38 10.78
N ILE D 346 -54.34 9.72 9.57
CA ILE D 346 -52.95 9.99 9.26
C ILE D 346 -52.83 11.45 8.85
N VAL D 347 -52.09 12.23 9.64
CA VAL D 347 -51.86 13.65 9.36
C VAL D 347 -50.34 13.86 9.35
N ASN D 348 -49.80 14.20 8.18
CA ASN D 348 -48.38 14.16 7.92
C ASN D 348 -48.04 15.38 7.06
N ASP D 349 -47.08 16.18 7.51
CA ASP D 349 -46.75 17.40 6.80
C ASP D 349 -45.47 17.28 5.95
N GLN D 350 -45.05 16.06 5.61
CA GLN D 350 -43.82 15.86 4.85
C GLN D 350 -44.06 15.58 3.37
N GLY D 351 -45.32 15.56 2.92
CA GLY D 351 -45.63 15.34 1.53
C GLY D 351 -46.28 14.02 1.22
N THR D 352 -46.23 13.08 2.16
CA THR D 352 -46.63 11.70 1.92
C THR D 352 -47.38 11.19 3.15
N ASP D 353 -48.17 10.12 2.95
CA ASP D 353 -48.78 9.40 4.07
C ASP D 353 -47.76 8.57 4.84
N GLY D 354 -46.51 8.53 4.39
CA GLY D 354 -45.46 7.76 5.00
C GLY D 354 -45.57 6.26 4.87
N ILE D 355 -46.43 5.77 3.98
CA ILE D 355 -46.66 4.33 3.85
C ILE D 355 -45.70 3.76 2.83
N THR D 356 -45.13 2.60 3.15
CA THR D 356 -44.38 1.80 2.19
C THR D 356 -44.79 0.35 2.33
N ALA D 357 -45.12 -0.28 1.22
CA ALA D 357 -45.41 -1.70 1.17
C ALA D 357 -44.17 -2.40 0.63
N PHE D 358 -43.71 -3.43 1.31
CA PHE D 358 -42.54 -4.16 0.85
C PHE D 358 -42.91 -5.50 0.22
N ASP D 359 -44.19 -5.76 0.05
CA ASP D 359 -44.67 -7.02 -0.51
C ASP D 359 -46.16 -6.84 -0.79
N ASP D 360 -46.79 -7.90 -1.29
CA ASP D 360 -48.23 -7.98 -1.46
C ASP D 360 -48.96 -7.66 -0.15
N ILE D 361 -49.83 -6.65 -0.18
CA ILE D 361 -50.61 -6.29 0.99
C ILE D 361 -52.10 -6.46 0.76
N SER D 362 -52.47 -7.26 -0.25
CA SER D 362 -53.89 -7.59 -0.44
C SER D 362 -54.45 -8.39 0.73
N GLY D 363 -53.60 -8.91 1.61
CA GLY D 363 -54.08 -9.52 2.83
C GLY D 363 -54.53 -8.55 3.89
N ILE D 364 -54.34 -7.25 3.66
CA ILE D 364 -54.85 -6.21 4.53
C ILE D 364 -55.95 -5.47 3.79
N LYS D 365 -57.15 -5.47 4.35
CA LYS D 365 -58.25 -4.66 3.85
C LYS D 365 -58.28 -3.33 4.58
N PHE D 366 -58.38 -2.24 3.84
CA PHE D 366 -58.49 -0.91 4.42
C PHE D 366 -59.89 -0.36 4.18
N LYS D 367 -60.47 0.27 5.21
CA LYS D 367 -61.68 1.05 4.96
C LYS D 367 -61.74 2.23 5.92
N ASP D 368 -62.26 3.35 5.41
CA ASP D 368 -62.55 4.54 6.20
C ASP D 368 -61.32 5.02 6.98
N ASN D 369 -60.23 5.21 6.26
CA ASN D 369 -59.08 5.88 6.83
C ASN D 369 -58.98 7.26 6.20
N LEU D 370 -58.62 8.26 7.01
CA LEU D 370 -58.57 9.65 6.56
C LEU D 370 -57.15 10.19 6.59
N LEU D 371 -56.78 10.89 5.52
CA LEU D 371 -55.45 11.43 5.33
C LEU D 371 -55.58 12.90 4.88
N ASN D 372 -54.67 13.75 5.34
CA ASN D 372 -54.72 15.15 4.94
C ASN D 372 -54.42 15.30 3.45
N GLN D 373 -55.08 16.29 2.83
CA GLN D 373 -55.08 16.40 1.37
C GLN D 373 -53.69 16.70 0.81
N ASP D 374 -52.86 17.42 1.56
CA ASP D 374 -51.52 17.74 1.09
C ASP D 374 -50.58 16.54 1.05
N ALA D 375 -50.95 15.41 1.65
CA ALA D 375 -50.08 14.24 1.74
C ALA D 375 -50.45 13.24 0.65
N LYS D 376 -49.57 13.06 -0.32
CA LYS D 376 -49.80 12.15 -1.43
C LYS D 376 -50.09 10.74 -0.91
N PRO D 377 -51.25 10.17 -1.22
CA PRO D 377 -51.57 8.82 -0.73
C PRO D 377 -50.84 7.74 -1.50
N SER D 378 -50.41 6.70 -0.76
CA SER D 378 -49.84 5.50 -1.33
C SER D 378 -50.90 4.44 -1.66
N ILE D 379 -52.06 4.48 -1.03
CA ILE D 379 -53.13 3.51 -1.25
C ILE D 379 -54.40 4.26 -1.62
N ASN D 380 -55.20 3.68 -2.52
CA ASN D 380 -56.42 4.35 -2.95
C ASN D 380 -57.65 3.89 -2.18
N LYS D 381 -58.07 2.65 -2.38
CA LYS D 381 -59.29 2.18 -1.74
C LYS D 381 -59.08 1.97 -0.25
N GLY D 382 -60.05 2.44 0.54
CA GLY D 382 -59.95 2.48 1.98
C GLY D 382 -59.37 3.75 2.54
N PHE D 383 -58.94 4.68 1.68
CA PHE D 383 -58.40 5.96 2.10
C PHE D 383 -59.12 7.08 1.38
N GLU D 384 -59.42 8.14 2.10
CA GLU D 384 -59.84 9.37 1.48
C GLU D 384 -59.00 10.51 2.02
N GLN D 385 -58.90 11.58 1.25
CA GLN D 385 -58.15 12.76 1.64
C GLN D 385 -59.10 13.94 1.83
N ALA D 386 -58.72 14.86 2.70
CA ALA D 386 -59.56 16.01 2.97
C ALA D 386 -58.73 17.12 3.59
N ASP D 387 -59.32 18.30 3.65
CA ASP D 387 -58.73 19.40 4.39
C ASP D 387 -58.88 19.15 5.89
N ILE D 388 -57.76 19.05 6.59
CA ILE D 388 -57.73 18.80 8.02
C ILE D 388 -56.86 19.85 8.69
N THR D 389 -57.38 20.48 9.73
CA THR D 389 -56.54 21.22 10.66
C THR D 389 -56.63 20.55 12.02
N MET D 390 -55.47 20.21 12.57
CA MET D 390 -55.37 19.58 13.88
C MET D 390 -55.32 20.66 14.95
N GLN D 391 -55.98 20.41 16.06
CA GLN D 391 -55.88 21.30 17.21
C GLN D 391 -55.70 20.45 18.45
N ARG D 392 -54.86 20.92 19.37
CA ARG D 392 -54.43 20.12 20.50
C ARG D 392 -55.36 20.35 21.68
N HIS D 393 -56.02 19.27 22.13
CA HIS D 393 -56.92 19.34 23.25
C HIS D 393 -56.14 19.45 24.56
N ASP D 394 -56.88 19.55 25.66
CA ASP D 394 -56.24 19.74 26.96
C ASP D 394 -55.52 18.49 27.41
N ASN D 395 -55.83 17.33 26.82
CA ASN D 395 -55.12 16.10 27.13
C ASN D 395 -53.76 16.00 26.44
N GLY D 396 -53.33 17.04 25.72
CA GLY D 396 -52.06 17.05 25.02
C GLY D 396 -52.05 16.42 23.64
N LEU D 397 -53.20 15.97 23.14
CA LEU D 397 -53.31 15.24 21.88
C LEU D 397 -54.02 16.07 20.82
N LEU D 398 -53.58 15.92 19.56
CA LEU D 398 -54.15 16.64 18.43
C LEU D 398 -55.40 15.93 17.89
N TYR D 399 -56.41 16.72 17.54
CA TYR D 399 -57.67 16.22 17.00
C TYR D 399 -58.13 17.06 15.83
N PRO D 400 -58.80 16.46 14.84
CA PRO D 400 -59.37 17.26 13.75
C PRO D 400 -60.37 18.27 14.27
N GLU D 401 -60.42 19.42 13.63
CA GLU D 401 -61.35 20.46 14.03
C GLU D 401 -62.77 20.13 13.62
N ALA D 402 -62.95 19.64 12.41
CA ALA D 402 -64.26 19.29 11.91
C ALA D 402 -64.79 18.09 12.61
N LYS D 403 -65.84 18.28 13.35
CA LYS D 403 -66.44 17.21 14.10
C LYS D 403 -66.69 15.91 13.35
N THR D 404 -66.96 16.02 12.07
CA THR D 404 -67.20 14.87 11.24
C THR D 404 -65.96 13.99 11.08
N GLN D 405 -64.80 14.60 11.09
CA GLN D 405 -63.50 13.94 11.00
C GLN D 405 -63.09 13.28 12.30
N GLN D 406 -63.69 13.65 13.43
CA GLN D 406 -63.32 13.03 14.69
C GLN D 406 -63.81 11.59 14.81
N LYS D 407 -64.48 11.04 13.77
CA LYS D 407 -64.73 9.60 13.70
C LYS D 407 -63.52 8.82 13.20
N TYR D 408 -62.48 9.52 12.78
CA TYR D 408 -61.20 8.92 12.41
C TYR D 408 -60.20 9.14 13.53
N GLY D 409 -59.42 8.12 13.81
CA GLY D 409 -58.42 8.23 14.83
C GLY D 409 -58.98 8.02 16.23
N VAL D 410 -58.22 8.54 17.15
CA VAL D 410 -58.28 8.26 18.58
C VAL D 410 -59.47 8.97 19.23
N SER D 411 -59.99 8.40 20.31
CA SER D 411 -61.10 9.02 21.03
C SER D 411 -60.67 10.32 21.72
N THR D 412 -61.58 11.30 21.76
CA THR D 412 -61.29 12.54 22.48
C THR D 412 -61.20 12.34 23.99
N GLN D 413 -61.61 11.19 24.50
CA GLN D 413 -61.66 10.95 25.93
C GLN D 413 -60.37 10.37 26.52
N LEU D 414 -59.33 10.17 25.70
CA LEU D 414 -58.05 9.68 26.20
C LEU D 414 -57.42 10.67 27.19
N GLU D 415 -56.87 10.13 28.27
CA GLU D 415 -56.15 10.94 29.27
C GLU D 415 -54.77 10.34 29.50
N PRO D 416 -53.77 10.77 28.74
CA PRO D 416 -52.41 10.22 28.90
C PRO D 416 -51.86 10.50 30.29
N ILE D 417 -51.41 9.43 30.96
CA ILE D 417 -50.80 9.60 32.28
C ILE D 417 -49.55 10.48 32.16
N GLY D 418 -49.35 11.35 33.15
CA GLY D 418 -48.22 12.26 33.13
C GLY D 418 -47.00 11.72 33.85
N LYS D 419 -45.85 12.31 33.52
CA LYS D 419 -44.60 11.84 34.09
C LYS D 419 -44.60 11.94 35.62
N ASP D 420 -45.27 12.96 36.16
CA ASP D 420 -45.33 13.18 37.61
C ASP D 420 -46.52 12.49 38.27
N GLU D 421 -47.28 11.68 37.53
CA GLU D 421 -48.33 10.88 38.12
C GLU D 421 -47.91 9.43 38.26
N VAL D 422 -46.64 9.17 38.09
CA VAL D 422 -46.13 7.82 37.97
C VAL D 422 -44.91 7.71 38.88
N GLY D 423 -44.64 6.51 39.37
CA GLY D 423 -43.48 6.32 40.21
C GLY D 423 -43.75 6.81 41.62
N VAL D 424 -42.80 7.54 42.21
CA VAL D 424 -42.88 7.99 43.59
C VAL D 424 -42.57 9.47 43.71
N SER D 425 -43.27 10.14 44.62
CA SER D 425 -43.06 11.56 44.84
C SER D 425 -41.77 11.84 45.59
N TRP D 426 -41.28 10.88 46.37
CA TRP D 426 -40.15 11.12 47.25
C TRP D 426 -38.80 10.82 46.60
N TYR D 427 -38.75 10.54 45.30
CA TYR D 427 -37.48 10.28 44.62
C TYR D 427 -37.50 11.01 43.28
N PRO D 428 -36.49 11.83 43.00
CA PRO D 428 -36.57 12.73 41.85
C PRO D 428 -36.34 12.03 40.51
N LYS D 429 -37.02 12.54 39.49
CA LYS D 429 -36.80 12.13 38.11
C LYS D 429 -35.86 13.15 37.46
N VAL D 430 -34.69 12.69 37.06
CA VAL D 430 -33.50 13.50 36.84
C VAL D 430 -33.09 13.38 35.37
N GLU D 431 -32.19 14.26 34.94
CA GLU D 431 -31.59 14.02 33.64
C GLU D 431 -30.51 12.94 33.78
N PRO D 432 -30.40 12.04 32.83
CA PRO D 432 -29.42 10.94 32.95
C PRO D 432 -28.00 11.33 32.58
N ASP D 433 -27.82 12.34 31.75
CA ASP D 433 -26.51 12.77 31.28
C ASP D 433 -26.17 14.13 31.86
N VAL D 434 -24.93 14.28 32.35
CA VAL D 434 -24.38 15.61 32.60
C VAL D 434 -24.10 16.27 31.27
N ALA D 435 -24.66 17.46 31.05
CA ALA D 435 -24.45 18.17 29.80
C ALA D 435 -23.12 18.92 29.81
N PHE D 436 -22.45 18.93 28.66
CA PHE D 436 -21.17 19.63 28.56
C PHE D 436 -21.36 21.11 28.88
N GLY D 437 -20.45 21.65 29.69
CA GLY D 437 -20.49 23.07 29.96
C GLY D 437 -21.59 23.50 30.90
N SER D 438 -22.12 22.59 31.70
CA SER D 438 -23.15 22.92 32.67
C SER D 438 -22.58 23.33 34.02
N GLY D 439 -21.29 23.15 34.22
CA GLY D 439 -20.69 23.56 35.48
C GLY D 439 -20.08 24.94 35.39
N LYS D 440 -18.91 25.11 36.00
CA LYS D 440 -18.23 26.39 36.01
C LYS D 440 -17.02 26.37 35.08
N HIS D 441 -16.53 27.56 34.78
CA HIS D 441 -15.33 27.72 34.01
C HIS D 441 -14.14 27.86 34.95
N ILE D 442 -13.05 27.17 34.63
CA ILE D 442 -11.86 27.13 35.48
C ILE D 442 -10.67 27.51 34.63
N ALA D 443 -9.93 28.52 35.05
CA ALA D 443 -8.74 28.93 34.33
C ALA D 443 -7.59 27.99 34.68
N VAL D 444 -6.83 27.60 33.66
CA VAL D 444 -5.67 26.74 33.82
C VAL D 444 -4.49 27.45 33.17
N SER D 445 -3.32 27.33 33.78
CA SER D 445 -2.09 27.94 33.33
C SER D 445 -1.07 26.88 32.91
N PRO D 446 -0.12 27.22 32.04
CA PRO D 446 1.05 26.34 31.79
C PRO D 446 1.80 26.05 33.09
N GLY D 447 2.49 24.92 33.26
CA GLY D 447 2.66 23.91 32.22
C GLY D 447 3.18 22.52 32.59
N ASP D 448 3.41 22.22 33.88
CA ASP D 448 3.95 20.92 34.31
C ASP D 448 2.93 20.17 35.20
N ASN D 449 2.11 19.36 34.56
CA ASN D 449 0.96 18.69 35.20
C ASN D 449 -0.07 19.67 35.76
N THR D 450 -0.11 20.89 35.24
CA THR D 450 -1.25 21.76 35.52
C THR D 450 -2.54 21.20 34.95
N LEU D 451 -2.48 20.62 33.74
CA LEU D 451 -3.68 20.00 33.17
C LEU D 451 -4.12 18.81 34.02
N PHE D 452 -3.17 17.96 34.43
CA PHE D 452 -3.46 16.84 35.32
C PHE D 452 -4.15 17.32 36.60
N ASP D 453 -3.61 18.36 37.23
CA ASP D 453 -4.18 18.86 38.48
C ASP D 453 -5.57 19.45 38.27
N ALA D 454 -5.73 20.27 37.24
CA ALA D 454 -7.04 20.88 37.01
C ALA D 454 -8.11 19.84 36.75
N ILE D 455 -7.75 18.76 36.05
CA ILE D 455 -8.74 17.72 35.78
C ILE D 455 -9.15 17.02 37.06
N ALA D 456 -8.18 16.67 37.90
CA ALA D 456 -8.47 15.92 39.12
C ALA D 456 -9.44 16.67 40.01
N SER D 457 -9.27 17.98 40.14
CA SER D 457 -10.08 18.74 41.08
C SER D 457 -11.32 19.38 40.43
N ALA D 458 -11.50 19.26 39.13
CA ALA D 458 -12.72 19.77 38.54
C ALA D 458 -13.92 18.92 38.95
N GLU D 459 -15.10 19.48 38.76
CA GLU D 459 -16.34 18.76 38.97
C GLU D 459 -17.03 18.53 37.64
N THR D 460 -18.00 17.63 37.64
CA THR D 460 -18.59 17.16 36.40
C THR D 460 -19.36 18.28 35.72
N GLY D 461 -19.20 18.40 34.41
CA GLY D 461 -19.76 19.50 33.66
C GLY D 461 -18.91 20.75 33.58
N ASP D 462 -17.75 20.82 34.24
CA ASP D 462 -16.94 22.03 34.24
C ASP D 462 -16.23 22.22 32.91
N VAL D 463 -15.77 23.45 32.67
CA VAL D 463 -15.01 23.80 31.48
C VAL D 463 -13.63 24.30 31.92
N LEU D 464 -12.59 23.65 31.44
CA LEU D 464 -11.23 24.09 31.70
C LEU D 464 -10.81 25.04 30.59
N VAL D 465 -10.34 26.23 30.96
CA VAL D 465 -9.97 27.24 29.98
C VAL D 465 -8.46 27.37 30.02
N LEU D 466 -7.81 26.91 28.96
CA LEU D 466 -6.34 26.88 28.93
C LEU D 466 -5.80 28.24 28.46
N GLN D 467 -5.05 28.91 29.33
CA GLN D 467 -4.30 30.10 28.93
C GLN D 467 -3.21 29.72 27.95
N ALA D 468 -2.69 30.73 27.28
CA ALA D 468 -1.69 30.51 26.26
C ALA D 468 -0.42 29.90 26.85
N GLY D 469 0.25 29.08 26.05
CA GLY D 469 1.50 28.50 26.47
C GLY D 469 1.52 26.99 26.27
N GLU D 470 2.41 26.34 26.99
CA GLU D 470 2.75 24.95 26.74
C GLU D 470 2.31 24.10 27.91
N TYR D 471 1.68 22.97 27.62
CA TYR D 471 1.13 22.07 28.63
C TYR D 471 1.80 20.71 28.49
N TRP D 472 2.82 20.48 29.32
CA TRP D 472 3.55 19.22 29.33
C TRP D 472 2.82 18.23 30.23
N VAL D 473 2.59 17.03 29.71
CA VAL D 473 1.72 16.04 30.36
C VAL D 473 2.54 14.77 30.55
N SER D 474 3.11 14.59 31.74
CA SER D 474 3.92 13.42 32.08
C SER D 474 3.13 12.36 32.81
N LYS D 475 1.84 12.56 33.05
CA LYS D 475 0.96 11.56 33.63
C LYS D 475 -0.26 11.44 32.74
N ILE D 476 -0.78 10.22 32.60
CA ILE D 476 -2.02 10.01 31.87
C ILE D 476 -3.16 10.81 32.48
N LEU D 477 -3.89 11.54 31.64
CA LEU D 477 -5.09 12.30 32.02
C LEU D 477 -6.29 11.35 32.03
N SER D 478 -6.74 10.97 33.23
CA SER D 478 -7.85 10.02 33.38
C SER D 478 -9.14 10.79 33.59
N LEU D 479 -10.12 10.55 32.73
CA LEU D 479 -11.37 11.27 32.76
C LEU D 479 -12.45 10.39 33.35
N ASP D 480 -12.91 10.71 34.56
CA ASP D 480 -14.07 10.01 35.14
C ASP D 480 -15.24 10.97 35.41
N LYS D 481 -15.41 11.99 34.58
CA LYS D 481 -16.48 12.95 34.74
C LYS D 481 -16.68 13.64 33.41
N THR D 482 -17.75 14.41 33.30
CA THR D 482 -18.00 15.18 32.08
C THR D 482 -17.18 16.47 32.11
N LEU D 483 -16.47 16.75 31.03
CA LEU D 483 -15.49 17.82 31.08
C LEU D 483 -15.25 18.39 29.70
N THR D 484 -15.07 19.70 29.63
CA THR D 484 -14.66 20.38 28.42
C THR D 484 -13.27 20.96 28.62
N ILE D 485 -12.43 20.83 27.60
CA ILE D 485 -11.10 21.43 27.62
C ILE D 485 -11.04 22.39 26.44
N ARG D 486 -11.08 23.69 26.74
CA ARG D 486 -11.16 24.75 25.75
C ARG D 486 -9.94 25.66 25.83
N ALA D 487 -9.34 25.94 24.68
CA ALA D 487 -8.31 26.95 24.61
C ALA D 487 -8.92 28.35 24.77
N GLN D 488 -8.28 29.18 25.54
CA GLN D 488 -8.69 30.55 25.70
C GLN D 488 -8.67 31.24 24.36
N GLU D 489 -7.66 30.98 23.59
CA GLU D 489 -7.52 31.55 22.30
C GLU D 489 -7.08 30.40 21.42
N LYS D 490 -7.97 29.96 20.56
CA LYS D 490 -7.72 28.87 19.66
C LYS D 490 -6.32 28.93 19.08
N GLY D 491 -5.53 27.91 19.33
CA GLY D 491 -4.18 27.86 18.85
C GLY D 491 -3.01 28.31 19.70
N SER D 492 -3.22 28.94 20.85
CA SER D 492 -2.11 29.37 21.68
C SER D 492 -1.84 28.40 22.83
N ALA D 493 -2.76 27.49 23.14
CA ALA D 493 -2.53 26.45 24.12
C ALA D 493 -2.09 25.19 23.38
N VAL D 494 -0.84 24.80 23.60
CA VAL D 494 -0.25 23.63 22.97
C VAL D 494 -0.05 22.55 24.04
N ILE D 495 -0.56 21.35 23.77
CA ILE D 495 -0.46 20.25 24.73
C ILE D 495 0.54 19.24 24.19
N PHE D 496 1.55 18.92 25.02
CA PHE D 496 2.65 18.01 24.69
C PHE D 496 2.54 16.72 25.48
N PRO D 497 1.92 15.66 24.94
CA PRO D 497 1.94 14.38 25.67
C PRO D 497 3.35 13.82 25.76
N GLN D 498 3.67 13.26 26.92
CA GLN D 498 4.91 12.55 27.14
C GLN D 498 4.70 11.08 27.47
N ARG D 499 3.45 10.63 27.60
CA ARG D 499 3.11 9.23 27.81
C ARG D 499 2.50 8.63 26.55
N SER D 500 2.41 7.30 26.52
CA SER D 500 1.85 6.63 25.37
C SER D 500 0.35 6.90 25.23
N THR D 501 -0.30 7.34 26.29
CA THR D 501 -1.67 7.83 26.25
C THR D 501 -1.70 9.24 26.80
N LEU D 502 -2.43 10.12 26.10
CA LEU D 502 -2.72 11.46 26.61
C LEU D 502 -3.97 11.45 27.49
N ILE D 503 -5.10 11.01 26.93
CA ILE D 503 -6.38 11.05 27.63
C ILE D 503 -6.98 9.65 27.66
N GLU D 504 -7.36 9.21 28.85
CA GLU D 504 -8.06 7.95 29.06
C GLU D 504 -9.47 8.25 29.55
N ILE D 505 -10.48 7.70 28.86
CA ILE D 505 -11.88 7.91 29.22
C ILE D 505 -12.34 6.74 30.08
N ASN D 506 -12.58 6.99 31.35
CA ASN D 506 -13.08 5.98 32.28
C ASN D 506 -14.61 6.07 32.39
N ASN D 507 -15.21 5.14 33.14
CA ASN D 507 -16.63 5.21 33.47
C ASN D 507 -16.99 6.61 33.98
N LYS D 508 -18.04 7.19 33.41
CA LYS D 508 -18.56 8.54 33.67
C LYS D 508 -17.74 9.62 33.00
N GLY D 509 -16.63 9.29 32.35
CA GLY D 509 -15.93 10.27 31.57
C GLY D 509 -16.68 10.57 30.28
N ASN D 510 -16.69 11.85 29.91
CA ASN D 510 -17.26 12.35 28.68
C ASN D 510 -16.45 13.61 28.37
N LEU D 511 -16.05 13.77 27.13
CA LEU D 511 -15.03 14.76 26.83
C LEU D 511 -15.39 15.62 25.63
N THR D 512 -15.21 16.93 25.79
CA THR D 512 -15.19 17.86 24.69
C THR D 512 -13.82 18.51 24.65
N LEU D 513 -13.21 18.52 23.47
CA LEU D 513 -12.01 19.31 23.21
C LEU D 513 -12.40 20.43 22.27
N ASP D 514 -12.02 21.66 22.59
CA ASP D 514 -12.43 22.82 21.80
C ASP D 514 -11.26 23.78 21.66
N GLY D 515 -10.74 23.91 20.46
CA GLY D 515 -9.69 24.86 20.20
C GLY D 515 -8.32 24.43 20.66
N VAL D 516 -8.13 23.19 21.09
CA VAL D 516 -6.83 22.76 21.60
C VAL D 516 -5.91 22.41 20.43
N TYR D 517 -4.62 22.43 20.72
CA TYR D 517 -3.58 21.99 19.78
C TYR D 517 -2.72 20.95 20.48
N VAL D 518 -2.64 19.76 19.90
CA VAL D 518 -1.82 18.70 20.45
C VAL D 518 -0.65 18.42 19.51
N ASP D 519 0.55 18.48 20.05
CA ASP D 519 1.78 18.14 19.33
C ASP D 519 2.38 16.95 20.06
N ALA D 520 2.39 15.78 19.40
CA ALA D 520 2.78 14.54 20.06
C ALA D 520 4.24 14.20 19.84
N THR D 521 5.03 15.17 19.36
CA THR D 521 6.45 14.98 19.09
C THR D 521 7.17 14.31 20.24
N ASN D 522 6.81 14.63 21.49
CA ASN D 522 7.56 14.16 22.65
C ASN D 522 6.94 12.91 23.29
N ALA D 523 6.05 12.21 22.60
CA ALA D 523 5.51 10.96 23.13
C ALA D 523 6.61 9.90 23.19
N PRO D 524 6.41 8.82 23.95
CA PRO D 524 7.45 7.79 24.00
C PRO D 524 7.69 7.18 22.63
N ASP D 525 8.97 6.94 22.33
CA ASP D 525 9.39 6.31 21.08
C ASP D 525 9.09 4.82 21.18
N ALA D 526 7.81 4.50 20.98
CA ALA D 526 7.31 3.14 21.08
C ALA D 526 6.11 3.00 20.14
N ALA D 527 6.02 1.85 19.49
CA ALA D 527 4.87 1.59 18.64
C ALA D 527 3.62 1.36 19.47
N GLY D 528 2.48 1.66 18.87
CA GLY D 528 1.22 1.42 19.53
C GLY D 528 0.77 2.47 20.51
N ASN D 529 1.36 3.67 20.50
CA ASN D 529 0.83 4.78 21.28
C ASN D 529 -0.61 5.09 20.85
N THR D 530 -1.39 5.67 21.77
CA THR D 530 -2.80 5.98 21.54
C THR D 530 -3.10 7.31 22.22
N LEU D 531 -3.35 8.35 21.43
CA LEU D 531 -3.47 9.68 22.02
C LEU D 531 -4.66 9.74 22.97
N ILE D 532 -5.82 9.28 22.50
CA ILE D 532 -7.04 9.24 23.27
C ILE D 532 -7.58 7.83 23.20
N ARG D 533 -8.15 7.36 24.29
CA ARG D 533 -8.69 6.01 24.31
C ARG D 533 -9.60 5.89 25.51
N THR D 534 -10.52 4.92 25.44
CA THR D 534 -11.17 4.50 26.67
C THR D 534 -10.18 3.73 27.53
N THR D 535 -10.53 3.58 28.79
CA THR D 535 -9.92 2.55 29.60
C THR D 535 -10.01 1.21 28.88
N ARG D 536 -9.04 0.36 29.13
CA ARG D 536 -9.08 -0.99 28.59
C ARG D 536 -9.71 -1.97 29.57
N LEU D 537 -10.09 -1.52 30.75
CA LEU D 537 -10.93 -2.39 31.56
C LEU D 537 -12.37 -2.30 31.06
N PRO D 538 -13.09 -3.42 30.97
CA PRO D 538 -14.46 -3.38 30.42
C PRO D 538 -15.34 -2.39 31.16
N MET D 539 -15.95 -1.49 30.40
CA MET D 539 -16.64 -0.34 30.98
C MET D 539 -18.04 -0.72 31.44
N GLN D 540 -18.59 0.11 32.32
CA GLN D 540 -19.95 -0.05 32.79
C GLN D 540 -20.98 0.75 32.02
N ARG D 541 -20.58 1.80 31.31
CA ARG D 541 -21.54 2.68 30.68
C ARG D 541 -20.92 3.30 29.43
N ASN D 542 -21.77 3.93 28.62
CA ASN D 542 -21.35 4.57 27.38
C ASN D 542 -20.61 5.87 27.68
N TYR D 543 -20.01 6.46 26.64
CA TYR D 543 -19.30 7.73 26.78
C TYR D 543 -19.57 8.60 25.56
N ARG D 544 -19.31 9.90 25.71
CA ARG D 544 -19.46 10.85 24.61
C ARG D 544 -18.14 11.54 24.34
N LEU D 545 -17.85 11.79 23.06
CA LEU D 545 -16.61 12.47 22.69
C LEU D 545 -16.88 13.49 21.59
N ALA D 546 -16.58 14.76 21.88
CA ALA D 546 -16.77 15.84 20.91
C ALA D 546 -15.45 16.54 20.70
N ILE D 547 -15.06 16.72 19.44
CA ILE D 547 -13.83 17.40 19.09
C ILE D 547 -14.16 18.53 18.12
N LYS D 548 -13.82 19.76 18.51
CA LYS D 548 -14.18 20.96 17.77
C LYS D 548 -12.97 21.87 17.64
N ASN D 549 -12.77 22.42 16.45
CA ASN D 549 -11.82 23.51 16.25
C ASN D 549 -10.43 23.17 16.76
N SER D 550 -10.02 21.91 16.64
CA SER D 550 -8.78 21.48 17.26
C SER D 550 -7.79 20.92 16.24
N THR D 551 -6.53 20.88 16.64
CA THR D 551 -5.44 20.45 15.77
C THR D 551 -4.62 19.39 16.48
N PHE D 552 -4.33 18.29 15.78
CA PHE D 552 -3.56 17.17 16.32
C PHE D 552 -2.50 16.79 15.32
N GLU D 553 -1.23 16.89 15.72
CA GLU D 553 -0.12 16.75 14.77
C GLU D 553 1.01 15.92 15.37
N ASN D 554 1.77 15.27 14.48
CA ASN D 554 3.02 14.60 14.81
C ASN D 554 2.79 13.41 15.76
N LEU D 555 1.81 12.59 15.40
CA LEU D 555 1.63 11.29 16.04
C LEU D 555 2.40 10.25 15.25
N ASP D 556 3.71 10.47 15.16
CA ASP D 556 4.51 9.74 14.20
C ASP D 556 5.91 9.38 14.70
N ILE D 557 6.18 9.53 16.00
CA ILE D 557 7.50 9.18 16.51
C ILE D 557 7.83 7.71 16.27
N ASN D 558 6.82 6.83 16.25
CA ASN D 558 7.00 5.42 15.93
C ASN D 558 5.74 4.95 15.19
N HIS D 559 5.71 3.69 14.77
CA HIS D 559 4.56 3.28 13.96
C HIS D 559 3.36 2.98 14.85
N SER D 560 2.22 2.79 14.19
CA SER D 560 0.97 2.43 14.85
C SER D 560 0.64 3.38 16.01
N TYR D 561 0.79 4.67 15.77
CA TYR D 561 0.41 5.70 16.73
C TYR D 561 -1.02 6.14 16.40
N HIS D 562 -1.97 5.71 17.20
CA HIS D 562 -3.38 5.93 16.91
C HIS D 562 -3.89 7.19 17.57
N PHE D 563 -4.82 7.86 16.89
CA PHE D 563 -5.50 8.98 17.52
C PHE D 563 -6.47 8.50 18.60
N PHE D 564 -7.36 7.56 18.27
CA PHE D 564 -8.37 7.10 19.22
C PHE D 564 -8.56 5.59 19.14
N ASP D 565 -8.51 4.93 20.30
CA ASP D 565 -8.56 3.47 20.37
C ASP D 565 -9.68 3.06 21.33
N ALA D 566 -10.73 2.44 20.78
CA ALA D 566 -11.81 1.93 21.61
C ALA D 566 -11.38 0.66 22.34
N GLY D 567 -11.79 0.55 23.60
CA GLY D 567 -11.59 -0.70 24.32
C GLY D 567 -12.62 -1.75 23.96
N ASN D 568 -12.30 -3.00 24.28
CA ASN D 568 -13.24 -4.09 24.04
C ASN D 568 -14.52 -3.89 24.86
N ARG D 569 -15.66 -4.04 24.18
CA ARG D 569 -16.99 -3.91 24.78
C ARG D 569 -17.27 -2.50 25.27
N SER D 570 -16.58 -1.48 24.74
CA SER D 570 -16.89 -0.10 25.06
C SER D 570 -17.90 0.43 24.05
N PHE D 571 -18.56 1.53 24.42
CA PHE D 571 -19.58 2.05 23.52
C PHE D 571 -19.66 3.57 23.64
N ALA D 572 -19.52 4.26 22.50
CA ALA D 572 -19.69 5.70 22.44
C ALA D 572 -21.13 6.03 22.01
N ASP D 573 -21.88 6.73 22.87
CA ASP D 573 -23.13 7.33 22.40
C ASP D 573 -22.89 8.19 21.17
N TYR D 574 -21.81 8.97 21.15
CA TYR D 574 -21.42 9.58 19.89
C TYR D 574 -19.96 9.99 19.94
N ILE D 575 -19.40 10.10 18.74
CA ILE D 575 -18.11 10.72 18.51
C ILE D 575 -18.30 11.72 17.39
N GLU D 576 -18.05 12.99 17.68
CA GLU D 576 -18.32 14.05 16.72
C GLU D 576 -17.09 14.92 16.53
N VAL D 577 -16.65 15.06 15.28
CA VAL D 577 -15.47 15.85 14.94
C VAL D 577 -15.89 16.96 13.99
N GLN D 578 -15.57 18.20 14.35
CA GLN D 578 -16.00 19.37 13.60
C GLN D 578 -14.83 20.34 13.49
N ASP D 579 -14.56 20.80 12.27
CA ASP D 579 -13.62 21.89 12.03
C ASP D 579 -12.26 21.64 12.68
N SER D 580 -11.72 20.45 12.47
CA SER D 580 -10.49 20.07 13.15
C SER D 580 -9.48 19.55 12.14
N GLN D 581 -8.20 19.58 12.54
CA GLN D 581 -7.10 19.20 11.66
C GLN D 581 -6.32 18.05 12.29
N PHE D 582 -5.95 17.07 11.46
CA PHE D 582 -5.19 15.91 11.88
C PHE D 582 -4.09 15.71 10.87
N LYS D 583 -2.84 15.65 11.32
CA LYS D 583 -1.73 15.54 10.38
C LYS D 583 -0.58 14.75 10.98
N HIS D 584 0.03 13.89 10.16
CA HIS D 584 1.22 13.11 10.49
C HIS D 584 0.94 12.10 11.58
N ILE D 585 0.16 11.07 11.23
CA ILE D 585 -0.32 10.07 12.16
C ILE D 585 -0.06 8.70 11.54
N THR D 586 0.70 7.85 12.23
CA THR D 586 1.10 6.61 11.62
C THR D 586 0.06 5.51 11.80
N GLY D 587 -0.76 5.61 12.84
CA GLY D 587 -1.77 4.61 13.13
C GLY D 587 -3.09 4.93 12.46
N ASP D 588 -4.16 4.40 13.03
CA ASP D 588 -5.51 4.72 12.61
C ASP D 588 -6.03 5.96 13.33
N LEU D 589 -7.01 6.62 12.72
CA LEU D 589 -7.66 7.74 13.38
C LEU D 589 -8.68 7.26 14.41
N PHE D 590 -9.64 6.42 14.00
CA PHE D 590 -10.67 5.94 14.92
C PHE D 590 -10.79 4.42 14.80
N ARG D 591 -10.43 3.71 15.86
CA ARG D 591 -10.48 2.25 15.88
C ARG D 591 -11.74 1.85 16.62
N LEU D 592 -12.79 1.51 15.88
CA LEU D 592 -14.09 1.14 16.43
C LEU D 592 -14.52 -0.22 15.93
N ASN D 593 -13.58 -1.16 15.88
CA ASN D 593 -13.81 -2.46 15.26
C ASN D 593 -13.39 -3.59 16.17
N LYS D 594 -13.68 -3.49 17.47
CA LYS D 594 -13.14 -4.43 18.43
C LYS D 594 -13.99 -5.68 18.61
N GLU D 595 -15.26 -5.65 18.25
CA GLU D 595 -16.19 -6.74 18.56
C GLU D 595 -16.29 -7.65 17.35
N THR D 596 -15.29 -8.52 17.20
CA THR D 596 -15.19 -9.41 16.07
C THR D 596 -15.75 -10.79 16.33
N ASP D 597 -16.49 -10.98 17.42
CA ASP D 597 -17.15 -12.25 17.66
C ASP D 597 -18.56 -12.31 17.06
N ASP D 598 -18.98 -11.28 16.35
CA ASP D 598 -20.18 -11.35 15.51
C ASP D 598 -21.42 -11.74 16.31
N LEU D 599 -21.59 -11.15 17.48
CA LEU D 599 -22.80 -11.28 18.27
C LEU D 599 -23.70 -10.04 18.13
N GLY D 600 -23.44 -9.20 17.14
CA GLY D 600 -24.19 -7.98 16.96
C GLY D 600 -23.77 -6.80 17.82
N ILE D 601 -22.68 -6.90 18.52
CA ILE D 601 -22.21 -5.85 19.41
C ILE D 601 -21.38 -4.87 18.61
N TYR D 602 -21.38 -3.59 18.99
CA TYR D 602 -20.57 -2.62 18.27
C TYR D 602 -20.14 -1.51 19.23
N ASN D 603 -19.34 -0.59 18.71
CA ASN D 603 -18.56 0.32 19.54
C ASN D 603 -19.00 1.78 19.49
N VAL D 604 -19.90 2.14 18.57
CA VAL D 604 -20.29 3.55 18.40
C VAL D 604 -21.69 3.66 17.81
N GLU D 605 -22.53 4.51 18.38
CA GLU D 605 -23.83 4.75 17.77
C GLU D 605 -23.73 5.72 16.60
N TYR D 606 -23.06 6.86 16.80
CA TYR D 606 -22.92 7.89 15.79
C TYR D 606 -21.47 8.31 15.71
N LEU D 607 -20.87 8.16 14.52
CA LEU D 607 -19.55 8.71 14.21
C LEU D 607 -19.75 9.79 13.15
N THR D 608 -19.34 11.01 13.46
CA THR D 608 -19.56 12.14 12.56
C THR D 608 -18.27 12.96 12.43
N ILE D 609 -17.84 13.18 11.19
CA ILE D 609 -16.68 14.00 10.89
C ILE D 609 -17.06 14.99 9.79
N GLU D 610 -16.95 16.28 10.08
CA GLU D 610 -17.39 17.29 9.13
C GLU D 610 -16.46 18.48 9.15
N ASN D 611 -16.24 19.05 7.97
CA ASN D 611 -15.54 20.32 7.84
C ASN D 611 -14.12 20.24 8.38
N SER D 612 -13.52 19.06 8.35
CA SER D 612 -12.25 18.79 8.99
C SER D 612 -11.21 18.41 7.95
N ASN D 613 -9.97 18.33 8.39
CA ASN D 613 -8.86 18.09 7.48
C ASN D 613 -7.97 17.00 8.06
N VAL D 614 -7.73 15.95 7.28
CA VAL D 614 -6.87 14.86 7.68
C VAL D 614 -5.80 14.72 6.63
N SER D 615 -4.54 14.85 7.03
CA SER D 615 -3.45 14.75 6.07
C SER D 615 -2.31 13.90 6.62
N ASP D 616 -1.75 13.05 5.75
CA ASP D 616 -0.64 12.15 6.09
C ASP D 616 -1.02 11.23 7.25
N LEU D 617 -2.05 10.43 7.03
CA LEU D 617 -2.48 9.40 7.96
C LEU D 617 -2.24 8.05 7.31
N GLN D 618 -1.37 7.23 7.92
CA GLN D 618 -1.03 5.94 7.33
C GLN D 618 -2.20 4.97 7.44
N GLY D 619 -2.92 5.01 8.56
CA GLY D 619 -4.05 4.15 8.79
C GLY D 619 -5.34 4.69 8.22
N ALA D 620 -6.42 4.04 8.61
CA ALA D 620 -7.75 4.42 8.17
C ALA D 620 -8.31 5.55 9.03
N ILE D 621 -9.11 6.40 8.39
CA ILE D 621 -9.91 7.40 9.11
C ILE D 621 -10.71 6.72 10.20
N ALA D 622 -11.38 5.62 9.85
CA ALA D 622 -12.21 4.89 10.80
C ALA D 622 -12.35 3.45 10.33
N LYS D 623 -12.27 2.53 11.29
CA LYS D 623 -12.58 1.13 11.11
C LYS D 623 -13.74 0.87 12.06
N VAL D 624 -14.93 0.63 11.53
CA VAL D 624 -16.05 0.38 12.42
C VAL D 624 -16.76 -0.89 11.98
N TYR D 625 -17.06 -1.74 12.94
CA TYR D 625 -17.44 -3.11 12.67
C TYR D 625 -18.62 -3.45 13.58
N ARG D 626 -19.64 -4.09 12.99
CA ARG D 626 -20.77 -4.68 13.71
C ARG D 626 -21.06 -6.00 13.01
N GLY D 627 -20.80 -7.11 13.67
CA GLY D 627 -20.81 -8.41 13.03
C GLY D 627 -22.04 -9.23 13.33
N GLY D 628 -22.33 -10.17 12.45
CA GLY D 628 -23.44 -11.10 12.65
C GLY D 628 -24.71 -10.69 11.92
N THR D 629 -25.82 -11.28 12.35
CA THR D 629 -27.09 -11.12 11.65
C THR D 629 -28.17 -10.53 12.55
N ASP D 630 -27.79 -9.77 13.57
CA ASP D 630 -28.78 -9.18 14.46
C ASP D 630 -29.52 -8.00 13.80
N GLU D 631 -30.79 -7.85 14.17
CA GLU D 631 -31.63 -6.78 13.63
C GLU D 631 -32.31 -6.01 14.74
N SER D 632 -31.65 -5.87 15.89
CA SER D 632 -32.28 -5.33 17.07
C SER D 632 -31.78 -3.93 17.42
N THR D 633 -31.02 -3.31 16.53
CA THR D 633 -30.32 -2.08 16.84
C THR D 633 -30.39 -1.18 15.63
N PHE D 634 -29.94 0.06 15.82
CA PHE D 634 -30.01 1.06 14.75
C PHE D 634 -28.66 1.53 14.23
N GLY D 635 -27.57 1.32 14.97
CA GLY D 635 -26.26 1.79 14.55
C GLY D 635 -25.28 0.70 14.15
N PRO D 636 -24.04 1.09 13.80
CA PRO D 636 -23.50 2.46 13.74
C PRO D 636 -24.09 3.32 12.63
N HIS D 637 -24.05 4.65 12.83
CA HIS D 637 -24.23 5.63 11.77
C HIS D 637 -22.89 6.27 11.51
N VAL D 638 -22.48 6.35 10.25
CA VAL D 638 -21.20 6.95 9.89
C VAL D 638 -21.48 8.08 8.91
N VAL D 639 -21.22 9.31 9.33
CA VAL D 639 -21.54 10.53 8.57
C VAL D 639 -20.27 11.34 8.42
N MET D 640 -19.83 11.54 7.18
CA MET D 640 -18.66 12.37 6.92
C MET D 640 -18.92 13.29 5.74
N ASN D 641 -18.87 14.60 5.98
CA ASN D 641 -19.21 15.60 4.98
C ASN D 641 -18.20 16.73 4.99
N ASN D 642 -17.87 17.21 3.79
CA ASN D 642 -17.13 18.45 3.64
C ASN D 642 -15.75 18.37 4.28
N ASN D 643 -15.10 17.22 4.16
CA ASN D 643 -13.75 17.06 4.64
C ASN D 643 -12.76 17.01 3.48
N ILE D 644 -11.49 17.25 3.81
CA ILE D 644 -10.38 17.08 2.90
C ILE D 644 -9.46 16.02 3.49
N PHE D 645 -9.29 14.92 2.75
CA PHE D 645 -8.45 13.80 3.15
C PHE D 645 -7.32 13.70 2.14
N ASN D 646 -6.08 13.98 2.56
CA ASN D 646 -4.91 13.84 1.69
C ASN D 646 -4.00 12.77 2.25
N GLU D 647 -3.63 11.81 1.40
CA GLU D 647 -2.64 10.79 1.72
C GLU D 647 -3.05 9.99 2.96
N VAL D 648 -4.20 9.34 2.85
CA VAL D 648 -4.82 8.63 3.95
C VAL D 648 -4.87 7.15 3.58
N GLY D 649 -4.45 6.30 4.52
CA GLY D 649 -4.78 4.89 4.47
C GLY D 649 -3.86 4.00 3.67
N LYS D 650 -2.81 4.54 3.07
CA LYS D 650 -1.92 3.75 2.22
C LYS D 650 -0.74 3.15 2.98
N GLY D 651 -0.75 3.22 4.31
CA GLY D 651 0.35 2.66 5.07
C GLY D 651 0.39 1.15 5.00
N LYS D 652 1.60 0.60 5.11
CA LYS D 652 1.79 -0.83 4.92
C LYS D 652 1.25 -1.66 6.07
N ARG D 653 1.00 -1.05 7.22
CA ARG D 653 0.43 -1.79 8.34
C ARG D 653 -1.09 -1.70 8.39
N ASN D 654 -1.70 -0.98 7.47
CA ASN D 654 -3.15 -0.89 7.43
C ASN D 654 -3.65 -2.07 6.63
N LYS D 655 -3.96 -3.17 7.32
CA LYS D 655 -4.38 -4.39 6.65
C LYS D 655 -5.68 -4.21 5.88
N SER D 656 -6.50 -3.23 6.25
CA SER D 656 -7.76 -3.01 5.54
C SER D 656 -7.52 -2.45 4.15
N ALA D 657 -6.38 -1.78 3.92
CA ALA D 657 -6.08 -1.09 2.67
C ALA D 657 -7.22 -0.17 2.28
N ALA D 658 -7.87 0.41 3.28
CA ALA D 658 -8.99 1.30 3.10
C ALA D 658 -8.72 2.60 3.85
N SER D 659 -9.23 3.71 3.30
CA SER D 659 -9.30 4.94 4.09
C SER D 659 -10.42 4.89 5.08
N LEU D 660 -11.39 4.01 4.83
CA LEU D 660 -12.57 3.84 5.66
C LEU D 660 -13.03 2.41 5.41
N ILE D 661 -13.18 1.61 6.46
CA ILE D 661 -13.66 0.24 6.28
C ILE D 661 -14.86 0.05 7.19
N LEU D 662 -16.04 -0.09 6.59
CA LEU D 662 -17.33 -0.05 7.29
C LEU D 662 -18.06 -1.37 7.09
N HIS D 663 -18.17 -2.15 8.16
CA HIS D 663 -18.78 -3.47 8.15
C HIS D 663 -20.00 -3.45 9.06
N GLY D 664 -21.18 -3.73 8.49
CA GLY D 664 -22.37 -3.79 9.32
C GLY D 664 -22.85 -2.45 9.84
N THR D 665 -22.36 -1.36 9.27
CA THR D 665 -22.88 -0.05 9.60
C THR D 665 -24.20 0.18 8.88
N GLN D 666 -25.18 0.69 9.60
CA GLN D 666 -26.56 0.72 9.11
C GLN D 666 -26.92 2.01 8.39
N VAL D 667 -26.18 3.09 8.63
CA VAL D 667 -26.42 4.38 7.97
C VAL D 667 -25.07 4.97 7.60
N ASN D 668 -24.86 5.20 6.31
CA ASN D 668 -23.58 5.66 5.80
C ASN D 668 -23.85 6.85 4.89
N LYS D 669 -23.21 7.98 5.19
CA LYS D 669 -23.38 9.18 4.40
C LYS D 669 -22.03 9.85 4.26
N MET D 670 -21.45 9.80 3.07
CA MET D 670 -20.23 10.52 2.74
C MET D 670 -20.54 11.47 1.59
N THR D 671 -20.50 12.78 1.87
CA THR D 671 -20.87 13.75 0.86
C THR D 671 -19.92 14.94 0.87
N THR D 672 -19.61 15.44 -0.34
CA THR D 672 -18.81 16.65 -0.53
C THR D 672 -17.44 16.56 0.13
N ASN D 673 -16.81 15.39 0.06
CA ASN D 673 -15.46 15.23 0.56
C ASN D 673 -14.46 15.23 -0.59
N GLU D 674 -13.22 15.63 -0.28
CA GLU D 674 -12.08 15.39 -1.17
C GLU D 674 -11.26 14.24 -0.61
N PHE D 675 -11.09 13.19 -1.41
CA PHE D 675 -10.17 12.08 -1.14
C PHE D 675 -9.04 12.20 -2.14
N ASN D 676 -7.89 12.69 -1.69
CA ASN D 676 -6.75 12.94 -2.56
C ASN D 676 -5.65 11.94 -2.23
N ASN D 677 -5.23 11.17 -3.23
CA ASN D 677 -4.10 10.23 -3.16
C ASN D 677 -4.19 9.32 -1.94
N SER D 678 -5.35 8.67 -1.81
CA SER D 678 -5.69 7.89 -0.62
C SER D 678 -6.21 6.51 -1.00
N ALA D 679 -6.34 5.67 0.00
CA ALA D 679 -6.92 4.35 -0.15
C ALA D 679 -8.45 4.48 -0.20
N PRO D 680 -9.15 3.49 -0.74
CA PRO D 680 -10.58 3.66 -1.01
C PRO D 680 -11.47 3.52 0.24
N ILE D 681 -12.69 4.01 0.11
CA ILE D 681 -13.77 3.63 1.01
C ILE D 681 -14.21 2.21 0.69
N ILE D 682 -14.37 1.38 1.73
CA ILE D 682 -14.76 -0.01 1.53
C ILE D 682 -15.94 -0.32 2.43
N PHE D 683 -17.07 -0.74 1.83
CA PHE D 683 -18.25 -1.18 2.56
C PHE D 683 -18.37 -2.70 2.57
N GLU D 684 -18.74 -3.24 3.70
CA GLU D 684 -19.01 -4.62 3.87
C GLU D 684 -20.41 -4.60 4.49
N LEU D 685 -21.42 -4.65 3.65
CA LEU D 685 -22.78 -4.57 4.11
C LEU D 685 -23.36 -5.88 4.59
N THR D 686 -24.03 -5.81 5.72
CA THR D 686 -24.65 -6.96 6.36
C THR D 686 -26.17 -6.93 6.26
N VAL D 687 -26.85 -7.67 7.10
CA VAL D 687 -28.28 -7.69 7.13
C VAL D 687 -28.94 -6.42 7.67
N GLY D 688 -30.23 -6.30 7.48
CA GLY D 688 -30.96 -5.17 8.01
C GLY D 688 -31.23 -4.07 7.02
N GLU D 689 -31.03 -4.31 5.74
CA GLU D 689 -31.26 -3.31 4.69
C GLU D 689 -30.61 -1.96 4.97
N PRO D 690 -29.27 -1.90 5.07
CA PRO D 690 -28.61 -0.63 5.38
C PRO D 690 -28.74 0.40 4.26
N LYS D 691 -28.60 1.66 4.65
CA LYS D 691 -28.75 2.81 3.75
C LYS D 691 -27.40 3.48 3.57
N THR D 692 -26.96 3.62 2.34
CA THR D 692 -25.65 4.22 2.05
C THR D 692 -25.78 5.27 0.95
N TRP D 693 -25.24 6.46 1.21
CA TRP D 693 -25.20 7.58 0.28
C TRP D 693 -23.78 8.10 0.17
N VAL D 694 -23.20 7.99 -1.00
CA VAL D 694 -21.88 8.53 -1.29
C VAL D 694 -22.02 9.35 -2.56
N THR D 695 -22.15 10.67 -2.43
CA THR D 695 -22.40 11.53 -3.56
C THR D 695 -21.59 12.81 -3.42
N GLY D 696 -21.27 13.43 -4.54
CA GLY D 696 -20.65 14.74 -4.52
C GLY D 696 -19.22 14.78 -4.03
N ASN D 697 -18.51 13.66 -4.05
CA ASN D 697 -17.14 13.63 -3.59
C ASN D 697 -16.18 13.68 -4.77
N VAL D 698 -14.95 14.04 -4.47
CA VAL D 698 -13.86 13.95 -5.43
C VAL D 698 -12.93 12.84 -4.99
N PHE D 699 -12.70 11.87 -5.88
CA PHE D 699 -11.73 10.80 -5.68
C PHE D 699 -10.59 11.04 -6.67
N GLU D 700 -9.62 11.85 -6.26
CA GLU D 700 -8.46 12.20 -7.08
C GLU D 700 -7.26 11.38 -6.61
N GLY D 701 -6.77 10.50 -7.48
CA GLY D 701 -5.73 9.57 -7.10
C GLY D 701 -6.18 8.55 -6.07
N THR D 702 -7.50 8.37 -5.93
CA THR D 702 -8.09 7.47 -4.95
C THR D 702 -9.07 6.54 -5.68
N PRO D 703 -8.95 5.23 -5.52
CA PRO D 703 -9.94 4.34 -6.13
C PRO D 703 -11.34 4.68 -5.66
N GLU D 704 -12.31 4.46 -6.53
CA GLU D 704 -13.68 4.71 -6.16
C GLU D 704 -14.14 3.68 -5.12
N PRO D 705 -15.23 3.97 -4.42
CA PRO D 705 -15.63 3.08 -3.31
C PRO D 705 -15.82 1.64 -3.74
N VAL D 706 -15.46 0.72 -2.83
CA VAL D 706 -15.60 -0.71 -3.05
C VAL D 706 -16.76 -1.22 -2.22
N VAL D 707 -17.67 -1.92 -2.88
CA VAL D 707 -18.81 -2.50 -2.22
C VAL D 707 -18.78 -4.00 -2.28
N ARG D 708 -18.73 -4.59 -1.10
CA ARG D 708 -18.74 -6.00 -0.93
C ARG D 708 -20.04 -6.26 -0.20
N ASP D 709 -20.81 -7.23 -0.65
CA ASP D 709 -22.08 -7.52 0.02
C ASP D 709 -21.99 -8.90 0.55
N LEU D 710 -22.29 -9.02 1.83
CA LEU D 710 -22.25 -10.29 2.51
C LEU D 710 -23.47 -11.04 2.18
N PHE D 711 -24.57 -10.34 2.01
CA PHE D 711 -25.81 -11.01 1.74
C PHE D 711 -26.48 -10.52 0.50
N PRO D 712 -25.88 -10.90 -0.59
CA PRO D 712 -26.43 -10.59 -1.88
C PRO D 712 -27.70 -11.43 -1.88
N LEU D 713 -28.87 -10.82 -2.06
CA LEU D 713 -29.13 -9.42 -2.33
C LEU D 713 -30.45 -9.26 -1.61
N SER D 714 -30.43 -9.11 -0.31
CA SER D 714 -31.65 -9.08 0.52
C SER D 714 -32.06 -7.75 1.02
N GLY D 715 -31.60 -6.73 0.33
CA GLY D 715 -31.89 -5.38 0.72
C GLY D 715 -30.56 -4.72 0.63
N ALA D 716 -30.53 -3.48 1.05
CA ALA D 716 -29.41 -2.58 1.05
C ALA D 716 -29.72 -1.61 -0.05
N THR D 717 -29.81 -0.38 0.33
CA THR D 717 -30.07 0.72 -0.56
C THR D 717 -28.78 1.53 -0.59
N THR D 718 -28.07 1.35 -1.67
CA THR D 718 -26.77 1.91 -1.89
C THR D 718 -26.72 2.83 -3.08
N THR D 719 -26.59 4.11 -2.79
CA THR D 719 -26.55 5.17 -3.79
C THR D 719 -25.15 5.76 -3.79
N ILE D 720 -24.36 5.40 -4.81
CA ILE D 720 -23.02 5.94 -5.01
C ILE D 720 -23.02 6.56 -6.40
N SER D 721 -23.15 7.88 -6.48
CA SER D 721 -23.22 8.55 -7.77
C SER D 721 -22.82 10.00 -7.59
N GLY D 722 -22.66 10.69 -8.73
CA GLY D 722 -22.30 12.09 -8.68
C GLY D 722 -20.96 12.39 -8.05
N ASN D 723 -20.01 11.46 -8.17
CA ASN D 723 -18.67 11.65 -7.66
C ASN D 723 -17.70 11.86 -8.83
N THR D 724 -16.67 12.65 -8.60
CA THR D 724 -15.67 12.86 -9.61
C THR D 724 -14.46 11.97 -9.31
N VAL D 725 -13.98 11.29 -10.35
CA VAL D 725 -12.96 10.25 -10.23
C VAL D 725 -11.86 10.60 -11.21
N LEU D 726 -10.72 11.07 -10.70
CA LEU D 726 -9.61 11.54 -11.53
C LEU D 726 -8.37 10.68 -11.34
#